data_8GJM
#
_entry.id   8GJM
#
_cell.length_a   1.00
_cell.length_b   1.00
_cell.length_c   1.00
_cell.angle_alpha   90.00
_cell.angle_beta   90.00
_cell.angle_gamma   90.00
#
_symmetry.space_group_name_H-M   'P 1'
#
loop_
_entity.id
_entity.type
_entity.pdbx_description
1 polymer 'Spike glycoprotein'
2 polymer 'Heavy chain of 17B10 fab'
3 polymer 'Light chain of 17B10 fab'
4 branched 2-acetamido-2-deoxy-beta-D-glucopyranose-(1-4)-2-acetamido-2-deoxy-beta-D-glucopyranose
5 branched 2-acetamido-2-deoxy-beta-D-glucopyranose-(1-4)-[alpha-L-fucopyranose-(1-6)]2-acetamido-2-deoxy-beta-D-glucopyranose
6 branched alpha-D-mannopyranose-(1-4)-2-acetamido-2-deoxy-beta-D-glucopyranose-(1-4)-2-acetamido-2-deoxy-beta-D-glucopyranose
7 non-polymer 2-acetamido-2-deoxy-beta-D-glucopyranose
#
loop_
_entity_poly.entity_id
_entity_poly.type
_entity_poly.pdbx_seq_one_letter_code
_entity_poly.pdbx_strand_id
1 'polypeptide(L)'
;MFVFLVLLPLVSSQCVNLTTRTQLPPAYTNSFTRGVYYPDKVFRSSVLHSTQDLFLPFFSNVTWFHAIHVSGTNGTKRFD
NPVLPFNDGVYFASTEKSNIIRGWIFGTTLDSKTQSLLIVNNATNVVIKVCEFQFCNDPFLGVYYHKNNKSWMESEFRVY
SSANNCTFEYVSQPFLMDLEGKQGNFKNLREFVFKNIDGYFKIYSKHTPINLVRDLPQGFSALEPLVDLPIGINITRFQT
LLALHRSYLTPGDSSSGWTAGAAAYYVGYLQPRTFLLKYNENGTITDAVDCALDPLSETKCTLKSFTVEKGIYQTSNFRV
QPTESIVRFPNITNLCPFGEVFNATRFASVYAWNRKRISNCVADYSVLYNSASFSTFKCYGVSPTKLNDLCFTNVYADSF
VIRGDEVRQIAPGQTGKIADYNYKLPDDFTGCVIAWNSNNLDSKVGGNYNYLYRLFRKSNLKPFERDISTEIYQAGSTPC
NGVEGFNCYFPLQSYGFQPTNGVGYQPYRVVVLSFELLHAPATVCGPKKSTNLVKNKCVNFNFNGLTGTGVLTESNKKFL
PFQQFGRDIADTTDAVRDPQTLEILDITPCSFGGVSVITPGTNTSNQVAVLYQGVNCTEVPVAIHADQLTPTWRVYSTGS
NVFQTRAGCLIGAEHVNNSYECDIPIGAGICASYQTQTNSPRRARSVASQSIIAYTMSLGAENSVAYSNNSIAIPTNFTI
SVTTEILPVSMTKTSVDCTMYICGDSTECSNLLLQYGSFCTQLNRALTGIAVEQDKNTQEVFAQVKQIYKTPPIKDFGGF
NFSQILPDPSKPSKRSFIEDLLFNKVTLADAGFIKQYGDCLGDIAARDLICAQKFNGLTVLPPLLTDEMIAQYTSALLAG
TITSGWTFGAGAALQIPFAMQMAYRFNGIGVTQNVLYENQKLIANQFNSAIGKIQDSLSSTASALGKLQDVVNQNAQALN
TLVKQLSSNFGAISSVLNDILSRLDKVEAEVQIDRLITGRLQSLQTYVTQQLIRAAEIRASANLAATKMSECVLGQSKRV
DFCGKGYHLMSFPQSAPHGVVFLHVTYVPAQEKNFTTAPAICHDGKAHFPREGVFVSNGTHWFVTQRNFYEPQIITTDNT
FVSGNCDVVIGIVNNTVYDPLQPELDSFKEELDKYFKNHTSPDVDLGDISGINASVVNIQKEIDRLNEVAKNLNESLIDL
QELGKYEQYIKWPWYIWLGFIAGLIAIVMVTIMLCCMTSCCSCLKGCCSCGSCCKFDEDDSEPVLKGVKLHYTLESGGGS
AWSHPQFEKGGGSGGGSGGSSAWSHPQFEK
;
A,B,C
2 'polypeptide(L)'
;MGWSWIFLFLLSGTAGVLSEVQLQQSGPELVKPGASVRISCKTSGYTFTEYSMFWVKQSHGQSLEWIGGINPNDDSTTYK
QNFKGKATLTVDKSSSTAFMELRSLTSEDSAVYYCTRDRYDGRVVDFWGQGTTLTVSS
;
D
3 'polypeptide(L)'
;MRVPAHVFGFLLLWFPGTRCDIQMTQSPSSLSASLGERVSLICRASQEISGYLSWLQQKPDGTIKRLIYAASTLDSGVPK
RFSGSRSGSEYSLTISSPESEDFADYYCLQYASYPWTFGGGTKLEIK
;
E
#
loop_
_chem_comp.id
_chem_comp.type
_chem_comp.name
_chem_comp.formula
FUC L-saccharide, alpha linking alpha-L-fucopyranose 'C6 H12 O5'
MAN D-saccharide, alpha linking alpha-D-mannopyranose 'C6 H12 O6'
NAG D-saccharide, beta linking 2-acetamido-2-deoxy-beta-D-glucopyranose 'C8 H15 N O6'
#
# COMPACT_ATOMS: atom_id res chain seq x y z
N GLN A 14 -27.86 -64.65 -10.48
CA GLN A 14 -29.13 -64.82 -9.71
C GLN A 14 -29.45 -63.54 -8.93
N CYS A 15 -30.74 -63.34 -8.62
CA CYS A 15 -31.27 -62.12 -8.00
C CYS A 15 -32.52 -62.45 -7.16
N VAL A 16 -32.41 -62.39 -5.82
CA VAL A 16 -33.42 -62.95 -4.88
C VAL A 16 -33.68 -62.01 -3.69
N ASN A 17 -34.94 -61.79 -3.31
CA ASN A 17 -35.33 -60.98 -2.16
C ASN A 17 -35.30 -61.81 -0.85
N LEU A 18 -34.34 -61.57 0.04
CA LEU A 18 -34.20 -62.33 1.30
C LEU A 18 -34.89 -61.61 2.48
N THR A 19 -36.21 -61.73 2.52
CA THR A 19 -37.10 -61.00 3.46
C THR A 19 -37.18 -61.57 4.89
N THR A 20 -36.51 -62.71 5.13
CA THR A 20 -36.55 -63.36 6.46
C THR A 20 -35.58 -62.67 7.43
N ARG A 21 -35.95 -61.49 7.94
CA ARG A 21 -35.08 -60.81 8.96
C ARG A 21 -35.97 -60.04 9.94
N THR A 22 -35.43 -59.66 11.10
CA THR A 22 -36.24 -59.00 12.16
C THR A 22 -36.33 -57.49 11.90
N GLN A 23 -37.35 -56.83 12.47
CA GLN A 23 -37.51 -55.35 12.32
C GLN A 23 -37.05 -54.58 13.57
N LEU A 24 -35.94 -53.85 13.48
CA LEU A 24 -35.39 -52.99 14.54
C LEU A 24 -35.34 -51.52 14.04
N PRO A 25 -35.37 -50.52 14.94
CA PRO A 25 -35.18 -49.11 14.58
C PRO A 25 -33.71 -48.81 14.20
N PRO A 26 -33.42 -47.64 13.58
CA PRO A 26 -32.05 -47.23 13.29
C PRO A 26 -31.29 -46.89 14.56
N ALA A 27 -30.12 -47.53 14.75
CA ALA A 27 -29.19 -47.25 15.84
C ALA A 27 -28.17 -46.16 15.44
N TYR A 28 -27.64 -45.45 16.44
CA TYR A 28 -26.59 -44.43 16.15
C TYR A 28 -25.37 -44.67 17.06
N THR A 29 -24.23 -44.07 16.71
CA THR A 29 -22.97 -44.25 17.50
C THR A 29 -22.20 -42.92 17.52
N ASN A 30 -21.28 -42.76 18.49
CA ASN A 30 -20.46 -41.53 18.56
C ASN A 30 -19.07 -41.80 17.98
N SER A 31 -18.63 -40.99 17.01
CA SER A 31 -17.29 -41.12 16.43
C SER A 31 -16.34 -40.12 17.09
N PHE A 32 -15.63 -40.53 18.14
CA PHE A 32 -14.93 -39.60 19.04
C PHE A 32 -13.93 -38.70 18.29
N THR A 33 -12.85 -39.29 17.77
CA THR A 33 -11.78 -38.58 17.03
C THR A 33 -11.35 -39.37 15.78
N ARG A 34 -12.30 -40.08 15.19
CA ARG A 34 -12.04 -40.93 14.03
C ARG A 34 -12.36 -40.29 12.69
N GLY A 35 -11.91 -40.92 11.59
CA GLY A 35 -12.25 -40.45 10.24
C GLY A 35 -11.40 -39.31 9.69
N VAL A 36 -10.12 -39.27 10.08
CA VAL A 36 -9.12 -38.27 9.68
C VAL A 36 -8.03 -38.93 8.84
N TYR A 37 -7.54 -38.25 7.82
CA TYR A 37 -6.68 -38.84 6.79
C TYR A 37 -5.56 -37.87 6.41
N TYR A 38 -4.49 -38.36 5.78
CA TYR A 38 -3.44 -37.49 5.24
C TYR A 38 -3.99 -36.74 4.03
N PRO A 39 -4.11 -35.39 4.05
CA PRO A 39 -4.76 -34.66 2.94
C PRO A 39 -3.97 -34.75 1.62
N ASP A 40 -2.64 -34.69 1.68
CA ASP A 40 -1.83 -34.67 0.44
C ASP A 40 -0.67 -35.68 0.54
N LYS A 41 -0.02 -35.97 -0.58
CA LYS A 41 1.14 -36.90 -0.58
C LYS A 41 2.42 -36.08 -0.31
N VAL A 42 2.45 -35.36 0.81
CA VAL A 42 3.63 -34.53 1.16
C VAL A 42 4.07 -34.87 2.59
N PHE A 43 5.37 -35.13 2.79
CA PHE A 43 5.86 -35.54 4.13
C PHE A 43 6.09 -34.29 4.99
N ARG A 44 5.67 -34.36 6.26
CA ARG A 44 5.84 -33.25 7.21
C ARG A 44 6.11 -33.85 8.58
N SER A 45 6.88 -33.18 9.44
CA SER A 45 7.13 -33.66 10.80
C SER A 45 7.36 -32.54 11.80
N SER A 46 7.07 -32.80 13.07
CA SER A 46 7.19 -31.86 14.19
C SER A 46 6.55 -30.48 13.92
N VAL A 47 5.31 -30.49 13.41
CA VAL A 47 4.58 -29.30 12.96
C VAL A 47 3.09 -29.46 13.21
N LEU A 48 2.38 -28.34 13.37
CA LEU A 48 0.92 -28.29 13.43
C LEU A 48 0.41 -27.60 12.16
N HIS A 49 -0.08 -28.42 11.23
CA HIS A 49 -0.51 -27.89 9.91
C HIS A 49 -2.02 -27.71 9.87
N SER A 50 -2.50 -26.62 9.27
CA SER A 50 -3.96 -26.33 9.25
C SER A 50 -4.53 -26.65 7.87
N THR A 51 -5.50 -27.56 7.80
CA THR A 51 -6.06 -27.99 6.49
C THR A 51 -7.59 -28.01 6.52
N GLN A 52 -8.25 -27.27 5.63
CA GLN A 52 -9.73 -27.33 5.52
C GLN A 52 -10.09 -28.33 4.42
N ASP A 53 -10.77 -29.43 4.77
CA ASP A 53 -11.04 -30.48 3.75
C ASP A 53 -12.28 -31.27 4.16
N LEU A 54 -12.79 -32.10 3.25
CA LEU A 54 -13.93 -32.95 3.56
C LEU A 54 -13.55 -34.03 4.58
N PHE A 55 -13.33 -33.64 5.84
CA PHE A 55 -13.06 -34.53 6.97
C PHE A 55 -14.35 -35.03 7.65
N LEU A 56 -14.29 -36.13 8.42
CA LEU A 56 -15.37 -36.44 9.36
C LEU A 56 -15.26 -35.52 10.60
N PRO A 57 -16.30 -34.76 10.99
CA PRO A 57 -16.25 -33.97 12.23
C PRO A 57 -15.97 -34.86 13.44
N PHE A 58 -15.35 -34.29 14.48
CA PHE A 58 -15.08 -35.06 15.72
C PHE A 58 -16.38 -35.23 16.51
N PHE A 59 -16.49 -36.29 17.31
CA PHE A 59 -17.70 -36.53 18.14
C PHE A 59 -18.96 -36.45 17.27
N SER A 60 -18.85 -36.89 16.00
CA SER A 60 -20.01 -36.89 15.10
C SER A 60 -20.89 -38.13 15.30
N ASN A 61 -22.18 -37.94 14.98
CA ASN A 61 -23.21 -38.99 15.15
C ASN A 61 -23.21 -39.95 13.95
N VAL A 62 -22.44 -41.03 14.03
CA VAL A 62 -22.42 -42.06 12.98
C VAL A 62 -23.63 -42.97 13.07
N THR A 63 -24.25 -43.28 11.94
CA THR A 63 -25.33 -44.26 11.89
C THR A 63 -24.74 -45.65 12.03
N TRP A 64 -25.30 -46.48 12.91
CA TRP A 64 -24.77 -47.80 13.22
C TRP A 64 -25.65 -48.89 12.60
N PHE A 65 -25.01 -49.80 11.83
CA PHE A 65 -25.74 -50.96 11.26
C PHE A 65 -25.05 -52.23 11.77
N HIS A 66 -25.81 -53.32 11.95
CA HIS A 66 -25.18 -54.53 12.56
C HIS A 66 -25.75 -55.83 11.96
N ALA A 67 -24.87 -56.74 11.52
CA ALA A 67 -25.33 -58.06 11.03
C ALA A 67 -25.42 -58.99 12.25
N ILE A 68 -26.46 -59.81 12.35
CA ILE A 68 -26.64 -60.61 13.58
C ILE A 68 -27.14 -62.02 13.24
N HIS A 69 -26.59 -63.05 13.90
CA HIS A 69 -26.94 -64.47 13.81
C HIS A 69 -26.99 -65.03 12.38
N LYS A 77 -30.69 -63.41 11.79
CA LYS A 77 -31.68 -62.64 12.54
C LYS A 77 -31.84 -61.21 12.02
N ARG A 78 -30.70 -60.53 11.77
CA ARG A 78 -30.66 -59.15 11.28
C ARG A 78 -29.58 -59.03 10.19
N PHE A 79 -29.79 -58.15 9.19
CA PHE A 79 -28.88 -58.01 8.06
C PHE A 79 -29.12 -56.68 7.33
N ASP A 80 -28.58 -55.59 7.88
CA ASP A 80 -28.72 -54.24 7.30
C ASP A 80 -27.85 -54.02 6.06
N ASN A 81 -28.50 -53.69 4.93
CA ASN A 81 -27.84 -53.31 3.67
C ASN A 81 -28.57 -52.19 2.89
N PRO A 82 -28.98 -51.08 3.53
CA PRO A 82 -29.79 -50.04 2.90
C PRO A 82 -29.03 -49.29 1.80
N VAL A 83 -29.79 -48.73 0.85
CA VAL A 83 -29.28 -47.70 -0.07
C VAL A 83 -29.28 -46.34 0.64
N LEU A 84 -28.10 -45.88 1.01
CA LEU A 84 -27.86 -44.63 1.73
C LEU A 84 -27.59 -43.48 0.75
N PRO A 85 -27.76 -42.21 1.16
CA PRO A 85 -27.19 -41.07 0.45
C PRO A 85 -25.65 -41.15 0.39
N PHE A 86 -25.03 -40.45 -0.56
CA PHE A 86 -23.60 -40.17 -0.62
C PHE A 86 -23.41 -38.73 -1.07
N ASN A 87 -23.20 -37.80 -0.14
CA ASN A 87 -23.09 -36.37 -0.41
C ASN A 87 -21.84 -35.81 0.24
N ASP A 88 -21.03 -35.07 -0.52
CA ASP A 88 -19.68 -34.63 -0.13
C ASP A 88 -18.75 -35.75 0.40
N GLY A 89 -19.02 -37.01 0.04
CA GLY A 89 -18.23 -38.16 0.47
C GLY A 89 -18.67 -38.79 1.80
N VAL A 90 -18.14 -39.97 2.08
CA VAL A 90 -18.57 -40.84 3.18
C VAL A 90 -17.36 -41.38 3.91
N TYR A 91 -17.51 -41.55 5.21
CA TYR A 91 -16.63 -42.33 6.07
C TYR A 91 -17.33 -43.65 6.38
N PHE A 92 -16.63 -44.76 6.22
CA PHE A 92 -17.19 -46.09 6.40
C PHE A 92 -16.25 -46.92 7.28
N ALA A 93 -16.52 -46.99 8.57
CA ALA A 93 -15.81 -47.92 9.43
C ALA A 93 -16.51 -49.27 9.52
N SER A 94 -15.75 -50.27 9.94
CA SER A 94 -16.24 -51.61 10.22
C SER A 94 -15.43 -52.19 11.38
N THR A 95 -16.00 -53.22 12.02
CA THR A 95 -15.36 -53.96 13.10
C THR A 95 -15.78 -55.45 13.05
N GLU A 96 -15.10 -56.30 12.26
CA GLU A 96 -15.59 -57.71 12.12
C GLU A 96 -14.55 -58.67 11.51
N LYS A 97 -14.60 -59.97 11.86
CA LYS A 97 -13.64 -60.99 11.36
C LYS A 97 -14.31 -61.78 10.23
N SER A 98 -13.55 -62.55 9.45
CA SER A 98 -14.09 -63.36 8.33
C SER A 98 -14.59 -62.45 7.19
N ASN A 99 -14.35 -61.15 7.28
CA ASN A 99 -14.71 -60.20 6.19
C ASN A 99 -16.17 -60.42 5.74
N ILE A 100 -17.15 -60.12 6.59
CA ILE A 100 -18.57 -60.21 6.16
C ILE A 100 -18.83 -59.07 5.17
N ILE A 101 -18.49 -57.83 5.56
CA ILE A 101 -18.63 -56.68 4.61
C ILE A 101 -17.63 -56.90 3.47
N ARG A 102 -18.06 -56.78 2.22
CA ARG A 102 -17.16 -57.02 1.10
C ARG A 102 -17.02 -55.88 0.11
N GLY A 103 -17.96 -54.93 0.12
CA GLY A 103 -17.84 -53.84 -0.85
C GLY A 103 -19.05 -52.92 -0.89
N TRP A 104 -19.09 -52.11 -1.93
CA TRP A 104 -20.00 -50.97 -2.05
C TRP A 104 -20.40 -50.71 -3.49
N ILE A 105 -21.58 -50.13 -3.67
CA ILE A 105 -22.11 -49.68 -4.95
C ILE A 105 -22.36 -48.18 -4.87
N PHE A 106 -22.09 -47.43 -5.94
CA PHE A 106 -22.28 -45.98 -5.99
C PHE A 106 -22.94 -45.55 -7.30
N GLY A 107 -23.78 -44.53 -7.27
CA GLY A 107 -24.37 -43.98 -8.49
C GLY A 107 -25.41 -42.91 -8.20
N THR A 108 -26.34 -42.69 -9.14
CA THR A 108 -27.47 -41.76 -8.96
C THR A 108 -28.83 -42.45 -9.00
N THR A 109 -29.04 -43.50 -9.82
CA THR A 109 -30.30 -44.26 -9.87
C THR A 109 -30.15 -45.74 -9.50
N LEU A 110 -29.01 -46.36 -9.84
CA LEU A 110 -28.74 -47.81 -9.69
C LEU A 110 -29.69 -48.73 -10.51
N ASP A 111 -30.22 -48.25 -11.65
CA ASP A 111 -31.23 -48.96 -12.46
C ASP A 111 -30.97 -48.91 -13.98
N SER A 112 -29.72 -48.85 -14.41
CA SER A 112 -29.26 -48.87 -15.82
C SER A 112 -29.72 -47.71 -16.71
N LYS A 113 -30.48 -46.74 -16.21
CA LYS A 113 -30.73 -45.44 -16.89
C LYS A 113 -29.44 -44.59 -16.96
N THR A 114 -28.54 -44.81 -16.00
CA THR A 114 -27.23 -44.09 -16.01
C THR A 114 -26.13 -45.10 -15.68
N GLN A 115 -24.85 -44.67 -15.67
CA GLN A 115 -23.75 -45.60 -15.28
C GLN A 115 -23.64 -45.66 -13.76
N SER A 116 -23.02 -46.71 -13.22
CA SER A 116 -22.88 -46.88 -11.75
C SER A 116 -21.49 -47.42 -11.40
N LEU A 117 -21.03 -47.19 -10.17
CA LEU A 117 -19.70 -47.67 -9.73
C LEU A 117 -19.86 -48.96 -8.93
N LEU A 118 -19.11 -50.01 -9.30
CA LEU A 118 -19.22 -51.31 -8.60
C LEU A 118 -17.88 -51.63 -7.92
N ILE A 119 -17.88 -51.77 -6.60
CA ILE A 119 -16.63 -52.17 -5.87
C ILE A 119 -16.95 -53.45 -5.09
N VAL A 120 -16.58 -54.62 -5.65
CA VAL A 120 -16.92 -55.91 -4.99
C VAL A 120 -15.64 -56.72 -4.76
N ASN A 121 -15.43 -57.18 -3.52
CA ASN A 121 -14.27 -58.05 -3.22
C ASN A 121 -14.78 -59.49 -3.05
N ASN A 122 -14.50 -60.37 -4.02
CA ASN A 122 -14.92 -61.79 -3.84
C ASN A 122 -13.75 -62.56 -3.21
N ALA A 123 -13.99 -63.79 -2.74
CA ALA A 123 -12.96 -64.57 -2.02
C ALA A 123 -11.60 -64.55 -2.74
N THR A 124 -11.59 -64.35 -4.06
CA THR A 124 -10.30 -64.46 -4.80
C THR A 124 -9.77 -63.10 -5.25
N ASN A 125 -10.65 -62.19 -5.69
CA ASN A 125 -10.13 -60.90 -6.23
C ASN A 125 -11.10 -59.75 -5.95
N VAL A 126 -10.61 -58.51 -5.99
CA VAL A 126 -11.50 -57.32 -5.81
C VAL A 126 -11.78 -56.73 -7.18
N VAL A 127 -13.05 -56.52 -7.52
CA VAL A 127 -13.41 -56.01 -8.88
C VAL A 127 -13.96 -54.59 -8.77
N ILE A 128 -13.31 -53.62 -9.42
CA ILE A 128 -13.82 -52.25 -9.44
C ILE A 128 -14.32 -52.01 -10.86
N LYS A 129 -15.57 -51.58 -11.05
CA LYS A 129 -16.16 -51.53 -12.39
C LYS A 129 -17.18 -50.41 -12.53
N VAL A 130 -17.21 -49.73 -13.68
CA VAL A 130 -18.21 -48.71 -14.02
C VAL A 130 -19.03 -49.16 -15.22
N CYS A 131 -20.33 -49.36 -15.01
CA CYS A 131 -21.27 -49.84 -16.02
C CYS A 131 -22.66 -49.29 -15.79
N GLU A 132 -23.51 -49.33 -16.82
CA GLU A 132 -24.97 -49.12 -16.69
C GLU A 132 -25.67 -50.35 -16.08
N PHE A 133 -25.28 -50.72 -14.85
CA PHE A 133 -25.76 -51.88 -14.12
C PHE A 133 -27.28 -51.84 -13.82
N GLN A 134 -27.95 -52.98 -13.90
CA GLN A 134 -29.27 -53.18 -13.32
C GLN A 134 -29.13 -53.96 -12.00
N PHE A 135 -29.02 -53.26 -10.87
CA PHE A 135 -28.83 -53.87 -9.55
C PHE A 135 -30.08 -54.57 -9.00
N CYS A 136 -29.88 -55.58 -8.18
CA CYS A 136 -30.94 -56.22 -7.39
C CYS A 136 -31.44 -55.31 -6.26
N ASN A 137 -32.73 -55.42 -5.90
CA ASN A 137 -33.31 -54.66 -4.79
C ASN A 137 -32.67 -54.98 -3.43
N ASP A 138 -32.18 -56.22 -3.24
CA ASP A 138 -31.46 -56.64 -2.03
C ASP A 138 -30.19 -57.45 -2.41
N PRO A 139 -29.04 -56.77 -2.59
CA PRO A 139 -27.80 -57.37 -3.07
C PRO A 139 -26.86 -57.87 -1.96
N PHE A 140 -26.21 -59.00 -2.20
CA PHE A 140 -25.33 -59.69 -1.25
C PHE A 140 -24.47 -60.75 -1.97
N LEU A 141 -23.55 -61.38 -1.22
CA LEU A 141 -22.75 -62.52 -1.66
C LEU A 141 -22.87 -63.64 -0.63
N GLY A 142 -22.92 -64.91 -1.04
CA GLY A 142 -23.27 -66.04 -0.16
C GLY A 142 -22.16 -67.07 0.00
N VAL A 143 -22.12 -67.71 1.17
CA VAL A 143 -21.07 -68.64 1.59
C VAL A 143 -21.68 -69.95 2.08
N TYR A 144 -21.19 -71.09 1.59
CA TYR A 144 -21.46 -72.40 2.19
C TYR A 144 -20.57 -72.59 3.42
N TYR A 145 -21.19 -72.83 4.57
CA TYR A 145 -20.52 -72.87 5.87
C TYR A 145 -20.25 -74.32 6.32
N HIS A 146 -18.96 -74.66 6.42
CA HIS A 146 -18.55 -76.05 6.77
C HIS A 146 -18.85 -76.98 5.58
N LYS A 147 -20.12 -77.18 5.27
CA LYS A 147 -20.52 -77.98 4.08
C LYS A 147 -19.87 -79.37 4.07
N ASN A 148 -19.32 -79.79 2.92
CA ASN A 148 -18.73 -81.14 2.79
C ASN A 148 -17.21 -81.10 3.02
N ASN A 149 -16.55 -80.01 2.63
CA ASN A 149 -15.07 -79.95 2.72
C ASN A 149 -14.64 -79.54 4.13
N LYS A 150 -15.57 -79.53 5.10
CA LYS A 150 -15.25 -79.17 6.49
C LYS A 150 -14.54 -77.80 6.49
N SER A 151 -14.93 -76.92 5.56
CA SER A 151 -14.31 -75.57 5.45
C SER A 151 -15.36 -74.62 4.86
N TRP A 152 -15.01 -73.35 4.69
CA TRP A 152 -16.03 -72.40 4.21
C TRP A 152 -15.70 -71.90 2.81
N MET A 153 -16.68 -71.90 1.90
CA MET A 153 -16.50 -71.58 0.47
C MET A 153 -17.56 -70.60 -0.02
N GLU A 154 -17.16 -69.61 -0.84
CA GLU A 154 -18.14 -68.75 -1.53
C GLU A 154 -18.96 -69.55 -2.54
N SER A 155 -20.27 -69.31 -2.56
CA SER A 155 -21.24 -70.04 -3.37
C SER A 155 -22.19 -69.12 -4.15
N GLU A 156 -22.37 -67.86 -3.73
CA GLU A 156 -23.35 -66.96 -4.35
C GLU A 156 -22.77 -65.56 -4.62
N PHE A 157 -23.10 -64.98 -5.77
CA PHE A 157 -22.81 -63.58 -6.14
C PHE A 157 -24.11 -62.98 -6.68
N ARG A 158 -24.84 -62.31 -5.78
CA ARG A 158 -26.19 -61.76 -6.14
C ARG A 158 -26.18 -60.25 -5.92
N VAL A 159 -25.67 -59.50 -6.90
CA VAL A 159 -25.53 -58.04 -6.85
C VAL A 159 -26.32 -57.33 -7.95
N TYR A 160 -26.24 -57.81 -9.19
CA TYR A 160 -26.92 -57.26 -10.36
C TYR A 160 -27.47 -58.37 -11.26
N SER A 161 -28.42 -58.02 -12.12
CA SER A 161 -28.95 -58.93 -13.15
C SER A 161 -28.15 -58.88 -14.46
N SER A 162 -27.67 -57.72 -14.89
CA SER A 162 -26.77 -57.56 -16.06
C SER A 162 -26.03 -56.21 -16.08
N ALA A 163 -24.96 -56.14 -16.88
CA ALA A 163 -24.13 -54.95 -17.13
C ALA A 163 -23.82 -54.82 -18.63
N ASN A 164 -24.49 -53.90 -19.32
CA ASN A 164 -24.48 -53.79 -20.78
C ASN A 164 -23.34 -52.88 -21.31
N ASN A 165 -23.46 -51.56 -21.17
CA ASN A 165 -22.37 -50.62 -21.41
C ASN A 165 -21.45 -50.53 -20.17
N CYS A 166 -20.15 -50.35 -20.40
CA CYS A 166 -19.16 -50.07 -19.35
C CYS A 166 -18.09 -49.10 -19.86
N THR A 167 -17.44 -48.37 -18.96
CA THR A 167 -16.43 -47.35 -19.31
C THR A 167 -15.11 -47.49 -18.55
N PHE A 168 -15.10 -48.14 -17.38
CA PHE A 168 -13.91 -48.43 -16.60
C PHE A 168 -14.02 -49.84 -15.99
N GLU A 169 -12.96 -50.63 -16.04
CA GLU A 169 -12.89 -51.91 -15.31
C GLU A 169 -11.48 -52.20 -14.81
N TYR A 170 -11.40 -52.67 -13.56
CA TYR A 170 -10.19 -53.11 -12.88
C TYR A 170 -10.46 -54.41 -12.13
N VAL A 171 -9.48 -55.31 -12.08
CA VAL A 171 -9.50 -56.51 -11.25
C VAL A 171 -8.11 -56.70 -10.62
N SER A 172 -8.08 -57.02 -9.32
CA SER A 172 -6.80 -57.16 -8.59
C SER A 172 -6.17 -58.54 -8.80
N GLN A 173 -5.11 -58.85 -8.05
CA GLN A 173 -4.41 -60.16 -8.18
C GLN A 173 -5.26 -61.26 -7.53
N PRO A 174 -5.10 -62.54 -7.93
CA PRO A 174 -5.92 -63.63 -7.38
C PRO A 174 -5.44 -64.13 -6.01
N PHE A 175 -5.71 -63.39 -4.94
CA PHE A 175 -5.37 -63.85 -3.59
C PHE A 175 -6.35 -64.98 -3.21
N LEU A 176 -6.34 -65.45 -1.98
CA LEU A 176 -7.43 -66.30 -1.47
C LEU A 176 -7.59 -66.07 0.02
N MET A 177 -8.66 -65.35 0.39
CA MET A 177 -8.89 -65.02 1.83
C MET A 177 -9.70 -66.14 2.50
N ASP A 178 -9.82 -66.09 3.82
CA ASP A 178 -10.60 -67.13 4.57
C ASP A 178 -11.86 -66.49 5.15
N LEU A 179 -13.02 -66.87 4.63
CA LEU A 179 -14.32 -66.31 5.13
C LEU A 179 -14.88 -67.22 6.22
N GLU A 180 -14.18 -67.34 7.35
CA GLU A 180 -14.63 -68.23 8.45
C GLU A 180 -14.17 -67.66 9.80
N GLY A 181 -14.81 -68.09 10.89
CA GLY A 181 -14.44 -67.59 12.24
C GLY A 181 -15.68 -67.46 13.13
N LYS A 182 -15.56 -67.86 14.40
CA LYS A 182 -16.74 -67.82 15.31
C LYS A 182 -16.39 -67.46 16.77
N GLN A 183 -15.30 -66.74 17.00
CA GLN A 183 -15.00 -66.13 18.31
C GLN A 183 -15.96 -64.95 18.61
N GLY A 184 -15.96 -64.46 19.86
CA GLY A 184 -16.91 -63.46 20.35
C GLY A 184 -16.65 -62.03 19.86
N ASN A 185 -15.68 -61.34 20.47
CA ASN A 185 -15.34 -59.94 20.17
C ASN A 185 -14.79 -59.75 18.74
N PHE A 186 -14.97 -58.54 18.20
CA PHE A 186 -14.31 -58.12 16.97
C PHE A 186 -12.80 -57.93 17.21
N LYS A 187 -11.99 -58.36 16.23
CA LYS A 187 -10.52 -58.32 16.32
C LYS A 187 -9.81 -57.56 15.20
N ASN A 188 -10.48 -57.27 14.09
CA ASN A 188 -10.04 -56.23 13.16
C ASN A 188 -11.04 -55.07 13.14
N LEU A 189 -10.51 -53.85 13.17
CA LEU A 189 -11.22 -52.63 12.80
C LEU A 189 -10.65 -52.15 11.47
N ARG A 190 -11.50 -51.71 10.55
CA ARG A 190 -11.08 -51.20 9.24
C ARG A 190 -11.93 -50.03 8.79
N GLU A 191 -11.27 -48.91 8.50
CA GLU A 191 -11.89 -47.61 8.17
C GLU A 191 -11.58 -47.21 6.74
N PHE A 192 -12.57 -46.69 6.01
CA PHE A 192 -12.40 -46.09 4.69
C PHE A 192 -12.93 -44.67 4.66
N VAL A 193 -12.35 -43.82 3.84
CA VAL A 193 -12.94 -42.54 3.43
C VAL A 193 -13.07 -42.54 1.91
N PHE A 194 -14.26 -42.20 1.41
CA PHE A 194 -14.58 -42.09 0.00
C PHE A 194 -14.95 -40.66 -0.38
N LYS A 195 -14.34 -40.09 -1.42
CA LYS A 195 -14.77 -38.79 -2.01
C LYS A 195 -14.96 -38.92 -3.52
N ASN A 196 -15.94 -38.24 -4.12
CA ASN A 196 -16.04 -38.05 -5.58
C ASN A 196 -15.86 -36.55 -5.89
N ILE A 197 -14.84 -36.18 -6.67
CA ILE A 197 -14.45 -34.79 -6.97
C ILE A 197 -13.89 -34.71 -8.40
N ASP A 198 -14.37 -33.78 -9.25
CA ASP A 198 -13.80 -33.49 -10.58
C ASP A 198 -13.61 -34.74 -11.49
N GLY A 199 -14.53 -35.71 -11.39
CA GLY A 199 -14.48 -37.00 -12.11
C GLY A 199 -13.60 -38.08 -11.49
N TYR A 200 -12.89 -37.80 -10.41
CA TYR A 200 -12.13 -38.79 -9.64
C TYR A 200 -12.94 -39.31 -8.45
N PHE A 201 -12.82 -40.61 -8.16
CA PHE A 201 -13.22 -41.21 -6.90
C PHE A 201 -11.95 -41.56 -6.10
N LYS A 202 -11.83 -41.02 -4.88
CA LYS A 202 -10.64 -41.14 -4.03
C LYS A 202 -10.92 -41.99 -2.81
N ILE A 203 -10.11 -43.00 -2.56
CA ILE A 203 -10.20 -43.89 -1.39
C ILE A 203 -9.00 -43.66 -0.46
N TYR A 204 -9.26 -43.49 0.83
CA TYR A 204 -8.25 -43.55 1.91
C TYR A 204 -8.60 -44.70 2.85
N SER A 205 -7.64 -45.34 3.50
CA SER A 205 -7.94 -46.54 4.30
C SER A 205 -7.04 -46.71 5.51
N LYS A 206 -7.51 -47.43 6.54
CA LYS A 206 -6.66 -47.74 7.71
C LYS A 206 -7.27 -48.90 8.51
N HIS A 207 -6.43 -49.80 9.04
CA HIS A 207 -6.91 -50.94 9.85
C HIS A 207 -6.33 -50.84 11.25
N THR A 208 -7.08 -51.32 12.26
CA THR A 208 -6.59 -51.27 13.66
C THR A 208 -6.82 -52.62 14.36
N PRO A 209 -5.80 -53.29 14.94
CA PRO A 209 -6.04 -54.55 15.66
C PRO A 209 -6.63 -54.32 17.06
N ILE A 210 -7.90 -53.90 17.13
CA ILE A 210 -8.57 -53.71 18.45
C ILE A 210 -9.35 -54.98 18.81
N ASN A 211 -9.77 -55.13 20.07
CA ASN A 211 -10.59 -56.30 20.49
C ASN A 211 -11.79 -55.80 21.28
N LEU A 212 -12.91 -55.51 20.61
CA LEU A 212 -14.09 -54.95 21.31
C LEU A 212 -15.33 -55.81 21.04
N VAL A 213 -16.24 -55.88 22.03
CA VAL A 213 -17.47 -56.69 21.89
C VAL A 213 -18.55 -56.06 21.00
N ARG A 214 -18.85 -54.77 21.13
CA ARG A 214 -19.95 -54.17 20.35
C ARG A 214 -19.98 -52.65 20.08
N ASP A 215 -18.84 -51.98 20.07
CA ASP A 215 -18.82 -50.53 19.80
C ASP A 215 -17.52 -50.01 19.16
N LEU A 216 -17.62 -48.89 18.43
CA LEU A 216 -16.52 -48.22 17.72
C LEU A 216 -15.49 -47.64 18.73
N PRO A 217 -14.26 -48.19 18.85
CA PRO A 217 -13.32 -47.75 19.90
C PRO A 217 -12.89 -46.28 19.83
N GLN A 218 -12.87 -45.61 20.99
CA GLN A 218 -12.38 -44.21 21.04
C GLN A 218 -10.85 -44.22 20.89
N GLY A 219 -10.32 -43.46 19.94
CA GLY A 219 -8.87 -43.44 19.70
C GLY A 219 -8.53 -42.69 18.43
N PHE A 220 -7.25 -42.44 18.17
CA PHE A 220 -6.88 -41.66 16.99
C PHE A 220 -5.91 -42.45 16.11
N SER A 221 -6.14 -42.47 14.80
CA SER A 221 -5.17 -42.93 13.79
C SER A 221 -5.58 -42.41 12.41
N ALA A 222 -4.62 -41.94 11.61
CA ALA A 222 -4.93 -41.37 10.30
C ALA A 222 -5.02 -42.42 9.18
N LEU A 223 -5.84 -42.15 8.16
CA LEU A 223 -5.99 -43.00 6.98
C LEU A 223 -5.03 -42.58 5.86
N GLU A 224 -4.09 -43.47 5.49
CA GLU A 224 -3.25 -43.28 4.30
C GLU A 224 -4.08 -43.37 3.01
N PRO A 225 -3.80 -42.59 1.95
CA PRO A 225 -4.48 -42.70 0.67
C PRO A 225 -4.19 -44.06 0.04
N LEU A 226 -5.19 -44.67 -0.62
CA LEU A 226 -5.13 -46.06 -1.05
C LEU A 226 -5.23 -46.22 -2.58
N VAL A 227 -6.28 -45.68 -3.21
CA VAL A 227 -6.41 -45.66 -4.67
C VAL A 227 -7.21 -44.44 -5.14
N ASP A 228 -6.93 -43.98 -6.35
CA ASP A 228 -7.64 -42.90 -7.02
C ASP A 228 -8.08 -43.36 -8.42
N LEU A 229 -9.39 -43.35 -8.67
CA LEU A 229 -10.04 -43.96 -9.83
C LEU A 229 -10.68 -42.86 -10.73
N PRO A 230 -10.36 -42.78 -12.03
CA PRO A 230 -10.82 -41.71 -12.92
C PRO A 230 -12.25 -41.93 -13.47
N ILE A 231 -13.16 -42.42 -12.62
CA ILE A 231 -14.45 -43.03 -13.02
C ILE A 231 -15.47 -42.12 -13.72
N GLY A 232 -15.36 -40.79 -13.60
CA GLY A 232 -16.13 -39.81 -14.39
C GLY A 232 -17.65 -39.76 -14.20
N ILE A 233 -18.25 -40.61 -13.35
CA ILE A 233 -19.70 -40.65 -13.09
C ILE A 233 -20.17 -39.67 -12.00
N ASN A 234 -21.44 -39.30 -12.07
CA ASN A 234 -22.19 -38.71 -10.96
C ASN A 234 -22.40 -39.75 -9.84
N ILE A 235 -22.20 -39.37 -8.58
CA ILE A 235 -22.62 -40.15 -7.41
C ILE A 235 -23.50 -39.28 -6.52
N THR A 236 -24.55 -39.88 -5.96
CA THR A 236 -25.52 -39.26 -5.04
C THR A 236 -26.10 -40.26 -4.02
N ARG A 237 -25.96 -41.56 -4.32
CA ARG A 237 -26.42 -42.64 -3.43
C ARG A 237 -25.51 -43.89 -3.47
N PHE A 238 -25.24 -44.49 -2.30
CA PHE A 238 -24.41 -45.69 -2.19
C PHE A 238 -25.10 -46.83 -1.45
N GLN A 239 -24.61 -48.06 -1.58
CA GLN A 239 -25.09 -49.24 -0.87
C GLN A 239 -23.91 -50.13 -0.48
N THR A 240 -24.05 -51.03 0.49
CA THR A 240 -23.00 -51.98 0.87
C THR A 240 -23.44 -53.44 0.75
N LEU A 241 -22.46 -54.30 0.45
CA LEU A 241 -22.59 -55.71 0.07
C LEU A 241 -21.98 -56.61 1.16
N LEU A 242 -22.72 -57.60 1.64
CA LEU A 242 -22.33 -58.46 2.77
C LEU A 242 -22.26 -59.94 2.38
N ALA A 243 -21.36 -60.67 3.03
CA ALA A 243 -21.36 -62.12 3.06
C ALA A 243 -22.60 -62.65 3.81
N LEU A 244 -23.19 -63.73 3.32
CA LEU A 244 -24.43 -64.32 3.83
C LEU A 244 -24.22 -65.80 4.22
N SER A 254 -34.16 -72.83 2.64
CA SER A 254 -33.52 -72.80 1.32
C SER A 254 -32.76 -71.49 1.05
N SER A 255 -33.22 -70.64 0.12
CA SER A 255 -32.59 -69.34 -0.20
C SER A 255 -32.84 -68.31 0.90
N SER A 256 -34.11 -68.00 1.19
CA SER A 256 -34.55 -67.38 2.46
C SER A 256 -34.43 -68.39 3.61
N GLY A 257 -34.19 -67.91 4.83
CA GLY A 257 -33.74 -68.75 5.95
C GLY A 257 -32.24 -69.05 5.85
N TRP A 258 -31.44 -68.32 6.62
CA TRP A 258 -29.98 -68.22 6.51
C TRP A 258 -29.36 -67.72 7.82
N THR A 259 -28.05 -67.89 7.97
CA THR A 259 -27.26 -67.37 9.10
C THR A 259 -26.32 -66.28 8.60
N ALA A 260 -26.47 -65.06 9.12
CA ALA A 260 -25.54 -63.95 8.87
C ALA A 260 -24.46 -63.88 9.96
N GLY A 261 -23.18 -63.95 9.60
CA GLY A 261 -22.10 -63.80 10.58
C GLY A 261 -22.11 -62.40 11.22
N ALA A 262 -21.92 -62.32 12.53
CA ALA A 262 -22.08 -61.06 13.26
C ALA A 262 -20.98 -60.05 12.89
N ALA A 263 -21.39 -58.85 12.47
CA ALA A 263 -20.49 -57.77 12.05
C ALA A 263 -21.15 -56.39 12.18
N ALA A 264 -20.37 -55.38 12.54
CA ALA A 264 -20.84 -54.01 12.74
C ALA A 264 -20.16 -53.06 11.77
N TYR A 265 -20.94 -52.18 11.13
CA TYR A 265 -20.40 -51.11 10.31
C TYR A 265 -21.07 -49.78 10.63
N TYR A 266 -20.27 -48.71 10.58
CA TYR A 266 -20.63 -47.39 11.03
C TYR A 266 -20.44 -46.40 9.89
N VAL A 267 -21.47 -45.64 9.55
CA VAL A 267 -21.46 -44.68 8.44
C VAL A 267 -21.47 -43.26 8.97
N GLY A 268 -20.49 -42.46 8.56
CA GLY A 268 -20.47 -41.01 8.76
C GLY A 268 -20.43 -40.26 7.43
N TYR A 269 -20.89 -39.02 7.42
CA TYR A 269 -20.81 -38.14 6.26
C TYR A 269 -19.72 -37.10 6.48
N LEU A 270 -18.83 -36.94 5.50
CA LEU A 270 -17.77 -35.95 5.57
C LEU A 270 -18.34 -34.54 5.40
N GLN A 271 -17.69 -33.54 5.98
CA GLN A 271 -18.06 -32.14 5.87
C GLN A 271 -16.81 -31.30 5.63
N PRO A 272 -16.90 -30.18 4.90
CA PRO A 272 -15.78 -29.24 4.75
C PRO A 272 -15.48 -28.57 6.10
N ARG A 273 -14.42 -29.03 6.77
CA ARG A 273 -14.07 -28.43 8.06
C ARG A 273 -12.56 -28.31 8.28
N THR A 274 -12.10 -27.11 8.64
CA THR A 274 -10.67 -26.92 8.91
C THR A 274 -10.25 -27.84 10.04
N PHE A 275 -9.20 -28.63 9.79
CA PHE A 275 -8.67 -29.55 10.84
C PHE A 275 -7.20 -29.25 11.09
N LEU A 276 -6.85 -28.89 12.33
CA LEU A 276 -5.43 -28.61 12.67
C LEU A 276 -4.72 -29.94 12.91
N LEU A 277 -3.93 -30.41 11.93
CA LEU A 277 -3.25 -31.71 12.04
C LEU A 277 -1.87 -31.51 12.67
N LYS A 278 -1.49 -32.38 13.62
CA LYS A 278 -0.15 -32.29 14.25
C LYS A 278 0.71 -33.48 13.81
N TYR A 279 1.80 -33.22 13.09
CA TYR A 279 2.72 -34.30 12.65
C TYR A 279 3.83 -34.45 13.71
N ASN A 280 4.20 -35.69 14.03
CA ASN A 280 5.23 -35.94 15.06
C ASN A 280 6.62 -35.95 14.41
N GLU A 281 7.66 -36.29 15.18
CA GLU A 281 9.05 -36.27 14.65
C GLU A 281 9.19 -37.23 13.47
N ASN A 282 8.50 -38.38 13.50
CA ASN A 282 8.65 -39.40 12.43
C ASN A 282 7.77 -39.00 11.23
N GLY A 283 6.91 -38.00 11.38
CA GLY A 283 6.11 -37.50 10.24
C GLY A 283 4.79 -38.22 10.08
N THR A 284 4.10 -38.54 11.17
CA THR A 284 2.75 -39.16 11.06
C THR A 284 1.77 -38.37 11.92
N ILE A 285 0.60 -38.01 11.35
CA ILE A 285 -0.43 -37.25 12.11
C ILE A 285 -0.74 -38.00 13.41
N THR A 286 -0.23 -37.52 14.54
CA THR A 286 -0.44 -38.21 15.84
C THR A 286 -1.73 -37.70 16.48
N ASP A 287 -2.10 -36.44 16.19
CA ASP A 287 -3.35 -35.87 16.74
C ASP A 287 -3.87 -34.78 15.80
N ALA A 288 -5.18 -34.54 15.79
CA ALA A 288 -5.78 -33.50 14.92
C ALA A 288 -6.80 -32.69 15.74
N VAL A 289 -7.19 -31.52 15.24
CA VAL A 289 -8.17 -30.65 15.97
C VAL A 289 -9.30 -30.26 15.03
N ASP A 290 -10.55 -30.55 15.41
CA ASP A 290 -11.71 -30.09 14.59
C ASP A 290 -11.96 -28.62 14.92
N CYS A 291 -11.38 -27.70 14.14
CA CYS A 291 -11.49 -26.25 14.47
C CYS A 291 -12.95 -25.83 14.66
N ALA A 292 -13.90 -26.52 14.01
CA ALA A 292 -15.32 -26.12 14.07
C ALA A 292 -16.10 -26.96 15.09
N LEU A 293 -15.40 -27.62 16.02
CA LEU A 293 -16.06 -28.47 17.05
C LEU A 293 -16.57 -27.57 18.18
N ASP A 294 -15.67 -27.02 18.98
CA ASP A 294 -16.07 -26.15 20.13
C ASP A 294 -15.15 -24.92 20.17
N PRO A 295 -15.48 -23.86 20.94
CA PRO A 295 -14.59 -22.70 21.07
C PRO A 295 -13.17 -23.15 21.43
N LEU A 296 -13.04 -24.14 22.32
CA LEU A 296 -11.70 -24.67 22.66
C LEU A 296 -10.97 -25.05 21.37
N SER A 297 -11.61 -25.87 20.52
CA SER A 297 -11.00 -26.26 19.25
C SER A 297 -10.74 -25.05 18.36
N GLU A 298 -11.64 -24.08 18.35
CA GLU A 298 -11.46 -22.84 17.61
C GLU A 298 -10.29 -21.99 18.13
N THR A 299 -10.00 -21.99 19.44
CA THR A 299 -8.75 -21.38 19.96
C THR A 299 -7.52 -22.21 19.64
N LYS A 300 -7.52 -23.54 19.81
CA LYS A 300 -6.39 -24.40 19.43
C LYS A 300 -5.98 -24.17 18.00
N CYS A 301 -6.97 -24.04 17.13
CA CYS A 301 -6.79 -23.73 15.72
C CYS A 301 -6.26 -22.31 15.48
N THR A 302 -6.77 -21.30 16.21
CA THR A 302 -6.30 -19.91 16.11
C THR A 302 -4.85 -19.75 16.57
N LEU A 303 -4.47 -20.42 17.66
CA LEU A 303 -3.12 -20.43 18.22
C LEU A 303 -2.13 -21.29 17.42
N LYS A 304 -2.61 -22.16 16.50
CA LYS A 304 -1.84 -23.26 15.90
C LYS A 304 -1.14 -24.08 16.98
N SER A 305 -1.92 -24.58 17.94
CA SER A 305 -1.33 -25.39 19.05
C SER A 305 -2.39 -26.33 19.62
N PHE A 306 -1.97 -27.33 20.40
CA PHE A 306 -2.94 -28.26 21.05
C PHE A 306 -2.96 -28.00 22.56
N THR A 307 -1.95 -27.28 23.06
CA THR A 307 -1.86 -26.98 24.51
C THR A 307 -2.07 -25.47 24.73
N VAL A 308 -3.31 -25.06 24.97
CA VAL A 308 -3.59 -23.62 25.14
C VAL A 308 -3.29 -23.20 26.58
N GLU A 309 -2.43 -22.21 26.78
CA GLU A 309 -2.18 -21.65 28.12
C GLU A 309 -3.40 -20.88 28.67
N LYS A 310 -3.47 -20.68 29.98
CA LYS A 310 -4.50 -19.88 30.65
C LYS A 310 -4.61 -18.46 30.08
N GLY A 311 -5.81 -17.99 29.76
CA GLY A 311 -6.01 -16.64 29.24
C GLY A 311 -7.36 -16.41 28.57
N ILE A 312 -7.50 -15.25 27.94
CA ILE A 312 -8.65 -14.87 27.11
C ILE A 312 -8.18 -14.61 25.67
N TYR A 313 -8.71 -15.38 24.72
CA TYR A 313 -8.22 -15.44 23.35
C TYR A 313 -9.26 -14.99 22.35
N GLN A 314 -8.90 -14.03 21.50
CA GLN A 314 -9.70 -13.60 20.36
C GLN A 314 -9.85 -14.72 19.34
N THR A 315 -11.05 -14.88 18.79
CA THR A 315 -11.43 -15.82 17.71
C THR A 315 -12.32 -15.10 16.67
N SER A 316 -12.69 -15.75 15.57
CA SER A 316 -13.43 -15.11 14.46
C SER A 316 -14.69 -14.36 14.93
N ASN A 317 -14.92 -13.17 14.38
CA ASN A 317 -15.97 -12.27 14.81
C ASN A 317 -17.38 -12.85 14.61
N PHE A 318 -18.25 -12.61 15.57
CA PHE A 318 -19.68 -12.77 15.47
C PHE A 318 -20.27 -11.68 14.58
N ARG A 319 -21.36 -12.01 13.86
CA ARG A 319 -22.08 -10.99 13.03
C ARG A 319 -23.52 -11.47 12.76
N VAL A 320 -24.54 -10.74 13.24
CA VAL A 320 -25.97 -11.08 12.97
C VAL A 320 -26.15 -11.16 11.45
N GLN A 321 -26.36 -12.37 10.91
CA GLN A 321 -26.51 -12.54 9.44
C GLN A 321 -27.88 -12.02 8.99
N PRO A 322 -28.00 -11.45 7.77
CA PRO A 322 -29.30 -11.00 7.27
C PRO A 322 -30.28 -12.16 7.17
N THR A 323 -31.51 -11.98 7.63
CA THR A 323 -32.53 -13.06 7.60
C THR A 323 -33.18 -13.14 6.23
N GLU A 324 -33.61 -11.99 5.69
CA GLU A 324 -34.30 -11.96 4.40
C GLU A 324 -33.82 -10.75 3.60
N SER A 325 -34.10 -10.72 2.30
CA SER A 325 -33.88 -9.54 1.46
C SER A 325 -35.18 -8.86 1.06
N ILE A 326 -35.23 -7.53 1.19
CA ILE A 326 -36.39 -6.69 0.85
C ILE A 326 -35.98 -5.61 -0.14
N VAL A 327 -36.88 -5.25 -1.06
CA VAL A 327 -36.60 -4.33 -2.16
C VAL A 327 -37.70 -3.27 -2.26
N ARG A 328 -37.30 -1.99 -2.25
CA ARG A 328 -38.20 -0.83 -2.33
C ARG A 328 -37.84 0.04 -3.54
N PHE A 329 -38.84 0.34 -4.36
CA PHE A 329 -38.78 1.20 -5.53
C PHE A 329 -40.08 2.00 -5.64
N PRO A 330 -40.16 3.20 -6.26
CA PRO A 330 -41.41 3.99 -6.26
C PRO A 330 -42.64 3.26 -6.83
N ASN A 331 -43.86 3.71 -6.49
CA ASN A 331 -45.09 3.10 -7.07
C ASN A 331 -44.92 3.04 -8.59
N ILE A 332 -45.18 1.87 -9.20
CA ILE A 332 -45.07 1.74 -10.68
C ILE A 332 -46.36 2.28 -11.31
N THR A 333 -46.35 3.55 -11.73
CA THR A 333 -47.58 4.18 -12.29
C THR A 333 -47.30 4.68 -13.72
N ASN A 334 -46.04 5.04 -14.01
CA ASN A 334 -45.68 5.54 -15.37
C ASN A 334 -45.73 4.37 -16.35
N LEU A 335 -46.88 3.71 -16.47
CA LEU A 335 -46.98 2.51 -17.35
C LEU A 335 -47.01 3.00 -18.81
N CYS A 336 -46.17 2.41 -19.67
CA CYS A 336 -46.11 2.88 -21.06
C CYS A 336 -47.44 2.70 -21.83
N PRO A 337 -47.65 3.49 -22.90
CA PRO A 337 -48.87 3.46 -23.71
C PRO A 337 -48.93 2.26 -24.69
N PHE A 338 -48.66 1.05 -24.22
CA PHE A 338 -48.79 -0.15 -25.06
C PHE A 338 -50.23 -0.43 -25.44
N GLY A 339 -51.22 -0.08 -24.62
CA GLY A 339 -52.63 -0.22 -24.97
C GLY A 339 -52.99 0.54 -26.25
N GLU A 340 -52.51 1.76 -26.40
CA GLU A 340 -52.70 2.58 -27.60
C GLU A 340 -51.97 2.05 -28.86
N VAL A 341 -51.11 1.03 -28.74
CA VAL A 341 -50.46 0.34 -29.88
C VAL A 341 -51.03 -1.06 -30.12
N PHE A 342 -51.04 -1.91 -29.12
CA PHE A 342 -51.50 -3.30 -29.24
C PHE A 342 -53.01 -3.45 -29.28
N ASN A 343 -53.74 -2.47 -28.74
CA ASN A 343 -55.22 -2.56 -28.66
C ASN A 343 -55.87 -1.47 -29.53
N ALA A 344 -55.12 -0.77 -30.40
CA ALA A 344 -55.68 0.20 -31.31
C ALA A 344 -56.83 -0.41 -32.15
N THR A 345 -57.80 0.41 -32.55
CA THR A 345 -58.94 -0.08 -33.36
C THR A 345 -58.48 -0.43 -34.77
N ARG A 346 -57.88 0.53 -35.46
CA ARG A 346 -57.39 0.32 -36.83
C ARG A 346 -55.89 0.58 -36.97
N PHE A 347 -55.15 -0.49 -37.30
CA PHE A 347 -53.71 -0.46 -37.52
C PHE A 347 -53.40 0.20 -38.85
N ALA A 348 -52.18 0.64 -39.04
CA ALA A 348 -51.67 1.02 -40.35
C ALA A 348 -51.60 -0.20 -41.27
N SER A 349 -51.66 0.04 -42.57
CA SER A 349 -51.24 -0.97 -43.54
C SER A 349 -49.75 -0.92 -43.78
N VAL A 350 -49.17 -2.03 -44.24
CA VAL A 350 -47.72 -2.23 -44.20
C VAL A 350 -46.92 -1.20 -44.99
N TYR A 351 -47.45 -0.63 -46.07
CA TYR A 351 -46.74 0.43 -46.80
C TYR A 351 -46.56 1.72 -46.00
N ALA A 352 -47.46 1.98 -45.05
CA ALA A 352 -47.60 3.23 -44.33
C ALA A 352 -47.51 3.03 -42.81
N TRP A 353 -46.69 2.06 -42.38
CA TRP A 353 -46.62 1.57 -41.01
C TRP A 353 -46.46 2.69 -39.98
N ASN A 354 -47.33 2.68 -38.97
CA ASN A 354 -47.29 3.63 -37.88
C ASN A 354 -46.07 3.37 -37.01
N ARG A 355 -45.56 4.42 -36.36
CA ARG A 355 -44.54 4.34 -35.32
C ARG A 355 -44.98 5.17 -34.12
N LYS A 356 -44.89 4.61 -32.91
CA LYS A 356 -45.03 5.35 -31.65
C LYS A 356 -43.72 5.32 -30.90
N ARG A 357 -43.24 6.49 -30.50
CA ARG A 357 -41.99 6.63 -29.76
C ARG A 357 -42.21 6.51 -28.25
N ILE A 358 -42.21 5.28 -27.76
CA ILE A 358 -42.41 4.99 -26.35
C ILE A 358 -41.16 5.44 -25.59
N SER A 359 -41.32 6.41 -24.69
CA SER A 359 -40.28 6.93 -23.81
C SER A 359 -40.89 7.60 -22.57
N ASN A 360 -40.06 7.84 -21.54
CA ASN A 360 -40.42 8.46 -20.27
C ASN A 360 -41.48 7.67 -19.48
N CYS A 361 -41.41 6.35 -19.52
CA CYS A 361 -42.40 5.44 -18.96
C CYS A 361 -41.82 4.08 -18.55
N VAL A 362 -42.54 3.33 -17.72
CA VAL A 362 -42.13 1.99 -17.27
C VAL A 362 -42.83 0.92 -18.08
N ALA A 363 -42.07 0.01 -18.67
CA ALA A 363 -42.53 -0.90 -19.70
C ALA A 363 -42.67 -2.31 -19.15
N ASP A 364 -43.88 -2.75 -18.85
CA ASP A 364 -44.10 -4.06 -18.25
C ASP A 364 -44.32 -5.13 -19.30
N TYR A 365 -43.25 -5.53 -19.97
CA TYR A 365 -43.28 -6.58 -20.98
C TYR A 365 -43.77 -7.93 -20.47
N SER A 366 -43.85 -8.16 -19.15
CA SER A 366 -44.46 -9.37 -18.61
C SER A 366 -45.95 -9.50 -18.97
N VAL A 367 -46.64 -8.37 -19.12
CA VAL A 367 -48.02 -8.30 -19.61
C VAL A 367 -48.10 -8.86 -21.04
N LEU A 368 -47.12 -8.52 -21.87
CA LEU A 368 -47.06 -8.96 -23.25
C LEU A 368 -46.68 -10.44 -23.34
N TYR A 369 -45.55 -10.85 -22.78
CA TYR A 369 -45.00 -12.18 -23.00
C TYR A 369 -45.89 -13.29 -22.42
N ASN A 370 -46.61 -13.02 -21.32
CA ASN A 370 -47.56 -13.97 -20.74
C ASN A 370 -48.90 -14.02 -21.49
N SER A 371 -49.15 -13.16 -22.48
CA SER A 371 -50.44 -13.13 -23.16
C SER A 371 -50.65 -14.36 -24.05
N ALA A 372 -51.75 -15.06 -23.82
CA ALA A 372 -52.19 -16.16 -24.70
C ALA A 372 -52.60 -15.68 -26.10
N SER A 373 -52.78 -14.38 -26.33
CA SER A 373 -53.29 -13.87 -27.60
C SER A 373 -52.28 -13.94 -28.75
N PHE A 374 -50.97 -13.91 -28.48
CA PHE A 374 -49.95 -13.80 -29.51
C PHE A 374 -49.59 -15.14 -30.16
N SER A 375 -49.32 -15.10 -31.46
CA SER A 375 -48.85 -16.27 -32.24
C SER A 375 -47.34 -16.40 -32.25
N THR A 376 -46.65 -15.26 -32.18
CA THR A 376 -45.24 -15.06 -32.51
C THR A 376 -44.70 -13.99 -31.58
N PHE A 377 -43.53 -14.20 -31.00
CA PHE A 377 -42.88 -13.23 -30.11
C PHE A 377 -41.37 -13.37 -30.23
N LYS A 378 -40.85 -13.04 -31.41
CA LYS A 378 -39.45 -13.29 -31.76
C LYS A 378 -38.61 -12.10 -31.36
N CYS A 379 -37.80 -12.26 -30.32
CA CYS A 379 -36.87 -11.23 -29.85
C CYS A 379 -35.45 -11.54 -30.32
N TYR A 380 -34.82 -10.53 -30.93
CA TYR A 380 -33.53 -10.63 -31.58
C TYR A 380 -32.41 -9.92 -30.83
N GLY A 381 -32.76 -8.88 -30.08
CA GLY A 381 -31.76 -8.17 -29.26
C GLY A 381 -31.41 -8.96 -28.01
N VAL A 382 -32.42 -9.39 -27.25
CA VAL A 382 -32.17 -10.13 -25.97
C VAL A 382 -33.23 -11.23 -25.80
N SER A 383 -33.04 -12.11 -24.81
CA SER A 383 -34.04 -13.19 -24.53
C SER A 383 -35.32 -12.56 -23.98
N PRO A 384 -36.53 -12.93 -24.46
CA PRO A 384 -37.77 -12.30 -24.02
C PRO A 384 -37.96 -12.12 -22.52
N THR A 385 -37.48 -13.05 -21.69
CA THR A 385 -37.74 -12.99 -20.24
C THR A 385 -37.11 -11.74 -19.62
N LYS A 386 -35.91 -11.35 -20.05
CA LYS A 386 -35.11 -10.27 -19.44
C LYS A 386 -35.56 -8.86 -19.79
N LEU A 387 -36.60 -8.68 -20.60
CA LEU A 387 -37.07 -7.35 -21.00
C LEU A 387 -37.51 -6.47 -19.81
N ASN A 388 -38.09 -7.06 -18.76
CA ASN A 388 -38.42 -6.34 -17.51
C ASN A 388 -37.19 -5.95 -16.66
N ASP A 389 -35.96 -6.34 -17.02
CA ASP A 389 -34.73 -6.01 -16.29
C ASP A 389 -33.96 -4.85 -16.93
N LEU A 390 -34.15 -4.65 -18.23
CA LEU A 390 -33.41 -3.69 -19.06
C LEU A 390 -33.94 -2.26 -18.98
N CYS A 391 -33.16 -1.29 -19.46
CA CYS A 391 -33.64 0.05 -19.74
C CYS A 391 -33.00 0.64 -21.00
N PHE A 392 -33.75 1.49 -21.71
CA PHE A 392 -33.46 1.99 -23.05
C PHE A 392 -33.69 3.49 -23.16
N THR A 393 -33.14 4.13 -24.19
CA THR A 393 -33.36 5.55 -24.48
C THR A 393 -34.75 5.75 -25.06
N ASN A 394 -35.13 4.96 -26.05
CA ASN A 394 -36.49 4.88 -26.56
C ASN A 394 -36.82 3.47 -27.06
N VAL A 395 -38.10 3.16 -27.13
CA VAL A 395 -38.64 1.96 -27.75
C VAL A 395 -39.58 2.39 -28.85
N TYR A 396 -39.15 2.36 -30.09
CA TYR A 396 -40.05 2.62 -31.20
C TYR A 396 -40.96 1.41 -31.40
N ALA A 397 -42.28 1.65 -31.37
CA ALA A 397 -43.25 0.55 -31.62
C ALA A 397 -43.81 0.69 -33.04
N ASP A 398 -43.28 -0.09 -33.99
CA ASP A 398 -43.74 -0.03 -35.40
C ASP A 398 -44.97 -0.94 -35.55
N SER A 399 -46.08 -0.43 -36.08
CA SER A 399 -47.32 -1.25 -36.14
C SER A 399 -47.87 -1.36 -37.57
N PHE A 400 -48.28 -2.57 -37.97
CA PHE A 400 -48.87 -2.80 -39.29
C PHE A 400 -49.63 -4.13 -39.42
N VAL A 401 -50.48 -4.25 -40.43
CA VAL A 401 -51.16 -5.49 -40.82
C VAL A 401 -50.53 -6.09 -42.07
N ILE A 402 -50.25 -7.38 -42.03
CA ILE A 402 -49.76 -8.21 -43.14
C ILE A 402 -50.45 -9.56 -43.16
N ARG A 403 -50.15 -10.37 -44.18
CA ARG A 403 -50.74 -11.70 -44.28
C ARG A 403 -50.03 -12.68 -43.34
N GLY A 404 -50.75 -13.72 -42.92
CA GLY A 404 -50.21 -14.73 -42.01
C GLY A 404 -49.01 -15.52 -42.55
N ASP A 405 -48.80 -15.54 -43.86
CA ASP A 405 -47.56 -16.08 -44.45
C ASP A 405 -46.40 -15.07 -44.41
N GLU A 406 -46.69 -13.79 -44.36
CA GLU A 406 -45.71 -12.72 -44.49
C GLU A 406 -45.09 -12.30 -43.15
N VAL A 407 -45.75 -12.67 -42.04
CA VAL A 407 -45.27 -12.32 -40.71
C VAL A 407 -43.84 -12.79 -40.48
N ARG A 408 -43.49 -13.93 -41.09
CA ARG A 408 -42.16 -14.49 -40.95
C ARG A 408 -41.10 -13.56 -41.52
N GLN A 409 -41.41 -12.95 -42.66
CA GLN A 409 -40.49 -12.04 -43.34
C GLN A 409 -40.07 -10.85 -42.47
N ILE A 410 -40.89 -10.50 -41.49
CA ILE A 410 -40.57 -9.35 -40.62
C ILE A 410 -39.30 -9.57 -39.79
N ALA A 411 -38.88 -10.82 -39.55
CA ALA A 411 -37.60 -11.14 -38.94
C ALA A 411 -36.41 -10.52 -39.70
N PRO A 412 -35.30 -10.16 -39.03
CA PRO A 412 -34.15 -9.54 -39.66
C PRO A 412 -33.46 -10.50 -40.63
N GLY A 413 -32.99 -9.95 -41.75
CA GLY A 413 -32.31 -10.78 -42.77
C GLY A 413 -33.28 -11.74 -43.45
N GLN A 414 -34.32 -11.19 -44.09
CA GLN A 414 -35.33 -12.04 -44.78
C GLN A 414 -35.52 -11.49 -46.21
N THR A 415 -35.85 -12.38 -47.16
CA THR A 415 -36.05 -11.96 -48.57
C THR A 415 -37.51 -12.19 -48.98
N GLY A 416 -38.20 -11.14 -49.42
CA GLY A 416 -39.59 -11.25 -49.86
C GLY A 416 -40.26 -9.89 -49.94
N LYS A 417 -41.40 -9.78 -50.63
CA LYS A 417 -42.01 -8.47 -50.95
C LYS A 417 -42.34 -7.61 -49.74
N ILE A 418 -42.63 -8.18 -48.58
CA ILE A 418 -42.79 -7.40 -47.36
C ILE A 418 -41.43 -6.97 -46.79
N ALA A 419 -40.50 -7.91 -46.65
CA ALA A 419 -39.14 -7.60 -46.16
C ALA A 419 -38.35 -6.65 -47.05
N ASP A 420 -38.70 -6.49 -48.33
CA ASP A 420 -37.91 -5.74 -49.31
C ASP A 420 -38.58 -4.48 -49.82
N TYR A 421 -39.89 -4.47 -50.04
CA TYR A 421 -40.60 -3.31 -50.58
C TYR A 421 -41.53 -2.61 -49.58
N ASN A 422 -41.69 -3.12 -48.35
CA ASN A 422 -42.65 -2.56 -47.38
C ASN A 422 -42.07 -2.24 -45.98
N TYR A 423 -41.44 -3.21 -45.30
CA TYR A 423 -40.92 -3.02 -43.95
C TYR A 423 -39.68 -3.89 -43.70
N LYS A 424 -38.49 -3.28 -43.65
CA LYS A 424 -37.23 -4.02 -43.54
C LYS A 424 -36.53 -3.79 -42.21
N LEU A 425 -36.18 -4.87 -41.52
CA LEU A 425 -35.35 -4.81 -40.32
C LEU A 425 -33.87 -4.97 -40.61
N PRO A 426 -32.99 -4.28 -39.86
CA PRO A 426 -31.54 -4.36 -40.05
C PRO A 426 -30.98 -5.66 -39.52
N ASP A 427 -29.80 -6.04 -40.01
CA ASP A 427 -29.10 -7.28 -39.69
C ASP A 427 -28.80 -7.45 -38.19
N ASP A 428 -28.75 -6.35 -37.44
CA ASP A 428 -28.51 -6.29 -35.99
C ASP A 428 -29.72 -5.71 -35.24
N PHE A 429 -30.93 -5.95 -35.74
CA PHE A 429 -32.18 -5.55 -35.08
C PHE A 429 -32.20 -5.97 -33.60
N THR A 430 -32.17 -4.99 -32.71
CA THR A 430 -32.04 -5.20 -31.27
C THR A 430 -33.40 -5.01 -30.60
N GLY A 431 -34.37 -5.83 -30.99
CA GLY A 431 -35.79 -5.64 -30.65
C GLY A 431 -36.62 -6.92 -30.69
N CYS A 432 -37.95 -6.80 -30.67
CA CYS A 432 -38.89 -7.91 -30.72
C CYS A 432 -39.98 -7.74 -31.77
N VAL A 433 -40.34 -8.79 -32.48
CA VAL A 433 -41.48 -8.84 -33.43
C VAL A 433 -42.59 -9.64 -32.80
N ILE A 434 -43.77 -9.04 -32.67
CA ILE A 434 -44.91 -9.64 -31.98
C ILE A 434 -46.09 -9.65 -32.93
N ALA A 435 -46.80 -10.75 -33.08
CA ALA A 435 -47.86 -10.85 -34.06
C ALA A 435 -49.02 -11.73 -33.65
N TRP A 436 -50.22 -11.40 -34.09
CA TRP A 436 -51.43 -12.16 -33.79
C TRP A 436 -52.42 -12.18 -34.94
N ASN A 437 -53.03 -13.35 -35.13
CA ASN A 437 -54.15 -13.53 -36.05
C ASN A 437 -55.27 -12.56 -35.65
N SER A 438 -55.64 -11.69 -36.58
CA SER A 438 -56.74 -10.72 -36.32
C SER A 438 -57.82 -10.89 -37.39
N ASN A 439 -57.96 -12.09 -37.93
CA ASN A 439 -58.94 -12.36 -39.01
C ASN A 439 -60.34 -11.97 -38.54
N ASN A 440 -60.72 -12.38 -37.33
CA ASN A 440 -62.08 -12.08 -36.79
C ASN A 440 -62.20 -10.57 -36.52
N LEU A 441 -61.10 -9.82 -36.72
CA LEU A 441 -61.11 -8.36 -36.45
C LEU A 441 -60.84 -7.58 -37.73
N ASP A 442 -60.24 -8.24 -38.74
CA ASP A 442 -59.87 -7.51 -39.99
C ASP A 442 -60.30 -8.31 -41.22
N SER A 443 -61.46 -8.97 -41.18
CA SER A 443 -61.95 -9.67 -42.40
C SER A 443 -63.44 -9.38 -42.60
N LYS A 444 -63.78 -8.28 -43.28
CA LYS A 444 -65.17 -7.94 -43.59
C LYS A 444 -65.83 -9.11 -44.34
N VAL A 445 -67.13 -9.32 -44.17
CA VAL A 445 -67.84 -10.54 -44.64
C VAL A 445 -67.75 -10.80 -46.15
N GLY A 446 -67.83 -9.77 -46.99
CA GLY A 446 -67.65 -9.87 -48.44
C GLY A 446 -66.20 -9.71 -48.91
N GLY A 447 -65.25 -9.69 -47.98
CA GLY A 447 -63.86 -9.31 -48.20
C GLY A 447 -63.56 -7.86 -47.79
N ASN A 448 -62.41 -7.65 -47.16
CA ASN A 448 -61.86 -6.32 -46.83
C ASN A 448 -60.73 -5.95 -47.82
N TYR A 449 -60.70 -4.69 -48.23
CA TYR A 449 -59.75 -4.12 -49.17
C TYR A 449 -59.03 -2.85 -48.67
N ASN A 450 -59.18 -2.50 -47.38
CA ASN A 450 -58.63 -1.27 -46.81
C ASN A 450 -57.10 -1.30 -46.62
N TYR A 451 -56.50 -2.49 -46.54
CA TYR A 451 -55.08 -2.66 -46.27
C TYR A 451 -54.32 -2.89 -47.58
N LEU A 452 -53.39 -1.99 -47.91
CA LEU A 452 -52.54 -2.06 -49.08
C LEU A 452 -51.08 -2.39 -48.72
N TYR A 453 -50.42 -3.11 -49.61
CA TYR A 453 -48.99 -3.42 -49.59
C TYR A 453 -48.38 -3.11 -50.95
N ARG A 454 -47.13 -2.66 -50.97
CA ARG A 454 -46.37 -2.36 -52.18
C ARG A 454 -45.93 -3.68 -52.81
N LEU A 455 -46.43 -3.99 -53.99
CA LEU A 455 -45.96 -5.15 -54.75
C LEU A 455 -44.72 -4.80 -55.58
N PHE A 456 -44.55 -3.53 -55.95
CA PHE A 456 -43.47 -3.08 -56.84
C PHE A 456 -42.72 -1.84 -56.35
N ARG A 457 -41.40 -1.86 -56.55
CA ARG A 457 -40.48 -0.77 -56.21
C ARG A 457 -39.18 -0.87 -57.04
N LYS A 458 -38.56 0.26 -57.41
CA LYS A 458 -37.32 0.24 -58.22
C LYS A 458 -36.12 -0.40 -57.51
N SER A 459 -36.13 -0.35 -56.18
CA SER A 459 -35.11 -0.91 -55.29
C SER A 459 -35.76 -1.33 -53.98
N ASN A 460 -35.16 -2.33 -53.31
CA ASN A 460 -35.50 -2.62 -51.92
C ASN A 460 -35.35 -1.35 -51.08
N LEU A 461 -36.23 -1.14 -50.11
CA LEU A 461 -36.11 -0.02 -49.17
C LEU A 461 -35.08 -0.33 -48.08
N LYS A 462 -34.41 0.71 -47.59
CA LYS A 462 -33.36 0.60 -46.56
C LYS A 462 -33.99 0.33 -45.19
N PRO A 463 -33.27 -0.27 -44.22
CA PRO A 463 -33.86 -0.63 -42.93
C PRO A 463 -34.60 0.52 -42.25
N PHE A 464 -35.81 0.24 -41.77
CA PHE A 464 -36.77 1.19 -41.22
C PHE A 464 -37.18 2.37 -42.13
N GLU A 465 -37.00 2.31 -43.44
CA GLU A 465 -37.70 3.27 -44.33
C GLU A 465 -39.19 2.95 -44.43
N ARG A 466 -39.93 3.95 -44.92
CA ARG A 466 -41.37 3.86 -45.19
C ARG A 466 -41.61 4.62 -46.52
N ASP A 467 -42.35 4.02 -47.46
CA ASP A 467 -42.58 4.69 -48.75
C ASP A 467 -44.07 4.82 -49.05
N ILE A 468 -44.62 5.97 -48.65
CA ILE A 468 -45.99 6.37 -48.89
C ILE A 468 -46.28 6.60 -50.39
N SER A 469 -45.25 6.80 -51.23
CA SER A 469 -45.44 7.28 -52.60
C SER A 469 -46.28 6.33 -53.44
N THR A 470 -47.29 6.91 -54.08
CA THR A 470 -48.19 6.26 -55.04
C THR A 470 -47.75 6.46 -56.49
N GLU A 471 -46.60 7.12 -56.68
CA GLU A 471 -46.12 7.43 -58.06
C GLU A 471 -46.26 6.18 -58.94
N ILE A 472 -46.91 6.32 -60.11
CA ILE A 472 -47.16 5.15 -61.00
C ILE A 472 -45.82 4.42 -61.25
N TYR A 473 -45.87 3.09 -61.38
CA TYR A 473 -44.60 2.31 -61.50
C TYR A 473 -44.12 2.21 -62.96
N GLN A 474 -42.81 2.26 -63.17
CA GLN A 474 -42.23 2.12 -64.49
C GLN A 474 -41.90 0.64 -64.78
N ALA A 475 -42.94 -0.17 -64.98
CA ALA A 475 -42.72 -1.62 -65.17
C ALA A 475 -42.22 -1.86 -66.60
N GLY A 476 -42.59 -0.97 -67.53
CA GLY A 476 -42.14 -1.10 -68.93
C GLY A 476 -41.19 0.02 -69.31
N SER A 477 -40.38 -0.20 -70.34
CA SER A 477 -39.43 0.85 -70.81
C SER A 477 -40.21 2.12 -71.16
N THR A 478 -41.32 1.97 -71.87
CA THR A 478 -42.17 3.14 -72.24
C THR A 478 -42.42 3.98 -70.98
N PRO A 479 -42.15 5.30 -71.01
CA PRO A 479 -42.39 6.17 -69.86
C PRO A 479 -43.87 6.31 -69.52
N CYS A 480 -44.24 6.03 -68.28
CA CYS A 480 -45.61 6.10 -67.77
C CYS A 480 -46.14 7.54 -67.58
N ASN A 481 -46.34 8.23 -68.69
CA ASN A 481 -46.97 9.54 -68.77
C ASN A 481 -48.47 9.51 -68.40
N GLY A 482 -49.12 8.35 -68.44
CA GLY A 482 -50.51 8.12 -68.02
C GLY A 482 -50.67 7.85 -66.51
N VAL A 483 -51.91 7.96 -66.02
CA VAL A 483 -52.26 7.62 -64.62
C VAL A 483 -52.46 6.11 -64.38
N GLU A 484 -52.75 5.36 -65.45
CA GLU A 484 -52.91 3.91 -65.50
C GLU A 484 -52.47 3.42 -66.89
N GLY A 485 -52.10 2.14 -67.02
CA GLY A 485 -51.79 1.54 -68.31
C GLY A 485 -51.02 0.22 -68.19
N PHE A 486 -50.91 -0.50 -69.31
CA PHE A 486 -50.04 -1.67 -69.39
C PHE A 486 -48.61 -1.30 -68.99
N ASN A 487 -47.97 -2.11 -68.15
CA ASN A 487 -46.66 -1.82 -67.56
C ASN A 487 -46.56 -0.47 -66.82
N CYS A 488 -47.70 0.11 -66.42
CA CYS A 488 -47.81 1.29 -65.57
C CYS A 488 -48.64 0.95 -64.33
N TYR A 489 -48.25 -0.12 -63.64
CA TYR A 489 -48.99 -0.62 -62.49
C TYR A 489 -48.92 0.27 -61.26
N PHE A 490 -50.03 0.34 -60.53
CA PHE A 490 -50.06 1.14 -59.28
C PHE A 490 -49.28 0.37 -58.22
N PRO A 491 -48.14 0.90 -57.70
CA PRO A 491 -47.30 0.14 -56.77
C PRO A 491 -48.10 -0.41 -55.58
N LEU A 492 -49.14 0.29 -55.15
CA LEU A 492 -49.92 -0.15 -53.96
C LEU A 492 -51.14 -0.97 -54.40
N GLN A 493 -51.09 -2.30 -54.25
CA GLN A 493 -52.29 -3.13 -54.54
C GLN A 493 -52.90 -3.50 -53.17
N SER A 494 -54.01 -4.25 -53.13
CA SER A 494 -54.65 -4.47 -51.82
C SER A 494 -54.71 -5.96 -51.46
N TYR A 495 -54.68 -6.28 -50.17
CA TYR A 495 -54.80 -7.66 -49.70
C TYR A 495 -56.19 -8.24 -50.01
N GLY A 496 -56.28 -9.56 -50.08
CA GLY A 496 -57.55 -10.29 -50.01
C GLY A 496 -57.74 -10.92 -48.64
N PHE A 497 -58.50 -10.25 -47.77
CA PHE A 497 -58.77 -10.77 -46.40
C PHE A 497 -60.25 -11.16 -46.27
N GLN A 498 -60.52 -12.46 -46.16
CA GLN A 498 -61.92 -12.95 -46.00
C GLN A 498 -61.97 -13.88 -44.78
N PRO A 499 -63.09 -13.95 -44.03
CA PRO A 499 -63.15 -14.77 -42.81
C PRO A 499 -62.77 -16.23 -43.09
N THR A 500 -63.27 -16.80 -44.19
CA THR A 500 -63.01 -18.22 -44.50
C THR A 500 -61.64 -18.48 -45.14
N ASN A 501 -60.77 -17.48 -45.30
CA ASN A 501 -59.41 -17.68 -45.78
C ASN A 501 -58.60 -18.62 -44.86
N GLY A 502 -57.58 -19.30 -45.41
CA GLY A 502 -56.67 -20.11 -44.61
C GLY A 502 -55.74 -19.26 -43.74
N VAL A 503 -55.20 -19.85 -42.68
CA VAL A 503 -54.05 -19.29 -41.95
C VAL A 503 -52.91 -19.13 -42.95
N GLY A 504 -52.57 -17.89 -43.27
CA GLY A 504 -51.73 -17.53 -44.42
C GLY A 504 -52.32 -16.39 -45.24
N TYR A 505 -53.62 -16.46 -45.51
CA TYR A 505 -54.41 -15.42 -46.17
C TYR A 505 -55.42 -14.76 -45.21
N GLN A 506 -55.17 -14.99 -43.92
CA GLN A 506 -55.95 -14.27 -42.87
C GLN A 506 -55.01 -13.16 -42.39
N PRO A 507 -55.52 -11.98 -41.98
CA PRO A 507 -54.71 -10.87 -41.52
C PRO A 507 -54.03 -11.19 -40.20
N TYR A 508 -52.73 -10.91 -40.11
CA TYR A 508 -51.96 -10.86 -38.87
C TYR A 508 -51.61 -9.41 -38.60
N ARG A 509 -51.95 -8.91 -37.42
CA ARG A 509 -51.37 -7.69 -36.90
C ARG A 509 -49.97 -7.99 -36.44
N VAL A 510 -49.06 -7.06 -36.67
CA VAL A 510 -47.69 -7.11 -36.21
C VAL A 510 -47.37 -5.81 -35.52
N VAL A 511 -46.62 -5.88 -34.44
CA VAL A 511 -45.89 -4.75 -33.89
C VAL A 511 -44.46 -5.13 -33.65
N VAL A 512 -43.54 -4.26 -34.02
CA VAL A 512 -42.11 -4.46 -33.85
C VAL A 512 -41.60 -3.44 -32.87
N LEU A 513 -41.14 -3.91 -31.72
CA LEU A 513 -40.55 -3.09 -30.68
C LEU A 513 -39.06 -2.96 -30.96
N SER A 514 -38.66 -1.88 -31.62
CA SER A 514 -37.27 -1.53 -31.85
C SER A 514 -36.70 -0.78 -30.66
N PHE A 515 -36.01 -1.49 -29.78
CA PHE A 515 -35.40 -0.86 -28.61
C PHE A 515 -34.03 -0.27 -28.94
N GLU A 516 -33.77 0.96 -28.50
CA GLU A 516 -32.50 1.63 -28.77
C GLU A 516 -31.88 2.29 -27.52
N LEU A 517 -30.55 2.21 -27.41
CA LEU A 517 -29.73 2.97 -26.47
C LEU A 517 -28.84 3.96 -27.22
N LEU A 518 -28.83 5.21 -26.74
CA LEU A 518 -27.98 6.26 -27.37
C LEU A 518 -27.08 6.87 -26.30
N HIS A 519 -26.55 8.07 -26.57
CA HIS A 519 -25.70 8.77 -25.56
C HIS A 519 -26.62 9.50 -24.57
N ALA A 520 -27.92 9.51 -24.85
CA ALA A 520 -28.89 10.19 -23.96
C ALA A 520 -29.19 9.31 -22.74
N PRO A 521 -29.65 9.82 -21.57
CA PRO A 521 -29.97 8.93 -20.45
C PRO A 521 -31.15 8.00 -20.79
N ALA A 522 -31.00 6.70 -20.51
CA ALA A 522 -32.09 5.74 -20.76
C ALA A 522 -33.32 6.15 -19.94
N THR A 523 -34.49 6.23 -20.58
CA THR A 523 -35.71 6.70 -19.85
C THR A 523 -36.82 5.63 -19.94
N VAL A 524 -36.71 4.69 -20.88
CA VAL A 524 -37.71 3.59 -20.99
C VAL A 524 -37.21 2.41 -20.16
N CYS A 525 -37.46 2.42 -18.85
CA CYS A 525 -36.93 1.36 -17.96
C CYS A 525 -38.03 0.33 -17.65
N GLY A 526 -37.66 -0.81 -17.06
CA GLY A 526 -38.65 -1.82 -16.67
C GLY A 526 -39.29 -1.48 -15.34
N PRO A 527 -40.21 -2.31 -14.79
CA PRO A 527 -40.89 -2.01 -13.57
C PRO A 527 -40.04 -2.65 -12.57
N LYS A 528 -39.63 -1.88 -11.57
CA LYS A 528 -38.78 -2.40 -10.51
C LYS A 528 -39.61 -3.11 -9.44
N LYS A 529 -39.28 -4.37 -9.17
CA LYS A 529 -39.99 -5.16 -8.18
C LYS A 529 -39.79 -4.55 -6.80
N SER A 530 -40.85 -4.55 -5.99
CA SER A 530 -40.79 -3.98 -4.65
C SER A 530 -41.47 -4.89 -3.63
N THR A 531 -40.67 -5.66 -2.91
CA THR A 531 -41.19 -6.58 -1.88
C THR A 531 -41.46 -5.83 -0.57
N ASN A 532 -42.17 -6.45 0.37
CA ASN A 532 -42.65 -5.81 1.60
C ASN A 532 -41.52 -5.22 2.48
N LEU A 533 -41.80 -4.09 3.14
CA LEU A 533 -40.94 -3.46 4.13
C LEU A 533 -41.06 -4.15 5.49
N VAL A 534 -39.94 -4.66 6.03
CA VAL A 534 -39.85 -5.33 7.34
C VAL A 534 -38.87 -4.60 8.26
N LYS A 535 -39.11 -4.65 9.58
CA LYS A 535 -38.52 -3.72 10.57
C LYS A 535 -37.98 -4.47 11.80
N ASN A 536 -37.10 -3.85 12.57
CA ASN A 536 -36.42 -4.41 13.75
C ASN A 536 -35.63 -5.71 13.51
N LYS A 537 -35.41 -6.08 12.26
CA LYS A 537 -34.79 -7.34 11.81
C LYS A 537 -33.60 -7.02 10.92
N CYS A 538 -32.51 -7.78 11.05
CA CYS A 538 -31.36 -7.64 10.15
C CYS A 538 -31.70 -8.18 8.75
N VAL A 539 -31.62 -7.33 7.73
CA VAL A 539 -32.06 -7.77 6.37
C VAL A 539 -31.18 -7.13 5.28
N ASN A 540 -31.14 -7.74 4.09
CA ASN A 540 -30.41 -7.12 2.96
C ASN A 540 -31.37 -6.12 2.32
N PHE A 541 -30.98 -4.84 2.24
CA PHE A 541 -31.94 -3.83 1.73
C PHE A 541 -31.46 -3.25 0.39
N ASN A 542 -32.38 -3.11 -0.58
CA ASN A 542 -32.03 -2.47 -1.88
C ASN A 542 -33.01 -1.31 -2.07
N PHE A 543 -32.63 -0.11 -1.63
CA PHE A 543 -33.58 1.02 -1.67
C PHE A 543 -33.21 1.92 -2.85
N ASN A 544 -33.79 1.66 -4.03
CA ASN A 544 -33.48 2.44 -5.25
C ASN A 544 -31.99 2.32 -5.59
N GLY A 545 -31.48 1.09 -5.69
CA GLY A 545 -30.07 0.88 -6.08
C GLY A 545 -29.15 0.74 -4.88
N LEU A 546 -29.46 1.42 -3.78
CA LEU A 546 -28.61 1.39 -2.59
C LEU A 546 -28.58 -0.02 -1.96
N THR A 547 -27.70 -0.90 -2.44
CA THR A 547 -27.45 -2.19 -1.78
C THR A 547 -26.74 -2.01 -0.44
N GLY A 548 -27.27 -2.59 0.64
CA GLY A 548 -26.62 -2.61 1.94
C GLY A 548 -27.23 -3.65 2.89
N THR A 549 -26.73 -3.71 4.12
CA THR A 549 -27.26 -4.59 5.16
C THR A 549 -27.45 -3.83 6.46
N GLY A 550 -28.52 -4.14 7.20
CA GLY A 550 -28.79 -3.49 8.47
C GLY A 550 -30.17 -3.78 9.04
N VAL A 551 -30.32 -3.42 10.31
CA VAL A 551 -31.58 -3.36 11.04
C VAL A 551 -32.28 -2.06 10.69
N LEU A 552 -33.43 -2.16 10.00
CA LEU A 552 -34.28 -1.00 9.70
C LEU A 552 -35.14 -0.64 10.93
N THR A 553 -35.30 0.65 11.22
CA THR A 553 -36.12 1.16 12.33
C THR A 553 -36.91 2.38 11.88
N GLU A 554 -38.11 2.63 12.41
CA GLU A 554 -38.88 3.85 12.12
C GLU A 554 -38.16 5.10 12.69
N SER A 555 -37.73 6.00 11.82
CA SER A 555 -36.91 7.15 12.21
C SER A 555 -37.71 8.27 12.88
N ASN A 556 -37.07 8.99 13.79
CA ASN A 556 -37.53 10.27 14.31
C ASN A 556 -36.99 11.49 13.51
N LYS A 557 -36.07 11.27 12.55
CA LYS A 557 -35.53 12.32 11.67
C LYS A 557 -36.61 12.85 10.72
N LYS A 558 -36.41 14.07 10.25
CA LYS A 558 -37.33 14.68 9.33
C LYS A 558 -36.58 15.31 8.19
N PHE A 559 -36.57 14.60 7.05
CA PHE A 559 -35.81 15.09 5.86
C PHE A 559 -36.55 16.26 5.21
N LEU A 560 -36.05 16.69 4.04
CA LEU A 560 -36.72 17.79 3.29
C LEU A 560 -37.46 17.17 2.11
N PRO A 561 -38.54 17.79 1.60
CA PRO A 561 -39.34 17.20 0.51
C PRO A 561 -38.48 16.61 -0.62
N PHE A 562 -37.20 17.02 -0.72
CA PHE A 562 -36.35 16.56 -1.84
C PHE A 562 -35.44 15.40 -1.40
N GLN A 563 -35.08 15.33 -0.11
CA GLN A 563 -34.12 14.28 0.36
C GLN A 563 -34.77 12.90 0.29
N GLN A 564 -33.98 11.86 -0.01
CA GLN A 564 -34.52 10.48 -0.14
C GLN A 564 -33.72 9.52 0.75
N PHE A 565 -32.57 9.97 1.25
CA PHE A 565 -31.72 9.14 2.14
C PHE A 565 -30.81 10.05 2.97
N GLY A 566 -30.06 9.49 3.93
CA GLY A 566 -29.23 10.34 4.81
C GLY A 566 -27.87 9.73 5.08
N ARG A 567 -26.91 10.55 5.51
CA ARG A 567 -25.56 10.06 5.82
C ARG A 567 -25.08 10.59 7.17
N ASP A 568 -23.92 10.12 7.64
CA ASP A 568 -23.38 10.57 8.94
C ASP A 568 -22.02 11.25 8.73
N ILE A 569 -21.41 11.73 9.82
CA ILE A 569 -20.09 12.43 9.73
C ILE A 569 -19.17 11.65 8.79
N ALA A 570 -19.11 10.33 8.94
CA ALA A 570 -18.19 9.53 8.13
C ALA A 570 -18.52 9.45 6.63
N ASP A 571 -19.53 10.18 6.15
CA ASP A 571 -20.07 10.08 4.78
C ASP A 571 -20.58 8.66 4.44
N THR A 572 -21.16 8.02 5.46
CA THR A 572 -21.76 6.68 5.44
C THR A 572 -23.27 6.75 5.65
N THR A 573 -24.02 5.97 4.88
CA THR A 573 -25.51 6.02 4.96
C THR A 573 -25.99 5.52 6.32
N ASP A 574 -26.98 6.22 6.92
CA ASP A 574 -27.53 5.78 8.23
C ASP A 574 -29.06 5.90 8.19
N ALA A 575 -29.61 6.52 7.15
CA ALA A 575 -31.08 6.72 7.07
C ALA A 575 -31.53 6.73 5.60
N VAL A 576 -32.72 6.21 5.31
CA VAL A 576 -33.25 6.17 3.91
C VAL A 576 -34.76 6.45 3.95
N ARG A 577 -35.30 7.04 2.88
CA ARG A 577 -36.74 7.28 2.81
C ARG A 577 -37.42 6.21 1.95
N ASP A 578 -38.49 5.58 2.48
CA ASP A 578 -39.26 4.58 1.74
C ASP A 578 -39.89 5.22 0.49
N PRO A 579 -39.66 4.67 -0.72
CA PRO A 579 -40.11 5.29 -1.97
C PRO A 579 -41.61 5.09 -2.29
N GLN A 580 -42.34 4.25 -1.56
CA GLN A 580 -43.76 3.96 -1.82
C GLN A 580 -44.70 4.56 -0.76
N THR A 581 -44.30 4.53 0.49
CA THR A 581 -45.07 5.03 1.65
C THR A 581 -44.15 5.95 2.44
N LEU A 582 -44.12 7.23 2.04
CA LEU A 582 -43.03 8.14 2.37
C LEU A 582 -42.87 8.32 3.89
N GLU A 583 -41.83 7.68 4.41
CA GLU A 583 -41.37 7.69 5.80
C GLU A 583 -39.85 7.53 5.80
N ILE A 584 -39.20 8.02 6.85
CA ILE A 584 -37.76 7.86 7.03
C ILE A 584 -37.49 6.64 7.91
N LEU A 585 -36.54 5.82 7.48
CA LEU A 585 -36.07 4.64 8.20
C LEU A 585 -34.65 4.89 8.67
N ASP A 586 -34.38 4.76 9.97
CA ASP A 586 -33.02 4.66 10.47
C ASP A 586 -32.43 3.31 10.07
N ILE A 587 -31.21 3.30 9.55
CA ILE A 587 -30.43 2.09 9.32
C ILE A 587 -29.38 2.02 10.43
N THR A 588 -29.43 0.94 11.21
CA THR A 588 -28.40 0.55 12.18
C THR A 588 -27.77 -0.75 11.68
N PRO A 589 -26.46 -0.99 11.83
CA PRO A 589 -25.88 -2.21 11.32
C PRO A 589 -26.37 -3.45 12.08
N CYS A 590 -26.36 -4.60 11.40
CA CYS A 590 -26.48 -5.89 12.07
C CYS A 590 -25.27 -6.05 13.00
N SER A 591 -25.51 -6.35 14.27
CA SER A 591 -24.44 -6.29 15.27
C SER A 591 -23.36 -7.33 15.03
N PHE A 592 -22.14 -6.99 15.44
CA PHE A 592 -20.94 -7.80 15.27
C PHE A 592 -20.01 -7.52 16.45
N GLY A 593 -19.05 -8.40 16.67
CA GLY A 593 -18.09 -8.24 17.75
C GLY A 593 -17.01 -9.29 17.69
N GLY A 594 -15.88 -9.05 18.34
CA GLY A 594 -14.91 -10.11 18.55
C GLY A 594 -15.52 -11.23 19.39
N VAL A 595 -15.00 -12.44 19.23
CA VAL A 595 -15.32 -13.53 20.15
C VAL A 595 -14.04 -13.94 20.85
N SER A 596 -14.00 -13.76 22.17
CA SER A 596 -12.86 -14.15 23.00
C SER A 596 -13.19 -15.42 23.78
N VAL A 597 -12.30 -16.39 23.78
CA VAL A 597 -12.45 -17.62 24.55
C VAL A 597 -11.54 -17.52 25.78
N ILE A 598 -12.16 -17.52 26.96
CA ILE A 598 -11.52 -17.57 28.28
C ILE A 598 -11.23 -19.03 28.59
N THR A 599 -9.98 -19.36 28.85
CA THR A 599 -9.56 -20.73 29.20
C THR A 599 -8.56 -20.71 30.35
N PRO A 600 -8.68 -21.60 31.36
CA PRO A 600 -7.51 -22.05 32.10
C PRO A 600 -6.62 -22.86 31.16
N GLY A 601 -5.39 -23.20 31.57
CA GLY A 601 -4.51 -23.94 30.64
C GLY A 601 -5.08 -25.30 30.24
N THR A 602 -5.01 -25.59 28.94
CA THR A 602 -5.61 -26.86 28.42
C THR A 602 -5.29 -27.94 29.45
N ASN A 603 -4.11 -27.83 30.05
CA ASN A 603 -3.71 -28.78 31.11
C ASN A 603 -4.77 -28.82 32.20
N THR A 604 -4.89 -27.72 32.96
CA THR A 604 -5.87 -27.66 34.07
C THR A 604 -7.23 -28.18 33.58
N SER A 605 -7.69 -27.74 32.41
CA SER A 605 -9.03 -28.13 31.98
C SER A 605 -9.28 -27.91 30.48
N ASN A 606 -10.26 -28.63 29.92
CA ASN A 606 -10.79 -28.42 28.58
C ASN A 606 -12.12 -27.65 28.58
N GLN A 607 -12.61 -27.20 29.73
CA GLN A 607 -13.75 -26.29 29.84
C GLN A 607 -13.34 -24.84 29.55
N VAL A 608 -14.19 -24.09 28.83
CA VAL A 608 -13.95 -22.70 28.44
C VAL A 608 -15.21 -21.85 28.58
N ALA A 609 -15.04 -20.54 28.69
CA ALA A 609 -16.13 -19.55 28.63
C ALA A 609 -15.92 -18.63 27.42
N VAL A 610 -16.96 -18.04 26.89
CA VAL A 610 -16.93 -17.27 25.64
C VAL A 610 -17.49 -15.88 25.85
N LEU A 611 -16.76 -14.85 25.47
CA LEU A 611 -17.16 -13.45 25.53
C LEU A 611 -17.45 -12.95 24.11
N TYR A 612 -18.69 -12.51 23.88
CA TYR A 612 -19.00 -11.90 22.56
C TYR A 612 -18.76 -10.38 22.68
N GLN A 613 -17.56 -9.93 22.34
CA GLN A 613 -17.19 -8.49 22.53
C GLN A 613 -18.32 -7.56 22.08
N GLY A 614 -18.78 -6.68 22.97
CA GLY A 614 -19.83 -5.69 22.65
C GLY A 614 -21.04 -6.33 21.97
N VAL A 615 -21.62 -7.37 22.58
CA VAL A 615 -22.85 -7.99 22.02
C VAL A 615 -23.86 -8.23 23.14
N ASN A 616 -25.04 -7.61 23.05
CA ASN A 616 -26.09 -7.86 24.02
C ASN A 616 -26.49 -9.35 24.04
N CYS A 617 -26.76 -9.96 25.19
CA CYS A 617 -27.09 -11.39 25.24
C CYS A 617 -28.38 -11.79 24.51
N THR A 618 -29.27 -10.83 24.19
CA THR A 618 -30.44 -11.07 23.33
C THR A 618 -30.09 -11.26 21.85
N GLU A 619 -28.87 -10.93 21.43
CA GLU A 619 -28.40 -11.01 20.03
C GLU A 619 -27.57 -12.29 19.75
N VAL A 620 -26.92 -12.87 20.76
CA VAL A 620 -26.13 -14.11 20.62
C VAL A 620 -26.94 -15.33 20.14
N PRO A 621 -28.21 -15.55 20.55
CA PRO A 621 -29.04 -16.68 20.09
C PRO A 621 -29.23 -16.84 18.57
N VAL A 622 -28.79 -15.88 17.76
CA VAL A 622 -28.66 -16.04 16.29
C VAL A 622 -27.69 -17.18 15.92
N ALA A 623 -26.74 -17.54 16.79
CA ALA A 623 -25.82 -18.67 16.60
C ALA A 623 -26.52 -20.02 16.77
N TYR A 636 -23.59 -22.54 21.96
CA TYR A 636 -23.56 -21.86 23.28
C TYR A 636 -24.88 -21.10 23.49
N SER A 637 -25.66 -20.91 22.43
CA SER A 637 -26.95 -20.21 22.54
C SER A 637 -27.95 -20.84 23.53
N THR A 638 -27.79 -22.12 23.90
CA THR A 638 -28.56 -22.77 24.98
C THR A 638 -28.30 -22.12 26.35
N GLY A 639 -27.09 -21.56 26.55
CA GLY A 639 -26.77 -20.71 27.69
C GLY A 639 -26.57 -21.46 29.00
N SER A 640 -27.62 -21.50 29.83
CA SER A 640 -27.65 -21.85 31.27
C SER A 640 -26.86 -20.88 32.17
N ASN A 641 -25.62 -20.54 31.82
CA ASN A 641 -24.86 -19.41 32.37
C ASN A 641 -24.61 -18.37 31.26
N VAL A 642 -25.45 -17.33 31.22
CA VAL A 642 -25.34 -16.19 30.30
C VAL A 642 -25.36 -14.89 31.09
N PHE A 643 -24.34 -14.05 30.92
CA PHE A 643 -24.28 -12.81 31.68
C PHE A 643 -23.79 -11.63 30.87
N GLN A 644 -24.71 -10.72 30.57
CA GLN A 644 -24.36 -9.52 29.81
C GLN A 644 -23.40 -8.67 30.62
N THR A 645 -22.36 -8.16 29.94
CA THR A 645 -21.40 -7.24 30.60
C THR A 645 -21.27 -6.01 29.70
N ARG A 646 -20.49 -5.02 30.12
CA ARG A 646 -20.26 -3.84 29.30
C ARG A 646 -19.26 -4.22 28.20
N ALA A 647 -18.64 -5.39 28.35
CA ALA A 647 -17.66 -5.89 27.36
C ALA A 647 -18.33 -6.90 26.43
N GLY A 648 -19.66 -7.00 26.49
CA GLY A 648 -20.38 -7.93 25.60
C GLY A 648 -21.11 -9.03 26.37
N CYS A 649 -21.71 -9.97 25.66
CA CYS A 649 -22.33 -11.14 26.26
C CYS A 649 -21.29 -12.19 26.63
N LEU A 650 -21.23 -12.61 27.89
CA LEU A 650 -20.34 -13.65 28.37
C LEU A 650 -21.15 -14.92 28.65
N ILE A 651 -20.75 -16.04 28.05
CA ILE A 651 -21.47 -17.32 28.09
C ILE A 651 -20.56 -18.43 28.62
N GLY A 652 -21.08 -19.26 29.52
CA GLY A 652 -20.34 -20.38 30.11
C GLY A 652 -19.56 -20.05 31.37
N ALA A 653 -19.59 -18.80 31.83
CA ALA A 653 -19.03 -18.34 33.10
C ALA A 653 -20.13 -17.99 34.10
N GLU A 654 -20.10 -18.58 35.29
CA GLU A 654 -21.05 -18.32 36.37
C GLU A 654 -20.82 -16.94 37.01
N HIS A 655 -21.78 -16.04 36.97
CA HIS A 655 -21.64 -14.77 37.68
C HIS A 655 -21.78 -14.94 39.20
N VAL A 656 -20.85 -14.38 39.97
CA VAL A 656 -20.78 -14.45 41.44
C VAL A 656 -20.65 -13.06 42.04
N ASN A 657 -21.32 -12.83 43.19
CA ASN A 657 -21.35 -11.52 43.86
C ASN A 657 -20.13 -11.21 44.74
N ASN A 658 -19.21 -12.16 44.93
CA ASN A 658 -17.89 -11.87 45.49
C ASN A 658 -17.06 -11.00 44.53
N SER A 659 -15.99 -10.42 45.05
CA SER A 659 -14.94 -9.76 44.29
C SER A 659 -13.58 -10.33 44.68
N TYR A 660 -12.69 -10.44 43.71
CA TYR A 660 -11.38 -11.06 43.83
C TYR A 660 -10.37 -10.27 43.01
N GLU A 661 -9.07 -10.52 43.20
CA GLU A 661 -8.06 -9.98 42.29
C GLU A 661 -8.28 -10.49 40.85
N CYS A 662 -7.94 -9.69 39.84
CA CYS A 662 -8.27 -10.03 38.46
C CYS A 662 -7.43 -11.19 37.93
N ASP A 663 -8.06 -12.31 37.55
CA ASP A 663 -7.35 -13.49 37.06
C ASP A 663 -7.19 -13.47 35.53
N ILE A 664 -8.29 -13.49 34.79
CA ILE A 664 -8.34 -13.23 33.34
C ILE A 664 -9.20 -11.97 33.08
N PRO A 665 -8.66 -10.90 32.49
CA PRO A 665 -9.35 -9.62 32.35
C PRO A 665 -10.37 -9.61 31.20
N ILE A 666 -11.63 -9.35 31.48
CA ILE A 666 -12.70 -9.33 30.47
C ILE A 666 -13.01 -7.92 29.98
N GLY A 667 -12.99 -6.91 30.85
CA GLY A 667 -13.24 -5.51 30.49
C GLY A 667 -14.34 -4.88 31.33
N ALA A 668 -14.41 -3.55 31.36
CA ALA A 668 -15.42 -2.80 32.10
C ALA A 668 -15.60 -3.23 33.58
N GLY A 669 -14.48 -3.50 34.25
CA GLY A 669 -14.41 -3.94 35.64
C GLY A 669 -14.55 -5.44 35.86
N ILE A 670 -14.98 -6.21 34.87
CA ILE A 670 -15.19 -7.66 34.98
C ILE A 670 -13.89 -8.43 34.70
N CYS A 671 -13.69 -9.50 35.46
CA CYS A 671 -12.69 -10.53 35.23
C CYS A 671 -13.33 -11.91 35.34
N ALA A 672 -12.66 -12.94 34.86
CA ALA A 672 -13.07 -14.32 35.03
C ALA A 672 -11.93 -15.18 35.54
N SER A 673 -12.25 -16.29 36.21
CA SER A 673 -11.29 -17.20 36.84
C SER A 673 -11.85 -18.62 36.88
N TYR A 674 -10.99 -19.64 36.96
CA TYR A 674 -11.40 -21.03 37.18
C TYR A 674 -11.30 -21.37 38.66
N GLN A 675 -12.43 -21.68 39.29
CA GLN A 675 -12.61 -21.80 40.75
C GLN A 675 -13.54 -22.97 41.12
N THR A 676 -13.65 -23.27 42.40
CA THR A 676 -14.55 -24.31 42.95
C THR A 676 -16.03 -24.10 42.60
N SER A 689 -17.24 -30.36 39.81
CA SER A 689 -17.68 -29.24 40.64
C SER A 689 -17.01 -27.90 40.30
N GLN A 690 -16.17 -27.88 39.26
CA GLN A 690 -15.52 -26.68 38.73
C GLN A 690 -16.37 -26.00 37.65
N SER A 691 -16.21 -24.69 37.47
CA SER A 691 -16.85 -23.90 36.41
C SER A 691 -16.07 -22.61 36.14
N ILE A 692 -16.34 -21.96 35.00
CA ILE A 692 -15.92 -20.57 34.79
C ILE A 692 -16.93 -19.66 35.48
N ILE A 693 -16.44 -18.72 36.29
CA ILE A 693 -17.22 -17.67 36.95
C ILE A 693 -16.93 -16.30 36.32
N ALA A 694 -17.83 -15.34 36.46
CA ALA A 694 -17.63 -13.95 36.07
C ALA A 694 -18.04 -12.98 37.18
N TYR A 695 -17.20 -12.00 37.48
CA TYR A 695 -17.30 -11.16 38.67
C TYR A 695 -16.77 -9.76 38.41
N THR A 696 -17.21 -8.77 39.18
CA THR A 696 -16.56 -7.45 39.20
C THR A 696 -15.27 -7.55 40.00
N MET A 697 -14.13 -7.17 39.41
CA MET A 697 -12.83 -7.27 40.07
C MET A 697 -12.76 -6.38 41.32
N SER A 698 -12.14 -6.88 42.40
CA SER A 698 -11.81 -6.04 43.56
C SER A 698 -10.54 -5.24 43.30
N LEU A 699 -10.47 -4.04 43.88
CA LEU A 699 -9.32 -3.15 43.74
C LEU A 699 -8.27 -3.35 44.84
N GLY A 700 -8.60 -4.08 45.89
CA GLY A 700 -7.76 -4.38 47.04
C GLY A 700 -8.58 -4.47 48.32
N ALA A 701 -7.98 -4.94 49.41
CA ALA A 701 -8.63 -4.91 50.71
C ALA A 701 -8.93 -3.46 51.14
N GLU A 702 -10.11 -3.25 51.72
CA GLU A 702 -10.50 -1.88 52.15
C GLU A 702 -9.85 -1.58 53.51
N ASN A 703 -9.29 -0.38 53.67
CA ASN A 703 -8.57 -0.05 54.94
C ASN A 703 -8.99 1.35 55.42
N SER A 704 -9.39 1.47 56.69
CA SER A 704 -9.70 2.80 57.25
C SER A 704 -8.52 3.23 58.13
N VAL A 705 -7.78 4.27 57.73
CA VAL A 705 -6.56 4.62 58.49
C VAL A 705 -6.98 5.37 59.77
N ALA A 706 -6.36 5.05 60.90
CA ALA A 706 -6.78 5.54 62.22
C ALA A 706 -6.40 7.00 62.53
N TYR A 707 -6.50 7.91 61.56
CA TYR A 707 -6.07 9.30 61.69
C TYR A 707 -6.75 10.00 62.87
N SER A 708 -5.95 10.79 63.59
CA SER A 708 -6.39 11.74 64.61
C SER A 708 -5.36 12.87 64.71
N ASN A 709 -5.79 14.09 65.08
CA ASN A 709 -4.93 15.26 65.26
C ASN A 709 -3.76 15.09 66.26
N ASN A 710 -3.71 14.03 67.07
CA ASN A 710 -2.67 13.78 68.06
C ASN A 710 -2.16 12.34 68.11
N SER A 711 -2.42 11.50 67.11
CA SER A 711 -1.98 10.09 67.09
C SER A 711 -0.95 9.85 66.00
N ILE A 712 0.12 9.11 66.31
CA ILE A 712 1.13 8.67 65.35
C ILE A 712 1.37 7.18 65.50
N ALA A 713 1.57 6.47 64.40
CA ALA A 713 2.07 5.10 64.43
C ALA A 713 3.56 5.08 64.06
N ILE A 714 4.40 4.45 64.89
CA ILE A 714 5.84 4.32 64.64
C ILE A 714 6.20 2.84 64.61
N PRO A 715 6.95 2.36 63.61
CA PRO A 715 7.34 0.96 63.50
C PRO A 715 8.36 0.58 64.57
N THR A 716 8.07 -0.44 65.36
CA THR A 716 8.97 -0.93 66.41
C THR A 716 10.00 -1.96 65.90
N ASN A 717 9.89 -2.35 64.63
CA ASN A 717 10.71 -3.37 63.98
C ASN A 717 10.66 -3.18 62.46
N PHE A 718 11.48 -3.91 61.72
CA PHE A 718 11.59 -3.86 60.27
C PHE A 718 11.78 -5.26 59.69
N THR A 719 11.57 -5.39 58.38
CA THR A 719 12.01 -6.54 57.58
C THR A 719 12.89 -6.05 56.44
N ILE A 720 13.82 -6.89 56.00
CA ILE A 720 14.62 -6.66 54.79
C ILE A 720 13.93 -7.42 53.67
N SER A 721 13.49 -6.70 52.65
CA SER A 721 12.73 -7.25 51.54
C SER A 721 13.58 -7.20 50.29
N VAL A 722 13.85 -8.36 49.70
CA VAL A 722 14.52 -8.46 48.40
C VAL A 722 13.48 -8.83 47.37
N THR A 723 13.35 -8.00 46.34
CA THR A 723 12.36 -8.15 45.27
C THR A 723 13.04 -8.09 43.93
N THR A 724 12.62 -8.93 42.99
CA THR A 724 13.24 -9.03 41.67
C THR A 724 12.48 -8.20 40.65
N GLU A 725 13.19 -7.41 39.84
CA GLU A 725 12.65 -6.65 38.71
C GLU A 725 13.32 -7.06 37.40
N ILE A 726 12.53 -7.45 36.40
CA ILE A 726 13.01 -7.93 35.11
C ILE A 726 12.76 -6.88 34.03
N LEU A 727 13.80 -6.50 33.29
CA LEU A 727 13.74 -5.54 32.19
C LEU A 727 14.32 -6.12 30.89
N PRO A 728 13.61 -6.05 29.74
CA PRO A 728 14.22 -6.19 28.43
C PRO A 728 15.33 -5.17 28.20
N VAL A 729 16.40 -5.58 27.52
CA VAL A 729 17.55 -4.72 27.20
C VAL A 729 17.83 -4.72 25.70
N SER A 730 17.61 -5.84 25.03
CA SER A 730 17.81 -5.96 23.59
C SER A 730 16.84 -6.99 23.03
N MET A 731 16.84 -7.15 21.72
CA MET A 731 16.06 -8.15 21.01
C MET A 731 16.93 -8.82 19.95
N THR A 732 16.43 -9.85 19.30
CA THR A 732 17.15 -10.60 18.28
C THR A 732 17.57 -9.68 17.14
N LYS A 733 18.86 -9.65 16.79
CA LYS A 733 19.32 -8.98 15.57
C LYS A 733 18.93 -9.83 14.36
N THR A 734 18.34 -9.23 13.35
CA THR A 734 18.03 -9.91 12.08
C THR A 734 18.56 -9.13 10.91
N SER A 735 18.84 -9.85 9.84
CA SER A 735 19.14 -9.32 8.52
C SER A 735 18.33 -10.10 7.50
N VAL A 736 17.82 -9.41 6.49
CA VAL A 736 16.90 -9.98 5.53
C VAL A 736 17.34 -9.63 4.12
N ASP A 737 17.86 -10.60 3.39
CA ASP A 737 18.20 -10.40 1.98
C ASP A 737 16.94 -10.21 1.15
N CYS A 738 16.64 -8.95 0.82
CA CYS A 738 15.47 -8.53 0.08
C CYS A 738 15.40 -9.22 -1.30
N THR A 739 16.53 -9.55 -1.92
CA THR A 739 16.54 -10.30 -3.18
C THR A 739 16.14 -11.76 -2.98
N MET A 740 16.65 -12.44 -1.96
CA MET A 740 16.39 -13.86 -1.76
C MET A 740 15.00 -14.14 -1.20
N TYR A 741 14.50 -13.24 -0.34
CA TYR A 741 13.12 -13.28 0.10
C TYR A 741 12.15 -13.06 -1.06
N ILE A 742 12.33 -11.94 -1.79
CA ILE A 742 11.38 -11.61 -2.89
C ILE A 742 11.66 -12.50 -4.11
N CYS A 743 12.91 -12.54 -4.58
CA CYS A 743 13.24 -13.33 -5.80
C CYS A 743 13.87 -14.66 -5.41
N GLY A 744 13.09 -15.75 -5.43
CA GLY A 744 13.64 -17.09 -5.12
C GLY A 744 14.42 -17.64 -6.30
N ASP A 745 15.70 -17.27 -6.41
CA ASP A 745 16.55 -17.73 -7.54
C ASP A 745 15.89 -17.37 -8.87
N SER A 746 15.40 -16.14 -9.00
CA SER A 746 14.75 -15.69 -10.27
C SER A 746 15.45 -14.44 -10.81
N THR A 747 16.19 -14.57 -11.90
CA THR A 747 16.86 -13.39 -12.53
C THR A 747 15.79 -12.45 -13.08
N GLU A 748 14.72 -13.01 -13.65
CA GLU A 748 13.60 -12.18 -14.18
C GLU A 748 13.05 -11.33 -13.03
N CYS A 749 12.79 -11.96 -11.88
CA CYS A 749 12.30 -11.20 -10.69
C CYS A 749 13.30 -10.11 -10.35
N SER A 750 14.59 -10.44 -10.32
CA SER A 750 15.65 -9.45 -10.03
C SER A 750 15.54 -8.28 -11.01
N ASN A 751 15.57 -8.56 -12.32
CA ASN A 751 15.47 -7.50 -13.31
C ASN A 751 14.16 -6.69 -13.23
N LEU A 752 13.09 -7.28 -12.70
CA LEU A 752 11.85 -6.60 -12.37
C LEU A 752 11.96 -5.83 -11.05
N LEU A 753 12.57 -6.42 -10.01
CA LEU A 753 12.72 -5.78 -8.71
C LEU A 753 13.58 -4.51 -8.77
N LEU A 754 14.58 -4.47 -9.64
CA LEU A 754 15.37 -3.27 -9.94
C LEU A 754 14.55 -2.05 -10.39
N GLN A 755 13.31 -2.23 -10.84
CA GLN A 755 12.45 -1.13 -11.29
C GLN A 755 11.82 -0.34 -10.14
N TYR A 756 11.95 -0.81 -8.90
CA TYR A 756 11.48 -0.13 -7.69
C TYR A 756 12.53 0.80 -7.07
N GLY A 757 13.77 0.73 -7.52
CA GLY A 757 14.88 1.54 -7.02
C GLY A 757 15.36 1.08 -5.66
N SER A 758 15.55 2.02 -4.75
CA SER A 758 16.34 1.85 -3.52
C SER A 758 15.65 1.07 -2.40
N PHE A 759 14.39 0.67 -2.60
CA PHE A 759 13.61 -0.03 -1.53
C PHE A 759 14.50 -1.06 -0.80
N CYS A 760 15.01 -2.07 -1.52
CA CYS A 760 15.78 -3.12 -0.86
C CYS A 760 16.95 -2.60 -0.01
N THR A 761 17.65 -1.59 -0.49
CA THR A 761 18.79 -1.00 0.23
C THR A 761 18.31 -0.26 1.48
N GLN A 762 17.19 0.46 1.36
CA GLN A 762 16.53 1.13 2.46
C GLN A 762 16.06 0.17 3.55
N LEU A 763 15.50 -0.99 3.21
CA LEU A 763 15.14 -2.05 4.16
C LEU A 763 16.36 -2.60 4.91
N ASN A 764 17.47 -2.86 4.23
CA ASN A 764 18.69 -3.33 4.88
C ASN A 764 19.36 -2.26 5.74
N ARG A 765 19.32 -1.00 5.32
CA ARG A 765 19.75 0.16 6.11
C ARG A 765 18.92 0.32 7.39
N ALA A 766 17.62 0.04 7.35
CA ALA A 766 16.75 0.04 8.53
C ALA A 766 17.08 -1.11 9.49
N LEU A 767 17.14 -2.36 9.01
CA LEU A 767 17.46 -3.51 9.85
C LEU A 767 18.88 -3.48 10.41
N THR A 768 19.85 -2.94 9.68
CA THR A 768 21.20 -2.69 10.21
C THR A 768 21.20 -1.64 11.32
N GLY A 769 20.42 -0.57 11.19
CA GLY A 769 20.28 0.42 12.24
C GLY A 769 19.67 -0.15 13.52
N ILE A 770 18.66 -1.02 13.42
CA ILE A 770 18.10 -1.77 14.54
C ILE A 770 19.15 -2.70 15.14
N ALA A 771 19.91 -3.42 14.33
CA ALA A 771 20.89 -4.39 14.77
C ALA A 771 22.09 -3.76 15.49
N VAL A 772 22.63 -2.65 15.01
CA VAL A 772 23.69 -1.87 15.68
C VAL A 772 23.23 -1.34 17.03
N GLU A 773 21.97 -0.91 17.12
CA GLU A 773 21.35 -0.40 18.35
C GLU A 773 21.22 -1.46 19.44
N GLN A 774 21.03 -2.75 19.11
CA GLN A 774 20.98 -3.82 20.11
C GLN A 774 22.29 -3.96 20.91
N ASP A 775 23.43 -3.64 20.28
CA ASP A 775 24.71 -3.58 20.97
C ASP A 775 24.89 -2.28 21.74
N LYS A 776 24.43 -1.14 21.22
CA LYS A 776 24.40 0.13 21.98
C LYS A 776 23.61 -0.06 23.28
N ASN A 777 22.41 -0.61 23.22
CA ASN A 777 21.56 -0.89 24.38
C ASN A 777 22.25 -1.77 25.42
N THR A 778 22.80 -2.90 25.00
CA THR A 778 23.48 -3.84 25.89
C THR A 778 24.74 -3.25 26.51
N GLN A 779 25.45 -2.43 25.74
CA GLN A 779 26.66 -1.78 26.24
C GLN A 779 26.35 -0.71 27.30
N GLU A 780 25.27 0.05 27.09
CA GLU A 780 24.87 1.11 28.01
C GLU A 780 24.32 0.58 29.34
N VAL A 781 23.65 -0.57 29.33
CA VAL A 781 23.18 -1.20 30.57
C VAL A 781 24.33 -1.81 31.34
N PHE A 782 25.17 -2.64 30.71
CA PHE A 782 26.15 -3.46 31.43
C PHE A 782 27.54 -2.83 31.55
N ALA A 783 28.05 -2.15 30.53
CA ALA A 783 29.43 -1.67 30.52
C ALA A 783 29.65 -0.37 31.30
N GLN A 784 28.93 -0.17 32.40
CA GLN A 784 29.02 1.03 33.24
C GLN A 784 30.28 1.04 34.12
N VAL A 785 30.79 -0.14 34.50
CA VAL A 785 32.12 -0.27 35.08
C VAL A 785 33.21 -0.12 34.00
N LYS A 786 34.16 0.78 34.27
CA LYS A 786 35.38 0.97 33.47
C LYS A 786 36.47 -0.09 33.75
N GLN A 787 36.30 -0.88 34.82
CA GLN A 787 37.30 -1.78 35.38
C GLN A 787 36.62 -3.04 35.91
N ILE A 788 37.23 -4.21 35.79
CA ILE A 788 36.61 -5.48 36.16
C ILE A 788 37.00 -5.82 37.58
N TYR A 789 36.13 -5.50 38.53
CA TYR A 789 36.36 -5.77 39.93
C TYR A 789 36.24 -7.26 40.27
N LYS A 790 37.08 -7.73 41.18
CA LYS A 790 37.03 -9.05 41.79
C LYS A 790 36.77 -8.96 43.30
N THR A 791 35.99 -9.90 43.81
CA THR A 791 35.85 -10.16 45.25
C THR A 791 37.10 -10.81 45.84
N PRO A 792 37.39 -10.60 47.13
CA PRO A 792 38.49 -11.28 47.80
C PRO A 792 38.21 -12.80 47.97
N PRO A 793 39.24 -13.61 48.27
CA PRO A 793 39.08 -15.04 48.49
C PRO A 793 38.38 -15.40 49.82
N ILE A 794 38.31 -14.45 50.76
CA ILE A 794 37.65 -14.58 52.07
C ILE A 794 36.39 -13.70 52.12
N LYS A 795 35.25 -14.32 52.45
CA LYS A 795 33.91 -13.72 52.36
C LYS A 795 33.43 -13.10 53.69
N ASP A 796 34.28 -12.27 54.31
CA ASP A 796 33.91 -11.68 55.61
C ASP A 796 33.03 -10.43 55.51
N PHE A 797 31.89 -10.59 54.85
CA PHE A 797 30.89 -9.54 54.59
C PHE A 797 29.93 -9.29 55.76
N GLY A 798 30.35 -9.50 57.01
CA GLY A 798 29.52 -9.22 58.19
C GLY A 798 28.32 -10.15 58.40
N GLY A 799 28.32 -11.34 57.79
CA GLY A 799 27.23 -12.32 57.86
C GLY A 799 26.28 -12.34 56.65
N PHE A 800 26.36 -11.35 55.77
CA PHE A 800 25.59 -11.29 54.53
C PHE A 800 26.20 -12.24 53.51
N ASN A 801 25.40 -13.14 52.96
CA ASN A 801 25.87 -14.22 52.11
C ASN A 801 25.40 -13.98 50.67
N PHE A 802 26.35 -13.63 49.80
CA PHE A 802 26.02 -13.29 48.39
C PHE A 802 26.47 -14.41 47.45
N SER A 803 26.77 -15.59 48.00
CA SER A 803 27.28 -16.71 47.15
C SER A 803 26.33 -16.95 45.98
N GLN A 804 25.02 -16.75 46.21
CA GLN A 804 24.01 -17.04 45.15
C GLN A 804 24.07 -15.97 44.05
N ILE A 805 24.46 -14.73 44.40
CA ILE A 805 24.46 -13.63 43.39
C ILE A 805 25.86 -13.48 42.80
N LEU A 806 26.87 -14.08 43.43
CA LEU A 806 28.25 -14.06 42.93
C LEU A 806 28.55 -15.24 41.98
N PRO A 807 29.54 -15.09 41.10
CA PRO A 807 29.95 -16.11 40.12
C PRO A 807 30.38 -17.43 40.78
N ASP A 808 30.15 -18.54 40.07
CA ASP A 808 30.53 -19.85 40.57
C ASP A 808 31.87 -20.29 39.99
N PRO A 809 32.67 -21.03 40.76
CA PRO A 809 33.93 -21.47 40.16
C PRO A 809 33.83 -22.82 39.44
N SER A 810 32.63 -23.40 39.35
CA SER A 810 32.45 -24.71 38.72
C SER A 810 31.81 -24.84 37.32
N LYS A 811 31.55 -23.74 36.61
CA LYS A 811 30.92 -23.84 35.28
C LYS A 811 31.76 -23.23 34.16
N PRO A 812 31.67 -23.78 32.92
CA PRO A 812 32.49 -23.15 31.88
C PRO A 812 32.19 -21.68 31.58
N SER A 813 30.97 -21.19 31.82
CA SER A 813 30.63 -19.76 31.88
C SER A 813 30.36 -19.37 33.33
N LYS A 814 31.16 -18.47 33.91
CA LYS A 814 31.17 -18.24 35.36
C LYS A 814 30.03 -17.29 35.81
N ARG A 815 28.81 -17.76 35.65
CA ARG A 815 27.66 -16.99 36.07
C ARG A 815 27.28 -17.44 37.49
N SER A 816 26.38 -16.70 38.12
CA SER A 816 25.91 -17.04 39.46
C SER A 816 24.92 -18.20 39.45
N PHE A 817 24.57 -18.73 40.62
CA PHE A 817 23.48 -19.70 40.74
C PHE A 817 22.14 -19.11 40.25
N ILE A 818 21.80 -17.87 40.64
CA ILE A 818 20.56 -17.23 40.19
C ILE A 818 20.60 -16.92 38.68
N GLU A 819 21.70 -16.50 38.08
CA GLU A 819 21.79 -16.31 36.63
C GLU A 819 21.56 -17.62 35.86
N ASP A 820 22.10 -18.76 36.29
CA ASP A 820 21.78 -20.05 35.67
C ASP A 820 20.29 -20.42 35.77
N LEU A 821 19.59 -20.09 36.85
CA LEU A 821 18.14 -20.22 36.93
C LEU A 821 17.47 -19.33 35.87
N LEU A 822 17.86 -18.06 35.75
CA LEU A 822 17.28 -17.12 34.77
C LEU A 822 17.47 -17.59 33.32
N PHE A 823 18.67 -18.05 32.95
CA PHE A 823 18.96 -18.57 31.61
C PHE A 823 18.23 -19.88 31.27
N ASN A 824 17.71 -20.61 32.26
CA ASN A 824 16.86 -21.77 32.03
C ASN A 824 15.38 -21.42 31.82
N LYS A 825 14.86 -20.31 32.38
CA LYS A 825 13.42 -19.98 32.27
C LYS A 825 13.03 -19.45 30.88
N VAL A 826 13.94 -18.75 30.20
CA VAL A 826 13.71 -18.18 28.87
C VAL A 826 14.44 -19.02 27.83
N THR A 827 13.74 -19.50 26.81
CA THR A 827 14.31 -20.36 25.77
C THR A 827 14.32 -19.64 24.42
N LEU A 828 15.52 -19.49 23.84
CA LEU A 828 15.74 -18.70 22.62
C LEU A 828 15.44 -19.49 21.34
N LEU A 849 11.46 -23.94 10.37
CA LEU A 849 11.38 -22.71 11.19
C LEU A 849 12.58 -21.82 10.88
N ILE A 850 13.50 -21.65 11.83
CA ILE A 850 14.68 -20.74 11.64
C ILE A 850 15.44 -21.20 10.39
N CYS A 851 15.63 -22.52 10.23
CA CYS A 851 16.33 -23.05 9.02
C CYS A 851 15.52 -22.64 7.77
N ALA A 852 14.20 -22.83 7.81
CA ALA A 852 13.34 -22.46 6.66
C ALA A 852 13.43 -20.95 6.42
N GLN A 853 13.48 -20.16 7.50
CA GLN A 853 13.64 -18.68 7.37
C GLN A 853 14.96 -18.40 6.64
N LYS A 854 16.03 -19.10 7.03
CA LYS A 854 17.34 -18.92 6.36
C LYS A 854 17.21 -19.28 4.87
N PHE A 855 16.60 -20.43 4.56
CA PHE A 855 16.40 -20.86 3.16
C PHE A 855 15.73 -19.72 2.38
N ASN A 856 15.20 -18.72 3.10
CA ASN A 856 14.49 -17.61 2.48
C ASN A 856 15.14 -16.25 2.77
N GLY A 857 16.42 -16.24 3.11
CA GLY A 857 17.22 -15.02 3.28
C GLY A 857 17.06 -14.34 4.63
N LEU A 858 16.31 -14.92 5.57
CA LEU A 858 16.10 -14.38 6.92
C LEU A 858 17.14 -14.97 7.88
N THR A 859 18.11 -14.18 8.32
CA THR A 859 19.19 -14.64 9.20
C THR A 859 19.23 -13.85 10.50
N VAL A 860 19.64 -14.53 11.58
CA VAL A 860 19.90 -13.94 12.88
C VAL A 860 21.39 -13.65 13.04
N LEU A 861 21.75 -12.48 13.53
CA LEU A 861 23.14 -12.08 13.81
C LEU A 861 23.46 -12.23 15.31
N PRO A 862 24.70 -12.59 15.69
CA PRO A 862 25.05 -12.70 17.09
C PRO A 862 25.20 -11.33 17.77
N PRO A 863 24.92 -11.22 19.07
CA PRO A 863 25.22 -10.03 19.84
C PRO A 863 26.74 -9.83 19.94
N LEU A 864 27.21 -8.59 20.11
CA LEU A 864 28.64 -8.34 20.25
C LEU A 864 29.21 -8.88 21.56
N LEU A 865 28.54 -8.63 22.68
CA LEU A 865 28.88 -9.21 23.98
C LEU A 865 28.22 -10.57 24.15
N THR A 866 29.04 -11.61 24.29
CA THR A 866 28.56 -12.97 24.58
C THR A 866 27.94 -13.03 25.97
N ASP A 867 27.15 -14.06 26.26
CA ASP A 867 26.58 -14.25 27.61
C ASP A 867 27.64 -14.46 28.70
N GLU A 868 28.88 -14.80 28.34
CA GLU A 868 30.03 -14.81 29.25
C GLU A 868 30.56 -13.40 29.51
N MET A 869 30.65 -12.55 28.49
CA MET A 869 31.08 -11.16 28.66
C MET A 869 30.06 -10.33 29.42
N ILE A 870 28.76 -10.57 29.23
CA ILE A 870 27.69 -9.97 30.03
C ILE A 870 27.78 -10.40 31.49
N ALA A 871 28.10 -11.66 31.75
CA ALA A 871 28.29 -12.19 33.09
C ALA A 871 29.55 -11.64 33.77
N GLN A 872 30.63 -11.37 33.04
CA GLN A 872 31.82 -10.70 33.59
C GLN A 872 31.54 -9.26 33.97
N TYR A 873 30.81 -8.49 33.16
CA TYR A 873 30.38 -7.14 33.54
C TYR A 873 29.48 -7.17 34.76
N THR A 874 28.52 -8.08 34.80
CA THR A 874 27.59 -8.24 35.92
C THR A 874 28.31 -8.66 37.20
N SER A 875 29.28 -9.56 37.07
CA SER A 875 30.09 -9.96 38.25
C SER A 875 30.77 -8.71 38.82
N ALA A 876 31.49 -7.96 37.99
CA ALA A 876 32.24 -6.77 38.48
C ALA A 876 31.29 -5.78 39.16
N LEU A 877 30.09 -5.58 38.60
CA LEU A 877 29.15 -4.58 39.17
C LEU A 877 28.87 -4.90 40.64
N LEU A 878 28.36 -6.10 40.93
CA LEU A 878 27.98 -6.45 42.32
C LEU A 878 29.24 -6.67 43.16
N ALA A 879 30.34 -7.09 42.54
CA ALA A 879 31.62 -7.25 43.27
C ALA A 879 32.01 -5.89 43.87
N GLY A 880 31.99 -4.84 43.05
CA GLY A 880 32.28 -3.49 43.56
C GLY A 880 31.23 -3.05 44.56
N THR A 881 29.96 -3.41 44.31
CA THR A 881 28.85 -2.98 45.19
C THR A 881 29.07 -3.54 46.61
N ILE A 882 29.65 -4.75 46.72
CA ILE A 882 29.77 -5.39 48.07
C ILE A 882 31.16 -5.10 48.69
N THR A 883 32.18 -4.85 47.87
CA THR A 883 33.49 -4.51 48.44
C THR A 883 33.73 -3.00 48.59
N SER A 884 32.94 -2.16 47.95
CA SER A 884 33.23 -0.73 47.76
C SER A 884 32.04 0.22 47.92
N GLY A 885 30.80 -0.24 48.06
CA GLY A 885 29.63 0.63 48.17
C GLY A 885 29.31 1.40 46.90
N TRP A 886 28.83 2.63 47.03
CA TRP A 886 28.58 3.50 45.87
C TRP A 886 29.86 4.14 45.29
N THR A 887 30.99 4.07 46.00
CA THR A 887 32.19 4.85 45.70
C THR A 887 32.83 4.52 44.36
N PHE A 888 32.70 3.29 43.87
CA PHE A 888 33.20 2.84 42.56
C PHE A 888 32.44 3.42 41.36
N GLY A 889 31.24 3.98 41.57
CA GLY A 889 30.52 4.73 40.54
C GLY A 889 31.06 6.15 40.38
N ALA A 890 31.39 6.82 41.48
CA ALA A 890 31.86 8.19 41.48
C ALA A 890 33.34 8.36 41.15
N GLY A 891 34.19 7.36 41.38
CA GLY A 891 35.63 7.49 41.15
C GLY A 891 36.37 6.16 41.18
N ALA A 892 37.48 6.10 41.91
CA ALA A 892 38.12 4.85 42.28
C ALA A 892 37.25 4.05 43.26
N ALA A 893 37.31 2.72 43.22
CA ALA A 893 36.72 1.89 44.26
C ALA A 893 37.50 2.09 45.57
N LEU A 894 36.80 2.44 46.65
CA LEU A 894 37.34 2.60 48.00
C LEU A 894 36.78 1.47 48.86
N GLN A 895 37.59 0.61 49.46
CA GLN A 895 37.03 -0.44 50.29
C GLN A 895 36.39 0.13 51.56
N ILE A 896 35.37 -0.54 52.05
CA ILE A 896 34.71 -0.30 53.33
C ILE A 896 34.14 -1.64 53.81
N PRO A 897 34.14 -2.00 55.11
CA PRO A 897 33.53 -3.23 55.58
C PRO A 897 32.04 -3.30 55.25
N PHE A 898 31.50 -4.45 54.86
CA PHE A 898 30.14 -4.47 54.31
C PHE A 898 29.07 -4.05 55.34
N ALA A 899 29.16 -4.49 56.58
CA ALA A 899 28.24 -4.03 57.61
C ALA A 899 28.43 -2.54 57.93
N MET A 900 29.54 -1.93 57.58
CA MET A 900 29.76 -0.50 57.72
C MET A 900 29.24 0.29 56.52
N GLN A 901 29.23 -0.31 55.33
CA GLN A 901 28.48 0.16 54.20
C GLN A 901 26.97 0.11 54.44
N MET A 902 26.41 -0.99 54.91
CA MET A 902 24.99 -1.08 55.25
C MET A 902 24.56 -0.06 56.30
N ALA A 903 25.46 0.36 57.18
CA ALA A 903 25.20 1.43 58.12
C ALA A 903 25.08 2.80 57.45
N TYR A 904 25.94 3.07 56.47
CA TYR A 904 25.78 4.34 55.70
C TYR A 904 24.41 4.27 55.01
N ARG A 905 24.03 3.08 54.55
CA ARG A 905 22.75 2.86 53.88
C ARG A 905 21.61 3.27 54.80
N PHE A 906 21.55 2.61 55.96
CA PHE A 906 20.56 2.89 56.99
C PHE A 906 20.46 4.40 57.27
N ASN A 907 21.56 5.14 57.40
CA ASN A 907 21.50 6.60 57.46
C ASN A 907 20.79 7.22 56.25
N GLY A 908 21.01 6.68 55.05
CA GLY A 908 20.40 7.15 53.83
C GLY A 908 18.88 7.05 53.80
N ILE A 909 18.28 6.05 54.44
CA ILE A 909 16.82 5.90 54.60
C ILE A 909 16.27 6.61 55.85
N GLY A 910 17.10 7.32 56.62
CA GLY A 910 16.70 8.05 57.80
C GLY A 910 16.67 7.22 59.10
N VAL A 911 17.31 6.07 59.11
CA VAL A 911 17.43 5.20 60.30
C VAL A 911 18.84 5.40 60.87
N THR A 912 19.02 5.53 62.18
CA THR A 912 20.36 5.78 62.74
C THR A 912 21.25 4.55 62.63
N GLN A 913 22.56 4.72 62.43
CA GLN A 913 23.47 3.60 62.13
C GLN A 913 23.61 2.56 63.24
N ASN A 914 23.32 2.91 64.50
CA ASN A 914 23.27 1.94 65.58
C ASN A 914 22.11 0.94 65.45
N VAL A 915 21.06 1.25 64.70
CA VAL A 915 19.97 0.30 64.42
C VAL A 915 20.45 -0.86 63.57
N LEU A 916 21.42 -0.67 62.67
CA LEU A 916 22.08 -1.81 62.04
C LEU A 916 22.94 -2.56 63.05
N TYR A 917 23.94 -1.94 63.66
CA TYR A 917 24.93 -2.69 64.43
C TYR A 917 24.36 -3.46 65.61
N GLU A 918 23.31 -2.93 66.25
CA GLU A 918 22.59 -3.59 67.35
C GLU A 918 21.65 -4.71 66.87
N ASN A 919 21.35 -4.80 65.57
CA ASN A 919 20.48 -5.81 64.94
C ASN A 919 21.16 -6.54 63.77
N GLN A 920 22.49 -6.49 63.63
CA GLN A 920 23.17 -6.88 62.39
C GLN A 920 22.94 -8.34 62.00
N LYS A 921 22.89 -9.23 62.99
CA LYS A 921 22.66 -10.67 62.76
C LYS A 921 21.23 -10.95 62.30
N LEU A 922 20.24 -10.23 62.82
CA LEU A 922 18.87 -10.26 62.30
C LEU A 922 18.80 -9.72 60.87
N ILE A 923 19.45 -8.60 60.59
CA ILE A 923 19.42 -7.96 59.27
C ILE A 923 20.08 -8.85 58.22
N ALA A 924 21.21 -9.47 58.55
CA ALA A 924 21.87 -10.47 57.71
C ALA A 924 21.02 -11.73 57.53
N ASN A 925 20.41 -12.28 58.57
CA ASN A 925 19.55 -13.46 58.44
C ASN A 925 18.31 -13.19 57.59
N GLN A 926 17.81 -11.96 57.66
CA GLN A 926 16.68 -11.54 56.85
C GLN A 926 17.14 -11.52 55.40
N PHE A 927 18.23 -10.82 55.12
CA PHE A 927 18.77 -10.77 53.76
C PHE A 927 19.03 -12.17 53.18
N ASN A 928 19.70 -13.05 53.91
CA ASN A 928 19.99 -14.42 53.47
C ASN A 928 18.71 -15.23 53.22
N SER A 929 17.67 -15.05 54.04
CA SER A 929 16.35 -15.65 53.83
C SER A 929 15.61 -15.05 52.63
N ALA A 930 15.74 -13.76 52.37
CA ALA A 930 15.13 -13.10 51.23
C ALA A 930 15.79 -13.50 49.91
N ILE A 931 17.12 -13.64 49.85
CA ILE A 931 17.81 -14.22 48.68
C ILE A 931 17.45 -15.70 48.51
N GLY A 932 17.28 -16.46 49.59
CA GLY A 932 16.78 -17.83 49.53
C GLY A 932 15.43 -17.95 48.80
N LYS A 933 14.48 -17.09 49.19
CA LYS A 933 13.15 -17.11 48.53
C LYS A 933 13.30 -16.77 47.04
N ILE A 934 14.25 -15.88 46.71
CA ILE A 934 14.45 -15.48 45.29
C ILE A 934 14.73 -16.73 44.45
N GLN A 935 15.68 -17.55 44.90
CA GLN A 935 15.99 -18.82 44.19
C GLN A 935 14.72 -19.69 44.17
N ASP A 936 14.14 -19.96 45.34
CA ASP A 936 12.93 -20.83 45.43
C ASP A 936 11.95 -20.42 44.33
N SER A 937 11.56 -19.13 44.31
CA SER A 937 10.61 -18.65 43.30
C SER A 937 11.07 -18.95 41.88
N LEU A 938 12.30 -18.59 41.52
CA LEU A 938 12.85 -18.84 40.18
C LEU A 938 13.03 -20.35 39.87
N SER A 939 13.36 -21.16 40.88
CA SER A 939 13.45 -22.62 40.75
C SER A 939 12.07 -23.30 40.68
N SER A 940 11.00 -22.61 41.12
CA SER A 940 9.63 -23.13 41.10
C SER A 940 8.84 -22.73 39.84
N THR A 941 8.41 -21.47 39.72
CA THR A 941 7.40 -21.06 38.73
C THR A 941 7.95 -21.02 37.30
N ALA A 942 7.14 -21.40 36.32
CA ALA A 942 7.53 -21.44 34.90
C ALA A 942 7.57 -20.05 34.23
N SER A 943 6.89 -19.04 34.79
CA SER A 943 6.48 -17.83 34.06
C SER A 943 7.09 -16.51 34.54
N ALA A 944 8.02 -16.54 35.51
CA ALA A 944 8.55 -15.30 36.13
C ALA A 944 9.24 -14.33 35.14
N LEU A 945 9.89 -14.84 34.10
CA LEU A 945 10.57 -14.04 33.07
C LEU A 945 9.67 -13.74 31.87
N GLY A 946 8.35 -13.66 32.07
CA GLY A 946 7.36 -13.43 31.01
C GLY A 946 7.62 -12.19 30.16
N LYS A 947 8.21 -11.13 30.73
CA LYS A 947 8.63 -9.92 29.99
C LYS A 947 9.75 -10.16 28.98
N LEU A 948 10.59 -11.16 29.25
CA LEU A 948 11.74 -11.45 28.34
C LEU A 948 11.30 -12.48 27.30
N GLN A 949 10.59 -13.53 27.73
CA GLN A 949 10.08 -14.53 26.77
C GLN A 949 9.20 -13.82 25.73
N ASP A 950 8.34 -12.91 26.17
CA ASP A 950 7.49 -12.14 25.22
C ASP A 950 8.35 -11.61 24.08
N VAL A 951 9.47 -10.95 24.41
CA VAL A 951 10.34 -10.39 23.37
C VAL A 951 10.78 -11.47 22.39
N VAL A 952 11.23 -12.62 22.90
CA VAL A 952 11.61 -13.76 22.06
C VAL A 952 10.41 -14.24 21.25
N ASN A 953 9.23 -14.34 21.86
CA ASN A 953 8.01 -14.75 21.20
C ASN A 953 7.58 -13.78 20.10
N GLN A 954 7.69 -12.47 20.36
CA GLN A 954 7.34 -11.44 19.35
C GLN A 954 8.30 -11.57 18.15
N ASN A 955 9.60 -11.60 18.43
CA ASN A 955 10.62 -11.65 17.33
C ASN A 955 10.37 -12.89 16.47
N ALA A 956 10.22 -14.06 17.10
CA ALA A 956 10.01 -15.32 16.35
C ALA A 956 8.71 -15.20 15.55
N GLN A 957 7.60 -14.84 16.21
CA GLN A 957 6.32 -14.73 15.52
C GLN A 957 6.40 -13.86 14.27
N ALA A 958 7.17 -12.77 14.29
CA ALA A 958 7.34 -11.89 13.14
C ALA A 958 8.11 -12.54 12.00
N LEU A 959 9.16 -13.32 12.29
CA LEU A 959 9.84 -14.11 11.26
C LEU A 959 9.00 -15.28 10.75
N ASN A 960 8.24 -15.98 11.60
CA ASN A 960 7.34 -17.03 11.14
C ASN A 960 6.19 -16.48 10.29
N THR A 961 5.66 -15.31 10.61
CA THR A 961 4.67 -14.60 9.77
C THR A 961 5.26 -14.18 8.43
N LEU A 962 6.50 -13.70 8.42
CA LEU A 962 7.19 -13.29 7.19
C LEU A 962 7.45 -14.47 6.26
N VAL A 963 7.82 -15.65 6.78
CA VAL A 963 7.93 -16.89 5.98
C VAL A 963 6.57 -17.37 5.47
N LYS A 964 5.48 -17.22 6.23
CA LYS A 964 4.14 -17.54 5.77
C LYS A 964 3.69 -16.65 4.60
N GLN A 965 4.09 -15.38 4.59
CA GLN A 965 3.72 -14.49 3.45
C GLN A 965 4.18 -15.09 2.11
N LEU A 966 5.32 -15.81 2.08
CA LEU A 966 5.85 -16.37 0.83
C LEU A 966 4.88 -17.34 0.14
N SER A 967 4.00 -17.97 0.90
CA SER A 967 3.03 -18.95 0.40
C SER A 967 1.82 -18.33 -0.30
N SER A 968 1.60 -17.03 -0.15
CA SER A 968 0.51 -16.25 -0.73
C SER A 968 0.69 -15.98 -2.23
N ASN A 969 -0.39 -16.07 -3.02
CA ASN A 969 -0.37 -15.79 -4.45
C ASN A 969 -0.33 -14.30 -4.80
N PHE A 970 -0.96 -13.45 -3.99
CA PHE A 970 -1.25 -12.05 -4.31
C PHE A 970 -1.97 -11.85 -5.66
N GLY A 971 -2.66 -12.88 -6.16
CA GLY A 971 -3.35 -12.88 -7.45
C GLY A 971 -2.55 -13.48 -8.63
N ALA A 972 -1.29 -13.86 -8.42
CA ALA A 972 -0.53 -14.62 -9.41
C ALA A 972 -1.04 -16.06 -9.56
N ILE A 973 -0.76 -16.73 -10.69
CA ILE A 973 -1.21 -18.12 -10.91
C ILE A 973 -0.66 -19.15 -9.92
N SER A 974 0.48 -18.85 -9.28
CA SER A 974 1.12 -19.64 -8.23
C SER A 974 1.85 -18.72 -7.26
N SER A 975 2.11 -19.17 -6.05
CA SER A 975 3.02 -18.53 -5.10
C SER A 975 4.50 -18.81 -5.37
N VAL A 976 4.85 -19.68 -6.34
CA VAL A 976 6.22 -20.15 -6.57
C VAL A 976 6.73 -19.65 -7.93
N LEU A 977 7.87 -18.94 -7.95
CA LEU A 977 8.40 -18.39 -9.20
C LEU A 977 8.78 -19.48 -10.21
N ASN A 978 9.25 -20.64 -9.77
CA ASN A 978 9.59 -21.75 -10.65
C ASN A 978 8.36 -22.35 -11.37
N ASP A 979 7.18 -22.18 -10.79
CA ASP A 979 5.95 -22.65 -11.41
C ASP A 979 5.50 -21.67 -12.51
N ILE A 980 5.89 -20.40 -12.37
CA ILE A 980 5.57 -19.35 -13.32
C ILE A 980 6.57 -19.37 -14.46
N LEU A 981 7.86 -19.43 -14.10
CA LEU A 981 8.92 -19.39 -15.14
C LEU A 981 8.83 -20.65 -16.02
N SER A 982 8.68 -21.82 -15.39
CA SER A 982 8.60 -23.08 -16.16
C SER A 982 7.37 -23.06 -17.08
N ARG A 983 6.31 -22.36 -16.67
CA ARG A 983 5.06 -22.36 -17.47
C ARG A 983 5.01 -21.15 -18.39
N LEU A 984 4.60 -19.99 -17.88
CA LEU A 984 4.42 -18.78 -18.74
C LEU A 984 5.76 -18.35 -19.34
N ASP A 985 5.74 -17.89 -20.61
CA ASP A 985 6.98 -17.38 -21.24
C ASP A 985 7.31 -16.02 -20.64
N LYS A 986 8.52 -15.49 -20.85
CA LYS A 986 8.90 -14.22 -20.17
C LYS A 986 7.74 -13.23 -20.22
N VAL A 987 7.15 -13.03 -21.40
CA VAL A 987 6.08 -11.98 -21.55
C VAL A 987 4.95 -12.26 -20.56
N GLU A 988 4.33 -13.44 -20.64
CA GLU A 988 3.17 -13.73 -19.75
C GLU A 988 3.66 -13.84 -18.30
N ALA A 989 4.91 -14.26 -18.11
CA ALA A 989 5.45 -14.38 -16.77
C ALA A 989 5.55 -13.04 -16.04
N GLU A 990 6.04 -11.95 -16.64
CA GLU A 990 6.28 -10.70 -15.91
C GLU A 990 5.04 -10.15 -15.22
N VAL A 991 3.85 -10.32 -15.80
CA VAL A 991 2.58 -9.89 -15.20
C VAL A 991 2.27 -10.65 -13.91
N GLN A 992 2.71 -11.91 -13.79
CA GLN A 992 2.60 -12.73 -12.58
C GLN A 992 3.72 -12.44 -11.60
N ILE A 993 4.96 -12.36 -12.08
CA ILE A 993 6.13 -12.07 -11.25
C ILE A 993 5.94 -10.71 -10.55
N ASP A 994 5.40 -9.72 -11.25
CA ASP A 994 5.18 -8.41 -10.64
C ASP A 994 4.22 -8.44 -9.43
N ARG A 995 3.23 -9.33 -9.48
CA ARG A 995 2.25 -9.46 -8.41
C ARG A 995 3.00 -9.95 -7.17
N LEU A 996 3.77 -11.03 -7.33
CA LEU A 996 4.58 -11.60 -6.26
C LEU A 996 5.60 -10.59 -5.74
N ILE A 997 6.27 -9.83 -6.60
CA ILE A 997 7.16 -8.75 -6.16
C ILE A 997 6.38 -7.73 -5.35
N THR A 998 5.23 -7.25 -5.83
CA THR A 998 4.45 -6.23 -5.13
C THR A 998 3.99 -6.69 -3.76
N GLY A 999 3.47 -7.91 -3.63
CA GLY A 999 2.99 -8.43 -2.35
C GLY A 999 4.12 -8.73 -1.35
N ARG A 1000 5.23 -9.26 -1.85
CA ARG A 1000 6.36 -9.56 -1.00
C ARG A 1000 7.02 -8.27 -0.49
N LEU A 1001 7.24 -7.32 -1.40
CA LEU A 1001 7.86 -6.03 -1.01
C LEU A 1001 7.12 -5.46 0.20
N GLN A 1002 5.79 -5.43 0.14
CA GLN A 1002 4.97 -4.94 1.28
C GLN A 1002 5.21 -5.85 2.49
N SER A 1003 5.21 -7.16 2.28
CA SER A 1003 5.48 -8.12 3.39
C SER A 1003 6.76 -7.71 4.11
N LEU A 1004 7.80 -7.35 3.35
CA LEU A 1004 9.09 -6.96 3.97
C LEU A 1004 8.93 -5.59 4.65
N GLN A 1005 8.31 -4.64 3.95
CA GLN A 1005 8.10 -3.28 4.51
C GLN A 1005 7.32 -3.40 5.82
N THR A 1006 6.24 -4.19 5.81
CA THR A 1006 5.44 -4.41 7.06
C THR A 1006 6.39 -4.89 8.16
N TYR A 1007 7.10 -5.99 7.93
CA TYR A 1007 8.01 -6.53 8.93
C TYR A 1007 8.98 -5.47 9.46
N VAL A 1008 9.63 -4.72 8.58
CA VAL A 1008 10.60 -3.69 8.97
C VAL A 1008 9.96 -2.51 9.68
N THR A 1009 8.75 -2.11 9.32
CA THR A 1009 8.01 -1.10 10.10
C THR A 1009 7.65 -1.62 11.48
N GLN A 1010 7.13 -2.84 11.61
CA GLN A 1010 6.86 -3.47 12.91
C GLN A 1010 8.14 -3.55 13.74
N GLN A 1011 9.28 -3.94 13.16
CA GLN A 1011 10.55 -4.04 13.86
C GLN A 1011 11.12 -2.68 14.26
N LEU A 1012 10.98 -1.62 13.46
CA LEU A 1012 11.42 -0.26 13.83
C LEU A 1012 10.58 0.32 14.97
N ILE A 1013 9.28 0.04 15.00
CA ILE A 1013 8.39 0.44 16.10
C ILE A 1013 8.71 -0.38 17.35
N ARG A 1014 8.89 -1.67 17.19
CA ARG A 1014 9.22 -2.57 18.29
C ARG A 1014 10.59 -2.35 18.87
N ALA A 1015 11.58 -1.98 18.07
CA ALA A 1015 12.90 -1.58 18.53
C ALA A 1015 12.87 -0.32 19.42
N ALA A 1016 11.98 0.64 19.17
CA ALA A 1016 11.82 1.79 20.05
C ALA A 1016 11.22 1.44 21.42
N GLU A 1017 10.39 0.39 21.52
CA GLU A 1017 9.92 -0.14 22.81
C GLU A 1017 11.07 -0.74 23.62
N ILE A 1018 11.99 -1.43 22.97
CA ILE A 1018 13.15 -2.10 23.58
C ILE A 1018 14.22 -1.08 23.94
N ARG A 1019 14.35 0.00 23.19
CA ARG A 1019 15.31 1.05 23.50
C ARG A 1019 14.85 1.83 24.70
N ALA A 1020 13.59 2.17 24.79
CA ALA A 1020 13.04 2.81 25.98
C ALA A 1020 13.27 1.97 27.25
N SER A 1021 13.15 0.65 27.15
CA SER A 1021 13.45 -0.30 28.22
C SER A 1021 14.94 -0.45 28.53
N ALA A 1022 15.83 -0.37 27.53
CA ALA A 1022 17.26 -0.35 27.73
C ALA A 1022 17.75 0.94 28.38
N ASN A 1023 17.17 2.09 28.05
CA ASN A 1023 17.47 3.37 28.68
C ASN A 1023 16.99 3.42 30.13
N LEU A 1024 15.87 2.77 30.46
CA LEU A 1024 15.43 2.58 31.83
C LEU A 1024 16.35 1.63 32.61
N ALA A 1025 16.68 0.47 32.06
CA ALA A 1025 17.61 -0.47 32.66
C ALA A 1025 19.01 0.10 32.89
N ALA A 1026 19.49 0.97 32.00
CA ALA A 1026 20.75 1.66 32.18
C ALA A 1026 20.69 2.69 33.30
N THR A 1027 19.53 3.32 33.50
CA THR A 1027 19.26 4.27 34.57
C THR A 1027 19.08 3.58 35.91
N LYS A 1028 18.43 2.41 35.97
CA LYS A 1028 18.41 1.57 37.18
C LYS A 1028 19.77 1.02 37.53
N MET A 1029 20.62 0.69 36.57
CA MET A 1029 22.00 0.31 36.85
C MET A 1029 22.76 1.46 37.50
N SER A 1030 22.69 2.66 36.95
CA SER A 1030 23.34 3.83 37.55
C SER A 1030 22.79 4.20 38.91
N GLU A 1031 21.48 4.30 39.09
CA GLU A 1031 20.89 4.86 40.31
C GLU A 1031 20.60 3.83 41.40
N CYS A 1032 20.27 2.58 41.06
CA CYS A 1032 20.01 1.53 42.03
C CYS A 1032 21.25 0.71 42.39
N VAL A 1033 22.12 0.37 41.42
CA VAL A 1033 23.33 -0.45 41.70
C VAL A 1033 24.51 0.40 42.10
N LEU A 1034 24.85 1.43 41.32
CA LEU A 1034 25.98 2.32 41.55
C LEU A 1034 25.68 3.42 42.60
N GLY A 1035 24.49 3.43 43.19
CA GLY A 1035 24.04 4.40 44.18
C GLY A 1035 23.13 3.82 45.26
N GLN A 1036 22.44 4.72 45.96
CA GLN A 1036 21.27 4.43 46.77
C GLN A 1036 20.19 5.45 46.43
N SER A 1037 19.04 5.01 45.93
CA SER A 1037 18.06 5.91 45.35
C SER A 1037 17.11 6.46 46.41
N LYS A 1038 16.82 7.77 46.37
CA LYS A 1038 15.75 8.40 47.18
C LYS A 1038 14.40 8.50 46.43
N ARG A 1039 14.40 8.09 45.17
CA ARG A 1039 13.18 8.10 44.37
C ARG A 1039 12.27 6.99 44.85
N VAL A 1040 11.01 7.33 45.11
CA VAL A 1040 10.05 6.34 45.61
C VAL A 1040 9.65 5.34 44.52
N ASP A 1041 9.60 4.06 44.87
CA ASP A 1041 9.28 2.91 44.01
C ASP A 1041 10.14 2.76 42.74
N PHE A 1042 11.26 3.47 42.61
CA PHE A 1042 12.18 3.28 41.48
C PHE A 1042 12.99 2.00 41.62
N CYS A 1043 13.58 1.76 42.79
CA CYS A 1043 14.36 0.58 43.10
C CYS A 1043 13.64 -0.33 44.12
N GLY A 1044 12.47 -0.85 43.72
CA GLY A 1044 11.65 -1.76 44.53
C GLY A 1044 10.67 -1.04 45.46
N LYS A 1045 9.77 -1.79 46.10
CA LYS A 1045 8.71 -1.27 46.98
C LYS A 1045 9.15 -1.28 48.45
N GLY A 1046 9.61 -0.14 48.94
CA GLY A 1046 10.15 0.05 50.28
C GLY A 1046 11.04 1.28 50.31
N TYR A 1047 11.94 1.33 51.30
CA TYR A 1047 12.97 2.41 51.33
C TYR A 1047 14.23 1.79 50.72
N HIS A 1048 14.50 2.04 49.43
CA HIS A 1048 15.63 1.36 48.74
C HIS A 1048 16.95 1.43 49.52
N LEU A 1049 17.65 0.30 49.62
CA LEU A 1049 18.99 0.27 50.26
C LEU A 1049 20.02 0.05 49.16
N MET A 1050 20.05 -1.15 48.56
CA MET A 1050 20.95 -1.42 47.44
C MET A 1050 20.36 -2.42 46.48
N SER A 1051 20.86 -2.50 45.26
CA SER A 1051 20.42 -3.48 44.27
C SER A 1051 21.60 -4.25 43.70
N PHE A 1052 21.35 -5.49 43.31
CA PHE A 1052 22.32 -6.38 42.68
C PHE A 1052 21.85 -6.75 41.27
N PRO A 1053 22.65 -6.51 40.22
CA PRO A 1053 22.28 -6.88 38.86
C PRO A 1053 22.58 -8.36 38.62
N GLN A 1054 21.74 -8.97 37.78
CA GLN A 1054 21.86 -10.36 37.34
C GLN A 1054 21.43 -10.38 35.86
N SER A 1055 22.20 -11.04 34.99
CA SER A 1055 21.86 -11.05 33.57
C SER A 1055 20.84 -12.14 33.24
N ALA A 1056 20.04 -11.94 32.19
CA ALA A 1056 19.09 -12.91 31.66
C ALA A 1056 19.11 -12.83 30.13
N PRO A 1057 18.61 -13.86 29.38
CA PRO A 1057 18.55 -13.78 27.92
C PRO A 1057 18.04 -12.42 27.42
N HIS A 1058 18.88 -11.65 26.72
CA HIS A 1058 18.47 -10.34 26.15
C HIS A 1058 17.83 -9.46 27.23
N GLY A 1059 18.39 -9.45 28.44
CA GLY A 1059 17.74 -8.67 29.51
C GLY A 1059 18.51 -8.61 30.82
N VAL A 1060 18.04 -7.79 31.77
CA VAL A 1060 18.66 -7.66 33.08
C VAL A 1060 17.61 -7.88 34.16
N VAL A 1061 18.04 -8.44 35.28
CA VAL A 1061 17.23 -8.67 36.47
C VAL A 1061 17.88 -7.92 37.61
N PHE A 1062 17.16 -7.05 38.30
CA PHE A 1062 17.66 -6.35 39.48
C PHE A 1062 17.05 -6.98 40.72
N LEU A 1063 17.89 -7.45 41.63
CA LEU A 1063 17.45 -7.80 42.97
C LEU A 1063 17.54 -6.55 43.82
N HIS A 1064 16.39 -5.96 44.12
CA HIS A 1064 16.33 -4.74 44.93
C HIS A 1064 16.12 -5.02 46.41
N VAL A 1065 17.09 -4.58 47.22
CA VAL A 1065 17.04 -4.75 48.67
C VAL A 1065 16.48 -3.48 49.28
N THR A 1066 15.45 -3.62 50.09
CA THR A 1066 14.71 -2.49 50.66
C THR A 1066 14.43 -2.73 52.13
N TYR A 1067 14.46 -1.67 52.92
CA TYR A 1067 13.99 -1.68 54.31
C TYR A 1067 12.49 -1.48 54.32
N VAL A 1068 11.74 -2.39 54.93
CA VAL A 1068 10.28 -2.28 55.08
C VAL A 1068 9.94 -2.23 56.57
N PRO A 1069 9.35 -1.15 57.11
CA PRO A 1069 8.98 -1.09 58.53
C PRO A 1069 7.78 -1.99 58.85
N ALA A 1070 7.83 -2.75 59.94
CA ALA A 1070 7.05 -3.99 60.05
C ALA A 1070 6.01 -4.05 61.19
N GLN A 1071 6.34 -3.55 62.38
CA GLN A 1071 5.51 -3.77 63.58
C GLN A 1071 5.22 -2.48 64.31
N GLU A 1072 4.30 -1.65 63.82
CA GLU A 1072 3.97 -0.37 64.44
C GLU A 1072 3.17 -0.45 65.74
N LYS A 1073 3.38 0.55 66.59
CA LYS A 1073 2.57 0.86 67.77
C LYS A 1073 1.95 2.24 67.60
N ASN A 1074 0.73 2.44 68.09
CA ASN A 1074 0.14 3.76 68.24
C ASN A 1074 0.78 4.48 69.43
N PHE A 1075 1.03 5.77 69.28
CA PHE A 1075 1.47 6.70 70.32
C PHE A 1075 0.64 7.98 70.25
N THR A 1076 0.52 8.67 71.37
CA THR A 1076 0.11 10.09 71.36
C THR A 1076 1.31 10.95 70.99
N THR A 1077 1.10 12.07 70.32
CA THR A 1077 2.18 12.91 69.78
C THR A 1077 1.86 14.40 69.91
N ALA A 1078 2.88 15.25 69.82
CA ALA A 1078 2.77 16.69 69.88
C ALA A 1078 3.76 17.35 68.92
N PRO A 1079 3.45 18.52 68.36
CA PRO A 1079 4.35 19.25 67.47
C PRO A 1079 5.51 19.91 68.20
N ALA A 1080 5.32 20.28 69.47
CA ALA A 1080 6.29 20.94 70.33
C ALA A 1080 6.05 20.57 71.79
N ILE A 1081 7.08 20.76 72.64
CA ILE A 1081 7.00 20.71 74.10
C ILE A 1081 7.13 22.12 74.67
N CYS A 1082 6.29 22.48 75.62
CA CYS A 1082 6.39 23.75 76.35
C CYS A 1082 7.08 23.54 77.69
N HIS A 1083 8.10 24.37 77.98
CA HIS A 1083 8.85 24.29 79.27
C HIS A 1083 8.79 25.65 79.98
N ASP A 1084 9.92 26.37 80.06
CA ASP A 1084 9.96 27.68 80.75
C ASP A 1084 9.18 28.77 79.97
N GLY A 1085 7.97 28.46 79.50
CA GLY A 1085 7.20 29.31 78.58
C GLY A 1085 7.75 29.35 77.15
N LYS A 1086 8.89 28.71 76.90
CA LYS A 1086 9.55 28.52 75.60
C LYS A 1086 9.04 27.24 74.92
N ALA A 1087 8.90 27.27 73.59
CA ALA A 1087 8.46 26.08 72.84
C ALA A 1087 9.69 25.27 72.40
N HIS A 1088 9.59 23.93 72.41
CA HIS A 1088 10.76 23.07 72.06
C HIS A 1088 10.37 22.11 70.94
N PHE A 1089 11.19 22.02 69.90
CA PHE A 1089 10.87 21.13 68.74
C PHE A 1089 12.02 20.13 68.55
N PRO A 1090 11.77 18.89 68.05
CA PRO A 1090 12.81 17.90 67.86
C PRO A 1090 13.89 18.35 66.84
N ARG A 1091 15.16 18.04 67.06
CA ARG A 1091 16.21 18.32 66.06
C ARG A 1091 16.12 17.37 64.88
N GLU A 1092 16.20 16.08 65.16
CA GLU A 1092 15.76 14.99 64.29
C GLU A 1092 14.89 14.08 65.13
N GLY A 1093 13.83 13.54 64.54
CA GLY A 1093 12.84 12.76 65.29
C GLY A 1093 11.48 13.42 65.40
N VAL A 1094 10.68 12.88 66.31
CA VAL A 1094 9.30 13.25 66.61
C VAL A 1094 9.02 13.02 68.09
N PHE A 1095 8.18 13.84 68.71
CA PHE A 1095 7.76 13.60 70.10
C PHE A 1095 6.66 12.56 70.15
N VAL A 1096 6.75 11.64 71.11
CA VAL A 1096 5.74 10.61 71.35
C VAL A 1096 5.51 10.42 72.83
N SER A 1097 4.36 9.90 73.18
CA SER A 1097 4.03 9.48 74.52
C SER A 1097 3.46 8.09 74.52
N ASN A 1098 3.90 7.29 75.49
CA ASN A 1098 3.34 5.98 75.81
C ASN A 1098 2.00 6.06 76.57
N GLY A 1099 1.51 7.27 76.85
CA GLY A 1099 0.28 7.55 77.58
C GLY A 1099 0.51 8.28 78.90
N THR A 1100 1.74 8.22 79.41
CA THR A 1100 2.07 8.85 80.71
C THR A 1100 3.40 9.61 80.60
N HIS A 1101 4.41 9.02 79.97
CA HIS A 1101 5.75 9.67 79.90
C HIS A 1101 6.00 10.21 78.50
N TRP A 1102 6.85 11.24 78.39
CA TRP A 1102 7.12 11.88 77.06
C TRP A 1102 8.52 11.52 76.57
N PHE A 1103 8.67 11.28 75.26
CA PHE A 1103 9.95 10.90 74.68
C PHE A 1103 10.11 11.56 73.33
N VAL A 1104 11.33 11.62 72.85
CA VAL A 1104 11.66 11.95 71.46
C VAL A 1104 12.27 10.72 70.83
N THR A 1105 11.90 10.41 69.58
CA THR A 1105 12.36 9.21 68.89
C THR A 1105 12.65 9.50 67.43
N GLN A 1106 13.47 8.69 66.77
CA GLN A 1106 13.68 8.84 65.33
C GLN A 1106 12.40 8.49 64.56
N ARG A 1107 12.15 9.14 63.42
CA ARG A 1107 10.83 9.08 62.75
C ARG A 1107 10.49 7.70 62.19
N ASN A 1108 11.48 6.91 61.78
CA ASN A 1108 11.29 5.66 61.03
C ASN A 1108 11.50 4.37 61.83
N PHE A 1109 11.74 4.43 63.14
CA PHE A 1109 11.99 3.25 63.99
C PHE A 1109 11.83 3.63 65.46
N TYR A 1110 10.95 2.98 66.21
CA TYR A 1110 10.74 3.34 67.62
C TYR A 1110 11.94 2.96 68.48
N GLU A 1111 12.66 3.99 68.92
CA GLU A 1111 13.80 3.98 69.83
C GLU A 1111 13.73 5.30 70.63
N PRO A 1112 13.07 5.35 71.80
CA PRO A 1112 12.78 6.58 72.53
C PRO A 1112 13.93 7.06 73.42
N GLN A 1113 14.09 8.37 73.53
CA GLN A 1113 15.01 9.05 74.45
C GLN A 1113 14.27 10.05 75.33
N ILE A 1114 14.80 10.31 76.51
CA ILE A 1114 14.41 11.46 77.33
C ILE A 1114 14.55 12.74 76.52
N ILE A 1115 13.56 13.64 76.67
CA ILE A 1115 13.59 14.93 75.91
C ILE A 1115 14.70 15.81 76.51
N THR A 1116 15.86 15.83 75.87
CA THR A 1116 17.01 16.62 76.41
C THR A 1116 17.28 17.82 75.51
N THR A 1117 17.93 18.86 76.04
CA THR A 1117 18.29 20.05 75.22
C THR A 1117 19.03 19.58 73.97
N ASP A 1118 19.87 18.54 74.10
CA ASP A 1118 20.62 18.02 72.96
C ASP A 1118 19.73 17.35 71.90
N ASN A 1119 18.49 16.96 72.21
CA ASN A 1119 17.52 16.37 71.28
C ASN A 1119 16.58 17.39 70.64
N THR A 1120 16.55 18.62 71.14
CA THR A 1120 15.54 19.64 70.83
C THR A 1120 16.15 21.00 70.53
N PHE A 1121 15.41 21.86 69.85
CA PHE A 1121 15.76 23.26 69.63
C PHE A 1121 14.59 24.16 70.04
N VAL A 1122 14.85 25.35 70.54
CA VAL A 1122 13.83 26.30 70.97
C VAL A 1122 13.41 27.21 69.82
N SER A 1123 12.14 27.57 69.73
CA SER A 1123 11.72 28.77 69.01
C SER A 1123 10.49 29.41 69.62
N GLY A 1124 10.56 30.71 69.90
CA GLY A 1124 9.39 31.46 70.39
C GLY A 1124 8.88 30.98 71.74
N ASN A 1125 7.59 31.19 72.00
CA ASN A 1125 7.00 30.82 73.32
C ASN A 1125 5.77 29.95 73.10
N CYS A 1126 5.17 29.45 74.19
CA CYS A 1126 3.97 28.57 74.08
C CYS A 1126 2.71 29.43 73.97
N ASP A 1127 2.54 30.11 72.83
CA ASP A 1127 1.32 30.93 72.60
C ASP A 1127 1.05 30.98 71.10
N VAL A 1128 1.91 30.34 70.31
CA VAL A 1128 1.74 30.38 68.84
C VAL A 1128 1.55 29.01 68.18
N VAL A 1129 1.92 27.91 68.84
CA VAL A 1129 1.87 26.55 68.25
C VAL A 1129 0.55 25.86 68.62
N ILE A 1130 -0.23 25.46 67.62
CA ILE A 1130 -1.48 24.72 67.81
C ILE A 1130 -1.16 23.30 68.31
N GLY A 1131 -1.62 22.92 69.48
CA GLY A 1131 -1.47 21.55 70.01
C GLY A 1131 -0.19 21.24 70.78
N ILE A 1132 0.60 22.25 71.16
CA ILE A 1132 1.76 22.11 72.06
C ILE A 1132 1.37 21.51 73.42
N VAL A 1133 2.24 20.70 74.03
CA VAL A 1133 2.00 20.04 75.33
C VAL A 1133 3.04 20.42 76.36
N ASN A 1134 2.67 20.49 77.63
CA ASN A 1134 3.60 20.73 78.73
C ASN A 1134 4.35 19.46 79.14
N ASN A 1135 5.67 19.47 79.07
CA ASN A 1135 6.51 18.44 79.68
C ASN A 1135 7.88 19.06 80.03
N THR A 1136 8.60 18.50 80.99
CA THR A 1136 9.97 18.96 81.28
C THR A 1136 10.92 18.65 80.12
N VAL A 1137 11.88 19.55 79.88
CA VAL A 1137 12.98 19.34 78.94
C VAL A 1137 14.29 19.38 79.71
N TYR A 1138 14.98 18.25 79.75
CA TYR A 1138 16.15 18.00 80.58
C TYR A 1138 17.39 18.70 80.02
N ASP A 1139 18.18 19.27 80.92
CA ASP A 1139 19.41 19.95 80.57
C ASP A 1139 20.57 19.21 81.25
N PRO A 1140 21.26 18.26 80.56
CA PRO A 1140 22.31 17.45 81.23
C PRO A 1140 23.37 18.28 81.95
N LEU A 1141 23.44 19.58 81.67
CA LEU A 1141 24.49 20.44 82.28
C LEU A 1141 24.13 20.71 83.75
N GLN A 1142 22.84 20.86 84.06
CA GLN A 1142 22.44 21.23 85.44
C GLN A 1142 22.96 20.20 86.45
N PRO A 1143 22.65 18.88 86.36
CA PRO A 1143 23.09 17.92 87.37
C PRO A 1143 24.61 17.97 87.57
N GLU A 1144 25.38 17.99 86.49
CA GLU A 1144 26.85 18.05 86.57
C GLU A 1144 27.34 19.35 87.21
N LEU A 1145 26.57 20.44 87.09
CA LEU A 1145 26.75 21.66 87.91
C LEU A 1145 26.11 21.55 89.30
N ASP A 1146 25.01 20.81 89.47
CA ASP A 1146 24.33 20.67 90.74
C ASP A 1146 25.10 19.77 91.72
N SER A 1147 25.62 18.66 91.20
CA SER A 1147 26.49 17.80 92.05
C SER A 1147 27.72 18.66 92.43
N PHE A 1148 28.13 19.55 91.53
CA PHE A 1148 29.26 20.47 91.83
C PHE A 1148 28.83 21.41 92.95
N LYS A 1149 27.56 21.86 92.93
CA LYS A 1149 27.04 22.70 94.04
C LYS A 1149 27.18 21.89 95.34
N GLU A 1150 26.72 20.65 95.36
CA GLU A 1150 26.91 19.80 96.55
C GLU A 1150 28.39 19.64 96.93
N GLU A 1151 29.28 19.49 95.93
CA GLU A 1151 30.73 19.51 96.12
C GLU A 1151 31.21 20.83 96.77
N LEU A 1152 30.67 21.98 96.34
CA LEU A 1152 30.94 23.28 96.96
C LEU A 1152 30.39 23.42 98.40
N ASP A 1153 29.14 22.97 98.59
CA ASP A 1153 28.49 23.03 99.89
C ASP A 1153 29.32 22.30 100.94
N LYS A 1154 29.51 21.00 100.74
CA LYS A 1154 30.31 20.20 101.69
C LYS A 1154 31.74 20.75 101.90
N TYR A 1155 32.35 21.39 100.90
CA TYR A 1155 33.62 22.12 101.10
C TYR A 1155 33.46 23.31 102.06
N PHE A 1156 32.35 24.07 101.99
CA PHE A 1156 32.04 25.11 102.98
C PHE A 1156 31.74 24.52 104.36
N LYS A 1157 31.02 23.40 104.40
CA LYS A 1157 30.69 22.73 105.71
C LYS A 1157 31.98 22.24 106.38
N ASN A 1158 32.80 21.45 105.69
CA ASN A 1158 34.09 20.97 106.27
C ASN A 1158 34.91 22.22 106.66
N HIS A 1159 34.75 23.32 105.92
CA HIS A 1159 35.49 24.57 106.23
C HIS A 1159 34.92 25.21 107.51
N THR A 1160 33.63 24.99 107.81
CA THR A 1160 33.01 25.59 109.02
C THR A 1160 33.51 24.87 110.28
N SER A 1161 34.67 24.21 110.20
CA SER A 1161 35.21 23.48 111.36
C SER A 1161 36.36 24.21 112.09
N PRO A 1162 37.43 24.68 111.42
CA PRO A 1162 38.46 25.49 112.06
C PRO A 1162 37.93 26.87 112.46
N GLN B 14 -45.49 33.01 -33.28
CA GLN B 14 -45.22 33.94 -34.41
C GLN B 14 -43.75 34.39 -34.36
N CYS B 15 -43.26 35.00 -35.44
CA CYS B 15 -41.86 35.53 -35.44
C CYS B 15 -41.89 37.01 -35.81
N VAL B 16 -41.97 37.90 -34.83
CA VAL B 16 -41.95 39.37 -35.05
C VAL B 16 -40.73 40.01 -34.36
N ASN B 17 -40.28 41.15 -34.90
CA ASN B 17 -39.15 41.89 -34.27
C ASN B 17 -39.69 43.19 -33.67
N LEU B 18 -39.32 43.50 -32.44
CA LEU B 18 -39.81 44.66 -31.68
C LEU B 18 -38.64 45.59 -31.31
N THR B 19 -38.18 46.38 -32.28
CA THR B 19 -36.94 47.18 -32.21
C THR B 19 -37.02 48.45 -31.33
N THR B 20 -38.19 48.81 -30.79
CA THR B 20 -38.40 50.02 -29.97
C THR B 20 -37.88 49.86 -28.53
N ARG B 21 -36.56 50.02 -28.36
CA ARG B 21 -35.93 49.90 -27.04
C ARG B 21 -34.76 50.88 -26.84
N THR B 22 -34.68 51.45 -25.64
CA THR B 22 -33.55 52.36 -25.32
C THR B 22 -32.30 51.51 -25.08
N GLN B 23 -31.23 51.76 -25.84
CA GLN B 23 -30.00 50.93 -25.72
C GLN B 23 -29.26 51.30 -24.43
N LEU B 24 -29.00 50.31 -23.56
CA LEU B 24 -28.31 50.56 -22.28
C LEU B 24 -27.07 49.69 -22.19
N PRO B 25 -25.99 50.11 -21.49
CA PRO B 25 -24.78 49.29 -21.33
C PRO B 25 -25.08 48.03 -20.50
N PRO B 26 -24.31 46.92 -20.68
CA PRO B 26 -24.58 45.67 -19.97
C PRO B 26 -24.17 45.78 -18.49
N ALA B 27 -25.11 46.17 -17.62
CA ALA B 27 -24.87 46.37 -16.19
C ALA B 27 -24.41 45.07 -15.49
N TYR B 28 -23.52 45.18 -14.49
CA TYR B 28 -23.04 44.07 -13.66
C TYR B 28 -23.37 44.33 -12.18
N THR B 29 -23.50 43.27 -11.38
CA THR B 29 -23.89 43.31 -9.97
C THR B 29 -23.23 42.18 -9.17
N ASN B 30 -22.98 42.39 -7.88
CA ASN B 30 -22.32 41.45 -6.99
C ASN B 30 -23.32 40.40 -6.45
N SER B 31 -23.09 39.12 -6.74
CA SER B 31 -23.94 38.05 -6.14
C SER B 31 -23.55 37.89 -4.67
N PHE B 32 -24.42 38.29 -3.74
CA PHE B 32 -24.06 38.25 -2.30
C PHE B 32 -24.29 36.86 -1.72
N THR B 33 -23.27 36.00 -1.71
CA THR B 33 -23.38 34.66 -1.08
C THR B 33 -24.73 34.02 -1.37
N ARG B 34 -25.17 34.02 -2.63
CA ARG B 34 -26.43 33.40 -3.05
C ARG B 34 -26.14 32.34 -4.11
N GLY B 35 -27.15 31.60 -4.57
CA GLY B 35 -26.91 30.56 -5.58
C GLY B 35 -26.21 29.29 -5.07
N VAL B 36 -26.39 28.94 -3.80
CA VAL B 36 -25.94 27.64 -3.24
C VAL B 36 -27.12 26.67 -3.21
N TYR B 37 -26.91 25.42 -3.57
CA TYR B 37 -27.96 24.41 -3.72
C TYR B 37 -27.53 23.11 -3.04
N TYR B 38 -28.47 22.22 -2.73
CA TYR B 38 -28.14 20.92 -2.16
C TYR B 38 -27.52 20.03 -3.24
N PRO B 39 -26.23 19.66 -3.14
CA PRO B 39 -25.52 18.98 -4.22
C PRO B 39 -25.93 17.52 -4.40
N ASP B 40 -26.56 16.95 -3.37
CA ASP B 40 -27.05 15.57 -3.40
C ASP B 40 -28.38 15.42 -2.66
N LYS B 41 -29.01 14.25 -2.77
CA LYS B 41 -30.31 13.96 -2.10
C LYS B 41 -30.17 13.25 -0.75
N VAL B 42 -29.15 13.62 0.02
CA VAL B 42 -28.71 12.98 1.25
C VAL B 42 -29.00 13.86 2.46
N PHE B 43 -29.69 13.31 3.46
CA PHE B 43 -29.81 13.93 4.77
C PHE B 43 -28.48 13.90 5.53
N ARG B 44 -28.11 15.06 6.07
CA ARG B 44 -26.99 15.30 6.97
C ARG B 44 -27.49 16.25 8.06
N SER B 45 -27.02 16.15 9.29
CA SER B 45 -27.55 16.94 10.41
C SER B 45 -26.45 17.44 11.33
N SER B 46 -26.50 18.73 11.69
CA SER B 46 -25.54 19.43 12.57
C SER B 46 -24.07 19.14 12.21
N VAL B 47 -23.73 19.24 10.92
CA VAL B 47 -22.44 18.81 10.37
C VAL B 47 -21.98 19.70 9.22
N LEU B 48 -20.67 19.76 9.04
CA LEU B 48 -19.99 20.64 8.10
C LEU B 48 -19.40 19.83 6.94
N HIS B 49 -20.27 19.46 6.00
CA HIS B 49 -19.89 18.68 4.81
C HIS B 49 -19.08 19.52 3.82
N SER B 50 -17.98 18.99 3.27
CA SER B 50 -17.18 19.64 2.23
C SER B 50 -17.37 18.93 0.88
N THR B 51 -17.67 19.69 -0.16
CA THR B 51 -18.11 19.19 -1.48
C THR B 51 -17.45 19.98 -2.62
N GLN B 52 -17.12 19.34 -3.74
CA GLN B 52 -16.69 20.02 -4.96
C GLN B 52 -17.70 19.81 -6.09
N ASP B 53 -18.25 20.91 -6.62
CA ASP B 53 -19.26 20.90 -7.68
C ASP B 53 -19.25 22.23 -8.44
N LEU B 54 -20.03 22.31 -9.52
CA LEU B 54 -20.28 23.54 -10.27
C LEU B 54 -21.18 24.48 -9.45
N PHE B 55 -20.62 25.18 -8.46
CA PHE B 55 -21.30 26.23 -7.69
C PHE B 55 -21.12 27.62 -8.30
N LEU B 56 -21.98 28.57 -7.98
CA LEU B 56 -21.69 29.99 -8.24
C LEU B 56 -20.72 30.49 -7.15
N PRO B 57 -19.52 31.00 -7.49
CA PRO B 57 -18.61 31.58 -6.51
C PRO B 57 -19.26 32.66 -5.64
N PHE B 58 -18.78 32.84 -4.41
CA PHE B 58 -19.21 33.96 -3.58
C PHE B 58 -18.68 35.28 -4.15
N PHE B 59 -19.44 36.35 -3.96
CA PHE B 59 -19.15 37.69 -4.44
C PHE B 59 -18.84 37.76 -5.96
N SER B 60 -19.53 36.97 -6.77
CA SER B 60 -19.15 36.93 -8.22
C SER B 60 -19.91 37.99 -9.02
N ASN B 61 -19.23 38.67 -9.96
CA ASN B 61 -19.97 39.62 -10.85
C ASN B 61 -21.10 38.81 -11.49
N VAL B 62 -22.35 39.23 -11.30
CA VAL B 62 -23.49 38.55 -11.97
C VAL B 62 -24.15 39.55 -12.91
N THR B 63 -24.11 39.27 -14.22
CA THR B 63 -24.73 40.20 -15.19
C THR B 63 -26.15 40.57 -14.77
N TRP B 64 -26.56 41.82 -15.02
CA TRP B 64 -27.89 42.30 -14.60
C TRP B 64 -28.70 42.78 -15.81
N PHE B 65 -29.94 42.28 -15.97
CA PHE B 65 -30.82 42.76 -17.07
C PHE B 65 -32.15 43.19 -16.45
N HIS B 66 -32.84 44.16 -17.06
CA HIS B 66 -34.10 44.67 -16.46
C HIS B 66 -35.11 45.04 -17.55
N ALA B 67 -36.40 45.04 -17.20
CA ALA B 67 -37.45 45.44 -18.17
C ALA B 67 -38.16 46.69 -17.63
N ILE B 68 -38.15 47.78 -18.40
CA ILE B 68 -38.77 49.06 -17.92
C ILE B 68 -39.92 49.44 -18.87
N LYS B 77 -39.75 51.27 -22.20
CA LYS B 77 -38.49 52.01 -22.10
C LYS B 77 -37.26 51.10 -22.23
N ARG B 78 -37.34 49.93 -21.60
CA ARG B 78 -36.30 48.90 -21.65
C ARG B 78 -36.93 47.49 -21.59
N PHE B 79 -36.37 46.55 -22.35
CA PHE B 79 -36.88 45.17 -22.39
C PHE B 79 -35.73 44.24 -22.82
N ASP B 80 -34.86 43.91 -21.87
CA ASP B 80 -33.52 43.39 -22.13
C ASP B 80 -33.51 41.85 -22.20
N ASN B 81 -33.41 41.27 -23.41
CA ASN B 81 -33.58 39.83 -23.65
C ASN B 81 -32.51 39.18 -24.57
N PRO B 82 -31.20 39.47 -24.45
CA PRO B 82 -30.22 38.91 -25.38
C PRO B 82 -29.94 37.42 -25.11
N VAL B 83 -29.69 36.64 -26.16
CA VAL B 83 -29.33 35.20 -25.98
C VAL B 83 -27.96 35.16 -25.28
N LEU B 84 -27.78 34.24 -24.33
CA LEU B 84 -26.51 34.21 -23.55
C LEU B 84 -25.86 32.83 -23.63
N PRO B 85 -24.57 32.63 -23.27
CA PRO B 85 -23.99 31.27 -23.25
C PRO B 85 -24.47 30.50 -22.02
N PHE B 86 -24.64 29.18 -22.14
CA PHE B 86 -25.07 28.34 -21.00
C PHE B 86 -23.85 27.74 -20.30
N ASN B 87 -22.71 27.70 -20.99
CA ASN B 87 -21.49 27.10 -20.41
C ASN B 87 -21.83 25.69 -19.90
N ASP B 88 -21.44 25.37 -18.66
CA ASP B 88 -21.79 24.06 -18.06
C ASP B 88 -23.09 24.21 -17.27
N GLY B 89 -23.12 25.18 -16.34
CA GLY B 89 -24.33 25.45 -15.56
C GLY B 89 -24.55 26.94 -15.39
N VAL B 90 -25.77 27.38 -15.08
CA VAL B 90 -26.02 28.85 -15.03
C VAL B 90 -26.97 29.24 -13.90
N TYR B 91 -26.47 29.96 -12.89
CA TYR B 91 -27.37 30.52 -11.89
C TYR B 91 -28.15 31.66 -12.54
N PHE B 92 -29.46 31.65 -12.36
CA PHE B 92 -30.38 32.66 -12.86
C PHE B 92 -31.22 33.14 -11.68
N ALA B 93 -31.58 34.41 -11.60
CA ALA B 93 -32.56 34.87 -10.63
C ALA B 93 -33.35 36.05 -11.17
N SER B 94 -34.54 36.29 -10.62
CA SER B 94 -35.33 37.50 -10.86
C SER B 94 -35.81 38.09 -9.55
N THR B 95 -35.71 39.41 -9.43
CA THR B 95 -36.44 40.19 -8.43
C THR B 95 -37.57 40.88 -9.16
N GLU B 96 -38.81 40.61 -8.78
CA GLU B 96 -39.90 41.21 -9.60
C GLU B 96 -41.28 41.06 -8.96
N LYS B 97 -42.30 41.46 -9.72
CA LYS B 97 -43.71 41.36 -9.24
C LYS B 97 -44.53 41.25 -10.54
N SER B 98 -45.84 41.05 -10.44
CA SER B 98 -46.72 40.97 -11.65
C SER B 98 -46.36 39.79 -12.56
N ASN B 99 -45.21 39.11 -12.34
CA ASN B 99 -44.96 37.88 -13.10
C ASN B 99 -44.50 38.07 -14.58
N ILE B 100 -43.56 38.98 -14.83
CA ILE B 100 -42.97 39.31 -16.15
C ILE B 100 -42.11 38.18 -16.74
N ILE B 101 -41.17 37.58 -15.99
CA ILE B 101 -40.27 36.53 -16.52
C ILE B 101 -41.03 35.21 -16.53
N ARG B 102 -41.33 34.71 -17.72
CA ARG B 102 -42.09 33.46 -17.83
C ARG B 102 -41.51 32.45 -18.80
N GLY B 103 -40.31 31.96 -18.51
CA GLY B 103 -39.70 30.95 -19.36
C GLY B 103 -38.26 31.11 -19.79
N TRP B 104 -37.73 30.00 -20.30
CA TRP B 104 -36.37 29.88 -20.81
C TRP B 104 -36.32 29.07 -22.10
N ILE B 105 -35.40 29.45 -22.98
CA ILE B 105 -34.99 28.71 -24.17
C ILE B 105 -33.59 28.20 -23.94
N PHE B 106 -33.29 26.92 -24.16
CA PHE B 106 -31.93 26.37 -24.12
C PHE B 106 -31.65 25.52 -25.35
N GLY B 107 -30.42 25.54 -25.89
CA GLY B 107 -30.05 24.65 -26.99
C GLY B 107 -28.60 24.82 -27.44
N THR B 108 -28.30 24.33 -28.65
CA THR B 108 -26.98 24.48 -29.30
C THR B 108 -27.06 25.09 -30.70
N THR B 109 -28.19 24.94 -31.42
CA THR B 109 -28.44 25.62 -32.72
C THR B 109 -29.59 26.63 -32.70
N LEU B 110 -30.68 26.36 -31.96
CA LEU B 110 -31.87 27.23 -31.79
C LEU B 110 -32.69 27.53 -33.06
N ASP B 111 -32.38 26.89 -34.20
CA ASP B 111 -33.02 27.13 -35.50
C ASP B 111 -33.46 25.82 -36.20
N SER B 112 -33.90 24.85 -35.41
CA SER B 112 -34.40 23.52 -35.80
C SER B 112 -33.38 22.57 -36.45
N LYS B 113 -32.10 22.94 -36.60
CA LYS B 113 -31.05 22.02 -37.08
C LYS B 113 -30.70 20.91 -36.07
N THR B 114 -30.94 21.15 -34.78
CA THR B 114 -30.87 20.16 -33.68
C THR B 114 -32.07 20.33 -32.75
N GLN B 115 -32.34 19.34 -31.91
CA GLN B 115 -33.26 19.56 -30.79
C GLN B 115 -32.75 20.66 -29.85
N SER B 116 -33.70 21.32 -29.19
CA SER B 116 -33.54 22.40 -28.20
C SER B 116 -34.70 22.33 -27.19
N LEU B 117 -34.55 22.90 -26.00
CA LEU B 117 -35.51 22.80 -24.91
C LEU B 117 -36.25 24.12 -24.64
N LEU B 118 -37.58 24.02 -24.52
CA LEU B 118 -38.41 25.23 -24.29
C LEU B 118 -39.20 25.07 -22.97
N ILE B 119 -39.02 26.00 -22.04
CA ILE B 119 -39.80 25.99 -20.77
C ILE B 119 -40.67 27.25 -20.74
N VAL B 120 -41.99 27.10 -20.65
CA VAL B 120 -42.88 28.30 -20.70
C VAL B 120 -43.95 28.21 -19.62
N ASN B 121 -43.90 29.10 -18.61
CA ASN B 121 -44.98 29.15 -17.60
C ASN B 121 -45.96 30.21 -18.09
N ASN B 122 -47.21 29.84 -18.38
CA ASN B 122 -48.13 30.85 -18.99
C ASN B 122 -49.43 31.01 -18.19
N ALA B 123 -50.39 31.74 -18.76
CA ALA B 123 -51.69 32.01 -18.09
C ALA B 123 -52.42 30.71 -17.72
N THR B 124 -52.02 29.57 -18.29
CA THR B 124 -52.82 28.36 -18.00
C THR B 124 -52.03 27.22 -17.35
N ASN B 125 -50.77 27.00 -17.74
CA ASN B 125 -49.94 25.89 -17.26
C ASN B 125 -48.44 26.16 -17.45
N VAL B 126 -47.58 25.36 -16.81
CA VAL B 126 -46.17 25.21 -17.18
C VAL B 126 -46.04 24.14 -18.27
N VAL B 127 -45.36 24.44 -19.37
CA VAL B 127 -44.91 23.46 -20.38
C VAL B 127 -43.38 23.32 -20.34
N ILE B 128 -42.89 22.08 -20.24
CA ILE B 128 -41.50 21.71 -20.43
C ILE B 128 -41.43 20.73 -21.61
N LYS B 129 -40.75 21.07 -22.70
CA LYS B 129 -40.67 20.19 -23.87
C LYS B 129 -39.39 20.38 -24.67
N VAL B 130 -39.01 19.35 -25.41
CA VAL B 130 -37.81 19.35 -26.26
C VAL B 130 -38.17 18.95 -27.69
N CYS B 131 -37.79 19.80 -28.65
CA CYS B 131 -38.07 19.64 -30.07
C CYS B 131 -36.96 20.26 -30.92
N GLU B 132 -36.88 19.85 -32.20
CA GLU B 132 -36.29 20.70 -33.23
C GLU B 132 -37.17 21.93 -33.45
N PHE B 133 -36.85 23.02 -32.73
CA PHE B 133 -37.68 24.24 -32.81
C PHE B 133 -37.01 25.30 -33.67
N GLN B 134 -37.74 25.87 -34.64
CA GLN B 134 -37.16 27.01 -35.42
C GLN B 134 -37.48 28.29 -34.64
N PHE B 135 -36.61 28.66 -33.70
CA PHE B 135 -36.92 29.81 -32.83
C PHE B 135 -36.90 31.15 -33.57
N CYS B 136 -37.69 32.10 -33.07
CA CYS B 136 -37.65 33.49 -33.50
C CYS B 136 -36.37 34.20 -33.00
N ASN B 137 -35.87 35.18 -33.76
CA ASN B 137 -34.70 35.99 -33.36
C ASN B 137 -34.94 36.80 -32.08
N ASP B 138 -36.18 37.22 -31.81
CA ASP B 138 -36.56 37.94 -30.59
C ASP B 138 -37.87 37.34 -30.02
N PRO B 139 -37.78 36.32 -29.13
CA PRO B 139 -38.93 35.58 -28.61
C PRO B 139 -39.50 36.14 -27.29
N PHE B 140 -40.81 36.10 -27.15
CA PHE B 140 -41.57 36.66 -26.02
C PHE B 140 -43.02 36.14 -26.00
N LEU B 141 -43.77 36.49 -24.96
CA LEU B 141 -45.21 36.24 -24.84
C LEU B 141 -45.91 37.56 -24.49
N GLY B 142 -47.10 37.82 -25.00
CA GLY B 142 -47.76 39.13 -24.93
C GLY B 142 -49.09 39.13 -24.16
N VAL B 143 -49.39 40.25 -23.51
CA VAL B 143 -50.54 40.42 -22.62
C VAL B 143 -51.34 41.67 -23.01
N TYR B 144 -52.66 41.53 -23.17
CA TYR B 144 -53.58 42.67 -23.23
C TYR B 144 -53.82 43.21 -21.81
N TYR B 145 -53.52 44.49 -21.60
CA TYR B 145 -53.52 45.13 -20.28
C TYR B 145 -54.80 45.95 -20.06
N HIS B 146 -55.61 45.51 -19.08
CA HIS B 146 -56.92 46.16 -18.80
C HIS B 146 -57.89 45.82 -19.94
N LYS B 147 -57.63 46.33 -21.14
CA LYS B 147 -58.45 46.00 -22.35
C LYS B 147 -59.94 46.25 -22.11
N ASN B 148 -60.80 45.30 -22.49
CA ASN B 148 -62.27 45.48 -22.37
C ASN B 148 -62.79 44.85 -21.07
N ASN B 149 -62.18 43.76 -20.61
CA ASN B 149 -62.71 43.03 -19.43
C ASN B 149 -62.19 43.69 -18.14
N LYS B 150 -61.59 44.87 -18.24
CA LYS B 150 -61.08 45.58 -17.04
C LYS B 150 -60.16 44.63 -16.27
N SER B 151 -59.44 43.76 -16.99
CA SER B 151 -58.52 42.78 -16.35
C SER B 151 -57.39 42.48 -17.34
N TRP B 152 -56.44 41.62 -16.95
CA TRP B 152 -55.31 41.39 -17.85
C TRP B 152 -55.31 39.96 -18.40
N MET B 153 -55.13 39.79 -19.71
CA MET B 153 -55.25 38.50 -20.41
C MET B 153 -54.07 38.26 -21.35
N GLU B 154 -53.54 37.03 -21.39
CA GLU B 154 -52.55 36.64 -22.40
C GLU B 154 -53.16 36.66 -23.80
N SER B 155 -52.42 37.22 -24.75
CA SER B 155 -52.85 37.43 -26.14
C SER B 155 -51.85 36.95 -27.18
N GLU B 156 -50.55 36.81 -26.82
CA GLU B 156 -49.51 36.46 -27.79
C GLU B 156 -48.56 35.37 -27.26
N PHE B 157 -48.19 34.44 -28.12
CA PHE B 157 -47.15 33.42 -27.89
C PHE B 157 -46.23 33.42 -29.11
N ARG B 158 -45.12 34.17 -28.97
CA ARG B 158 -44.18 34.36 -30.12
C ARG B 158 -42.79 33.87 -29.70
N VAL B 159 -42.56 32.57 -29.79
CA VAL B 159 -41.31 31.90 -29.39
C VAL B 159 -40.62 31.19 -30.55
N TYR B 160 -41.37 30.43 -31.35
CA TYR B 160 -40.87 29.68 -32.51
C TYR B 160 -41.85 29.77 -33.69
N SER B 161 -41.33 29.50 -34.90
CA SER B 161 -42.21 29.49 -36.09
C SER B 161 -42.90 28.13 -36.20
N SER B 162 -42.15 27.06 -35.92
CA SER B 162 -42.74 25.68 -35.94
C SER B 162 -41.81 24.68 -35.28
N ALA B 163 -42.36 23.69 -34.57
CA ALA B 163 -41.54 22.62 -33.96
C ALA B 163 -41.80 21.33 -34.74
N ASN B 164 -40.77 20.53 -35.02
CA ASN B 164 -41.03 19.36 -35.85
C ASN B 164 -40.81 18.02 -35.11
N ASN B 165 -39.56 17.56 -35.07
CA ASN B 165 -39.24 16.34 -34.29
C ASN B 165 -39.23 16.70 -32.79
N CYS B 166 -39.94 15.94 -31.96
CA CYS B 166 -39.98 16.21 -30.50
C CYS B 166 -39.71 14.92 -29.73
N THR B 167 -38.96 15.01 -28.62
CA THR B 167 -38.59 13.79 -27.85
C THR B 167 -39.40 13.71 -26.54
N PHE B 168 -39.51 14.83 -25.81
CA PHE B 168 -40.18 14.78 -24.49
C PHE B 168 -41.14 15.98 -24.34
N GLU B 169 -42.30 15.75 -23.70
CA GLU B 169 -43.24 16.84 -23.45
C GLU B 169 -43.99 16.60 -22.14
N TYR B 170 -43.82 17.52 -21.20
CA TYR B 170 -44.53 17.60 -19.93
C TYR B 170 -45.34 18.89 -19.90
N VAL B 171 -46.56 18.81 -19.36
CA VAL B 171 -47.38 19.98 -19.07
C VAL B 171 -47.97 19.82 -17.67
N SER B 172 -47.95 20.88 -16.85
CA SER B 172 -48.58 20.85 -15.53
C SER B 172 -50.10 20.71 -15.65
N GLN B 173 -50.76 20.25 -14.58
CA GLN B 173 -52.21 20.44 -14.47
C GLN B 173 -52.54 21.94 -14.56
N PRO B 174 -53.70 22.32 -15.11
CA PRO B 174 -54.03 23.72 -15.37
C PRO B 174 -54.29 24.51 -14.08
N PHE B 175 -53.88 25.76 -14.08
CA PHE B 175 -53.99 26.71 -12.97
C PHE B 175 -54.35 28.13 -13.48
N LEU B 176 -54.74 29.01 -12.56
CA LEU B 176 -55.04 30.42 -12.85
C LEU B 176 -54.37 31.36 -11.84
N MET B 177 -53.05 31.55 -12.01
CA MET B 177 -52.29 32.60 -11.33
C MET B 177 -52.61 33.99 -11.94
N ASP B 178 -52.20 35.07 -11.29
CA ASP B 178 -52.47 36.44 -11.74
C ASP B 178 -51.46 36.98 -12.77
N LEU B 179 -51.98 37.57 -13.85
CA LEU B 179 -51.25 38.45 -14.78
C LEU B 179 -51.41 39.95 -14.43
N GLU B 180 -52.00 40.27 -13.28
CA GLU B 180 -52.39 41.63 -12.88
C GLU B 180 -51.19 42.60 -12.78
N GLY B 181 -51.28 43.75 -13.44
CA GLY B 181 -50.30 44.83 -13.36
C GLY B 181 -50.31 45.58 -12.03
N LYS B 182 -49.71 44.97 -11.00
CA LYS B 182 -49.61 45.63 -9.68
C LYS B 182 -48.49 46.68 -9.75
N GLN B 183 -48.36 47.53 -8.73
CA GLN B 183 -47.34 48.62 -8.77
C GLN B 183 -46.49 48.59 -7.49
N GLY B 184 -45.40 49.35 -7.46
CA GLY B 184 -44.52 49.41 -6.28
C GLY B 184 -43.15 48.83 -6.57
N ASN B 185 -42.43 48.38 -5.54
CA ASN B 185 -41.12 47.76 -5.72
C ASN B 185 -41.23 46.24 -6.01
N PHE B 186 -40.12 45.49 -5.96
CA PHE B 186 -40.15 44.03 -6.10
C PHE B 186 -40.53 43.34 -4.79
N LYS B 187 -41.33 42.27 -4.90
CA LYS B 187 -41.89 41.50 -3.77
C LYS B 187 -41.58 40.00 -3.81
N ASN B 188 -41.22 39.46 -4.98
CA ASN B 188 -40.67 38.11 -5.12
C ASN B 188 -39.19 38.16 -5.52
N LEU B 189 -38.37 37.35 -4.83
CA LEU B 189 -36.96 37.17 -5.27
C LEU B 189 -36.86 35.71 -5.75
N ARG B 190 -37.01 35.46 -7.05
CA ARG B 190 -37.02 34.06 -7.57
C ARG B 190 -35.58 33.61 -7.85
N GLU B 191 -35.30 32.31 -7.73
CA GLU B 191 -33.91 31.81 -7.90
C GLU B 191 -33.90 30.46 -8.64
N PHE B 192 -32.88 30.23 -9.48
CA PHE B 192 -32.72 28.97 -10.20
C PHE B 192 -31.25 28.62 -10.40
N VAL B 193 -30.95 27.32 -10.45
CA VAL B 193 -29.71 26.80 -11.02
C VAL B 193 -30.06 25.76 -12.06
N PHE B 194 -29.43 25.85 -13.22
CA PHE B 194 -29.57 24.92 -14.33
C PHE B 194 -28.23 24.23 -14.56
N LYS B 195 -28.21 22.90 -14.53
CA LYS B 195 -27.01 22.08 -14.82
C LYS B 195 -27.34 21.02 -15.85
N ASN B 196 -26.35 20.56 -16.62
CA ASN B 196 -26.55 19.53 -17.64
C ASN B 196 -25.41 18.49 -17.60
N ILE B 197 -25.64 17.37 -16.93
CA ILE B 197 -24.62 16.35 -16.59
C ILE B 197 -25.01 14.99 -17.18
N ASP B 198 -24.19 14.41 -18.07
CA ASP B 198 -24.36 13.05 -18.60
C ASP B 198 -25.75 12.77 -19.19
N GLY B 199 -26.33 13.78 -19.84
CA GLY B 199 -27.66 13.79 -20.45
C GLY B 199 -28.80 14.26 -19.55
N TYR B 200 -28.58 14.43 -18.25
CA TYR B 200 -29.59 14.90 -17.29
C TYR B 200 -29.54 16.43 -17.13
N PHE B 201 -30.61 17.11 -17.54
CA PHE B 201 -30.82 18.54 -17.28
C PHE B 201 -31.53 18.72 -15.94
N LYS B 202 -30.81 19.24 -14.93
CA LYS B 202 -31.26 19.35 -13.54
C LYS B 202 -31.63 20.80 -13.20
N ILE B 203 -32.81 21.00 -12.63
CA ILE B 203 -33.26 22.32 -12.13
C ILE B 203 -33.25 22.31 -10.61
N TYR B 204 -32.64 23.32 -10.00
CA TYR B 204 -32.77 23.65 -8.57
C TYR B 204 -33.42 25.03 -8.47
N SER B 205 -34.18 25.31 -7.43
CA SER B 205 -34.84 26.61 -7.30
C SER B 205 -35.19 26.98 -5.86
N LYS B 206 -35.47 28.26 -5.62
CA LYS B 206 -36.04 28.78 -4.37
C LYS B 206 -36.90 30.01 -4.64
N HIS B 207 -37.86 30.28 -3.76
CA HIS B 207 -38.59 31.54 -3.67
C HIS B 207 -38.38 32.16 -2.28
N THR B 208 -38.38 33.50 -2.20
CA THR B 208 -38.49 34.21 -0.92
C THR B 208 -39.20 35.55 -1.10
N PRO B 209 -40.02 35.99 -0.13
CA PRO B 209 -40.57 37.33 -0.12
C PRO B 209 -39.47 38.36 0.16
N ILE B 210 -39.60 39.53 -0.47
CA ILE B 210 -38.66 40.65 -0.42
C ILE B 210 -39.44 41.98 -0.36
N ASN B 211 -38.73 43.08 -0.11
CA ASN B 211 -39.27 44.44 -0.15
C ASN B 211 -38.21 45.39 -0.72
N LEU B 212 -37.81 45.14 -1.98
CA LEU B 212 -36.52 45.56 -2.53
C LEU B 212 -36.70 46.38 -3.82
N VAL B 213 -36.09 47.57 -3.89
CA VAL B 213 -36.34 48.55 -4.97
C VAL B 213 -35.73 48.22 -6.35
N ARG B 214 -34.41 48.09 -6.43
CA ARG B 214 -33.73 47.84 -7.70
C ARG B 214 -32.32 47.24 -7.58
N ASP B 215 -32.25 46.05 -6.99
CA ASP B 215 -30.99 45.31 -6.81
C ASP B 215 -31.24 43.81 -6.54
N LEU B 216 -30.18 42.98 -6.58
CA LEU B 216 -30.16 41.61 -6.06
C LEU B 216 -29.85 41.66 -4.55
N PRO B 217 -30.69 41.10 -3.65
CA PRO B 217 -30.56 41.33 -2.21
C PRO B 217 -29.45 40.49 -1.56
N GLN B 218 -28.74 41.14 -0.63
CA GLN B 218 -27.69 40.43 0.14
C GLN B 218 -28.36 39.46 1.12
N GLY B 219 -27.93 38.21 1.12
CA GLY B 219 -28.44 37.15 1.98
C GLY B 219 -27.98 35.77 1.56
N PHE B 220 -28.47 34.74 2.25
CA PHE B 220 -28.13 33.34 2.00
C PHE B 220 -29.37 32.47 1.85
N SER B 221 -29.36 31.59 0.85
CA SER B 221 -30.46 30.71 0.44
C SER B 221 -29.91 29.37 -0.03
N ALA B 222 -30.65 28.28 0.18
CA ALA B 222 -30.31 26.95 -0.33
C ALA B 222 -31.37 26.49 -1.35
N LEU B 223 -30.99 26.26 -2.60
CA LEU B 223 -31.93 25.87 -3.66
C LEU B 223 -32.20 24.36 -3.65
N GLU B 224 -33.45 23.96 -3.40
CA GLU B 224 -33.88 22.56 -3.49
C GLU B 224 -34.08 22.14 -4.96
N PRO B 225 -33.74 20.89 -5.36
CA PRO B 225 -34.02 20.38 -6.70
C PRO B 225 -35.54 20.25 -6.94
N LEU B 226 -36.03 20.73 -8.09
CA LEU B 226 -37.46 20.67 -8.45
C LEU B 226 -37.80 19.66 -9.55
N VAL B 227 -36.93 19.47 -10.54
CA VAL B 227 -37.11 18.46 -11.59
C VAL B 227 -35.78 18.03 -12.18
N ASP B 228 -35.74 16.85 -12.76
CA ASP B 228 -34.61 16.33 -13.53
C ASP B 228 -35.13 15.69 -14.84
N LEU B 229 -34.52 16.03 -15.98
CA LEU B 229 -35.00 15.66 -17.31
C LEU B 229 -33.88 14.89 -18.09
N PRO B 230 -34.09 13.61 -18.47
CA PRO B 230 -33.09 12.77 -19.15
C PRO B 230 -32.99 13.06 -20.67
N ILE B 231 -32.93 14.33 -21.05
CA ILE B 231 -33.11 14.79 -22.43
C ILE B 231 -31.95 14.45 -23.38
N GLY B 232 -30.74 14.22 -22.86
CA GLY B 232 -29.56 13.84 -23.65
C GLY B 232 -28.97 14.92 -24.59
N ILE B 233 -29.72 15.97 -24.93
CA ILE B 233 -29.30 17.01 -25.89
C ILE B 233 -28.07 17.78 -25.39
N ASN B 234 -27.19 18.18 -26.32
CA ASN B 234 -26.17 19.18 -26.02
C ASN B 234 -26.84 20.56 -25.87
N ILE B 235 -26.36 21.35 -24.91
CA ILE B 235 -26.71 22.77 -24.75
C ILE B 235 -25.40 23.58 -24.72
N THR B 236 -25.47 24.80 -25.25
CA THR B 236 -24.36 25.77 -25.26
C THR B 236 -24.87 27.22 -25.17
N ARG B 237 -26.16 27.43 -25.47
CA ARG B 237 -26.74 28.80 -25.46
C ARG B 237 -28.07 28.78 -24.71
N PHE B 238 -28.49 29.93 -24.16
CA PHE B 238 -29.80 30.01 -23.45
C PHE B 238 -30.35 31.45 -23.50
N GLN B 239 -31.63 31.61 -23.15
CA GLN B 239 -32.29 32.95 -23.21
C GLN B 239 -33.52 32.95 -22.30
N THR B 240 -34.09 34.12 -22.01
CA THR B 240 -35.29 34.22 -21.16
C THR B 240 -36.46 34.83 -21.93
N LEU B 241 -37.66 34.33 -21.67
CA LEU B 241 -38.92 34.71 -22.33
C LEU B 241 -39.77 35.55 -21.38
N LEU B 242 -40.18 36.73 -21.82
CA LEU B 242 -40.84 37.73 -20.97
C LEU B 242 -42.24 38.09 -21.49
N ALA B 243 -43.12 38.50 -20.59
CA ALA B 243 -44.40 39.11 -20.95
C ALA B 243 -44.21 40.58 -21.34
N LEU B 244 -44.60 40.94 -22.56
CA LEU B 244 -44.52 42.30 -23.12
C LEU B 244 -45.42 43.30 -22.38
N SER B 254 -49.05 49.33 -33.27
CA SER B 254 -49.86 48.13 -32.97
C SER B 254 -49.00 46.90 -32.66
N SER B 255 -48.04 46.59 -33.53
CA SER B 255 -47.05 45.51 -33.35
C SER B 255 -45.77 45.99 -32.62
N SER B 256 -45.44 47.28 -32.76
CA SER B 256 -44.33 47.97 -32.08
C SER B 256 -44.84 49.25 -31.42
N GLY B 257 -44.18 49.69 -30.33
CA GLY B 257 -44.74 50.65 -29.38
C GLY B 257 -45.65 49.97 -28.36
N TRP B 258 -45.13 49.76 -27.15
CA TRP B 258 -45.70 48.91 -26.09
C TRP B 258 -45.10 49.27 -24.72
N THR B 259 -45.72 48.81 -23.62
CA THR B 259 -45.21 49.01 -22.26
C THR B 259 -44.62 47.71 -21.71
N ALA B 260 -43.37 47.75 -21.26
CA ALA B 260 -42.70 46.65 -20.56
C ALA B 260 -42.88 46.79 -19.04
N GLY B 261 -43.41 45.74 -18.39
CA GLY B 261 -43.60 45.71 -16.94
C GLY B 261 -42.26 45.75 -16.18
N ALA B 262 -42.25 46.43 -15.03
CA ALA B 262 -41.04 46.58 -14.21
C ALA B 262 -40.60 45.24 -13.58
N ALA B 263 -39.45 44.72 -14.01
CA ALA B 263 -38.81 43.54 -13.46
C ALA B 263 -37.29 43.58 -13.71
N ALA B 264 -36.51 42.90 -12.87
CA ALA B 264 -35.07 42.78 -13.04
C ALA B 264 -34.63 41.33 -12.89
N TYR B 265 -33.67 40.91 -13.72
CA TYR B 265 -33.11 39.56 -13.66
C TYR B 265 -31.60 39.54 -13.87
N TYR B 266 -30.99 38.45 -13.42
CA TYR B 266 -29.57 38.36 -13.14
C TYR B 266 -29.04 37.01 -13.61
N VAL B 267 -27.81 36.95 -14.14
CA VAL B 267 -27.22 35.71 -14.64
C VAL B 267 -25.76 35.57 -14.21
N GLY B 268 -25.38 34.41 -13.69
CA GLY B 268 -24.01 34.07 -13.34
C GLY B 268 -23.66 32.66 -13.79
N TYR B 269 -22.40 32.40 -14.08
CA TYR B 269 -21.97 31.12 -14.67
C TYR B 269 -21.25 30.29 -13.62
N LEU B 270 -21.76 29.08 -13.38
CA LEU B 270 -21.24 28.17 -12.36
C LEU B 270 -19.80 27.76 -12.70
N GLN B 271 -18.99 27.51 -11.67
CA GLN B 271 -17.57 27.14 -11.79
C GLN B 271 -17.24 26.01 -10.83
N PRO B 272 -16.24 25.17 -11.10
CA PRO B 272 -15.88 24.08 -10.20
C PRO B 272 -15.22 24.65 -8.94
N ARG B 273 -15.94 24.52 -7.82
CA ARG B 273 -15.50 25.07 -6.54
C ARG B 273 -15.74 24.22 -5.31
N THR B 274 -14.71 24.01 -4.50
CA THR B 274 -14.93 23.39 -3.18
C THR B 274 -15.72 24.35 -2.29
N PHE B 275 -16.82 23.87 -1.71
CA PHE B 275 -17.64 24.59 -0.73
C PHE B 275 -17.71 23.78 0.56
N LEU B 276 -17.75 24.46 1.71
CA LEU B 276 -18.04 23.87 3.01
C LEU B 276 -19.43 24.31 3.45
N LEU B 277 -20.32 23.35 3.74
CA LEU B 277 -21.76 23.56 3.94
C LEU B 277 -22.19 23.23 5.36
N LYS B 278 -22.76 24.19 6.08
CA LYS B 278 -23.35 23.99 7.41
C LYS B 278 -24.76 23.44 7.25
N TYR B 279 -24.94 22.14 7.43
CA TYR B 279 -26.27 21.54 7.64
C TYR B 279 -26.68 21.70 9.10
N ASN B 280 -27.84 22.28 9.39
CA ASN B 280 -28.33 22.37 10.77
C ASN B 280 -28.93 21.04 11.28
N GLU B 281 -29.59 21.10 12.44
CA GLU B 281 -30.27 19.89 12.97
C GLU B 281 -31.45 19.50 12.08
N ASN B 282 -32.04 20.47 11.36
CA ASN B 282 -33.26 20.18 10.56
C ASN B 282 -32.87 19.67 9.16
N GLY B 283 -31.57 19.57 8.85
CA GLY B 283 -31.11 19.00 7.56
C GLY B 283 -31.12 20.02 6.44
N THR B 284 -31.20 21.31 6.77
CA THR B 284 -31.23 22.39 5.77
C THR B 284 -29.90 23.16 5.80
N ILE B 285 -29.34 23.42 4.62
CA ILE B 285 -28.09 24.16 4.49
C ILE B 285 -28.31 25.59 4.97
N THR B 286 -27.66 25.92 6.07
CA THR B 286 -27.90 27.13 6.88
C THR B 286 -26.88 28.22 6.64
N ASP B 287 -25.65 27.85 6.26
CA ASP B 287 -24.57 28.76 5.88
C ASP B 287 -23.56 28.00 5.01
N ALA B 288 -22.72 28.71 4.26
CA ALA B 288 -21.71 28.11 3.38
C ALA B 288 -20.43 28.95 3.31
N VAL B 289 -19.33 28.28 2.97
CA VAL B 289 -17.99 28.95 2.83
C VAL B 289 -17.35 28.56 1.51
N ASP B 290 -17.12 29.51 0.61
CA ASP B 290 -16.44 29.31 -0.68
C ASP B 290 -14.93 29.19 -0.45
N CYS B 291 -14.39 27.98 -0.50
CA CYS B 291 -13.03 27.66 -0.03
C CYS B 291 -11.86 28.21 -0.86
N ALA B 292 -12.10 29.22 -1.71
CA ALA B 292 -11.08 29.90 -2.51
C ALA B 292 -11.33 31.41 -2.61
N LEU B 293 -12.30 31.90 -1.84
CA LEU B 293 -12.63 33.36 -1.87
C LEU B 293 -11.45 34.15 -1.29
N ASP B 294 -11.03 33.81 -0.07
CA ASP B 294 -9.90 34.54 0.58
C ASP B 294 -9.17 33.60 1.53
N PRO B 295 -7.91 33.90 1.95
CA PRO B 295 -7.17 33.08 2.90
C PRO B 295 -8.08 32.60 4.05
N LEU B 296 -8.83 33.53 4.66
CA LEU B 296 -9.65 33.13 5.79
C LEU B 296 -10.59 31.98 5.43
N SER B 297 -11.25 32.03 4.27
CA SER B 297 -12.13 30.95 3.81
C SER B 297 -11.35 29.65 3.57
N GLU B 298 -10.07 29.72 3.18
CA GLU B 298 -9.22 28.54 3.17
C GLU B 298 -8.94 27.99 4.56
N THR B 299 -8.71 28.80 5.59
CA THR B 299 -8.55 28.24 6.96
C THR B 299 -9.85 27.65 7.49
N LYS B 300 -11.01 28.27 7.26
CA LYS B 300 -12.32 27.69 7.63
C LYS B 300 -12.54 26.35 6.94
N CYS B 301 -12.24 26.28 5.65
CA CYS B 301 -12.35 25.04 4.89
C CYS B 301 -11.35 23.96 5.32
N THR B 302 -10.10 24.32 5.55
CA THR B 302 -9.01 23.42 5.98
C THR B 302 -9.27 22.85 7.37
N LEU B 303 -9.79 23.66 8.30
CA LEU B 303 -10.18 23.24 9.65
C LEU B 303 -11.56 22.61 9.73
N LYS B 304 -12.32 22.58 8.62
CA LYS B 304 -13.73 22.12 8.55
C LYS B 304 -14.62 22.82 9.58
N SER B 305 -14.39 24.11 9.81
CA SER B 305 -15.20 24.87 10.78
C SER B 305 -15.24 26.37 10.49
N PHE B 306 -16.43 26.95 10.54
CA PHE B 306 -16.59 28.40 10.25
C PHE B 306 -15.83 29.22 11.30
N THR B 307 -16.02 28.90 12.59
CA THR B 307 -15.39 29.66 13.66
C THR B 307 -13.92 29.28 13.68
N VAL B 308 -13.03 30.25 13.88
CA VAL B 308 -11.61 29.91 13.86
C VAL B 308 -10.96 30.41 15.15
N GLU B 309 -10.24 29.55 15.87
CA GLU B 309 -9.46 29.96 17.03
C GLU B 309 -8.22 30.77 16.65
N LYS B 310 -7.67 31.55 17.59
CA LYS B 310 -6.35 32.21 17.42
C LYS B 310 -5.28 31.19 17.02
N GLY B 311 -4.48 31.51 16.02
CA GLY B 311 -3.37 30.65 15.61
C GLY B 311 -2.81 30.98 14.23
N ILE B 312 -1.92 30.12 13.75
CA ILE B 312 -1.38 30.11 12.40
C ILE B 312 -1.70 28.76 11.73
N TYR B 313 -2.42 28.78 10.61
CA TYR B 313 -3.03 27.59 10.01
C TYR B 313 -2.48 27.29 8.61
N GLN B 314 -1.96 26.09 8.39
CA GLN B 314 -1.58 25.60 7.06
C GLN B 314 -2.81 25.49 6.15
N THR B 315 -2.66 25.97 4.92
CA THR B 315 -3.67 25.95 3.84
C THR B 315 -3.00 25.52 2.52
N SER B 316 -3.73 25.55 1.39
CA SER B 316 -3.24 25.09 0.07
C SER B 316 -1.88 25.68 -0.32
N ASN B 317 -1.01 24.89 -0.95
CA ASN B 317 0.30 25.37 -1.41
C ASN B 317 0.20 26.50 -2.44
N PHE B 318 1.06 27.50 -2.29
CA PHE B 318 1.35 28.52 -3.29
C PHE B 318 2.24 27.92 -4.37
N ARG B 319 2.00 28.30 -5.63
CA ARG B 319 2.73 27.79 -6.79
C ARG B 319 2.63 28.81 -7.92
N VAL B 320 3.75 29.40 -8.34
CA VAL B 320 3.79 30.35 -9.46
C VAL B 320 3.42 29.64 -10.77
N GLN B 321 2.43 30.17 -11.48
CA GLN B 321 1.95 29.58 -12.73
C GLN B 321 2.83 29.99 -13.94
N PRO B 322 2.96 29.14 -14.97
CA PRO B 322 3.68 29.48 -16.18
C PRO B 322 3.02 30.62 -16.94
N THR B 323 3.82 31.62 -17.29
CA THR B 323 3.33 32.85 -17.93
C THR B 323 2.98 32.61 -19.40
N GLU B 324 3.82 31.88 -20.13
CA GLU B 324 3.61 31.49 -21.53
C GLU B 324 4.14 30.09 -21.83
N SER B 325 3.72 29.51 -22.95
CA SER B 325 4.22 28.24 -23.47
C SER B 325 5.20 28.47 -24.61
N ILE B 326 6.35 27.79 -24.55
CA ILE B 326 7.40 27.84 -25.57
C ILE B 326 7.67 26.44 -26.14
N VAL B 327 8.11 26.39 -27.40
CA VAL B 327 8.49 25.16 -28.09
C VAL B 327 9.85 25.39 -28.74
N ARG B 328 10.77 24.45 -28.60
CA ARG B 328 12.10 24.50 -29.20
C ARG B 328 12.40 23.15 -29.81
N PHE B 329 12.34 23.10 -31.13
CA PHE B 329 12.62 21.95 -31.99
C PHE B 329 13.75 22.34 -32.96
N PRO B 330 14.48 21.38 -33.52
CA PRO B 330 15.59 21.73 -34.43
C PRO B 330 15.15 22.53 -35.67
N ASN B 331 16.00 23.42 -36.19
CA ASN B 331 15.64 24.18 -37.39
C ASN B 331 15.73 23.36 -38.70
N ILE B 332 15.28 22.10 -38.64
CA ILE B 332 15.14 21.18 -39.78
C ILE B 332 13.92 21.58 -40.63
N THR B 333 14.03 21.57 -41.96
CA THR B 333 12.96 22.03 -42.87
C THR B 333 12.40 20.95 -43.79
N ASN B 334 13.24 20.06 -44.32
CA ASN B 334 12.87 19.06 -45.31
C ASN B 334 12.02 17.92 -44.74
N LEU B 335 10.98 17.48 -45.46
CA LEU B 335 10.09 16.41 -45.03
C LEU B 335 10.79 15.04 -45.15
N CYS B 336 10.48 14.09 -44.27
CA CYS B 336 11.09 12.77 -44.32
C CYS B 336 10.64 11.95 -45.55
N PRO B 337 11.48 11.05 -46.09
CA PRO B 337 11.17 10.28 -47.30
C PRO B 337 10.21 9.11 -47.08
N PHE B 338 9.15 9.35 -46.31
CA PHE B 338 8.15 8.28 -46.04
C PHE B 338 7.69 7.67 -47.38
N GLY B 339 7.73 8.47 -48.45
CA GLY B 339 7.32 7.97 -49.78
C GLY B 339 8.20 6.82 -50.21
N GLU B 340 9.51 6.93 -50.01
CA GLU B 340 10.45 5.85 -50.41
C GLU B 340 10.26 4.64 -49.49
N VAL B 341 9.36 4.74 -48.50
CA VAL B 341 9.21 3.63 -47.55
C VAL B 341 7.88 2.91 -47.77
N PHE B 342 6.80 3.65 -47.96
CA PHE B 342 5.48 2.99 -48.05
C PHE B 342 5.12 2.66 -49.51
N ASN B 343 5.72 3.36 -50.48
CA ASN B 343 5.33 3.14 -51.90
C ASN B 343 6.52 2.62 -52.72
N ALA B 344 7.42 1.84 -52.11
CA ALA B 344 8.55 1.25 -52.86
C ALA B 344 8.01 0.11 -53.74
N THR B 345 8.21 0.18 -55.06
CA THR B 345 7.62 -0.86 -55.92
C THR B 345 7.84 -2.28 -55.37
N ARG B 346 9.05 -2.55 -54.85
CA ARG B 346 9.52 -3.90 -54.50
C ARG B 346 9.98 -3.94 -53.06
N PHE B 347 9.13 -4.45 -52.17
CA PHE B 347 9.52 -4.69 -50.77
C PHE B 347 10.49 -5.88 -50.67
N ALA B 348 11.22 -5.96 -49.56
CA ALA B 348 12.12 -7.07 -49.30
C ALA B 348 11.37 -8.35 -48.93
N SER B 349 12.00 -9.50 -49.16
CA SER B 349 11.56 -10.78 -48.62
C SER B 349 11.85 -10.84 -47.12
N VAL B 350 10.99 -11.49 -46.32
CA VAL B 350 11.06 -11.34 -44.86
C VAL B 350 12.33 -11.95 -44.23
N TYR B 351 12.93 -12.98 -44.83
CA TYR B 351 14.22 -13.49 -44.35
C TYR B 351 15.36 -12.46 -44.47
N ALA B 352 15.23 -11.48 -45.37
CA ALA B 352 16.25 -10.49 -45.70
C ALA B 352 15.67 -9.06 -45.61
N TRP B 353 14.83 -8.81 -44.61
CA TRP B 353 14.15 -7.54 -44.37
C TRP B 353 15.09 -6.34 -44.44
N ASN B 354 14.76 -5.35 -45.29
CA ASN B 354 15.56 -4.15 -45.50
C ASN B 354 15.36 -3.16 -44.33
N ARG B 355 16.44 -2.54 -43.83
CA ARG B 355 16.39 -1.45 -42.83
C ARG B 355 16.83 -0.13 -43.46
N LYS B 356 15.96 0.89 -43.43
CA LYS B 356 16.26 2.24 -43.92
C LYS B 356 16.43 3.22 -42.75
N ARG B 357 17.46 4.05 -42.83
CA ARG B 357 17.74 5.04 -41.81
C ARG B 357 17.08 6.38 -42.12
N ILE B 358 16.26 6.85 -41.21
CA ILE B 358 15.54 8.13 -41.32
C ILE B 358 16.23 9.16 -40.41
N SER B 359 16.64 10.29 -40.95
CA SER B 359 17.44 11.30 -40.24
C SER B 359 17.36 12.67 -40.90
N ASN B 360 17.66 13.73 -40.13
CA ASN B 360 17.74 15.12 -40.59
C ASN B 360 16.52 15.57 -41.39
N CYS B 361 15.31 15.30 -40.89
CA CYS B 361 14.05 15.57 -41.58
C CYS B 361 12.85 15.73 -40.63
N VAL B 362 11.77 16.35 -41.13
CA VAL B 362 10.50 16.53 -40.41
C VAL B 362 9.56 15.37 -40.72
N ALA B 363 9.14 14.65 -39.68
CA ALA B 363 8.28 13.48 -39.76
C ALA B 363 6.85 13.80 -39.32
N ASP B 364 5.99 14.22 -40.25
CA ASP B 364 4.54 14.28 -39.98
C ASP B 364 3.91 12.88 -40.07
N TYR B 365 3.65 12.25 -38.92
CA TYR B 365 3.01 10.93 -38.83
C TYR B 365 1.49 10.99 -38.94
N SER B 366 0.87 12.17 -38.85
CA SER B 366 -0.59 12.28 -38.81
C SER B 366 -1.23 11.80 -40.11
N VAL B 367 -0.56 12.02 -41.24
CA VAL B 367 -0.99 11.51 -42.55
C VAL B 367 -0.98 9.98 -42.61
N LEU B 368 0.00 9.34 -41.96
CA LEU B 368 0.09 7.88 -41.90
C LEU B 368 -1.04 7.33 -41.03
N TYR B 369 -1.23 7.88 -39.82
CA TYR B 369 -2.24 7.37 -38.89
C TYR B 369 -3.67 7.61 -39.38
N ASN B 370 -3.95 8.77 -39.99
CA ASN B 370 -5.27 9.10 -40.52
C ASN B 370 -5.65 8.26 -41.76
N SER B 371 -4.67 7.79 -42.56
CA SER B 371 -4.93 6.98 -43.75
C SER B 371 -5.46 5.59 -43.40
N ALA B 372 -6.74 5.35 -43.72
CA ALA B 372 -7.44 4.09 -43.47
C ALA B 372 -6.96 2.90 -44.34
N SER B 373 -5.93 3.09 -45.17
CA SER B 373 -5.26 2.03 -45.91
C SER B 373 -4.57 1.00 -44.99
N PHE B 374 -4.00 1.45 -43.87
CA PHE B 374 -3.30 0.58 -42.92
C PHE B 374 -4.27 -0.26 -42.08
N SER B 375 -4.17 -1.58 -42.21
CA SER B 375 -4.98 -2.55 -41.45
C SER B 375 -4.47 -2.71 -40.01
N THR B 376 -3.16 -2.55 -39.82
CA THR B 376 -2.50 -2.52 -38.51
C THR B 376 -1.71 -1.22 -38.36
N PHE B 377 -1.78 -0.61 -37.17
CA PHE B 377 -1.01 0.55 -36.78
C PHE B 377 -0.88 0.55 -35.25
N LYS B 378 -0.02 -0.33 -34.72
CA LYS B 378 0.12 -0.58 -33.28
C LYS B 378 1.43 -0.02 -32.77
N CYS B 379 1.37 0.90 -31.81
CA CYS B 379 2.54 1.55 -31.22
C CYS B 379 2.81 1.06 -29.80
N TYR B 380 4.08 0.83 -29.48
CA TYR B 380 4.49 0.03 -28.32
C TYR B 380 5.19 0.79 -27.16
N GLY B 381 5.42 2.08 -27.37
CA GLY B 381 6.02 2.93 -26.33
C GLY B 381 5.60 4.37 -26.54
N VAL B 382 4.64 4.59 -27.43
CA VAL B 382 4.17 5.97 -27.76
C VAL B 382 2.75 5.87 -28.34
N SER B 383 1.92 6.90 -28.19
CA SER B 383 0.58 6.91 -28.84
C SER B 383 0.74 7.40 -30.27
N PRO B 384 0.02 6.84 -31.27
CA PRO B 384 0.23 7.22 -32.67
C PRO B 384 -0.02 8.71 -32.94
N THR B 385 -0.95 9.32 -32.21
CA THR B 385 -1.26 10.76 -32.41
C THR B 385 -0.13 11.62 -31.83
N LYS B 386 0.42 11.21 -30.69
CA LYS B 386 1.46 12.01 -29.99
C LYS B 386 2.76 12.04 -30.81
N LEU B 387 2.84 11.21 -31.86
CA LEU B 387 4.05 11.14 -32.70
C LEU B 387 4.45 12.48 -33.33
N ASN B 388 3.50 13.37 -33.57
CA ASN B 388 3.77 14.72 -34.09
C ASN B 388 4.28 15.72 -33.03
N ASP B 389 4.05 15.40 -31.75
CA ASP B 389 4.50 16.29 -30.65
C ASP B 389 5.67 15.61 -29.96
N LEU B 390 6.68 15.20 -30.72
CA LEU B 390 7.78 14.42 -30.13
C LEU B 390 8.97 14.37 -31.10
N CYS B 391 10.20 14.29 -30.57
CA CYS B 391 11.36 14.11 -31.49
C CYS B 391 11.92 12.70 -31.28
N PHE B 392 12.91 12.29 -32.07
CA PHE B 392 13.45 10.95 -32.07
C PHE B 392 14.97 10.98 -32.30
N THR B 393 15.73 10.21 -31.51
CA THR B 393 17.21 10.24 -31.51
C THR B 393 17.78 9.69 -32.82
N ASN B 394 17.28 8.51 -33.19
CA ASN B 394 17.45 7.86 -34.48
C ASN B 394 16.11 7.22 -34.82
N VAL B 395 15.82 7.12 -36.12
CA VAL B 395 14.61 6.46 -36.63
C VAL B 395 15.03 5.47 -37.70
N TYR B 396 14.43 4.28 -37.66
CA TYR B 396 14.59 3.27 -38.71
C TYR B 396 13.22 2.81 -39.19
N ALA B 397 13.14 2.45 -40.47
CA ALA B 397 12.02 1.72 -41.05
C ALA B 397 12.50 0.35 -41.51
N ASP B 398 11.93 -0.73 -40.98
CA ASP B 398 12.20 -2.09 -41.44
C ASP B 398 11.06 -2.50 -42.37
N SER B 399 11.33 -2.79 -43.64
CA SER B 399 10.30 -3.14 -44.64
C SER B 399 10.41 -4.59 -45.14
N PHE B 400 9.28 -5.30 -45.19
CA PHE B 400 9.19 -6.67 -45.69
C PHE B 400 7.73 -7.10 -46.01
N VAL B 401 7.58 -8.21 -46.74
CA VAL B 401 6.28 -8.86 -47.06
C VAL B 401 6.11 -10.23 -46.41
N ILE B 402 4.93 -10.46 -45.82
CA ILE B 402 4.61 -11.78 -45.19
C ILE B 402 3.20 -12.16 -45.61
N ARG B 403 2.56 -13.09 -44.89
CA ARG B 403 1.14 -13.44 -45.19
C ARG B 403 0.27 -12.92 -44.05
N GLY B 404 -1.00 -12.62 -44.34
CA GLY B 404 -1.90 -12.05 -43.31
C GLY B 404 -1.87 -12.84 -42.02
N ASP B 405 -1.70 -14.16 -42.10
CA ASP B 405 -1.74 -14.99 -40.88
C ASP B 405 -0.52 -14.85 -39.96
N GLU B 406 0.61 -14.40 -40.50
CA GLU B 406 1.86 -14.24 -39.75
C GLU B 406 2.04 -12.82 -39.19
N VAL B 407 1.16 -11.86 -39.55
CA VAL B 407 1.22 -10.47 -39.07
C VAL B 407 1.15 -10.36 -37.55
N ARG B 408 0.54 -11.35 -36.89
CA ARG B 408 0.50 -11.35 -35.44
C ARG B 408 1.89 -11.61 -34.81
N GLN B 409 2.78 -12.29 -35.54
CA GLN B 409 4.14 -12.61 -35.09
C GLN B 409 5.09 -11.40 -35.11
N ILE B 410 4.72 -10.31 -35.78
CA ILE B 410 5.56 -9.09 -35.83
C ILE B 410 5.45 -8.28 -34.53
N ALA B 411 4.44 -8.52 -33.68
CA ALA B 411 4.41 -7.94 -32.33
C ALA B 411 5.59 -8.41 -31.45
N PRO B 412 6.03 -7.62 -30.45
CA PRO B 412 7.13 -7.99 -29.56
C PRO B 412 6.78 -9.11 -28.59
N GLY B 413 7.77 -9.93 -28.23
CA GLY B 413 7.60 -11.06 -27.30
C GLY B 413 6.95 -12.32 -27.88
N GLN B 414 6.68 -12.36 -29.19
CA GLN B 414 5.97 -13.46 -29.85
C GLN B 414 6.83 -14.71 -30.11
N THR B 415 6.17 -15.76 -30.61
CA THR B 415 6.73 -17.05 -31.02
C THR B 415 6.03 -17.56 -32.30
N GLY B 416 6.64 -18.49 -33.02
CA GLY B 416 6.25 -18.92 -34.36
C GLY B 416 7.35 -18.65 -35.40
N LYS B 417 7.30 -19.28 -36.57
CA LYS B 417 8.44 -19.40 -37.49
C LYS B 417 8.92 -18.09 -38.12
N ILE B 418 8.10 -17.03 -38.17
CA ILE B 418 8.57 -15.68 -38.52
C ILE B 418 9.28 -15.03 -37.34
N ALA B 419 8.67 -15.02 -36.16
CA ALA B 419 9.31 -14.50 -34.95
C ALA B 419 10.60 -15.26 -34.56
N ASP B 420 10.70 -16.54 -34.93
CA ASP B 420 11.88 -17.33 -34.48
C ASP B 420 12.94 -17.46 -35.56
N TYR B 421 12.56 -17.48 -36.85
CA TYR B 421 13.58 -17.76 -37.90
C TYR B 421 13.80 -16.57 -38.84
N ASN B 422 13.10 -15.45 -38.66
CA ASN B 422 13.25 -14.35 -39.65
C ASN B 422 13.34 -12.97 -38.98
N TYR B 423 12.25 -12.46 -38.41
CA TYR B 423 12.22 -11.12 -37.87
C TYR B 423 11.68 -11.08 -36.44
N LYS B 424 12.58 -10.88 -35.47
CA LYS B 424 12.27 -10.80 -34.03
C LYS B 424 12.32 -9.35 -33.56
N LEU B 425 11.25 -8.85 -32.93
CA LEU B 425 11.27 -7.60 -32.17
C LEU B 425 11.75 -7.81 -30.73
N PRO B 426 12.45 -6.84 -30.12
CA PRO B 426 12.88 -6.95 -28.74
C PRO B 426 11.69 -6.91 -27.78
N ASP B 427 11.79 -7.60 -26.64
CA ASP B 427 10.68 -7.66 -25.69
C ASP B 427 10.33 -6.28 -25.08
N ASP B 428 11.27 -5.34 -25.10
CA ASP B 428 11.13 -3.94 -24.71
C ASP B 428 10.94 -2.99 -25.93
N PHE B 429 10.42 -3.47 -27.06
CA PHE B 429 10.26 -2.69 -28.29
C PHE B 429 9.55 -1.33 -28.08
N THR B 430 10.08 -0.28 -28.69
CA THR B 430 9.46 1.04 -28.81
C THR B 430 9.54 1.53 -30.24
N GLY B 431 8.40 1.99 -30.78
CA GLY B 431 8.16 2.11 -32.21
C GLY B 431 6.71 1.82 -32.54
N CYS B 432 6.38 1.77 -33.83
CA CYS B 432 5.06 1.39 -34.34
C CYS B 432 5.18 0.34 -35.45
N VAL B 433 4.36 -0.70 -35.37
CA VAL B 433 4.18 -1.71 -36.43
C VAL B 433 3.04 -1.25 -37.31
N ILE B 434 3.29 -1.07 -38.61
CA ILE B 434 2.30 -0.64 -39.59
C ILE B 434 2.20 -1.72 -40.68
N ALA B 435 1.00 -2.21 -40.99
CA ALA B 435 0.83 -3.23 -42.04
C ALA B 435 -0.43 -3.00 -42.90
N TRP B 436 -0.35 -3.35 -44.18
CA TRP B 436 -1.49 -3.11 -45.09
C TRP B 436 -1.56 -4.22 -46.15
N ASN B 437 -2.76 -4.49 -46.67
CA ASN B 437 -2.91 -5.52 -47.73
C ASN B 437 -2.07 -5.13 -48.94
N SER B 438 -1.42 -6.11 -49.59
CA SER B 438 -0.62 -5.82 -50.79
C SER B 438 -1.00 -6.81 -51.90
N ASN B 439 -2.20 -7.38 -51.81
CA ASN B 439 -2.67 -8.33 -52.83
C ASN B 439 -2.75 -7.73 -54.26
N ASN B 440 -2.84 -6.40 -54.38
CA ASN B 440 -2.79 -5.68 -55.66
C ASN B 440 -1.35 -5.42 -56.16
N LEU B 441 -0.32 -5.74 -55.35
CA LEU B 441 1.09 -5.39 -55.58
C LEU B 441 2.02 -6.61 -55.59
N ASP B 442 1.72 -7.64 -54.79
CA ASP B 442 2.63 -8.76 -54.49
C ASP B 442 2.05 -10.14 -54.88
N SER B 443 0.84 -10.19 -55.44
CA SER B 443 0.21 -11.43 -55.95
C SER B 443 0.15 -11.47 -57.48
N LYS B 444 0.49 -12.62 -58.07
CA LYS B 444 0.49 -12.89 -59.52
C LYS B 444 -0.42 -14.08 -59.82
N VAL B 445 -1.13 -14.11 -60.95
CA VAL B 445 -2.11 -15.19 -61.22
C VAL B 445 -1.53 -16.62 -61.24
N GLY B 446 -0.24 -16.78 -61.59
CA GLY B 446 0.49 -18.05 -61.45
C GLY B 446 1.23 -18.25 -60.12
N GLY B 447 1.28 -17.20 -59.29
CA GLY B 447 1.98 -17.28 -58.00
C GLY B 447 3.24 -16.43 -57.99
N ASN B 448 3.29 -15.41 -57.13
CA ASN B 448 4.51 -14.56 -57.02
C ASN B 448 5.50 -15.29 -56.09
N TYR B 449 6.42 -16.06 -56.67
CA TYR B 449 7.34 -16.88 -55.84
C TYR B 449 8.67 -16.14 -55.59
N ASN B 450 8.66 -14.81 -55.65
CA ASN B 450 9.88 -14.02 -55.34
C ASN B 450 10.00 -13.76 -53.84
N TYR B 451 8.89 -13.82 -53.09
CA TYR B 451 8.89 -13.54 -51.66
C TYR B 451 9.23 -14.77 -50.81
N LEU B 452 10.51 -14.93 -50.48
CA LEU B 452 11.02 -15.99 -49.60
C LEU B 452 10.90 -15.68 -48.09
N TYR B 453 10.91 -16.75 -47.29
CA TYR B 453 11.08 -16.71 -45.84
C TYR B 453 11.94 -17.92 -45.39
N ARG B 454 12.51 -17.76 -44.19
CA ARG B 454 13.31 -18.86 -43.60
C ARG B 454 12.35 -19.91 -43.03
N LEU B 455 12.52 -21.16 -43.45
CA LEU B 455 11.67 -22.28 -43.04
C LEU B 455 12.37 -23.15 -41.97
N PHE B 456 13.71 -23.15 -41.94
CA PHE B 456 14.51 -23.85 -40.93
C PHE B 456 15.68 -22.99 -40.41
N ARG B 457 16.04 -23.28 -39.15
CA ARG B 457 17.16 -22.67 -38.44
C ARG B 457 17.51 -23.49 -37.19
N LYS B 458 18.78 -23.56 -36.80
CA LYS B 458 19.21 -24.34 -35.62
C LYS B 458 18.58 -23.88 -34.30
N SER B 459 18.34 -22.57 -34.15
CA SER B 459 17.69 -21.94 -33.00
C SER B 459 17.15 -20.57 -33.38
N ASN B 460 16.32 -19.98 -32.51
CA ASN B 460 15.73 -18.64 -32.78
C ASN B 460 16.84 -17.59 -32.87
N LEU B 461 16.60 -16.50 -33.60
CA LEU B 461 17.63 -15.44 -33.76
C LEU B 461 17.39 -14.33 -32.73
N LYS B 462 18.30 -13.35 -32.65
CA LYS B 462 18.20 -12.29 -31.62
C LYS B 462 17.38 -11.10 -32.16
N PRO B 463 16.77 -10.26 -31.29
CA PRO B 463 16.04 -9.08 -31.73
C PRO B 463 16.80 -8.22 -32.75
N PHE B 464 16.13 -7.81 -33.84
CA PHE B 464 16.70 -7.05 -34.95
C PHE B 464 17.98 -7.65 -35.59
N GLU B 465 18.22 -8.95 -35.46
CA GLU B 465 19.22 -9.68 -36.24
C GLU B 465 18.64 -10.13 -37.59
N ARG B 466 19.50 -10.27 -38.62
CA ARG B 466 19.01 -10.70 -39.95
C ARG B 466 19.75 -11.96 -40.39
N ASP B 467 19.03 -13.09 -40.52
CA ASP B 467 19.66 -14.35 -40.99
C ASP B 467 19.52 -14.44 -42.52
N ILE B 468 20.64 -14.52 -43.24
CA ILE B 468 20.61 -14.55 -44.73
C ILE B 468 21.31 -15.83 -45.20
N SER B 469 21.86 -16.61 -44.25
CA SER B 469 22.58 -17.85 -44.60
C SER B 469 21.81 -18.80 -45.51
N THR B 470 22.46 -19.30 -46.56
CA THR B 470 21.86 -20.25 -47.54
C THR B 470 22.43 -21.67 -47.42
N GLU B 471 23.11 -22.01 -46.32
CA GLU B 471 23.63 -23.36 -46.09
C GLU B 471 22.54 -24.40 -45.81
N ILE B 472 22.74 -25.63 -46.29
CA ILE B 472 21.76 -26.74 -46.20
C ILE B 472 21.54 -27.15 -44.75
N TYR B 473 20.27 -27.14 -44.33
CA TYR B 473 19.93 -27.54 -42.94
C TYR B 473 19.71 -29.05 -42.86
N GLN B 474 19.74 -29.62 -41.65
CA GLN B 474 19.55 -31.08 -41.48
C GLN B 474 18.40 -31.33 -40.50
N ALA B 475 17.50 -32.27 -40.80
CA ALA B 475 16.39 -32.61 -39.89
C ALA B 475 16.72 -33.94 -39.18
N GLY B 476 17.82 -34.58 -39.55
CA GLY B 476 18.22 -35.85 -38.93
C GLY B 476 19.52 -35.76 -38.11
N SER B 477 19.84 -36.82 -37.38
CA SER B 477 21.09 -36.93 -36.59
C SER B 477 22.36 -37.08 -37.45
N THR B 478 22.22 -37.56 -38.69
CA THR B 478 23.30 -37.61 -39.68
C THR B 478 23.83 -36.21 -40.02
N PRO B 479 25.15 -36.05 -40.28
CA PRO B 479 25.66 -34.88 -41.00
C PRO B 479 25.16 -34.91 -42.46
N CYS B 480 25.14 -33.74 -43.10
CA CYS B 480 24.78 -33.58 -44.51
C CYS B 480 25.69 -32.56 -45.20
N ASN B 481 26.06 -32.84 -46.44
CA ASN B 481 27.06 -32.06 -47.20
C ASN B 481 26.65 -31.89 -48.67
N GLY B 482 27.28 -30.94 -49.36
CA GLY B 482 26.94 -30.62 -50.76
C GLY B 482 25.60 -29.88 -50.88
N VAL B 483 24.83 -30.19 -51.93
CA VAL B 483 23.60 -29.45 -52.29
C VAL B 483 22.30 -30.02 -51.71
N GLU B 484 22.24 -31.31 -51.40
CA GLU B 484 21.01 -32.04 -51.02
C GLU B 484 21.31 -33.34 -50.25
N GLY B 485 20.30 -33.91 -49.59
CA GLY B 485 20.36 -35.26 -49.00
C GLY B 485 19.07 -35.68 -48.29
N PHE B 486 19.01 -36.94 -47.82
CA PHE B 486 17.89 -37.45 -47.01
C PHE B 486 17.88 -36.80 -45.62
N ASN B 487 16.70 -36.32 -45.18
CA ASN B 487 16.53 -35.49 -43.97
C ASN B 487 17.38 -34.20 -43.98
N CYS B 488 17.66 -33.63 -45.16
CA CYS B 488 18.34 -32.34 -45.35
C CYS B 488 17.51 -31.40 -46.24
N TYR B 489 17.63 -30.08 -46.04
CA TYR B 489 16.76 -29.10 -46.70
C TYR B 489 17.49 -27.81 -47.10
N PHE B 490 17.09 -27.17 -48.19
CA PHE B 490 17.41 -25.75 -48.40
C PHE B 490 16.62 -24.91 -47.38
N PRO B 491 17.23 -23.96 -46.66
CA PRO B 491 16.62 -23.37 -45.46
C PRO B 491 15.53 -22.33 -45.76
N LEU B 492 15.44 -21.85 -46.99
CA LEU B 492 14.46 -20.87 -47.43
C LEU B 492 13.30 -21.53 -48.18
N GLN B 493 12.08 -21.08 -47.93
CA GLN B 493 10.88 -21.45 -48.66
C GLN B 493 10.23 -20.20 -49.27
N SER B 494 9.52 -20.36 -50.38
CA SER B 494 8.87 -19.26 -51.12
C SER B 494 7.36 -19.21 -50.83
N TYR B 495 6.84 -17.97 -50.76
CA TYR B 495 5.38 -17.78 -50.58
C TYR B 495 4.69 -17.82 -51.93
N GLY B 496 3.62 -18.61 -52.06
CA GLY B 496 2.82 -18.69 -53.28
C GLY B 496 1.68 -17.67 -53.32
N PHE B 497 2.00 -16.38 -53.49
CA PHE B 497 0.99 -15.32 -53.54
C PHE B 497 0.26 -15.25 -54.89
N GLN B 498 -1.00 -15.64 -54.91
CA GLN B 498 -1.94 -15.50 -56.02
C GLN B 498 -3.17 -14.71 -55.57
N PRO B 499 -3.77 -13.86 -56.41
CA PRO B 499 -4.92 -13.06 -56.02
C PRO B 499 -6.21 -13.88 -55.83
N THR B 500 -6.14 -15.20 -56.00
CA THR B 500 -7.21 -16.17 -55.70
C THR B 500 -7.19 -16.63 -54.23
N ASN B 501 -6.08 -16.47 -53.51
CA ASN B 501 -5.91 -17.07 -52.17
C ASN B 501 -6.93 -16.56 -51.13
N GLY B 502 -7.30 -17.44 -50.20
CA GLY B 502 -8.29 -17.16 -49.15
C GLY B 502 -7.87 -16.06 -48.18
N VAL B 503 -8.84 -15.49 -47.47
CA VAL B 503 -8.60 -14.33 -46.59
C VAL B 503 -7.67 -14.72 -45.43
N GLY B 504 -6.54 -14.00 -45.32
CA GLY B 504 -5.42 -14.27 -44.42
C GLY B 504 -4.21 -14.94 -45.10
N TYR B 505 -4.40 -15.53 -46.29
CA TYR B 505 -3.32 -16.09 -47.12
C TYR B 505 -2.83 -15.16 -48.24
N GLN B 506 -3.45 -13.99 -48.43
CA GLN B 506 -2.90 -12.94 -49.29
C GLN B 506 -1.64 -12.31 -48.68
N PRO B 507 -0.79 -11.63 -49.47
CA PRO B 507 0.34 -10.90 -48.95
C PRO B 507 -0.07 -9.62 -48.21
N TYR B 508 0.72 -9.27 -47.21
CA TYR B 508 0.70 -8.01 -46.50
C TYR B 508 2.11 -7.43 -46.48
N ARG B 509 2.22 -6.13 -46.81
CA ARG B 509 3.41 -5.32 -46.60
C ARG B 509 3.43 -4.85 -45.15
N VAL B 510 4.62 -4.87 -44.56
CA VAL B 510 4.89 -4.43 -43.20
C VAL B 510 6.01 -3.39 -43.22
N VAL B 511 5.80 -2.29 -42.50
CA VAL B 511 6.85 -1.36 -42.09
C VAL B 511 6.87 -1.32 -40.57
N VAL B 512 7.99 -1.63 -39.94
CA VAL B 512 8.16 -1.39 -38.50
C VAL B 512 9.02 -0.15 -38.34
N LEU B 513 8.46 0.90 -37.77
CA LEU B 513 9.20 2.12 -37.41
C LEU B 513 9.71 1.95 -35.98
N SER B 514 11.03 2.07 -35.81
CA SER B 514 11.65 1.93 -34.46
C SER B 514 12.49 3.17 -34.16
N PHE B 515 12.35 3.74 -32.97
CA PHE B 515 13.07 5.01 -32.66
C PHE B 515 13.26 5.16 -31.14
N GLU B 516 14.33 5.86 -30.74
CA GLU B 516 14.55 6.15 -29.29
C GLU B 516 13.66 7.35 -28.95
N LEU B 517 13.44 7.64 -27.66
CA LEU B 517 12.45 8.72 -27.38
C LEU B 517 12.77 9.58 -26.15
N LEU B 518 13.24 10.82 -26.36
CA LEU B 518 13.41 11.82 -25.26
C LEU B 518 14.60 11.60 -24.32
N HIS B 519 15.75 11.13 -24.82
CA HIS B 519 16.95 11.08 -23.98
C HIS B 519 18.26 11.52 -24.62
N ALA B 520 18.21 12.07 -25.84
CA ALA B 520 19.44 12.33 -26.59
C ALA B 520 19.23 13.30 -27.77
N PRO B 521 20.28 13.86 -28.40
CA PRO B 521 20.12 14.90 -29.42
C PRO B 521 19.44 14.37 -30.68
N ALA B 522 18.21 14.81 -30.93
CA ALA B 522 17.36 14.32 -32.00
C ALA B 522 17.66 14.96 -33.36
N THR B 523 17.45 14.20 -34.43
CA THR B 523 17.53 14.68 -35.82
C THR B 523 16.30 14.33 -36.65
N VAL B 524 15.29 13.69 -36.06
CA VAL B 524 13.95 13.52 -36.66
C VAL B 524 12.94 14.09 -35.69
N CYS B 525 12.02 14.92 -36.17
CA CYS B 525 11.06 15.62 -35.32
C CYS B 525 9.70 15.75 -35.99
N GLY B 526 8.64 15.82 -35.19
CA GLY B 526 7.32 16.17 -35.68
C GLY B 526 7.24 17.61 -36.22
N PRO B 527 6.15 17.99 -36.90
CA PRO B 527 6.04 19.24 -37.64
C PRO B 527 5.79 20.51 -36.79
N LYS B 528 6.08 20.49 -35.48
CA LYS B 528 5.88 21.65 -34.60
C LYS B 528 6.79 22.82 -34.93
N LYS B 529 6.21 24.02 -34.98
CA LYS B 529 6.95 25.23 -35.27
C LYS B 529 7.43 25.76 -33.92
N SER B 530 8.71 26.08 -33.82
CA SER B 530 9.28 26.54 -32.56
C SER B 530 9.16 28.04 -32.30
N THR B 531 8.85 28.37 -31.04
CA THR B 531 8.75 29.75 -30.57
C THR B 531 10.15 30.31 -30.30
N ASN B 532 10.24 31.59 -29.97
CA ASN B 532 11.45 32.11 -29.34
C ASN B 532 11.68 31.46 -27.97
N LEU B 533 12.93 31.48 -27.53
CA LEU B 533 13.34 31.05 -26.19
C LEU B 533 13.14 32.18 -25.19
N VAL B 534 12.34 31.93 -24.16
CA VAL B 534 12.09 32.85 -23.04
C VAL B 534 12.89 32.41 -21.82
N LYS B 535 13.74 33.29 -21.29
CA LYS B 535 14.59 32.92 -20.13
C LYS B 535 14.14 33.67 -18.87
N ASN B 536 14.52 33.18 -17.69
CA ASN B 536 14.21 33.87 -16.40
C ASN B 536 12.70 34.11 -16.26
N LYS B 537 11.88 33.15 -16.70
CA LYS B 537 10.40 33.29 -16.52
C LYS B 537 9.77 31.90 -16.32
N CYS B 538 8.80 31.78 -15.42
CA CYS B 538 8.08 30.50 -15.25
C CYS B 538 7.33 30.22 -16.56
N VAL B 539 7.80 29.25 -17.35
CA VAL B 539 7.20 28.94 -18.66
C VAL B 539 6.88 27.46 -18.80
N ASN B 540 5.90 27.12 -19.63
CA ASN B 540 5.71 25.75 -20.11
C ASN B 540 6.65 25.52 -21.29
N PHE B 541 7.79 24.88 -21.09
CA PHE B 541 8.72 24.59 -22.17
C PHE B 541 8.46 23.23 -22.82
N ASN B 542 9.00 23.06 -24.01
CA ASN B 542 9.02 21.80 -24.73
C ASN B 542 10.26 21.79 -25.62
N PHE B 543 11.30 21.05 -25.23
CA PHE B 543 12.52 20.88 -26.01
C PHE B 543 12.51 19.50 -26.65
N ASN B 544 12.43 19.46 -27.98
CA ASN B 544 12.47 18.17 -28.73
C ASN B 544 11.44 17.19 -28.15
N GLY B 545 10.22 17.65 -27.88
CA GLY B 545 9.16 16.76 -27.39
C GLY B 545 9.19 16.59 -25.88
N LEU B 546 10.24 17.08 -25.23
CA LEU B 546 10.34 16.99 -23.75
C LEU B 546 9.57 18.17 -23.12
N THR B 547 8.28 17.97 -22.84
CA THR B 547 7.44 19.04 -22.25
C THR B 547 7.81 19.22 -20.77
N GLY B 548 7.50 20.38 -20.19
CA GLY B 548 7.79 20.63 -18.76
C GLY B 548 7.50 22.05 -18.35
N THR B 549 7.54 22.34 -17.05
CA THR B 549 7.26 23.69 -16.55
C THR B 549 8.42 24.15 -15.67
N GLY B 550 8.90 25.37 -15.84
CA GLY B 550 10.02 25.88 -15.05
C GLY B 550 10.55 27.22 -15.53
N VAL B 551 11.43 27.80 -14.71
CA VAL B 551 12.25 28.97 -15.03
C VAL B 551 13.52 28.50 -15.74
N LEU B 552 13.69 28.91 -16.99
CA LEU B 552 14.90 28.64 -17.77
C LEU B 552 15.92 29.76 -17.56
N THR B 553 17.19 29.43 -17.37
CA THR B 553 18.26 30.43 -17.21
C THR B 553 19.53 29.98 -17.91
N GLU B 554 20.43 30.92 -18.23
CA GLU B 554 21.73 30.63 -18.82
C GLU B 554 22.55 29.70 -17.90
N SER B 555 23.09 28.60 -18.44
CA SER B 555 23.88 27.65 -17.66
C SER B 555 25.37 27.79 -17.93
N ASN B 556 26.18 27.63 -16.88
CA ASN B 556 27.63 27.46 -17.01
C ASN B 556 28.07 25.98 -17.15
N LYS B 557 27.14 25.02 -17.15
CA LYS B 557 27.42 23.60 -17.46
C LYS B 557 27.88 23.47 -18.91
N LYS B 558 28.92 22.66 -19.15
CA LYS B 558 29.38 22.42 -20.54
C LYS B 558 29.08 20.96 -20.92
N PHE B 559 28.04 20.74 -21.75
CA PHE B 559 27.67 19.37 -22.17
C PHE B 559 28.63 18.89 -23.27
N LEU B 560 28.78 17.58 -23.43
CA LEU B 560 29.61 17.03 -24.54
C LEU B 560 28.74 16.96 -25.80
N PRO B 561 29.28 16.88 -27.03
CA PRO B 561 28.46 16.94 -28.25
C PRO B 561 27.32 15.91 -28.32
N PHE B 562 27.50 14.78 -27.63
CA PHE B 562 26.44 13.74 -27.60
C PHE B 562 25.47 14.05 -26.46
N GLN B 563 25.85 14.95 -25.54
CA GLN B 563 24.98 15.26 -24.37
C GLN B 563 23.95 16.31 -24.77
N GLN B 564 22.67 16.08 -24.42
CA GLN B 564 21.57 17.03 -24.78
C GLN B 564 20.85 17.44 -23.50
N PHE B 565 20.45 16.45 -22.68
CA PHE B 565 19.77 16.73 -21.41
C PHE B 565 20.69 16.39 -20.24
N GLY B 566 20.49 17.04 -19.10
CA GLY B 566 21.14 16.70 -17.83
C GLY B 566 20.11 16.34 -16.78
N ARG B 567 20.39 15.35 -15.95
CA ARG B 567 19.42 14.92 -14.94
C ARG B 567 19.91 15.12 -13.52
N ASP B 568 19.05 14.85 -12.54
CA ASP B 568 19.47 15.00 -11.12
C ASP B 568 19.21 13.70 -10.36
N ILE B 569 19.27 13.76 -9.02
CA ILE B 569 19.02 12.55 -8.18
C ILE B 569 17.59 12.06 -8.46
N ALA B 570 16.66 12.99 -8.68
CA ALA B 570 15.25 12.63 -8.95
C ALA B 570 15.06 12.27 -10.43
N ASP B 571 16.15 12.24 -11.20
CA ASP B 571 16.08 11.94 -12.66
C ASP B 571 15.45 13.12 -13.39
N THR B 572 15.18 14.22 -12.66
CA THR B 572 14.55 15.42 -13.26
C THR B 572 15.53 16.10 -14.21
N THR B 573 15.05 16.55 -15.38
CA THR B 573 15.94 17.26 -16.34
C THR B 573 16.27 18.63 -15.76
N ASP B 574 17.44 18.77 -15.13
CA ASP B 574 17.81 20.06 -14.47
C ASP B 574 18.47 20.99 -15.50
N ALA B 575 18.82 20.46 -16.68
CA ALA B 575 19.46 21.27 -17.70
C ALA B 575 19.16 20.70 -19.09
N VAL B 576 19.27 21.50 -20.14
CA VAL B 576 19.00 21.10 -21.52
C VAL B 576 19.84 21.90 -22.51
N ARG B 577 20.24 21.34 -23.66
CA ARG B 577 20.90 22.12 -24.70
C ARG B 577 19.84 22.55 -25.75
N ASP B 578 19.65 23.86 -25.96
CA ASP B 578 18.67 24.42 -26.88
C ASP B 578 18.95 23.93 -28.32
N PRO B 579 17.98 23.35 -29.04
CA PRO B 579 18.24 22.66 -30.31
C PRO B 579 18.48 23.57 -31.53
N GLN B 580 18.24 24.88 -31.43
CA GLN B 580 18.46 25.82 -32.54
C GLN B 580 19.78 26.58 -32.41
N THR B 581 20.04 27.17 -31.24
CA THR B 581 21.34 27.72 -30.85
C THR B 581 21.83 26.91 -29.68
N LEU B 582 23.00 26.25 -29.80
CA LEU B 582 23.41 25.14 -28.93
C LEU B 582 23.90 25.57 -27.52
N GLU B 583 23.30 26.61 -26.94
CA GLU B 583 23.51 27.02 -25.56
C GLU B 583 22.92 26.03 -24.57
N ILE B 584 23.51 25.94 -23.38
CA ILE B 584 23.00 25.09 -22.30
C ILE B 584 22.20 25.96 -21.34
N LEU B 585 20.99 25.50 -21.03
CA LEU B 585 20.05 26.13 -20.12
C LEU B 585 19.95 25.30 -18.85
N ASP B 586 19.92 25.95 -17.70
CA ASP B 586 19.43 25.30 -16.48
C ASP B 586 17.90 25.29 -16.53
N ILE B 587 17.28 24.25 -15.98
CA ILE B 587 15.85 24.23 -15.70
C ILE B 587 15.69 24.28 -14.19
N THR B 588 15.03 25.31 -13.69
CA THR B 588 14.67 25.48 -12.28
C THR B 588 13.15 25.37 -12.16
N PRO B 589 12.57 24.69 -11.16
CA PRO B 589 11.12 24.68 -11.02
C PRO B 589 10.62 26.07 -10.60
N CYS B 590 9.37 26.40 -10.95
CA CYS B 590 8.76 27.67 -10.58
C CYS B 590 8.63 27.78 -9.05
N SER B 591 8.61 29.00 -8.52
CA SER B 591 8.56 29.20 -7.07
C SER B 591 7.30 28.58 -6.46
N PHE B 592 7.46 27.88 -5.34
CA PHE B 592 6.36 27.28 -4.60
C PHE B 592 6.66 27.30 -3.10
N GLY B 593 5.61 27.18 -2.29
CA GLY B 593 5.70 27.11 -0.83
C GLY B 593 4.38 26.71 -0.21
N GLY B 594 4.37 26.47 1.09
CA GLY B 594 3.12 26.43 1.85
C GLY B 594 2.56 27.83 2.04
N VAL B 595 1.27 27.95 2.31
CA VAL B 595 0.65 29.20 2.76
C VAL B 595 0.03 28.98 4.13
N SER B 596 0.48 29.74 5.12
CA SER B 596 -0.11 29.76 6.46
C SER B 596 -0.88 31.04 6.72
N VAL B 597 -2.10 30.95 7.23
CA VAL B 597 -2.94 32.11 7.53
C VAL B 597 -2.96 32.35 9.03
N ILE B 598 -2.62 33.57 9.42
CA ILE B 598 -2.33 34.02 10.78
C ILE B 598 -3.51 34.87 11.25
N THR B 599 -4.16 34.44 12.32
CA THR B 599 -5.45 35.00 12.69
C THR B 599 -5.57 35.14 14.21
N PRO B 600 -6.06 36.28 14.74
CA PRO B 600 -6.75 36.26 16.02
C PRO B 600 -8.04 35.45 15.80
N GLY B 601 -8.70 34.97 16.85
CA GLY B 601 -9.91 34.16 16.62
C GLY B 601 -11.00 34.95 15.88
N THR B 602 -11.74 34.26 14.99
CA THR B 602 -12.80 34.95 14.20
C THR B 602 -13.80 35.52 15.20
N ASN B 603 -13.89 34.91 16.38
CA ASN B 603 -14.79 35.40 17.46
C ASN B 603 -14.28 36.78 17.88
N THR B 604 -13.04 37.13 17.52
CA THR B 604 -12.50 38.48 17.80
C THR B 604 -12.55 39.31 16.51
N SER B 605 -11.66 39.04 15.56
CA SER B 605 -11.64 39.78 14.29
C SER B 605 -11.74 38.86 13.07
N ASN B 606 -12.22 39.39 11.94
CA ASN B 606 -12.16 38.73 10.63
C ASN B 606 -10.94 39.18 9.80
N GLN B 607 -10.08 40.05 10.33
CA GLN B 607 -8.80 40.39 9.71
C GLN B 607 -7.80 39.22 9.84
N VAL B 608 -6.99 38.98 8.81
CA VAL B 608 -5.92 37.97 8.80
C VAL B 608 -4.64 38.52 8.18
N ALA B 609 -3.50 37.91 8.52
CA ALA B 609 -2.24 38.08 7.81
C ALA B 609 -1.86 36.75 7.17
N VAL B 610 -1.08 36.77 6.10
CA VAL B 610 -0.76 35.57 5.31
C VAL B 610 0.74 35.39 5.22
N LEU B 611 1.26 34.20 5.50
CA LEU B 611 2.66 33.85 5.34
C LEU B 611 2.81 32.91 4.15
N TYR B 612 3.61 33.31 3.15
CA TYR B 612 3.90 32.39 2.03
C TYR B 612 5.20 31.64 2.39
N GLN B 613 5.08 30.42 2.93
CA GLN B 613 6.27 29.68 3.42
C GLN B 613 7.38 29.59 2.37
N GLY B 614 8.61 29.96 2.73
CA GLY B 614 9.77 29.85 1.82
C GLY B 614 9.61 30.53 0.47
N VAL B 615 9.41 31.86 0.44
CA VAL B 615 9.36 32.59 -0.87
C VAL B 615 9.99 33.97 -0.72
N ASN B 616 10.58 34.52 -1.80
CA ASN B 616 11.14 35.91 -1.78
C ASN B 616 9.97 36.85 -2.08
N CYS B 617 9.80 37.94 -1.32
CA CYS B 617 8.58 38.75 -1.54
C CYS B 617 8.64 39.50 -2.87
N THR B 618 9.55 39.12 -3.78
CA THR B 618 9.55 39.73 -5.13
C THR B 618 8.70 38.83 -6.03
N GLU B 619 8.63 37.54 -5.69
CA GLU B 619 7.85 36.56 -6.46
C GLU B 619 6.33 36.67 -6.30
N VAL B 620 5.84 36.96 -5.09
CA VAL B 620 4.40 37.12 -4.83
C VAL B 620 3.81 38.34 -5.59
N PRO B 621 4.47 39.53 -5.62
CA PRO B 621 4.17 40.63 -6.55
C PRO B 621 4.47 40.36 -8.03
N VAL B 622 5.51 39.60 -8.40
CA VAL B 622 5.77 39.28 -9.83
C VAL B 622 4.62 38.46 -10.42
N ALA B 623 4.02 37.56 -9.63
CA ALA B 623 2.80 36.85 -9.98
C ALA B 623 1.50 37.66 -9.72
N ILE B 624 1.50 38.99 -9.77
CA ILE B 624 0.26 39.81 -9.66
C ILE B 624 -0.79 39.45 -10.72
N THR B 632 -6.44 31.07 -5.84
CA THR B 632 -7.23 31.86 -6.79
C THR B 632 -7.32 33.34 -6.39
N TRP B 633 -7.22 33.66 -5.10
CA TRP B 633 -7.32 35.00 -4.52
C TRP B 633 -6.05 35.84 -4.71
N ARG B 634 -5.66 36.03 -5.97
CA ARG B 634 -4.45 36.80 -6.29
C ARG B 634 -4.43 38.22 -5.71
N VAL B 635 -5.60 38.72 -5.32
CA VAL B 635 -5.78 40.07 -4.73
C VAL B 635 -4.70 40.47 -3.73
N TYR B 636 -4.20 39.48 -2.99
CA TYR B 636 -3.11 39.69 -2.01
C TYR B 636 -1.76 40.09 -2.66
N SER B 637 -1.55 39.80 -3.95
CA SER B 637 -0.28 40.06 -4.68
C SER B 637 0.08 41.54 -4.82
N THR B 638 -0.89 42.46 -4.64
CA THR B 638 -0.65 43.93 -4.68
C THR B 638 0.38 44.40 -3.63
N GLY B 639 0.42 43.75 -2.46
CA GLY B 639 1.45 44.00 -1.45
C GLY B 639 1.26 45.30 -0.65
N SER B 640 2.28 46.18 -0.68
CA SER B 640 2.49 47.38 0.16
C SER B 640 2.67 47.10 1.67
N ASN B 641 2.06 46.04 2.20
CA ASN B 641 2.21 45.54 3.57
C ASN B 641 2.77 44.10 3.59
N VAL B 642 3.71 43.82 2.68
CA VAL B 642 4.53 42.60 2.69
C VAL B 642 5.71 42.75 3.63
N PHE B 643 6.20 41.64 4.15
CA PHE B 643 7.36 41.55 5.02
C PHE B 643 8.11 40.26 4.68
N GLN B 644 9.29 40.38 4.08
CA GLN B 644 10.16 39.24 3.87
C GLN B 644 10.77 38.80 5.20
N THR B 645 10.41 37.60 5.63
CA THR B 645 10.99 36.94 6.80
C THR B 645 11.89 35.79 6.32
N ARG B 646 12.77 35.28 7.18
CA ARG B 646 13.58 34.08 6.87
C ARG B 646 12.73 32.79 6.74
N ALA B 647 11.43 32.83 7.07
CA ALA B 647 10.48 31.74 6.88
C ALA B 647 9.71 31.80 5.54
N GLY B 648 9.86 32.87 4.76
CA GLY B 648 9.03 33.14 3.58
C GLY B 648 8.46 34.55 3.63
N CYS B 649 7.54 34.84 2.72
CA CYS B 649 6.94 36.17 2.65
C CYS B 649 5.64 36.24 3.45
N LEU B 650 5.56 37.18 4.37
CA LEU B 650 4.38 37.41 5.19
C LEU B 650 3.64 38.64 4.67
N ILE B 651 2.37 38.50 4.30
CA ILE B 651 1.55 39.52 3.65
C ILE B 651 0.35 39.87 4.52
N GLY B 652 0.16 41.16 4.79
CA GLY B 652 -0.99 41.66 5.56
C GLY B 652 -0.75 41.82 7.07
N ALA B 653 0.43 41.47 7.57
CA ALA B 653 0.87 41.74 8.93
C ALA B 653 1.87 42.90 8.94
N GLU B 654 1.64 43.93 9.75
CA GLU B 654 2.54 45.08 9.88
C GLU B 654 3.79 44.73 10.71
N HIS B 655 4.98 44.92 10.16
CA HIS B 655 6.19 44.71 10.97
C HIS B 655 6.42 45.84 11.98
N VAL B 656 6.60 45.49 13.25
CA VAL B 656 6.84 46.43 14.36
C VAL B 656 8.14 46.09 15.09
N ASN B 657 8.95 47.12 15.38
CA ASN B 657 10.30 46.95 15.91
C ASN B 657 10.34 46.46 17.37
N ASN B 658 9.38 46.86 18.20
CA ASN B 658 9.34 46.48 19.61
C ASN B 658 8.84 45.03 19.80
N SER B 659 9.50 44.27 20.68
CA SER B 659 9.23 42.84 20.92
C SER B 659 8.14 42.57 21.95
N TYR B 660 7.55 41.38 21.87
CA TYR B 660 6.51 40.86 22.77
C TYR B 660 6.72 39.35 22.97
N GLU B 661 6.05 38.74 23.97
CA GLU B 661 5.93 37.28 24.05
C GLU B 661 5.32 36.69 22.77
N CYS B 662 5.67 35.46 22.41
CA CYS B 662 5.16 34.86 21.18
C CYS B 662 3.68 34.53 21.27
N ASP B 663 2.85 35.16 20.43
CA ASP B 663 1.42 34.87 20.35
C ASP B 663 1.14 33.74 19.34
N ILE B 664 1.28 34.03 18.04
CA ILE B 664 1.21 33.03 16.96
C ILE B 664 2.64 32.82 16.40
N PRO B 665 3.21 31.60 16.45
CA PRO B 665 4.59 31.35 16.06
C PRO B 665 4.76 31.22 14.55
N ILE B 666 5.45 32.17 13.90
CA ILE B 666 5.64 32.17 12.44
C ILE B 666 6.91 31.40 12.03
N GLY B 667 8.03 31.64 12.70
CA GLY B 667 9.29 30.92 12.48
C GLY B 667 10.49 31.86 12.44
N ALA B 668 11.70 31.33 12.63
CA ALA B 668 12.93 32.11 12.61
C ALA B 668 12.92 33.33 13.55
N GLY B 669 12.38 33.17 14.76
CA GLY B 669 12.30 34.22 15.78
C GLY B 669 11.16 35.21 15.59
N ILE B 670 10.42 35.13 14.50
CA ILE B 670 9.23 35.96 14.24
C ILE B 670 7.99 35.28 14.82
N CYS B 671 7.14 36.09 15.46
CA CYS B 671 5.78 35.74 15.84
C CYS B 671 4.83 36.83 15.34
N ALA B 672 3.53 36.56 15.33
CA ALA B 672 2.50 37.53 15.00
C ALA B 672 1.38 37.57 16.03
N SER B 673 0.70 38.71 16.15
CA SER B 673 -0.37 38.95 17.11
C SER B 673 -1.35 39.99 16.57
N TYR B 674 -2.57 40.06 17.10
CA TYR B 674 -3.56 41.07 16.72
C TYR B 674 -3.63 42.18 17.78
N GLN B 675 -3.21 43.40 17.44
CA GLN B 675 -3.11 44.53 18.38
C GLN B 675 -3.31 45.89 17.68
N THR B 676 -3.61 46.93 18.46
CA THR B 676 -3.95 48.29 17.98
C THR B 676 -2.86 48.90 17.10
N SER B 689 -9.20 50.22 15.18
CA SER B 689 -7.77 50.58 15.26
C SER B 689 -6.83 49.37 15.31
N GLN B 690 -7.38 48.16 15.49
CA GLN B 690 -6.66 46.89 15.48
C GLN B 690 -6.10 46.55 14.09
N SER B 691 -4.97 45.84 14.04
CA SER B 691 -4.39 45.24 12.84
C SER B 691 -3.49 44.06 13.23
N ILE B 692 -3.19 43.16 12.30
CA ILE B 692 -2.18 42.12 12.55
C ILE B 692 -0.79 42.75 12.44
N ILE B 693 0.07 42.50 13.42
CA ILE B 693 1.46 42.95 13.51
C ILE B 693 2.40 41.75 13.45
N ALA B 694 3.62 41.95 12.97
CA ALA B 694 4.67 40.92 12.99
C ALA B 694 5.97 41.50 13.55
N TYR B 695 6.60 40.77 14.46
CA TYR B 695 7.68 41.28 15.31
C TYR B 695 8.67 40.18 15.64
N THR B 696 9.93 40.54 15.92
CA THR B 696 10.88 39.62 16.53
C THR B 696 10.48 39.39 17.98
N MET B 697 10.27 38.15 18.40
CA MET B 697 9.80 37.86 19.76
C MET B 697 10.85 38.15 20.84
N SER B 698 10.41 38.60 22.02
CA SER B 698 11.24 38.68 23.22
C SER B 698 11.20 37.35 23.97
N LEU B 699 12.31 36.97 24.58
CA LEU B 699 12.46 35.68 25.28
C LEU B 699 12.05 35.74 26.76
N GLY B 700 11.99 36.94 27.31
CA GLY B 700 11.62 37.26 28.68
C GLY B 700 12.05 38.68 29.05
N ALA B 701 11.72 39.14 30.24
CA ALA B 701 12.28 40.37 30.79
C ALA B 701 13.79 40.20 31.02
N GLU B 702 14.61 41.19 30.67
CA GLU B 702 16.04 41.18 30.98
C GLU B 702 16.26 41.47 32.49
N ASN B 703 17.21 40.83 33.15
CA ASN B 703 17.45 41.02 34.57
C ASN B 703 18.92 40.86 34.96
N SER B 704 19.63 41.95 35.25
CA SER B 704 20.94 41.86 35.87
C SER B 704 20.77 41.44 37.33
N VAL B 705 21.33 40.29 37.71
CA VAL B 705 21.30 39.82 39.10
C VAL B 705 22.26 40.66 39.95
N ALA B 706 21.88 40.98 41.18
CA ALA B 706 22.61 41.89 42.06
C ALA B 706 23.91 41.31 42.68
N TYR B 707 24.66 40.49 41.94
CA TYR B 707 25.80 39.74 42.44
C TYR B 707 26.92 40.63 42.99
N SER B 708 27.48 40.24 44.13
CA SER B 708 28.70 40.79 44.71
C SER B 708 29.39 39.70 45.52
N ASN B 709 30.71 39.77 45.69
CA ASN B 709 31.52 38.78 46.41
C ASN B 709 31.15 38.56 47.89
N ASN B 710 30.29 39.40 48.46
CA ASN B 710 29.83 39.31 49.85
C ASN B 710 28.36 39.70 50.05
N SER B 711 27.51 39.66 49.02
CA SER B 711 26.08 39.96 49.13
C SER B 711 25.25 38.71 48.94
N ILE B 712 24.26 38.48 49.79
CA ILE B 712 23.31 37.37 49.69
C ILE B 712 21.87 37.86 49.85
N ALA B 713 20.93 37.31 49.09
CA ALA B 713 19.51 37.53 49.31
C ALA B 713 18.88 36.33 49.98
N ILE B 714 18.12 36.53 51.05
CA ILE B 714 17.46 35.45 51.79
C ILE B 714 15.96 35.77 51.91
N PRO B 715 15.07 34.82 51.61
CA PRO B 715 13.63 35.05 51.65
C PRO B 715 13.14 35.22 53.08
N THR B 716 12.53 36.35 53.40
CA THR B 716 11.96 36.60 54.73
C THR B 716 10.57 36.03 54.93
N ASN B 717 9.96 35.48 53.87
CA ASN B 717 8.62 34.91 53.83
C ASN B 717 8.50 33.92 52.67
N PHE B 718 7.42 33.15 52.58
CA PHE B 718 7.18 32.14 51.55
C PHE B 718 5.74 32.17 51.02
N THR B 719 5.52 31.44 49.94
CA THR B 719 4.22 31.15 49.33
C THR B 719 4.09 29.63 49.24
N ILE B 720 2.90 29.09 49.46
CA ILE B 720 2.56 27.71 49.10
C ILE B 720 1.77 27.79 47.82
N SER B 721 2.21 27.12 46.77
CA SER B 721 1.50 27.14 45.49
C SER B 721 1.17 25.73 45.04
N VAL B 722 -0.06 25.57 44.56
CA VAL B 722 -0.56 24.34 43.95
C VAL B 722 -0.65 24.57 42.45
N THR B 723 -0.10 23.67 41.65
CA THR B 723 -0.18 23.71 40.18
C THR B 723 -0.70 22.41 39.64
N THR B 724 -1.59 22.47 38.67
CA THR B 724 -2.09 21.27 37.98
C THR B 724 -1.13 20.85 36.87
N GLU B 725 -0.78 19.57 36.84
CA GLU B 725 -0.11 18.90 35.72
C GLU B 725 -0.99 17.80 35.16
N ILE B 726 -1.23 17.81 33.86
CA ILE B 726 -2.09 16.87 33.16
C ILE B 726 -1.23 15.93 32.31
N LEU B 727 -1.45 14.62 32.41
CA LEU B 727 -0.75 13.61 31.61
C LEU B 727 -1.74 12.62 30.97
N PRO B 728 -1.65 12.35 29.66
CA PRO B 728 -2.28 11.19 29.03
C PRO B 728 -1.79 9.88 29.64
N VAL B 729 -2.67 8.89 29.77
CA VAL B 729 -2.33 7.57 30.32
C VAL B 729 -2.76 6.44 29.38
N SER B 730 -3.88 6.59 28.69
CA SER B 730 -4.36 5.61 27.73
C SER B 730 -5.03 6.30 26.55
N MET B 731 -5.32 5.54 25.51
CA MET B 731 -6.13 5.96 24.38
C MET B 731 -7.21 4.90 24.11
N THR B 732 -8.20 5.18 23.27
CA THR B 732 -9.27 4.21 23.02
C THR B 732 -8.69 2.91 22.45
N LYS B 733 -9.16 1.78 22.97
CA LYS B 733 -8.89 0.47 22.39
C LYS B 733 -9.76 0.32 21.15
N THR B 734 -9.20 -0.12 20.04
CA THR B 734 -9.96 -0.49 18.85
C THR B 734 -9.56 -1.88 18.40
N SER B 735 -10.50 -2.57 17.74
CA SER B 735 -10.21 -3.74 16.93
C SER B 735 -11.03 -3.64 15.66
N VAL B 736 -10.64 -4.36 14.61
CA VAL B 736 -11.34 -4.18 13.30
C VAL B 736 -11.61 -5.53 12.62
N ASP B 737 -12.77 -5.67 11.98
CA ASP B 737 -13.03 -6.91 11.19
C ASP B 737 -12.40 -6.72 9.82
N CYS B 738 -11.08 -6.95 9.72
CA CYS B 738 -10.35 -6.76 8.44
C CYS B 738 -11.22 -7.21 7.26
N THR B 739 -11.79 -8.41 7.32
CA THR B 739 -12.61 -8.94 6.23
C THR B 739 -13.88 -8.12 6.01
N MET B 740 -14.48 -7.56 7.06
CA MET B 740 -15.67 -6.70 6.93
C MET B 740 -15.33 -5.29 6.49
N TYR B 741 -14.20 -4.73 6.92
CA TYR B 741 -13.73 -3.44 6.42
C TYR B 741 -13.44 -3.51 4.91
N ILE B 742 -12.65 -4.49 4.48
CA ILE B 742 -12.23 -4.61 3.08
C ILE B 742 -13.38 -5.07 2.17
N CYS B 743 -14.13 -6.09 2.62
CA CYS B 743 -15.04 -6.91 1.81
C CYS B 743 -16.44 -7.07 2.40
N GLY B 744 -16.93 -6.13 3.21
CA GLY B 744 -18.23 -6.27 3.90
C GLY B 744 -19.37 -6.64 2.96
N ASP B 745 -20.12 -7.68 3.32
CA ASP B 745 -21.19 -8.29 2.50
C ASP B 745 -20.74 -8.70 1.07
N SER B 746 -19.56 -9.32 0.93
CA SER B 746 -19.08 -9.82 -0.36
C SER B 746 -18.26 -11.10 -0.23
N THR B 747 -18.88 -12.22 -0.62
CA THR B 747 -18.23 -13.53 -0.71
C THR B 747 -17.11 -13.53 -1.77
N GLU B 748 -17.32 -12.84 -2.89
CA GLU B 748 -16.34 -12.74 -3.98
C GLU B 748 -15.06 -12.03 -3.53
N CYS B 749 -15.20 -10.86 -2.90
CA CYS B 749 -14.09 -10.12 -2.34
C CYS B 749 -13.40 -10.92 -1.23
N SER B 750 -14.15 -11.59 -0.37
CA SER B 750 -13.58 -12.45 0.68
C SER B 750 -12.73 -13.60 0.10
N ASN B 751 -13.14 -14.17 -1.03
CA ASN B 751 -12.42 -15.27 -1.67
C ASN B 751 -11.16 -14.79 -2.42
N LEU B 752 -11.11 -13.52 -2.82
CA LEU B 752 -9.91 -12.86 -3.35
C LEU B 752 -8.96 -12.42 -2.22
N LEU B 753 -9.48 -11.97 -1.09
CA LEU B 753 -8.68 -11.54 0.05
C LEU B 753 -7.84 -12.69 0.64
N LEU B 754 -8.28 -13.94 0.48
CA LEU B 754 -7.48 -15.14 0.80
C LEU B 754 -6.15 -15.23 0.02
N GLN B 755 -5.99 -14.53 -1.11
CA GLN B 755 -4.73 -14.54 -1.86
C GLN B 755 -3.58 -13.83 -1.12
N TYR B 756 -3.90 -13.01 -0.12
CA TYR B 756 -2.86 -12.21 0.58
C TYR B 756 -2.38 -12.94 1.84
N GLY B 757 -2.97 -14.10 2.14
CA GLY B 757 -2.55 -14.89 3.31
C GLY B 757 -2.75 -14.14 4.61
N SER B 758 -1.71 -14.06 5.45
CA SER B 758 -1.85 -13.40 6.78
C SER B 758 -1.63 -11.90 6.67
N PHE B 759 -2.47 -11.20 5.89
CA PHE B 759 -2.36 -9.73 5.78
C PHE B 759 -3.49 -9.08 6.60
N CYS B 760 -4.27 -9.90 7.32
CA CYS B 760 -5.38 -9.37 8.16
C CYS B 760 -5.17 -9.81 9.61
N THR B 761 -4.75 -11.05 9.83
CA THR B 761 -4.55 -11.56 11.22
C THR B 761 -3.46 -10.74 11.92
N GLN B 762 -2.38 -10.44 11.21
CA GLN B 762 -1.27 -9.63 11.80
C GLN B 762 -1.82 -8.28 12.23
N LEU B 763 -2.65 -7.65 11.38
CA LEU B 763 -3.26 -6.35 11.73
C LEU B 763 -4.03 -6.50 13.05
N ASN B 764 -4.73 -7.63 13.24
CA ASN B 764 -5.49 -7.84 14.46
C ASN B 764 -4.60 -8.15 15.66
N ARG B 765 -3.43 -8.73 15.42
CA ARG B 765 -2.47 -8.96 16.49
C ARG B 765 -1.83 -7.66 16.90
N ALA B 766 -1.61 -6.75 15.96
CA ALA B 766 -1.10 -5.42 16.24
C ALA B 766 -2.10 -4.59 17.07
N LEU B 767 -3.36 -4.46 16.64
CA LEU B 767 -4.38 -3.73 17.39
C LEU B 767 -4.68 -4.34 18.77
N THR B 768 -4.58 -5.66 18.92
CA THR B 768 -4.68 -6.34 20.24
C THR B 768 -3.48 -6.02 21.13
N GLY B 769 -2.27 -6.01 20.61
CA GLY B 769 -1.08 -5.66 21.40
C GLY B 769 -1.12 -4.23 21.93
N ILE B 770 -1.75 -3.31 21.19
CA ILE B 770 -2.06 -1.96 21.63
C ILE B 770 -3.15 -1.99 22.70
N ALA B 771 -4.27 -2.67 22.47
CA ALA B 771 -5.41 -2.66 23.38
C ALA B 771 -5.07 -3.26 24.75
N VAL B 772 -4.30 -4.35 24.79
CA VAL B 772 -3.82 -5.01 26.01
C VAL B 772 -2.95 -4.09 26.86
N GLU B 773 -2.16 -3.22 26.25
CA GLU B 773 -1.31 -2.29 27.00
C GLU B 773 -2.03 -1.01 27.44
N GLN B 774 -3.20 -0.65 26.92
CA GLN B 774 -3.97 0.47 27.47
C GLN B 774 -4.46 0.16 28.88
N ASP B 775 -4.81 -1.11 29.13
CA ASP B 775 -5.11 -1.62 30.48
C ASP B 775 -3.86 -1.70 31.35
N LYS B 776 -2.72 -2.11 30.79
CA LYS B 776 -1.43 -2.10 31.49
C LYS B 776 -1.08 -0.70 31.92
N ASN B 777 -1.02 0.26 31.01
CA ASN B 777 -0.72 1.67 31.28
C ASN B 777 -1.59 2.24 32.41
N THR B 778 -2.90 1.98 32.35
CA THR B 778 -3.81 2.51 33.39
C THR B 778 -3.38 1.96 34.76
N GLN B 779 -3.23 0.64 34.86
CA GLN B 779 -2.83 0.01 36.14
C GLN B 779 -1.50 0.59 36.60
N GLU B 780 -0.46 0.46 35.78
CA GLU B 780 0.90 0.95 36.15
C GLU B 780 0.76 2.30 36.86
N VAL B 781 -0.18 3.13 36.42
CA VAL B 781 -0.33 4.47 37.00
C VAL B 781 -1.15 4.43 38.28
N PHE B 782 -2.37 3.87 38.25
CA PHE B 782 -3.30 4.00 39.37
C PHE B 782 -3.15 2.91 40.42
N ALA B 783 -2.91 1.65 40.05
CA ALA B 783 -2.93 0.54 41.00
C ALA B 783 -1.65 0.38 41.85
N GLN B 784 -0.98 1.48 42.18
CA GLN B 784 0.24 1.49 43.00
C GLN B 784 -0.01 1.35 44.50
N VAL B 785 -1.28 1.28 44.91
CA VAL B 785 -1.71 1.21 46.30
C VAL B 785 -2.16 -0.21 46.65
N LYS B 786 -1.64 -0.76 47.74
CA LYS B 786 -1.89 -2.15 48.18
C LYS B 786 -3.33 -2.38 48.66
N GLN B 787 -3.86 -1.42 49.41
CA GLN B 787 -5.14 -1.47 50.09
C GLN B 787 -5.97 -0.23 49.77
N ILE B 788 -7.29 -0.34 49.78
CA ILE B 788 -8.16 0.81 49.55
C ILE B 788 -8.29 1.59 50.85
N TYR B 789 -7.39 2.56 51.03
CA TYR B 789 -7.40 3.42 52.21
C TYR B 789 -8.60 4.34 52.22
N LYS B 790 -9.15 4.56 53.43
CA LYS B 790 -10.31 5.48 53.58
C LYS B 790 -9.93 6.62 54.52
N THR B 791 -10.53 7.81 54.35
CA THR B 791 -10.25 8.96 55.24
C THR B 791 -11.07 8.84 56.53
N PRO B 792 -10.62 9.41 57.68
CA PRO B 792 -11.42 9.39 58.91
C PRO B 792 -12.66 10.27 58.76
N PRO B 793 -13.83 9.87 59.31
CA PRO B 793 -15.04 10.70 59.23
C PRO B 793 -14.74 12.12 59.72
N ILE B 794 -13.97 12.24 60.82
CA ILE B 794 -13.62 13.56 61.35
C ILE B 794 -12.37 14.10 60.63
N LYS B 795 -12.49 15.30 60.07
CA LYS B 795 -11.39 15.91 59.33
C LYS B 795 -10.52 16.85 60.14
N ASP B 796 -9.84 16.30 61.16
CA ASP B 796 -8.97 17.12 62.04
C ASP B 796 -7.58 17.25 61.42
N PHE B 797 -7.47 17.95 60.29
CA PHE B 797 -6.20 18.13 59.59
C PHE B 797 -5.44 19.33 60.13
N GLY B 798 -6.06 20.06 61.05
CA GLY B 798 -5.45 21.24 61.63
C GLY B 798 -5.62 22.50 60.80
N GLY B 799 -6.39 22.41 59.72
CA GLY B 799 -6.64 23.56 58.87
C GLY B 799 -6.64 23.29 57.38
N PHE B 800 -5.84 22.32 56.93
CA PHE B 800 -5.76 22.00 55.52
C PHE B 800 -7.08 21.35 55.08
N ASN B 801 -7.74 21.95 54.10
CA ASN B 801 -9.08 21.57 53.67
C ASN B 801 -9.01 20.85 52.32
N PHE B 802 -9.13 19.52 52.36
CA PHE B 802 -9.02 18.71 51.11
C PHE B 802 -10.40 18.32 50.59
N SER B 803 -11.46 18.92 51.13
CA SER B 803 -12.84 18.51 50.74
C SER B 803 -13.00 18.61 49.22
N GLN B 804 -12.33 19.56 48.58
CA GLN B 804 -12.49 19.77 47.11
C GLN B 804 -11.76 18.66 46.32
N ILE B 805 -10.88 17.91 46.97
CA ILE B 805 -10.08 16.86 46.27
C ILE B 805 -10.44 15.48 46.83
N LEU B 806 -11.34 15.42 47.81
CA LEU B 806 -11.74 14.13 48.44
C LEU B 806 -13.06 13.64 47.82
N PRO B 807 -13.36 12.32 47.81
CA PRO B 807 -14.63 11.81 47.31
C PRO B 807 -15.86 12.55 47.84
N ASP B 808 -16.85 12.74 46.96
CA ASP B 808 -18.15 13.34 47.29
C ASP B 808 -19.24 12.24 47.28
N PRO B 809 -19.79 11.80 48.42
CA PRO B 809 -20.66 10.62 48.49
C PRO B 809 -21.99 10.73 47.74
N SER B 810 -22.50 11.94 47.52
CA SER B 810 -23.82 12.22 46.94
C SER B 810 -23.85 12.10 45.40
N LYS B 811 -23.21 11.05 44.86
CA LYS B 811 -22.99 10.82 43.42
C LYS B 811 -23.07 9.33 43.07
N PRO B 812 -23.39 8.97 41.81
CA PRO B 812 -23.40 7.57 41.36
C PRO B 812 -21.99 6.98 41.28
N SER B 813 -21.01 7.75 40.82
CA SER B 813 -19.57 7.50 40.96
C SER B 813 -18.99 8.47 41.98
N LYS B 814 -18.20 7.98 42.95
CA LYS B 814 -17.71 8.79 44.08
C LYS B 814 -16.50 9.69 43.70
N ARG B 815 -16.63 10.46 42.65
CA ARG B 815 -15.54 11.30 42.27
C ARG B 815 -15.53 12.52 43.13
N SER B 816 -14.38 13.20 43.17
CA SER B 816 -14.23 14.47 43.90
C SER B 816 -14.88 15.63 43.14
N PHE B 817 -14.94 16.81 43.76
CA PHE B 817 -15.40 18.00 43.04
C PHE B 817 -14.47 18.31 41.87
N ILE B 818 -13.15 18.35 42.07
CA ILE B 818 -12.20 18.61 40.97
C ILE B 818 -12.23 17.50 39.91
N GLU B 819 -12.34 16.22 40.25
CA GLU B 819 -12.49 15.16 39.23
C GLU B 819 -13.74 15.35 38.36
N ASP B 820 -14.88 15.79 38.91
CA ASP B 820 -16.06 16.08 38.09
C ASP B 820 -15.95 17.35 37.24
N LEU B 821 -15.06 18.29 37.55
CA LEU B 821 -14.69 19.31 36.57
C LEU B 821 -13.92 18.64 35.43
N LEU B 822 -12.87 17.87 35.72
CA LEU B 822 -12.01 17.25 34.71
C LEU B 822 -12.80 16.37 33.72
N PHE B 823 -13.77 15.58 34.21
CA PHE B 823 -14.61 14.72 33.38
C PHE B 823 -15.60 15.48 32.48
N ASN B 824 -15.92 16.74 32.77
CA ASN B 824 -16.75 17.58 31.91
C ASN B 824 -15.92 18.37 30.87
N LYS B 825 -14.68 18.76 31.18
CA LYS B 825 -13.85 19.57 30.27
C LYS B 825 -13.27 18.81 29.07
N VAL B 826 -13.27 17.47 29.06
CA VAL B 826 -12.94 16.65 27.88
C VAL B 826 -14.21 16.03 27.32
N THR B 827 -14.52 16.28 26.04
CA THR B 827 -15.76 15.85 25.38
C THR B 827 -15.48 14.78 24.33
N LEU B 828 -16.09 13.60 24.50
CA LEU B 828 -15.85 12.39 23.70
C LEU B 828 -16.95 12.18 22.63
N LYS B 854 -19.65 1.01 12.73
CA LYS B 854 -19.75 -0.44 13.06
C LYS B 854 -19.99 -1.23 11.77
N PHE B 855 -20.80 -0.70 10.86
CA PHE B 855 -21.05 -1.38 9.55
C PHE B 855 -19.74 -1.47 8.77
N ASN B 856 -18.69 -0.79 9.23
CA ASN B 856 -17.36 -0.85 8.57
C ASN B 856 -16.49 -1.89 9.26
N GLY B 857 -17.08 -2.74 10.09
CA GLY B 857 -16.32 -3.79 10.78
C GLY B 857 -15.43 -3.29 11.92
N LEU B 858 -15.32 -1.97 12.08
CA LEU B 858 -14.57 -1.30 13.14
C LEU B 858 -15.34 -1.36 14.46
N THR B 859 -14.69 -1.59 15.60
CA THR B 859 -15.35 -1.47 16.90
C THR B 859 -14.42 -0.99 18.00
N VAL B 860 -15.00 -0.37 19.04
CA VAL B 860 -14.30 0.22 20.18
C VAL B 860 -14.54 -0.68 21.39
N LEU B 861 -13.47 -1.10 22.06
CA LEU B 861 -13.53 -2.03 23.20
C LEU B 861 -13.50 -1.26 24.53
N PRO B 862 -14.23 -1.69 25.57
CA PRO B 862 -14.18 -1.01 26.86
C PRO B 862 -12.83 -1.23 27.56
N PRO B 863 -12.37 -0.29 28.39
CA PRO B 863 -11.23 -0.49 29.25
C PRO B 863 -11.56 -1.52 30.35
N LEU B 864 -10.54 -2.20 30.88
CA LEU B 864 -10.75 -3.20 31.93
C LEU B 864 -11.20 -2.58 33.24
N LEU B 865 -10.62 -1.44 33.62
CA LEU B 865 -10.99 -0.68 34.81
C LEU B 865 -11.99 0.40 34.41
N THR B 866 -13.18 0.38 35.00
CA THR B 866 -14.19 1.41 34.76
C THR B 866 -13.79 2.73 35.42
N ASP B 867 -14.40 3.84 35.04
CA ASP B 867 -14.14 5.15 35.67
C ASP B 867 -14.39 5.17 37.18
N GLU B 868 -15.28 4.30 37.69
CA GLU B 868 -15.49 4.11 39.12
C GLU B 868 -14.29 3.45 39.80
N MET B 869 -13.64 2.48 39.15
CA MET B 869 -12.47 1.81 39.69
C MET B 869 -11.22 2.68 39.64
N ILE B 870 -11.07 3.53 38.62
CA ILE B 870 -10.00 4.53 38.59
C ILE B 870 -10.20 5.58 39.70
N ALA B 871 -11.44 5.99 39.95
CA ALA B 871 -11.77 6.88 41.06
C ALA B 871 -11.54 6.22 42.43
N GLN B 872 -11.83 4.94 42.62
CA GLN B 872 -11.52 4.24 43.87
C GLN B 872 -10.02 4.12 44.13
N TYR B 873 -9.21 3.80 43.12
CA TYR B 873 -7.76 3.80 43.27
C TYR B 873 -7.24 5.20 43.60
N THR B 874 -7.75 6.22 42.95
CA THR B 874 -7.37 7.61 43.22
C THR B 874 -7.78 8.04 44.62
N SER B 875 -9.01 7.69 45.02
CA SER B 875 -9.47 8.01 46.40
C SER B 875 -8.50 7.37 47.41
N ALA B 876 -8.21 6.08 47.24
CA ALA B 876 -7.33 5.36 48.19
C ALA B 876 -5.96 6.03 48.27
N LEU B 877 -5.39 6.38 47.12
CA LEU B 877 -4.09 7.09 47.08
C LEU B 877 -4.22 8.39 47.89
N LEU B 878 -5.23 9.21 47.56
CA LEU B 878 -5.45 10.50 48.26
C LEU B 878 -5.60 10.25 49.76
N ALA B 879 -6.45 9.29 50.14
CA ALA B 879 -6.69 8.99 51.57
C ALA B 879 -5.37 8.63 52.24
N GLY B 880 -4.65 7.66 51.70
CA GLY B 880 -3.40 7.20 52.34
C GLY B 880 -2.40 8.35 52.46
N THR B 881 -2.33 9.20 51.44
CA THR B 881 -1.37 10.34 51.45
C THR B 881 -1.70 11.29 52.61
N ILE B 882 -2.97 11.65 52.79
CA ILE B 882 -3.32 12.63 53.82
C ILE B 882 -3.45 12.04 55.22
N THR B 883 -3.58 10.72 55.36
CA THR B 883 -3.60 10.06 56.68
C THR B 883 -2.25 9.49 57.10
N SER B 884 -1.34 9.18 56.18
CA SER B 884 -0.11 8.44 56.48
C SER B 884 1.16 8.92 55.77
N GLY B 885 1.11 10.02 55.02
CA GLY B 885 2.29 10.58 54.36
C GLY B 885 2.86 9.68 53.28
N TRP B 886 4.17 9.48 53.26
CA TRP B 886 4.81 8.56 52.31
C TRP B 886 4.82 7.11 52.79
N THR B 887 4.46 6.84 54.05
CA THR B 887 4.67 5.54 54.68
C THR B 887 3.89 4.41 54.00
N PHE B 888 2.72 4.67 53.44
CA PHE B 888 1.95 3.68 52.68
C PHE B 888 2.61 3.24 51.36
N GLY B 889 3.56 4.01 50.82
CA GLY B 889 4.33 3.62 49.65
C GLY B 889 5.45 2.63 49.95
N ALA B 890 5.95 2.60 51.19
CA ALA B 890 7.15 1.87 51.59
C ALA B 890 6.90 0.74 52.60
N GLY B 891 5.66 0.54 53.04
CA GLY B 891 5.27 -0.46 54.03
C GLY B 891 3.75 -0.53 54.16
N ALA B 892 3.24 -0.74 55.37
CA ALA B 892 1.85 -0.47 55.72
C ALA B 892 1.63 1.03 55.96
N ALA B 893 0.43 1.56 55.74
CA ALA B 893 0.12 2.94 56.09
C ALA B 893 0.21 3.14 57.60
N LEU B 894 1.12 4.02 58.06
CA LEU B 894 1.29 4.39 59.45
C LEU B 894 0.71 5.79 59.67
N GLN B 895 -0.29 5.95 60.54
CA GLN B 895 -0.90 7.26 60.69
C GLN B 895 0.07 8.28 61.29
N ILE B 896 -0.07 9.53 60.92
CA ILE B 896 0.61 10.70 61.51
C ILE B 896 -0.33 11.91 61.37
N PRO B 897 -0.37 12.88 62.29
CA PRO B 897 -1.18 14.08 62.13
C PRO B 897 -0.77 14.91 60.92
N PHE B 898 -1.69 15.51 60.18
CA PHE B 898 -1.34 16.13 58.91
C PHE B 898 -0.36 17.31 59.04
N ALA B 899 -0.61 18.19 60.01
CA ALA B 899 0.30 19.33 60.23
C ALA B 899 1.70 18.80 60.55
N MET B 900 1.77 17.76 61.39
CA MET B 900 3.08 17.14 61.74
C MET B 900 3.69 16.51 60.48
N GLN B 901 2.86 15.86 59.66
CA GLN B 901 3.34 15.28 58.38
C GLN B 901 3.97 16.40 57.55
N MET B 902 3.30 17.54 57.47
CA MET B 902 3.81 18.69 56.67
C MET B 902 5.14 19.19 57.25
N ALA B 903 5.28 19.14 58.59
CA ALA B 903 6.55 19.55 59.23
C ALA B 903 7.70 18.73 58.64
N TYR B 904 7.51 17.42 58.50
CA TYR B 904 8.57 16.57 57.88
C TYR B 904 8.81 17.08 56.45
N ARG B 905 7.72 17.32 55.72
CA ARG B 905 7.83 17.80 54.34
C ARG B 905 8.62 19.11 54.26
N PHE B 906 8.42 20.03 55.22
CA PHE B 906 9.24 21.22 55.37
C PHE B 906 10.71 20.88 55.64
N ASN B 907 11.03 19.93 56.51
CA ASN B 907 12.41 19.45 56.64
C ASN B 907 12.98 18.87 55.34
N GLY B 908 12.15 18.20 54.53
CA GLY B 908 12.57 17.64 53.26
C GLY B 908 13.03 18.68 52.24
N ILE B 909 12.48 19.90 52.28
CA ILE B 909 12.91 21.04 51.45
C ILE B 909 14.02 21.88 52.12
N GLY B 910 14.56 21.46 53.26
CA GLY B 910 15.59 22.18 54.00
C GLY B 910 15.07 23.34 54.86
N VAL B 911 13.76 23.42 55.10
CA VAL B 911 13.16 24.44 55.97
C VAL B 911 12.92 23.82 57.34
N THR B 912 13.20 24.55 58.40
CA THR B 912 13.14 24.03 59.78
C THR B 912 11.69 23.86 60.23
N GLN B 913 11.38 22.71 60.84
CA GLN B 913 9.96 22.40 61.20
C GLN B 913 9.30 23.55 61.98
N ASN B 914 10.04 24.24 62.84
CA ASN B 914 9.42 25.29 63.69
C ASN B 914 8.66 26.28 62.80
N VAL B 915 9.22 26.61 61.63
CA VAL B 915 8.60 27.62 60.73
C VAL B 915 7.17 27.19 60.41
N LEU B 916 6.96 25.92 60.04
CA LEU B 916 5.61 25.45 59.65
C LEU B 916 4.64 25.66 60.81
N TYR B 917 4.99 25.22 62.02
CA TYR B 917 4.07 25.32 63.17
C TYR B 917 3.68 26.78 63.39
N GLU B 918 4.65 27.70 63.29
CA GLU B 918 4.39 29.13 63.54
C GLU B 918 3.43 29.68 62.48
N ASN B 919 3.54 29.21 61.23
CA ASN B 919 2.69 29.75 60.14
C ASN B 919 1.62 28.72 59.73
N GLN B 920 1.43 27.68 60.55
CA GLN B 920 0.47 26.60 60.21
C GLN B 920 -0.80 27.19 59.60
N LYS B 921 -1.45 28.14 60.29
CA LYS B 921 -2.74 28.67 59.79
C LYS B 921 -2.54 29.31 58.41
N LEU B 922 -1.55 30.20 58.28
CA LEU B 922 -1.25 30.82 56.97
C LEU B 922 -1.04 29.72 55.94
N ILE B 923 -0.13 28.78 56.22
CA ILE B 923 0.16 27.68 55.31
C ILE B 923 -1.13 26.96 54.91
N ALA B 924 -2.02 26.68 55.86
CA ALA B 924 -3.33 26.11 55.61
C ALA B 924 -4.21 27.02 54.74
N ASN B 925 -4.22 28.32 55.07
CA ASN B 925 -4.99 29.30 54.26
C ASN B 925 -4.45 29.29 52.82
N GLN B 926 -3.13 29.45 52.66
CA GLN B 926 -2.53 29.53 51.30
C GLN B 926 -2.95 28.29 50.50
N PHE B 927 -2.83 27.10 51.09
CA PHE B 927 -3.23 25.85 50.39
C PHE B 927 -4.72 25.94 50.00
N ASN B 928 -5.59 26.19 50.98
CA ASN B 928 -7.03 26.25 50.72
C ASN B 928 -7.37 27.28 49.63
N SER B 929 -6.68 28.41 49.59
CA SER B 929 -6.80 29.43 48.56
C SER B 929 -6.23 28.99 47.20
N ALA B 930 -5.13 28.22 47.19
CA ALA B 930 -4.57 27.64 45.98
C ALA B 930 -5.43 26.53 45.38
N ILE B 931 -6.03 25.62 46.18
CA ILE B 931 -7.02 24.65 45.69
C ILE B 931 -8.30 25.34 45.21
N GLY B 932 -8.70 26.45 45.84
CA GLY B 932 -9.78 27.28 45.32
C GLY B 932 -9.53 27.76 43.89
N LYS B 933 -8.34 28.28 43.60
CA LYS B 933 -7.93 28.71 42.25
C LYS B 933 -7.83 27.58 41.23
N ILE B 934 -7.53 26.36 41.69
CA ILE B 934 -7.48 25.19 40.78
C ILE B 934 -8.87 25.02 40.14
N GLN B 935 -9.92 24.95 40.96
CA GLN B 935 -11.30 24.73 40.44
C GLN B 935 -11.66 25.88 39.49
N ASP B 936 -11.61 27.11 39.98
CA ASP B 936 -11.99 28.29 39.15
C ASP B 936 -11.32 28.15 37.78
N SER B 937 -9.99 27.97 37.77
CA SER B 937 -9.26 27.82 36.52
C SER B 937 -9.86 26.73 35.64
N LEU B 938 -10.08 25.53 36.19
CA LEU B 938 -10.62 24.37 35.47
C LEU B 938 -12.07 24.60 35.02
N SER B 939 -12.88 25.26 35.85
CA SER B 939 -14.26 25.61 35.52
C SER B 939 -14.33 26.60 34.36
N SER B 940 -13.54 27.67 34.43
CA SER B 940 -13.58 28.79 33.47
C SER B 940 -12.88 28.52 32.14
N THR B 941 -11.68 27.92 32.18
CA THR B 941 -10.75 27.88 31.05
C THR B 941 -10.95 26.61 30.23
N ALA B 942 -11.13 26.72 28.91
CA ALA B 942 -11.36 25.54 28.06
C ALA B 942 -10.09 24.69 27.85
N SER B 943 -9.01 25.32 27.42
CA SER B 943 -7.78 24.69 26.91
C SER B 943 -6.93 23.98 27.98
N ALA B 944 -7.31 24.00 29.26
CA ALA B 944 -6.53 23.41 30.35
C ALA B 944 -6.30 21.90 30.19
N LEU B 945 -7.30 21.14 29.71
CA LEU B 945 -7.20 19.70 29.40
C LEU B 945 -6.85 19.41 27.92
N GLY B 946 -6.23 20.36 27.22
CA GLY B 946 -5.92 20.23 25.80
C GLY B 946 -5.17 18.94 25.44
N LYS B 947 -4.25 18.49 26.29
CA LYS B 947 -3.52 17.21 26.16
C LYS B 947 -4.42 15.97 26.05
N LEU B 948 -5.55 15.94 26.76
CA LEU B 948 -6.46 14.80 26.77
C LEU B 948 -7.48 14.89 25.64
N GLN B 949 -7.99 16.10 25.36
CA GLN B 949 -8.85 16.32 24.21
C GLN B 949 -8.11 16.03 22.89
N ASP B 950 -6.82 16.36 22.77
CA ASP B 950 -6.04 16.06 21.57
C ASP B 950 -5.90 14.56 21.27
N VAL B 951 -5.81 13.71 22.30
CA VAL B 951 -5.78 12.25 22.12
C VAL B 951 -7.11 11.71 21.62
N VAL B 952 -8.22 12.19 22.16
CA VAL B 952 -9.57 11.84 21.71
C VAL B 952 -9.82 12.35 20.29
N ASN B 953 -9.42 13.59 20.02
CA ASN B 953 -9.57 14.15 18.65
C ASN B 953 -8.85 13.23 17.66
N GLN B 954 -7.62 12.81 17.99
CA GLN B 954 -6.83 11.93 17.08
C GLN B 954 -7.58 10.61 16.88
N ASN B 955 -7.95 9.94 17.97
CA ASN B 955 -8.66 8.63 17.88
C ASN B 955 -9.88 8.79 16.97
N ALA B 956 -10.47 9.99 16.94
CA ALA B 956 -11.65 10.23 16.13
C ALA B 956 -11.31 10.58 14.69
N GLN B 957 -10.31 11.44 14.48
CA GLN B 957 -9.88 11.79 13.10
C GLN B 957 -9.40 10.52 12.38
N ALA B 958 -8.61 9.68 13.06
CA ALA B 958 -8.09 8.45 12.48
C ALA B 958 -9.20 7.48 12.05
N LEU B 959 -10.20 7.22 12.89
CA LEU B 959 -11.34 6.39 12.50
C LEU B 959 -12.20 7.05 11.43
N ASN B 960 -12.39 8.36 11.47
CA ASN B 960 -13.10 9.08 10.42
C ASN B 960 -12.38 8.94 9.07
N THR B 961 -11.06 9.11 9.04
CA THR B 961 -10.26 8.92 7.82
C THR B 961 -10.30 7.47 7.33
N LEU B 962 -10.25 6.49 8.23
CA LEU B 962 -10.33 5.07 7.87
C LEU B 962 -11.66 4.74 7.20
N VAL B 963 -12.79 5.23 7.72
CA VAL B 963 -14.11 5.02 7.10
C VAL B 963 -14.25 5.78 5.78
N LYS B 964 -13.79 7.04 5.75
CA LYS B 964 -13.93 7.88 4.53
C LYS B 964 -13.21 7.21 3.35
N GLN B 965 -12.21 6.37 3.61
CA GLN B 965 -11.42 5.76 2.50
C GLN B 965 -12.29 4.82 1.67
N LEU B 966 -13.26 4.14 2.29
CA LEU B 966 -14.10 3.16 1.55
C LEU B 966 -14.71 3.83 0.31
N SER B 967 -15.08 5.11 0.41
CA SER B 967 -15.69 5.84 -0.71
C SER B 967 -14.74 6.06 -1.89
N SER B 968 -13.44 5.88 -1.71
CA SER B 968 -12.38 6.03 -2.72
C SER B 968 -12.38 4.90 -3.74
N ASN B 969 -12.17 5.22 -5.01
CA ASN B 969 -12.15 4.26 -6.11
C ASN B 969 -10.86 3.43 -6.18
N PHE B 970 -9.71 3.98 -5.78
CA PHE B 970 -8.37 3.40 -6.02
C PHE B 970 -8.13 3.06 -7.50
N GLY B 971 -8.73 3.84 -8.41
CA GLY B 971 -8.71 3.60 -9.85
C GLY B 971 -9.72 2.57 -10.37
N ALA B 972 -10.51 1.91 -9.52
CA ALA B 972 -11.60 1.05 -9.95
C ALA B 972 -12.77 1.86 -10.53
N ILE B 973 -13.64 1.20 -11.30
CA ILE B 973 -14.83 1.83 -11.93
C ILE B 973 -15.92 2.31 -10.95
N SER B 974 -15.92 1.81 -9.71
CA SER B 974 -16.79 2.26 -8.61
C SER B 974 -16.11 1.96 -7.28
N SER B 975 -16.51 2.64 -6.21
CA SER B 975 -16.16 2.26 -4.83
C SER B 975 -17.16 1.26 -4.22
N VAL B 976 -18.19 0.84 -4.95
CA VAL B 976 -19.21 -0.09 -4.46
C VAL B 976 -19.04 -1.46 -5.13
N LEU B 977 -18.83 -2.50 -4.32
CA LEU B 977 -18.58 -3.86 -4.82
C LEU B 977 -19.76 -4.41 -5.63
N ASN B 978 -20.99 -4.06 -5.26
CA ASN B 978 -22.20 -4.46 -5.96
C ASN B 978 -22.33 -3.85 -7.36
N ASP B 979 -21.82 -2.64 -7.59
CA ASP B 979 -21.77 -2.03 -8.91
C ASP B 979 -20.80 -2.79 -9.81
N ILE B 980 -19.61 -3.08 -9.29
CA ILE B 980 -18.58 -3.84 -10.02
C ILE B 980 -19.10 -5.24 -10.35
N LEU B 981 -19.73 -5.92 -9.39
CA LEU B 981 -20.24 -7.27 -9.54
C LEU B 981 -21.51 -7.36 -10.40
N SER B 982 -22.35 -6.31 -10.43
CA SER B 982 -23.52 -6.28 -11.32
C SER B 982 -23.15 -5.88 -12.75
N ARG B 983 -22.27 -4.91 -12.95
CA ARG B 983 -21.95 -4.48 -14.31
C ARG B 983 -20.94 -5.30 -15.13
N LEU B 984 -19.96 -5.93 -14.45
CA LEU B 984 -18.87 -6.62 -15.20
C LEU B 984 -18.94 -8.14 -15.01
N ASP B 985 -18.29 -8.89 -15.90
CA ASP B 985 -18.24 -10.37 -15.77
C ASP B 985 -17.20 -10.74 -14.72
N LYS B 986 -17.16 -12.00 -14.30
CA LYS B 986 -16.24 -12.43 -13.20
C LYS B 986 -14.79 -12.03 -13.50
N VAL B 987 -14.27 -12.34 -14.69
CA VAL B 987 -12.83 -12.11 -14.94
C VAL B 987 -12.45 -10.63 -15.03
N GLU B 988 -13.39 -9.76 -15.40
CA GLU B 988 -13.19 -8.30 -15.35
C GLU B 988 -13.56 -7.74 -13.98
N ALA B 989 -14.68 -8.21 -13.40
CA ALA B 989 -15.14 -7.65 -12.11
C ALA B 989 -14.04 -7.83 -11.04
N GLU B 990 -13.41 -9.00 -11.00
CA GLU B 990 -12.37 -9.26 -9.95
C GLU B 990 -11.32 -8.15 -9.97
N VAL B 991 -10.89 -7.73 -11.16
CA VAL B 991 -9.82 -6.69 -11.28
C VAL B 991 -10.25 -5.46 -10.47
N GLN B 992 -11.46 -4.96 -10.71
CA GLN B 992 -11.96 -3.74 -10.00
C GLN B 992 -12.10 -4.05 -8.51
N ILE B 993 -12.57 -5.25 -8.17
CA ILE B 993 -12.68 -5.65 -6.74
C ILE B 993 -11.28 -5.61 -6.12
N ASP B 994 -10.29 -6.19 -6.80
CA ASP B 994 -8.89 -6.21 -6.28
C ASP B 994 -8.37 -4.78 -6.21
N ARG B 995 -8.77 -3.90 -7.13
CA ARG B 995 -8.33 -2.52 -7.11
C ARG B 995 -8.71 -1.93 -5.76
N LEU B 996 -9.96 -2.13 -5.35
CA LEU B 996 -10.41 -1.66 -4.00
C LEU B 996 -9.61 -2.40 -2.93
N ILE B 997 -9.59 -3.73 -2.98
CA ILE B 997 -8.86 -4.55 -1.96
C ILE B 997 -7.47 -3.93 -1.72
N THR B 998 -6.62 -3.92 -2.76
CA THR B 998 -5.27 -3.36 -2.63
C THR B 998 -5.28 -2.01 -1.90
N GLY B 999 -6.18 -1.10 -2.27
CA GLY B 999 -6.27 0.22 -1.67
C GLY B 999 -6.87 0.23 -0.25
N ARG B 1000 -7.81 -0.68 0.00
CA ARG B 1000 -8.41 -0.79 1.32
C ARG B 1000 -7.39 -1.39 2.29
N LEU B 1001 -6.74 -2.47 1.88
CA LEU B 1001 -5.72 -3.12 2.68
C LEU B 1001 -4.56 -2.16 3.01
N GLN B 1002 -4.19 -1.25 2.11
CA GLN B 1002 -3.24 -0.18 2.44
C GLN B 1002 -3.84 0.89 3.35
N SER B 1003 -5.14 1.16 3.25
CA SER B 1003 -5.85 2.06 4.15
C SER B 1003 -5.91 1.52 5.57
N LEU B 1004 -6.10 0.21 5.75
CA LEU B 1004 -5.95 -0.46 7.03
C LEU B 1004 -4.50 -0.50 7.52
N GLN B 1005 -3.53 -0.88 6.70
CA GLN B 1005 -2.13 -0.94 7.13
C GLN B 1005 -1.58 0.43 7.54
N THR B 1006 -2.07 1.51 6.92
CA THR B 1006 -1.72 2.88 7.30
C THR B 1006 -2.33 3.24 8.65
N TYR B 1007 -3.60 2.93 8.90
CA TYR B 1007 -4.22 3.12 10.21
C TYR B 1007 -3.50 2.32 11.31
N VAL B 1008 -3.37 1.02 11.12
CA VAL B 1008 -2.77 0.18 12.21
C VAL B 1008 -1.37 0.73 12.54
N THR B 1009 -0.57 1.02 11.51
CA THR B 1009 0.78 1.59 11.72
C THR B 1009 0.64 2.91 12.49
N GLN B 1010 -0.31 3.76 12.09
CA GLN B 1010 -0.52 5.06 12.78
C GLN B 1010 -0.80 4.80 14.26
N GLN B 1011 -1.70 3.86 14.56
CA GLN B 1011 -2.06 3.56 15.97
C GLN B 1011 -0.82 3.07 16.72
N LEU B 1012 -0.03 2.20 16.10
CA LEU B 1012 1.19 1.65 16.76
C LEU B 1012 2.12 2.81 17.14
N ILE B 1013 2.35 3.73 16.21
CA ILE B 1013 3.25 4.89 16.47
C ILE B 1013 2.63 5.76 17.58
N ARG B 1014 1.33 6.02 17.50
CA ARG B 1014 0.64 6.81 18.55
C ARG B 1014 0.70 6.05 19.88
N ALA B 1015 0.45 4.75 19.85
CA ALA B 1015 0.45 3.96 21.08
C ALA B 1015 1.80 4.02 21.82
N ALA B 1016 2.92 4.17 21.11
CA ALA B 1016 4.22 4.35 21.73
C ALA B 1016 4.38 5.70 22.43
N GLU B 1017 3.72 6.77 21.94
CA GLU B 1017 3.67 8.08 22.58
C GLU B 1017 2.82 8.06 23.85
N ILE B 1018 1.69 7.36 23.82
CA ILE B 1018 0.80 7.19 24.97
C ILE B 1018 1.44 6.31 26.03
N ARG B 1019 2.25 5.33 25.64
CA ARG B 1019 2.94 4.48 26.60
C ARG B 1019 4.02 5.22 27.31
N ALA B 1020 4.79 6.01 26.60
CA ALA B 1020 5.80 6.88 27.21
C ALA B 1020 5.17 7.85 28.23
N SER B 1021 3.99 8.38 27.93
CA SER B 1021 3.23 9.26 28.83
C SER B 1021 2.62 8.53 30.03
N ALA B 1022 2.16 7.30 29.86
CA ALA B 1022 1.72 6.44 30.95
C ALA B 1022 2.86 6.02 31.87
N ASN B 1023 4.03 5.70 31.32
CA ASN B 1023 5.23 5.41 32.09
C ASN B 1023 5.73 6.63 32.88
N LEU B 1024 5.62 7.83 32.31
CA LEU B 1024 5.91 9.07 33.02
C LEU B 1024 4.89 9.34 34.14
N ALA B 1025 3.60 9.21 33.86
CA ALA B 1025 2.53 9.35 34.84
C ALA B 1025 2.61 8.33 35.98
N ALA B 1026 3.08 7.11 35.72
CA ALA B 1026 3.31 6.10 36.74
C ALA B 1026 4.50 6.46 37.61
N THR B 1027 5.52 7.09 37.04
CA THR B 1027 6.70 7.58 37.76
C THR B 1027 6.36 8.81 38.60
N LYS B 1028 5.54 9.74 38.11
CA LYS B 1028 5.02 10.85 38.93
C LYS B 1028 4.09 10.38 40.04
N MET B 1029 3.33 9.31 39.83
CA MET B 1029 2.56 8.69 40.90
C MET B 1029 3.46 8.11 41.99
N SER B 1030 4.45 7.30 41.63
CA SER B 1030 5.40 6.76 42.60
C SER B 1030 6.21 7.84 43.29
N GLU B 1031 6.80 8.78 42.57
CA GLU B 1031 7.78 9.71 43.14
C GLU B 1031 7.19 10.99 43.71
N CYS B 1032 6.10 11.53 43.16
CA CYS B 1032 5.46 12.74 43.66
C CYS B 1032 4.30 12.46 44.63
N VAL B 1033 3.51 11.40 44.44
CA VAL B 1033 2.35 11.10 45.31
C VAL B 1033 2.74 10.20 46.47
N LEU B 1034 3.39 9.07 46.22
CA LEU B 1034 3.85 8.12 47.25
C LEU B 1034 5.12 8.57 47.98
N GLY B 1035 5.70 9.71 47.62
CA GLY B 1035 6.92 10.27 48.20
C GLY B 1035 6.94 11.80 48.28
N GLN B 1036 8.14 12.35 48.44
CA GLN B 1036 8.46 13.76 48.23
C GLN B 1036 9.72 13.84 47.39
N SER B 1037 9.76 14.66 46.36
CA SER B 1037 10.78 14.58 45.32
C SER B 1037 11.81 15.70 45.45
N LYS B 1038 13.10 15.37 45.45
CA LYS B 1038 14.19 16.35 45.31
C LYS B 1038 14.54 16.69 43.87
N ARG B 1039 14.00 15.95 42.89
CA ARG B 1039 14.19 16.18 41.46
C ARG B 1039 13.58 17.52 41.06
N VAL B 1040 14.42 18.45 40.60
CA VAL B 1040 13.90 19.82 40.28
C VAL B 1040 12.95 19.76 39.07
N ASP B 1041 11.79 20.41 39.18
CA ASP B 1041 10.82 20.49 38.05
C ASP B 1041 10.30 19.09 37.67
N PHE B 1042 10.27 18.15 38.61
CA PHE B 1042 9.67 16.82 38.32
C PHE B 1042 8.25 16.82 38.91
N CYS B 1043 8.04 17.62 39.96
CA CYS B 1043 6.73 17.72 40.58
C CYS B 1043 6.30 19.20 40.71
N GLY B 1044 6.24 19.92 39.59
CA GLY B 1044 5.91 21.35 39.52
C GLY B 1044 7.05 22.32 39.86
N LYS B 1045 6.83 23.63 39.68
CA LYS B 1045 7.82 24.69 39.94
C LYS B 1045 7.81 25.09 41.42
N GLY B 1046 8.99 25.24 42.02
CA GLY B 1046 9.16 25.42 43.46
C GLY B 1046 9.87 24.22 44.08
N TYR B 1047 9.86 24.16 45.42
CA TYR B 1047 10.41 22.97 46.12
C TYR B 1047 9.25 22.01 46.39
N HIS B 1048 9.17 20.92 45.64
CA HIS B 1048 8.00 19.99 45.76
C HIS B 1048 7.78 19.56 47.22
N LEU B 1049 6.54 19.66 47.69
CA LEU B 1049 6.21 19.17 49.06
C LEU B 1049 5.41 17.87 48.90
N MET B 1050 4.22 17.95 48.29
CA MET B 1050 3.42 16.76 48.04
C MET B 1050 2.55 16.92 46.80
N SER B 1051 1.91 15.85 46.34
CA SER B 1051 1.03 15.88 45.17
C SER B 1051 -0.21 15.05 45.39
N PHE B 1052 -1.33 15.47 44.82
CA PHE B 1052 -2.61 14.75 44.89
C PHE B 1052 -3.04 14.29 43.49
N PRO B 1053 -3.26 12.98 43.24
CA PRO B 1053 -3.64 12.53 41.90
C PRO B 1053 -5.14 12.77 41.65
N GLN B 1054 -5.52 13.08 40.42
CA GLN B 1054 -6.95 13.29 40.06
C GLN B 1054 -7.23 12.57 38.75
N SER B 1055 -8.34 11.83 38.65
CA SER B 1055 -8.62 11.04 37.43
C SER B 1055 -9.30 11.90 36.37
N ALA B 1056 -8.90 11.74 35.10
CA ALA B 1056 -9.53 12.45 34.00
C ALA B 1056 -9.85 11.48 32.85
N PRO B 1057 -10.73 11.82 31.89
CA PRO B 1057 -10.98 10.93 30.75
C PRO B 1057 -9.67 10.49 30.08
N HIS B 1058 -9.37 9.18 30.12
CA HIS B 1058 -8.14 8.64 29.48
C HIS B 1058 -6.92 9.41 29.98
N GLY B 1059 -6.80 9.66 31.28
CA GLY B 1059 -5.58 10.32 31.78
C GLY B 1059 -5.58 10.61 33.27
N VAL B 1060 -4.53 11.29 33.75
CA VAL B 1060 -4.37 11.63 35.16
C VAL B 1060 -4.00 13.10 35.30
N VAL B 1061 -4.47 13.72 36.36
CA VAL B 1061 -4.12 15.07 36.77
C VAL B 1061 -3.40 14.99 38.11
N PHE B 1062 -2.22 15.58 38.22
CA PHE B 1062 -1.52 15.75 39.47
C PHE B 1062 -1.67 17.19 39.91
N LEU B 1063 -2.16 17.40 41.11
CA LEU B 1063 -2.15 18.70 41.76
C LEU B 1063 -0.89 18.73 42.62
N HIS B 1064 0.14 19.39 42.10
CA HIS B 1064 1.41 19.51 42.78
C HIS B 1064 1.42 20.67 43.76
N VAL B 1065 1.89 20.39 44.97
CA VAL B 1065 1.97 21.40 46.03
C VAL B 1065 3.43 21.71 46.28
N THR B 1066 3.82 22.98 46.22
CA THR B 1066 5.23 23.39 46.33
C THR B 1066 5.41 24.61 47.23
N TYR B 1067 6.50 24.65 47.96
CA TYR B 1067 6.97 25.84 48.66
C TYR B 1067 7.72 26.74 47.70
N VAL B 1068 7.30 27.99 47.56
CA VAL B 1068 7.97 29.00 46.75
C VAL B 1068 8.44 30.13 47.68
N PRO B 1069 9.76 30.44 47.78
CA PRO B 1069 10.22 31.57 48.60
C PRO B 1069 9.67 32.92 48.10
N ALA B 1070 9.59 33.91 48.99
CA ALA B 1070 9.04 35.24 48.61
C ALA B 1070 9.59 36.33 49.52
N GLN B 1071 9.26 37.60 49.27
CA GLN B 1071 9.68 38.71 50.16
C GLN B 1071 11.13 38.50 50.60
N GLU B 1072 12.06 38.37 49.66
CA GLU B 1072 13.49 38.20 50.00
C GLU B 1072 14.10 39.55 50.39
N LYS B 1073 15.25 39.53 51.05
CA LYS B 1073 15.94 40.80 51.45
C LYS B 1073 17.44 40.65 51.27
N ASN B 1074 18.14 41.73 50.92
CA ASN B 1074 19.59 41.69 50.80
C ASN B 1074 20.24 41.72 52.17
N PHE B 1075 21.28 40.91 52.34
CA PHE B 1075 22.18 40.88 53.47
C PHE B 1075 23.62 40.88 52.98
N THR B 1076 24.52 41.43 53.79
CA THR B 1076 25.94 41.13 53.65
C THR B 1076 26.19 39.73 54.20
N THR B 1077 27.17 39.00 53.68
CA THR B 1077 27.45 37.62 54.08
C THR B 1077 28.95 37.34 54.16
N ALA B 1078 29.32 36.25 54.81
CA ALA B 1078 30.70 35.82 54.94
C ALA B 1078 30.78 34.28 54.90
N PRO B 1079 31.84 33.70 54.32
CA PRO B 1079 32.02 32.26 54.28
C PRO B 1079 32.32 31.67 55.66
N ALA B 1080 32.98 32.44 56.52
CA ALA B 1080 33.48 32.06 57.83
C ALA B 1080 33.59 33.29 58.73
N ILE B 1081 33.57 33.05 60.05
CA ILE B 1081 33.72 34.17 61.04
C ILE B 1081 35.08 33.99 61.74
N CYS B 1082 35.91 35.02 61.73
CA CYS B 1082 37.24 34.95 62.39
C CYS B 1082 37.11 35.38 63.85
N HIS B 1083 36.97 34.42 64.76
CA HIS B 1083 36.82 34.74 66.21
C HIS B 1083 38.07 34.27 66.95
N ASP B 1084 38.74 35.18 67.66
CA ASP B 1084 40.01 34.83 68.37
C ASP B 1084 40.99 34.22 67.36
N GLY B 1085 41.13 34.83 66.19
CA GLY B 1085 42.04 34.31 65.15
C GLY B 1085 41.73 32.85 64.83
N LYS B 1086 40.44 32.51 64.78
CA LYS B 1086 40.04 31.10 64.51
C LYS B 1086 38.85 31.11 63.53
N ALA B 1087 38.85 30.19 62.56
CA ALA B 1087 37.78 30.19 61.54
C ALA B 1087 36.55 29.42 62.04
N HIS B 1088 35.37 30.02 61.93
CA HIS B 1088 34.11 29.32 62.34
C HIS B 1088 33.19 29.17 61.13
N PHE B 1089 32.61 27.98 60.95
CA PHE B 1089 31.74 27.72 59.76
C PHE B 1089 30.38 27.20 60.25
N PRO B 1090 29.26 27.59 59.60
CA PRO B 1090 27.92 27.18 60.05
C PRO B 1090 27.68 25.68 59.92
N ARG B 1091 27.08 25.05 60.93
CA ARG B 1091 26.72 23.62 60.86
C ARG B 1091 25.62 23.41 59.84
N GLU B 1092 24.56 24.19 60.00
CA GLU B 1092 23.44 24.33 59.10
C GLU B 1092 23.20 25.83 58.98
N GLY B 1093 23.03 26.34 57.76
CA GLY B 1093 22.76 27.76 57.54
C GLY B 1093 23.87 28.53 56.86
N VAL B 1094 23.74 29.85 56.90
CA VAL B 1094 24.63 30.83 56.28
C VAL B 1094 24.78 32.02 57.23
N PHE B 1095 25.95 32.66 57.29
CA PHE B 1095 26.15 33.88 58.06
C PHE B 1095 25.62 35.10 57.31
N VAL B 1096 24.89 35.95 57.99
CA VAL B 1096 24.34 37.19 57.42
C VAL B 1096 24.48 38.34 58.38
N SER B 1097 24.78 39.52 57.84
CA SER B 1097 24.86 40.77 58.55
C SER B 1097 23.69 41.66 58.14
N ASN B 1098 22.97 42.20 59.12
CA ASN B 1098 21.95 43.21 58.88
C ASN B 1098 22.54 44.62 58.59
N GLY B 1099 23.87 44.75 58.62
CA GLY B 1099 24.62 45.99 58.44
C GLY B 1099 25.48 46.34 59.66
N THR B 1100 24.99 45.97 60.86
CA THR B 1100 25.72 46.29 62.10
C THR B 1100 25.91 45.02 62.95
N HIS B 1101 25.03 44.03 62.81
CA HIS B 1101 25.10 42.82 63.67
C HIS B 1101 25.26 41.55 62.82
N TRP B 1102 25.84 40.50 63.39
CA TRP B 1102 26.08 39.24 62.63
C TRP B 1102 25.17 38.12 63.16
N PHE B 1103 24.58 37.34 62.26
CA PHE B 1103 23.71 36.24 62.64
C PHE B 1103 23.98 35.02 61.77
N VAL B 1104 23.47 33.87 62.17
CA VAL B 1104 23.40 32.67 61.33
C VAL B 1104 21.93 32.29 61.12
N THR B 1105 21.54 32.01 59.89
CA THR B 1105 20.13 31.68 59.66
C THR B 1105 19.89 30.57 58.63
N GLN B 1106 18.60 30.26 58.47
CA GLN B 1106 18.21 29.21 57.50
C GLN B 1106 18.61 29.64 56.09
N ARG B 1107 19.05 28.67 55.30
CA ARG B 1107 19.46 28.91 53.92
C ARG B 1107 18.28 29.15 53.01
N ASN B 1108 17.07 28.83 53.49
CA ASN B 1108 15.85 28.96 52.67
C ASN B 1108 14.72 29.80 53.31
N PHE B 1109 14.98 30.46 54.45
CA PHE B 1109 14.01 31.29 55.15
C PHE B 1109 14.75 32.18 56.15
N TYR B 1110 14.56 33.49 56.12
CA TYR B 1110 15.27 34.38 57.04
C TYR B 1110 14.71 34.25 58.46
N GLU B 1111 15.52 33.68 59.33
CA GLU B 1111 15.28 33.48 60.75
C GLU B 1111 16.62 33.61 61.49
N PRO B 1112 17.08 34.83 61.82
CA PRO B 1112 18.43 35.10 62.29
C PRO B 1112 18.62 34.70 63.75
N GLN B 1113 19.77 34.12 64.06
CA GLN B 1113 20.15 33.72 65.42
C GLN B 1113 21.54 34.21 65.78
N ILE B 1114 21.75 34.55 67.05
CA ILE B 1114 23.06 34.94 67.58
C ILE B 1114 24.06 33.80 67.31
N ILE B 1115 25.26 34.13 66.82
CA ILE B 1115 26.25 33.12 66.45
C ILE B 1115 26.89 32.54 67.71
N THR B 1116 26.73 31.23 67.90
CA THR B 1116 27.28 30.51 69.05
C THR B 1116 28.13 29.33 68.62
N THR B 1117 28.84 28.72 69.56
CA THR B 1117 29.54 27.45 69.36
C THR B 1117 28.60 26.24 69.20
N ASP B 1118 27.28 26.41 69.34
CA ASP B 1118 26.29 25.39 68.99
C ASP B 1118 25.82 25.47 67.53
N ASN B 1119 25.72 26.65 66.93
CA ASN B 1119 25.35 26.81 65.50
C ASN B 1119 26.48 26.50 64.53
N THR B 1120 27.73 26.55 64.99
CA THR B 1120 28.95 26.60 64.18
C THR B 1120 29.90 25.46 64.51
N PHE B 1121 30.80 25.14 63.58
CA PHE B 1121 31.93 24.25 63.79
C PHE B 1121 33.22 24.98 63.43
N VAL B 1122 34.34 24.52 63.95
CA VAL B 1122 35.66 25.14 63.79
C VAL B 1122 36.55 24.27 62.91
N SER B 1123 37.25 24.88 61.96
CA SER B 1123 38.22 24.08 61.18
C SER B 1123 39.32 24.99 60.63
N GLY B 1124 40.51 24.88 61.22
CA GLY B 1124 41.65 25.66 60.71
C GLY B 1124 41.66 27.08 61.24
N ASN B 1125 42.72 27.82 60.93
CA ASN B 1125 42.80 29.24 61.36
C ASN B 1125 42.04 30.09 60.36
N CYS B 1126 42.15 31.41 60.48
CA CYS B 1126 41.40 32.32 59.59
C CYS B 1126 42.16 32.58 58.29
N ASP B 1127 43.43 32.96 58.40
CA ASP B 1127 44.25 33.35 57.21
C ASP B 1127 43.86 32.60 55.93
N VAL B 1128 43.62 31.29 56.00
CA VAL B 1128 43.40 30.50 54.77
C VAL B 1128 42.10 30.80 54.02
N VAL B 1129 41.03 31.21 54.71
CA VAL B 1129 39.71 31.45 54.10
C VAL B 1129 39.61 32.82 53.46
N ILE B 1130 39.40 32.88 52.14
CA ILE B 1130 39.23 34.13 51.40
C ILE B 1130 37.93 34.80 51.82
N GLY B 1131 37.99 36.03 52.33
CA GLY B 1131 36.81 36.79 52.74
C GLY B 1131 36.25 36.48 54.12
N ILE B 1132 36.99 35.79 55.00
CA ILE B 1132 36.62 35.67 56.42
C ILE B 1132 36.48 37.03 57.10
N VAL B 1133 35.57 37.16 58.06
CA VAL B 1133 35.27 38.41 58.78
C VAL B 1133 35.40 38.23 60.29
N ASN B 1134 35.46 39.32 61.05
CA ASN B 1134 35.59 39.26 62.50
C ASN B 1134 34.25 39.55 63.18
N ASN B 1135 33.80 38.63 64.04
CA ASN B 1135 32.69 38.84 64.96
C ASN B 1135 32.88 37.92 66.16
N THR B 1136 32.34 38.26 67.33
CA THR B 1136 32.37 37.37 68.49
C THR B 1136 31.52 36.13 68.27
N VAL B 1137 31.92 34.99 68.84
CA VAL B 1137 31.14 33.75 68.88
C VAL B 1137 30.83 33.42 70.33
N TYR B 1138 29.53 33.42 70.67
CA TYR B 1138 29.11 33.22 72.07
C TYR B 1138 29.22 31.76 72.50
N ASP B 1139 29.62 31.52 73.76
CA ASP B 1139 29.66 30.14 74.29
C ASP B 1139 28.63 30.05 75.42
N PRO B 1140 27.48 29.36 75.27
CA PRO B 1140 26.51 29.21 76.37
C PRO B 1140 27.17 28.68 77.65
N LEU B 1141 28.26 27.92 77.51
CA LEU B 1141 28.94 27.32 78.69
C LEU B 1141 29.57 28.42 79.55
N GLN B 1142 30.15 29.44 78.91
CA GLN B 1142 30.87 30.51 79.67
C GLN B 1142 29.99 31.05 80.80
N PRO B 1143 28.82 31.69 80.54
CA PRO B 1143 28.04 32.28 81.64
C PRO B 1143 27.52 31.17 82.56
N GLU B 1144 26.97 30.10 81.98
CA GLU B 1144 26.52 28.96 82.80
C GLU B 1144 27.55 28.57 83.87
N LEU B 1145 28.84 28.83 83.64
CA LEU B 1145 29.90 28.72 84.64
C LEU B 1145 30.20 30.05 85.35
N ASP B 1146 30.09 31.22 84.71
CA ASP B 1146 30.36 32.49 85.39
C ASP B 1146 29.29 32.84 86.43
N SER B 1147 28.02 32.57 86.16
CA SER B 1147 26.96 32.62 87.18
C SER B 1147 27.14 31.54 88.27
N PHE B 1148 27.96 30.50 88.03
CA PHE B 1148 28.38 29.53 89.04
C PHE B 1148 29.65 29.99 89.79
N LYS B 1149 30.52 30.81 89.18
CA LYS B 1149 31.64 31.49 89.84
C LYS B 1149 31.13 32.61 90.77
N GLU B 1150 30.01 33.25 90.47
CA GLU B 1150 29.32 34.11 91.46
C GLU B 1150 28.61 33.29 92.56
N GLU B 1151 28.14 32.08 92.27
CA GLU B 1151 27.65 31.12 93.28
C GLU B 1151 28.78 30.59 94.20
N LEU B 1152 29.99 30.39 93.66
CA LEU B 1152 31.22 30.21 94.46
C LEU B 1152 31.46 31.44 95.34
N ASP B 1153 31.63 32.61 94.73
CA ASP B 1153 32.06 33.83 95.42
C ASP B 1153 31.10 34.27 96.54
N LYS B 1154 29.78 34.34 96.30
CA LYS B 1154 28.82 34.70 97.36
C LYS B 1154 28.77 33.70 98.50
N TYR B 1155 29.01 32.40 98.25
CA TYR B 1155 29.15 31.42 99.34
C TYR B 1155 30.46 31.63 100.12
N PHE B 1156 31.57 31.97 99.45
CA PHE B 1156 32.83 32.34 100.12
C PHE B 1156 32.68 33.60 100.98
N LYS B 1157 32.12 34.69 100.42
CA LYS B 1157 31.95 35.95 101.16
C LYS B 1157 31.05 35.76 102.39
N ASN B 1158 29.99 34.96 102.30
CA ASN B 1158 29.23 34.54 103.48
C ASN B 1158 30.10 33.83 104.53
N HIS B 1159 30.95 32.90 104.06
CA HIS B 1159 31.79 32.12 105.02
C HIS B 1159 32.82 32.99 105.74
N THR B 1160 33.09 34.19 105.22
CA THR B 1160 34.03 35.12 105.91
C THR B 1160 33.46 35.50 107.26
N SER B 1161 32.13 35.59 107.38
CA SER B 1161 31.50 36.03 108.65
C SER B 1161 31.83 35.04 109.79
N PRO B 1162 31.56 33.72 109.66
CA PRO B 1162 31.96 32.75 110.69
C PRO B 1162 33.41 32.30 110.52
N GLN C 14 44.57 -7.82 -54.76
CA GLN C 14 45.64 -8.84 -54.55
C GLN C 14 45.62 -9.34 -53.10
N CYS C 15 46.13 -10.56 -52.91
CA CYS C 15 46.14 -11.19 -51.57
C CYS C 15 47.43 -12.00 -51.41
N VAL C 16 48.07 -11.92 -50.24
CA VAL C 16 49.37 -12.63 -50.02
C VAL C 16 49.50 -13.06 -48.56
N ASN C 17 49.95 -14.28 -48.31
CA ASN C 17 50.18 -14.76 -46.91
C ASN C 17 51.66 -14.64 -46.56
N LEU C 18 52.19 -13.42 -46.44
CA LEU C 18 53.61 -13.26 -46.03
C LEU C 18 53.76 -13.81 -44.60
N THR C 19 54.86 -14.54 -44.35
CA THR C 19 55.09 -15.15 -43.01
C THR C 19 56.47 -14.72 -42.51
N THR C 20 57.26 -14.06 -43.36
CA THR C 20 58.62 -13.61 -42.97
C THR C 20 58.54 -12.83 -41.65
N ARG C 21 58.61 -13.52 -40.52
CA ARG C 21 58.53 -12.86 -39.18
C ARG C 21 59.33 -13.66 -38.15
N THR C 22 58.95 -13.57 -36.88
CA THR C 22 59.66 -14.28 -35.79
C THR C 22 58.66 -14.73 -34.73
N GLN C 23 58.73 -15.99 -34.29
CA GLN C 23 57.81 -16.54 -33.30
C GLN C 23 58.10 -16.07 -31.86
N LEU C 24 57.11 -15.45 -31.23
CA LEU C 24 57.09 -15.07 -29.81
C LEU C 24 55.84 -15.68 -29.14
N PRO C 25 55.90 -16.03 -27.84
CA PRO C 25 54.72 -16.40 -27.06
C PRO C 25 53.80 -15.18 -26.84
N PRO C 26 52.51 -15.39 -26.51
CA PRO C 26 51.59 -14.29 -26.28
C PRO C 26 51.95 -13.50 -25.01
N ALA C 27 52.14 -12.20 -25.15
CA ALA C 27 52.39 -11.28 -24.04
C ALA C 27 51.09 -10.80 -23.39
N TYR C 28 51.19 -10.33 -22.15
CA TYR C 28 50.06 -9.79 -21.37
C TYR C 28 50.48 -8.57 -20.55
N THR C 29 49.52 -7.71 -20.22
CA THR C 29 49.72 -6.56 -19.33
C THR C 29 48.44 -6.22 -18.56
N ASN C 30 48.50 -5.28 -17.63
CA ASN C 30 47.45 -5.01 -16.66
C ASN C 30 46.62 -3.78 -17.06
N SER C 31 45.31 -3.94 -17.17
CA SER C 31 44.41 -2.83 -17.56
C SER C 31 43.81 -2.20 -16.30
N PHE C 32 44.42 -1.13 -15.78
CA PHE C 32 43.93 -0.48 -14.52
C PHE C 32 43.14 0.77 -14.87
N THR C 33 41.95 0.92 -14.27
CA THR C 33 41.09 2.12 -14.53
C THR C 33 41.16 2.48 -16.02
N ARG C 34 41.03 1.50 -16.91
CA ARG C 34 41.07 1.76 -18.35
C ARG C 34 39.88 1.12 -19.07
N GLY C 35 39.20 1.89 -19.91
CA GLY C 35 38.04 1.37 -20.64
C GLY C 35 36.68 1.58 -19.97
N VAL C 36 36.56 2.56 -19.07
CA VAL C 36 35.27 3.11 -18.66
C VAL C 36 34.84 4.17 -19.66
N TYR C 37 33.55 4.39 -19.82
CA TYR C 37 32.98 5.26 -20.85
C TYR C 37 31.72 5.94 -20.34
N TYR C 38 31.28 7.01 -20.97
CA TYR C 38 30.04 7.68 -20.58
C TYR C 38 28.84 6.76 -20.87
N PRO C 39 28.11 6.27 -19.85
CA PRO C 39 27.21 5.14 -20.00
C PRO C 39 25.90 5.47 -20.74
N ASP C 40 25.49 6.74 -20.76
CA ASP C 40 24.34 7.30 -21.47
C ASP C 40 24.59 8.76 -21.84
N LYS C 41 23.78 9.34 -22.75
CA LYS C 41 24.06 10.64 -23.37
C LYS C 41 23.51 11.86 -22.59
N VAL C 42 23.55 11.80 -21.26
CA VAL C 42 23.00 12.81 -20.32
C VAL C 42 24.13 13.50 -19.55
N PHE C 43 24.00 14.81 -19.35
CA PHE C 43 24.95 15.57 -18.51
C PHE C 43 24.66 15.37 -17.02
N ARG C 44 25.70 15.16 -16.22
CA ARG C 44 25.65 15.10 -14.75
C ARG C 44 26.91 15.72 -14.20
N SER C 45 26.87 16.34 -13.02
CA SER C 45 28.05 16.94 -12.40
C SER C 45 27.97 16.89 -10.87
N SER C 46 29.13 16.89 -10.20
CA SER C 46 29.25 16.78 -8.74
C SER C 46 28.37 15.69 -8.14
N VAL C 47 28.36 14.50 -8.74
CA VAL C 47 27.52 13.38 -8.33
C VAL C 47 28.26 12.06 -8.54
N LEU C 48 27.91 11.05 -7.73
CA LEU C 48 28.52 9.71 -7.89
C LEU C 48 27.51 8.80 -8.58
N HIS C 49 27.38 8.92 -9.90
CA HIS C 49 26.37 8.13 -10.66
C HIS C 49 26.74 6.64 -10.69
N SER C 50 25.78 5.76 -10.39
CA SER C 50 26.04 4.30 -10.47
C SER C 50 25.47 3.76 -11.80
N THR C 51 25.93 2.60 -12.27
CA THR C 51 25.49 2.11 -13.58
C THR C 51 25.92 0.66 -13.80
N GLN C 52 25.01 -0.17 -14.32
CA GLN C 52 25.32 -1.55 -14.70
C GLN C 52 25.31 -1.68 -16.22
N ASP C 53 26.43 -2.11 -16.80
CA ASP C 53 26.63 -2.20 -18.24
C ASP C 53 27.82 -3.13 -18.56
N LEU C 54 28.09 -3.41 -19.82
CA LEU C 54 29.30 -4.09 -20.26
C LEU C 54 30.51 -3.15 -20.12
N PHE C 55 31.35 -3.34 -19.10
CA PHE C 55 32.58 -2.59 -18.86
C PHE C 55 33.80 -3.50 -18.80
N LEU C 56 35.00 -3.02 -19.15
CA LEU C 56 36.24 -3.73 -18.87
C LEU C 56 36.50 -3.73 -17.35
N PRO C 57 36.61 -4.91 -16.70
CA PRO C 57 36.89 -4.95 -15.27
C PRO C 57 38.23 -4.33 -14.92
N PHE C 58 38.32 -3.74 -13.72
CA PHE C 58 39.57 -3.07 -13.29
C PHE C 58 40.69 -4.10 -13.13
N PHE C 59 41.94 -3.65 -13.32
CA PHE C 59 43.12 -4.51 -13.17
C PHE C 59 42.97 -5.87 -13.89
N SER C 60 42.32 -5.88 -15.06
CA SER C 60 42.10 -7.15 -15.79
C SER C 60 43.32 -7.51 -16.68
N ASN C 61 43.65 -8.80 -16.80
CA ASN C 61 44.76 -9.25 -17.69
C ASN C 61 44.36 -8.95 -19.13
N VAL C 62 45.05 -8.00 -19.78
CA VAL C 62 44.75 -7.73 -21.22
C VAL C 62 45.84 -8.34 -22.11
N THR C 63 45.45 -8.89 -23.26
CA THR C 63 46.40 -9.51 -24.18
C THR C 63 47.11 -8.42 -24.97
N TRP C 64 48.42 -8.53 -25.12
CA TRP C 64 49.29 -7.50 -25.68
C TRP C 64 49.92 -7.96 -26.99
N PHE C 65 49.74 -7.16 -28.04
CA PHE C 65 50.20 -7.38 -29.40
C PHE C 65 51.10 -6.22 -29.83
N HIS C 66 52.07 -6.45 -30.70
CA HIS C 66 52.99 -5.39 -31.15
C HIS C 66 53.64 -5.72 -32.49
N ALA C 67 54.00 -4.68 -33.24
CA ALA C 67 54.81 -4.76 -34.43
C ALA C 67 56.14 -4.02 -34.22
N ILE C 68 57.25 -4.58 -34.71
CA ILE C 68 58.61 -4.06 -34.47
C ILE C 68 59.58 -4.56 -35.57
N HIS C 69 60.66 -3.81 -35.80
CA HIS C 69 61.65 -4.18 -36.86
C HIS C 69 60.89 -4.74 -38.06
N LYS C 77 60.12 -8.05 -38.21
CA LYS C 77 60.35 -9.08 -37.17
C LYS C 77 59.02 -9.48 -36.54
N ARG C 78 58.27 -8.52 -35.99
CA ARG C 78 56.97 -8.81 -35.35
C ARG C 78 55.84 -8.07 -36.06
N PHE C 79 54.68 -8.73 -36.17
CA PHE C 79 53.52 -8.14 -36.88
C PHE C 79 52.28 -8.96 -36.52
N ASP C 80 51.95 -9.03 -35.22
CA ASP C 80 50.83 -9.89 -34.77
C ASP C 80 49.49 -9.18 -34.99
N ASN C 81 48.73 -9.59 -36.01
CA ASN C 81 47.37 -9.02 -36.23
C ASN C 81 46.44 -10.19 -36.57
N PRO C 82 46.17 -11.12 -35.63
CA PRO C 82 45.36 -12.32 -35.93
C PRO C 82 43.87 -12.19 -35.59
N VAL C 83 43.06 -13.15 -36.05
CA VAL C 83 41.60 -13.15 -35.71
C VAL C 83 41.45 -13.50 -34.23
N LEU C 84 40.61 -12.77 -33.50
CA LEU C 84 40.46 -13.01 -32.04
C LEU C 84 38.97 -13.05 -31.68
N PRO C 85 38.52 -13.69 -30.57
CA PRO C 85 37.09 -13.78 -30.29
C PRO C 85 36.44 -12.42 -29.99
N PHE C 86 35.12 -12.33 -30.11
CA PHE C 86 34.40 -11.07 -29.77
C PHE C 86 33.19 -11.43 -28.89
N ASN C 87 33.45 -11.80 -27.63
CA ASN C 87 32.35 -12.12 -26.69
C ASN C 87 31.90 -10.83 -26.00
N ASP C 88 30.60 -10.68 -25.73
CA ASP C 88 30.08 -9.42 -25.13
C ASP C 88 30.63 -8.24 -25.96
N GLY C 89 31.37 -7.34 -25.31
CA GLY C 89 32.00 -6.22 -26.04
C GLY C 89 33.51 -6.34 -26.02
N VAL C 90 34.21 -5.55 -26.86
CA VAL C 90 35.69 -5.68 -26.95
C VAL C 90 36.34 -4.31 -26.70
N TYR C 91 37.25 -4.24 -25.72
CA TYR C 91 38.02 -2.97 -25.49
C TYR C 91 39.32 -3.07 -26.28
N PHE C 92 39.72 -1.97 -26.93
CA PHE C 92 40.92 -2.01 -27.76
C PHE C 92 41.67 -0.70 -27.55
N ALA C 93 42.97 -0.75 -27.28
CA ALA C 93 43.79 0.46 -27.23
C ALA C 93 45.03 0.23 -28.07
N SER C 94 45.36 1.16 -28.96
CA SER C 94 46.65 1.19 -29.65
C SER C 94 47.48 2.31 -29.08
N THR C 95 48.70 1.96 -28.64
CA THR C 95 49.75 2.89 -28.15
C THR C 95 50.53 3.13 -29.43
N GLU C 96 50.97 4.38 -29.73
CA GLU C 96 51.37 4.57 -31.11
C GLU C 96 52.24 5.79 -31.44
N LYS C 97 52.90 5.64 -32.58
CA LYS C 97 53.48 6.67 -33.43
C LYS C 97 53.28 6.22 -34.89
N SER C 98 53.26 7.14 -35.85
CA SER C 98 53.27 6.85 -37.30
C SER C 98 52.03 6.13 -37.91
N ASN C 99 50.91 6.01 -37.19
CA ASN C 99 49.60 5.54 -37.69
C ASN C 99 49.60 4.13 -38.34
N ILE C 100 50.05 3.13 -37.58
CA ILE C 100 50.28 1.74 -38.00
C ILE C 100 49.03 0.86 -37.88
N ILE C 101 48.29 0.90 -36.77
CA ILE C 101 46.97 0.27 -36.65
C ILE C 101 45.95 1.16 -37.36
N ARG C 102 45.17 0.59 -38.27
CA ARG C 102 44.22 1.41 -39.02
C ARG C 102 42.77 0.94 -39.11
N GLY C 103 42.43 -0.20 -38.52
CA GLY C 103 41.06 -0.66 -38.61
C GLY C 103 40.86 -2.06 -38.11
N TRP C 104 39.68 -2.59 -38.39
CA TRP C 104 39.26 -3.90 -37.95
C TRP C 104 38.30 -4.54 -38.94
N ILE C 105 38.31 -5.86 -38.90
CA ILE C 105 37.34 -6.76 -39.47
C ILE C 105 36.53 -7.33 -38.33
N PHE C 106 35.20 -7.37 -38.43
CA PHE C 106 34.34 -8.06 -37.47
C PHE C 106 33.38 -9.00 -38.19
N GLY C 107 33.12 -10.17 -37.59
CA GLY C 107 32.13 -11.09 -38.20
C GLY C 107 32.27 -12.52 -37.70
N THR C 108 31.21 -13.32 -37.83
CA THR C 108 31.23 -14.73 -37.37
C THR C 108 32.14 -15.55 -38.28
N THR C 109 31.95 -15.48 -39.60
CA THR C 109 32.79 -16.23 -40.57
C THR C 109 33.28 -15.26 -41.65
N LEU C 110 34.53 -14.83 -41.57
CA LEU C 110 35.03 -13.81 -42.53
C LEU C 110 35.40 -14.49 -43.85
N ASP C 111 34.40 -14.93 -44.63
CA ASP C 111 34.69 -15.65 -45.88
C ASP C 111 33.46 -15.79 -46.81
N SER C 112 32.57 -14.79 -46.83
CA SER C 112 31.42 -14.66 -47.75
C SER C 112 30.32 -15.74 -47.64
N LYS C 113 30.44 -16.68 -46.70
CA LYS C 113 29.31 -17.47 -46.17
C LYS C 113 28.30 -16.62 -45.38
N THR C 114 28.75 -15.51 -44.78
CA THR C 114 27.95 -14.56 -43.97
C THR C 114 28.41 -13.12 -44.23
N GLN C 115 27.61 -12.14 -43.81
CA GLN C 115 28.05 -10.74 -43.74
C GLN C 115 29.19 -10.55 -42.74
N SER C 116 29.94 -9.47 -42.88
CA SER C 116 30.98 -9.02 -41.95
C SER C 116 31.16 -7.52 -42.09
N LEU C 117 31.67 -6.86 -41.05
CA LEU C 117 31.87 -5.42 -40.98
C LEU C 117 33.35 -5.10 -41.17
N LEU C 118 33.65 -4.23 -42.13
CA LEU C 118 34.96 -3.63 -42.34
C LEU C 118 34.89 -2.19 -41.84
N ILE C 119 35.78 -1.81 -40.92
CA ILE C 119 36.06 -0.42 -40.56
C ILE C 119 37.53 -0.18 -40.86
N VAL C 120 37.85 0.69 -41.81
CA VAL C 120 39.29 0.83 -42.19
C VAL C 120 39.62 2.31 -42.46
N ASN C 121 40.61 2.84 -41.74
CA ASN C 121 41.04 4.25 -41.94
C ASN C 121 42.18 4.27 -42.97
N ASN C 122 41.86 4.51 -44.25
CA ASN C 122 42.93 4.62 -45.26
C ASN C 122 43.44 6.07 -45.27
N ALA C 123 44.49 6.38 -46.04
CA ALA C 123 45.10 7.73 -46.00
C ALA C 123 44.08 8.82 -46.35
N THR C 124 43.21 8.58 -47.35
CA THR C 124 42.28 9.65 -47.79
C THR C 124 41.05 9.75 -46.88
N ASN C 125 40.22 8.71 -46.83
CA ASN C 125 38.96 8.81 -46.04
C ASN C 125 38.58 7.45 -45.44
N VAL C 126 38.20 7.42 -44.17
CA VAL C 126 37.82 6.18 -43.51
C VAL C 126 36.58 5.57 -44.17
N VAL C 127 36.59 4.26 -44.35
CA VAL C 127 35.47 3.54 -44.98
C VAL C 127 34.93 2.47 -44.04
N ILE C 128 33.61 2.45 -43.88
CA ILE C 128 32.86 1.51 -43.05
C ILE C 128 31.89 0.77 -43.97
N LYS C 129 31.88 -0.56 -43.96
CA LYS C 129 31.10 -1.35 -44.93
C LYS C 129 30.62 -2.64 -44.33
N VAL C 130 29.41 -3.10 -44.68
CA VAL C 130 28.89 -4.39 -44.21
C VAL C 130 28.51 -5.23 -45.41
N CYS C 131 29.31 -6.24 -45.73
CA CYS C 131 29.18 -7.05 -46.94
C CYS C 131 29.47 -8.52 -46.64
N GLU C 132 29.04 -9.41 -47.55
CA GLU C 132 29.47 -10.81 -47.39
C GLU C 132 30.91 -10.85 -47.89
N PHE C 133 31.83 -10.21 -47.16
CA PHE C 133 33.23 -10.07 -47.61
C PHE C 133 33.97 -11.42 -47.69
N GLN C 134 34.85 -11.57 -48.69
CA GLN C 134 35.70 -12.78 -48.76
C GLN C 134 37.10 -12.33 -48.34
N PHE C 135 37.41 -12.38 -47.04
CA PHE C 135 38.68 -11.85 -46.53
C PHE C 135 39.89 -12.71 -46.91
N CYS C 136 41.06 -12.05 -47.01
CA CYS C 136 42.35 -12.71 -47.15
C CYS C 136 42.78 -13.40 -45.85
N ASN C 137 43.52 -14.50 -45.94
CA ASN C 137 44.06 -15.22 -44.77
C ASN C 137 45.04 -14.37 -43.93
N ASP C 138 45.77 -13.44 -44.56
CA ASP C 138 46.67 -12.49 -43.90
C ASP C 138 46.46 -11.06 -44.46
N PRO C 139 45.55 -10.27 -43.87
CA PRO C 139 45.17 -8.95 -44.36
C PRO C 139 45.97 -7.78 -43.77
N PHE C 140 46.27 -6.78 -44.59
CA PHE C 140 47.10 -5.62 -44.25
C PHE C 140 46.95 -4.50 -45.30
N LEU C 141 47.57 -3.35 -45.05
CA LEU C 141 47.68 -2.23 -45.98
C LEU C 141 49.15 -1.83 -46.10
N GLY C 142 49.64 -1.45 -47.27
CA GLY C 142 51.07 -1.26 -47.54
C GLY C 142 51.46 0.17 -47.93
N VAL C 143 52.68 0.55 -47.57
CA VAL C 143 53.22 1.92 -47.72
C VAL C 143 54.57 1.88 -48.43
N TYR C 144 54.74 2.70 -49.47
CA TYR C 144 56.05 3.01 -50.04
C TYR C 144 56.76 4.03 -49.15
N TYR C 145 57.96 3.66 -48.66
CA TYR C 145 58.71 4.42 -47.67
C TYR C 145 59.83 5.25 -48.32
N HIS C 146 59.70 6.59 -48.23
CA HIS C 146 60.67 7.52 -48.88
C HIS C 146 60.45 7.47 -50.41
N LYS C 147 60.77 6.32 -51.02
CA LYS C 147 60.52 6.13 -52.48
C LYS C 147 61.14 7.25 -53.33
N ASN C 148 60.38 7.78 -54.29
CA ASN C 148 60.92 8.82 -55.22
C ASN C 148 60.56 10.23 -54.72
N ASN C 149 59.41 10.39 -54.07
CA ASN C 149 58.96 11.75 -53.66
C ASN C 149 59.59 12.15 -52.33
N LYS C 150 60.60 11.38 -51.86
CA LYS C 150 61.28 11.70 -50.57
C LYS C 150 60.22 11.83 -49.48
N SER C 151 59.13 11.05 -49.58
CA SER C 151 58.04 11.11 -48.58
C SER C 151 57.37 9.74 -48.52
N TRP C 152 56.36 9.57 -47.67
CA TRP C 152 55.77 8.23 -47.54
C TRP C 152 54.33 8.20 -48.07
N MET C 153 54.00 7.20 -48.90
CA MET C 153 52.71 7.10 -49.61
C MET C 153 52.09 5.72 -49.47
N GLU C 154 50.78 5.63 -49.26
CA GLU C 154 50.06 4.34 -49.32
C GLU C 154 50.08 3.78 -50.74
N SER C 155 50.35 2.48 -50.85
CA SER C 155 50.53 1.76 -52.11
C SER C 155 49.70 0.47 -52.20
N GLU C 156 49.30 -0.12 -51.06
CA GLU C 156 48.63 -1.42 -51.06
C GLU C 156 47.40 -1.43 -50.13
N PHE C 157 46.32 -2.07 -50.57
CA PHE C 157 45.10 -2.36 -49.79
C PHE C 157 44.76 -3.84 -50.01
N ARG C 158 45.24 -4.67 -49.08
CA ARG C 158 45.09 -6.15 -49.21
C ARG C 158 44.32 -6.67 -47.99
N VAL C 159 43.00 -6.59 -48.03
CA VAL C 159 42.10 -6.99 -46.93
C VAL C 159 41.13 -8.10 -47.35
N TYR C 160 40.49 -7.96 -48.52
CA TYR C 160 39.53 -8.92 -49.06
C TYR C 160 39.72 -9.11 -50.57
N SER C 161 39.20 -10.21 -51.11
CA SER C 161 39.18 -10.46 -52.55
C SER C 161 37.94 -9.88 -53.26
N SER C 162 36.77 -10.00 -52.62
CA SER C 162 35.51 -9.52 -53.24
C SER C 162 34.49 -9.16 -52.16
N ALA C 163 34.06 -7.90 -52.12
CA ALA C 163 33.02 -7.47 -51.17
C ALA C 163 31.65 -7.75 -51.79
N ASN C 164 31.03 -8.89 -51.46
CA ASN C 164 29.75 -9.27 -52.11
C ASN C 164 28.57 -8.76 -51.30
N ASN C 165 27.43 -8.51 -51.96
CA ASN C 165 26.19 -8.06 -51.25
C ASN C 165 26.56 -6.99 -50.22
N CYS C 166 27.10 -5.86 -50.69
CA CYS C 166 27.50 -4.76 -49.76
C CYS C 166 26.26 -3.98 -49.34
N THR C 167 25.73 -4.27 -48.15
CA THR C 167 24.50 -3.57 -47.66
C THR C 167 24.87 -2.18 -47.15
N PHE C 168 25.17 -2.06 -45.85
CA PHE C 168 25.53 -0.75 -45.30
C PHE C 168 26.86 -0.31 -45.90
N GLU C 169 26.97 0.96 -46.28
CA GLU C 169 28.24 1.59 -46.65
C GLU C 169 28.27 3.01 -46.08
N TYR C 170 29.42 3.42 -45.58
CA TYR C 170 29.74 4.80 -45.24
C TYR C 170 31.19 5.08 -45.67
N VAL C 171 31.43 6.28 -46.21
CA VAL C 171 32.82 6.70 -46.53
C VAL C 171 33.03 8.06 -45.86
N SER C 172 34.18 8.27 -45.20
CA SER C 172 34.38 9.53 -44.43
C SER C 172 34.85 10.67 -45.34
N GLN C 173 35.26 11.79 -44.74
CA GLN C 173 35.70 12.97 -45.52
C GLN C 173 37.14 12.74 -46.03
N PRO C 174 37.49 13.22 -47.25
CA PRO C 174 38.81 12.97 -47.83
C PRO C 174 39.91 13.82 -47.19
N PHE C 175 40.40 13.41 -46.01
CA PHE C 175 41.51 14.15 -45.33
C PHE C 175 42.85 13.64 -45.88
N LEU C 176 43.96 14.01 -45.23
CA LEU C 176 45.25 13.47 -45.68
C LEU C 176 46.19 13.34 -44.48
N MET C 177 46.31 12.12 -43.95
CA MET C 177 47.17 11.88 -42.80
C MET C 177 48.60 11.54 -43.21
N ASP C 178 49.56 12.00 -42.41
CA ASP C 178 50.97 11.74 -42.67
C ASP C 178 51.29 10.26 -42.50
N LEU C 179 52.16 9.75 -43.35
CA LEU C 179 52.56 8.34 -43.30
C LEU C 179 54.03 8.17 -42.95
N GLU C 180 54.55 9.08 -42.13
CA GLU C 180 55.97 9.02 -41.74
C GLU C 180 56.14 9.27 -40.23
N GLY C 181 57.20 8.71 -39.64
CA GLY C 181 57.61 9.04 -38.28
C GLY C 181 58.71 8.12 -37.76
N LYS C 182 59.63 8.68 -36.99
CA LYS C 182 60.73 7.87 -36.38
C LYS C 182 61.02 8.41 -34.98
N GLN C 183 60.43 7.78 -33.95
CA GLN C 183 60.61 8.27 -32.56
C GLN C 183 61.10 7.12 -31.68
N GLY C 184 61.73 7.44 -30.53
CA GLY C 184 62.17 6.39 -29.59
C GLY C 184 61.04 5.99 -28.66
N ASN C 185 60.00 6.81 -28.57
CA ASN C 185 58.85 6.51 -27.71
C ASN C 185 57.52 6.81 -28.44
N PHE C 186 56.43 6.20 -27.99
CA PHE C 186 55.08 6.44 -28.49
C PHE C 186 54.52 7.77 -27.98
N LYS C 187 53.70 8.43 -28.81
CA LYS C 187 53.15 9.77 -28.57
C LYS C 187 51.63 9.80 -28.45
N ASN C 188 50.92 8.83 -29.02
CA ASN C 188 49.46 8.77 -29.05
C ASN C 188 48.93 7.50 -28.35
N LEU C 189 48.07 7.64 -27.34
CA LEU C 189 47.22 6.52 -26.88
C LEU C 189 45.83 6.75 -27.46
N ARG C 190 45.34 5.78 -28.21
CA ARG C 190 44.05 5.87 -28.90
C ARG C 190 43.21 4.65 -28.55
N GLU C 191 42.11 4.89 -27.85
CA GLU C 191 41.33 3.86 -27.16
C GLU C 191 39.93 3.75 -27.77
N PHE C 192 39.38 2.55 -27.78
CA PHE C 192 38.06 2.25 -28.34
C PHE C 192 37.33 1.25 -27.46
N VAL C 193 36.02 1.31 -27.44
CA VAL C 193 35.15 0.25 -26.94
C VAL C 193 34.13 -0.07 -28.02
N PHE C 194 33.91 -1.35 -28.27
CA PHE C 194 32.98 -1.87 -29.25
C PHE C 194 31.92 -2.71 -28.54
N LYS C 195 30.64 -2.40 -28.80
CA LYS C 195 29.52 -3.18 -28.21
C LYS C 195 28.45 -3.37 -29.29
N ASN C 196 28.45 -4.52 -29.97
CA ASN C 196 27.43 -4.80 -31.02
C ASN C 196 26.15 -5.30 -30.33
N ILE C 197 25.19 -4.39 -30.10
CA ILE C 197 23.92 -4.78 -29.40
C ILE C 197 22.77 -4.69 -30.40
N ASP C 198 21.95 -5.73 -30.52
CA ASP C 198 20.82 -5.76 -31.49
C ASP C 198 21.26 -5.10 -32.80
N GLY C 199 22.40 -5.53 -33.36
CA GLY C 199 22.87 -4.98 -34.65
C GLY C 199 23.35 -3.55 -34.52
N TYR C 200 23.02 -2.88 -33.41
CA TYR C 200 23.50 -1.49 -33.19
C TYR C 200 24.95 -1.54 -32.71
N PHE C 201 25.89 -1.63 -33.66
CA PHE C 201 27.30 -1.68 -33.30
C PHE C 201 27.75 -0.31 -32.81
N LYS C 202 27.98 -0.20 -31.51
CA LYS C 202 28.26 1.06 -30.81
C LYS C 202 29.75 1.21 -30.59
N ILE C 203 30.29 2.35 -31.00
CA ILE C 203 31.69 2.71 -30.81
C ILE C 203 31.79 3.89 -29.83
N TYR C 204 32.63 3.72 -28.82
CA TYR C 204 33.09 4.76 -27.92
C TYR C 204 34.59 4.92 -28.13
N SER C 205 35.16 6.10 -27.95
CA SER C 205 36.60 6.30 -28.13
C SER C 205 37.15 7.48 -27.34
N LYS C 206 38.47 7.52 -27.16
CA LYS C 206 39.23 8.67 -26.65
C LYS C 206 40.62 8.68 -27.28
N HIS C 207 41.20 9.89 -27.35
CA HIS C 207 42.60 10.04 -27.80
C HIS C 207 43.35 10.84 -26.73
N THR C 208 44.44 10.29 -26.18
CA THR C 208 45.25 10.90 -25.12
C THR C 208 46.70 11.08 -25.61
N PRO C 209 47.32 12.28 -25.53
CA PRO C 209 48.74 12.42 -25.88
C PRO C 209 49.61 11.75 -24.81
N ILE C 210 50.51 10.85 -25.20
CA ILE C 210 51.34 10.11 -24.20
C ILE C 210 52.82 10.20 -24.57
N ASN C 211 53.67 9.53 -23.80
CA ASN C 211 55.13 9.48 -24.09
C ASN C 211 55.61 8.09 -23.66
N LEU C 212 54.68 7.13 -23.55
CA LEU C 212 55.01 5.76 -23.09
C LEU C 212 55.96 5.08 -24.08
N VAL C 213 56.74 4.12 -23.60
CA VAL C 213 57.75 3.45 -24.47
C VAL C 213 57.35 2.00 -24.74
N ARG C 214 56.85 1.28 -23.74
CA ARG C 214 56.57 -0.17 -23.96
C ARG C 214 55.46 -0.71 -23.06
N ASP C 215 54.46 0.10 -22.68
CA ASP C 215 53.32 -0.46 -21.93
C ASP C 215 52.03 0.34 -22.11
N LEU C 216 50.88 -0.27 -21.77
CA LEU C 216 49.59 0.42 -21.71
C LEU C 216 49.65 1.47 -20.59
N PRO C 217 49.50 2.78 -20.87
CA PRO C 217 49.74 3.84 -19.88
C PRO C 217 48.87 3.69 -18.63
N GLN C 218 49.49 3.64 -17.45
CA GLN C 218 48.77 3.62 -16.18
C GLN C 218 48.11 4.99 -15.94
N GLY C 219 46.81 5.00 -15.63
CA GLY C 219 46.01 6.22 -15.46
C GLY C 219 44.51 5.96 -15.62
N PHE C 220 43.73 7.03 -15.71
CA PHE C 220 42.27 6.99 -15.86
C PHE C 220 41.80 7.92 -16.97
N SER C 221 40.88 7.48 -17.83
CA SER C 221 40.14 8.33 -18.78
C SER C 221 38.85 7.63 -19.24
N ALA C 222 37.81 8.41 -19.49
CA ALA C 222 36.49 7.92 -19.89
C ALA C 222 36.22 8.19 -21.39
N LEU C 223 35.76 7.19 -22.12
CA LEU C 223 35.51 7.28 -23.56
C LEU C 223 34.13 7.90 -23.87
N GLU C 224 34.12 8.86 -24.79
CA GLU C 224 32.83 9.50 -25.20
C GLU C 224 32.27 8.74 -26.41
N PRO C 225 30.97 8.37 -26.43
CA PRO C 225 30.37 7.71 -27.59
C PRO C 225 30.46 8.63 -28.82
N LEU C 226 30.79 8.07 -29.99
CA LEU C 226 30.98 8.91 -31.20
C LEU C 226 29.90 8.60 -32.25
N VAL C 227 29.55 7.32 -32.43
CA VAL C 227 28.59 6.95 -33.50
C VAL C 227 27.93 5.60 -33.18
N ASP C 228 26.76 5.33 -33.77
CA ASP C 228 26.09 4.02 -33.57
C ASP C 228 25.70 3.48 -34.95
N LEU C 229 26.34 2.38 -35.38
CA LEU C 229 26.09 1.83 -36.71
C LEU C 229 24.93 0.80 -36.69
N PRO C 230 23.92 0.88 -37.56
CA PRO C 230 22.75 0.00 -37.57
C PRO C 230 22.99 -1.36 -38.29
N ILE C 231 24.17 -1.97 -38.14
CA ILE C 231 24.68 -3.02 -39.05
C ILE C 231 23.84 -4.31 -39.09
N GLY C 232 23.18 -4.71 -38.01
CA GLY C 232 22.29 -5.87 -37.98
C GLY C 232 22.94 -7.25 -38.19
N ILE C 233 24.20 -7.45 -37.83
CA ILE C 233 24.87 -8.75 -38.19
C ILE C 233 25.41 -9.52 -36.98
N ASN C 234 25.91 -10.75 -37.21
CA ASN C 234 26.49 -11.60 -36.13
C ASN C 234 27.98 -11.28 -36.01
N ILE C 235 28.39 -10.67 -34.90
CA ILE C 235 29.85 -10.40 -34.68
C ILE C 235 30.33 -11.27 -33.51
N THR C 236 31.05 -12.36 -33.81
CA THR C 236 31.58 -13.25 -32.75
C THR C 236 33.11 -13.20 -32.78
N ARG C 237 33.68 -12.73 -33.89
CA ARG C 237 35.16 -12.69 -34.05
C ARG C 237 35.59 -11.34 -34.63
N PHE C 238 36.88 -11.01 -34.50
CA PHE C 238 37.40 -9.78 -35.08
C PHE C 238 38.90 -9.86 -35.35
N GLN C 239 39.42 -8.97 -36.20
CA GLN C 239 40.88 -8.96 -36.50
C GLN C 239 41.30 -7.55 -36.91
N THR C 240 42.40 -7.04 -36.35
CA THR C 240 42.85 -5.69 -36.68
C THR C 240 43.65 -5.64 -37.99
N LEU C 241 43.67 -4.48 -38.64
CA LEU C 241 44.37 -4.18 -39.88
C LEU C 241 45.56 -3.27 -39.60
N LEU C 242 46.77 -3.66 -40.05
CA LEU C 242 48.02 -2.95 -39.80
C LEU C 242 48.68 -2.52 -41.11
N ALA C 243 49.48 -1.45 -41.07
CA ALA C 243 50.27 -0.96 -42.19
C ALA C 243 51.71 -1.51 -42.18
N LEU C 244 52.19 -2.06 -43.30
CA LEU C 244 53.63 -2.35 -43.54
C LEU C 244 54.44 -1.06 -43.67
N SER C 254 59.11 -10.15 -53.66
CA SER C 254 58.80 -8.72 -53.66
C SER C 254 57.55 -8.36 -52.84
N SER C 255 56.60 -9.31 -52.74
CA SER C 255 55.40 -9.23 -51.88
C SER C 255 55.66 -9.74 -50.45
N SER C 256 56.84 -10.28 -50.19
CA SER C 256 57.41 -10.64 -48.88
C SER C 256 58.81 -10.04 -48.74
N GLY C 257 59.28 -9.81 -47.50
CA GLY C 257 60.46 -8.97 -47.24
C GLY C 257 60.07 -7.49 -47.16
N TRP C 258 59.91 -6.99 -45.94
CA TRP C 258 59.30 -5.69 -45.58
C TRP C 258 59.72 -5.30 -44.16
N THR C 259 59.53 -4.02 -43.81
CA THR C 259 59.71 -3.53 -42.44
C THR C 259 58.34 -3.13 -41.86
N ALA C 260 57.97 -3.72 -40.72
CA ALA C 260 56.83 -3.26 -39.94
C ALA C 260 57.21 -2.07 -39.04
N GLY C 261 56.42 -1.01 -39.08
CA GLY C 261 56.60 0.16 -38.21
C GLY C 261 56.29 -0.15 -36.75
N ALA C 262 57.05 0.43 -35.83
CA ALA C 262 56.93 0.16 -34.41
C ALA C 262 55.60 0.71 -33.83
N ALA C 263 54.77 -0.18 -33.27
CA ALA C 263 53.49 0.13 -32.63
C ALA C 263 53.01 -1.03 -31.75
N ALA C 264 52.11 -0.76 -30.80
CA ALA C 264 51.54 -1.80 -29.94
C ALA C 264 50.03 -1.64 -29.80
N TYR C 265 49.32 -2.72 -29.55
CA TYR C 265 47.90 -2.68 -29.22
C TYR C 265 47.51 -3.75 -28.21
N TYR C 266 46.47 -3.46 -27.44
CA TYR C 266 46.04 -4.21 -26.28
C TYR C 266 44.55 -4.51 -26.42
N VAL C 267 44.11 -5.71 -26.07
CA VAL C 267 42.72 -6.14 -26.20
C VAL C 267 42.22 -6.75 -24.91
N GLY C 268 41.06 -6.34 -24.44
CA GLY C 268 40.37 -6.93 -23.29
C GLY C 268 38.86 -6.97 -23.49
N TYR C 269 38.18 -7.95 -22.90
CA TYR C 269 36.75 -8.15 -23.14
C TYR C 269 35.90 -7.48 -22.07
N LEU C 270 34.79 -6.86 -22.48
CA LEU C 270 33.84 -6.25 -21.55
C LEU C 270 33.03 -7.32 -20.84
N GLN C 271 32.59 -7.06 -19.61
CA GLN C 271 31.73 -7.96 -18.84
C GLN C 271 30.60 -7.17 -18.18
N PRO C 272 29.42 -7.78 -17.96
CA PRO C 272 28.30 -7.10 -17.33
C PRO C 272 28.62 -6.84 -15.86
N ARG C 273 28.88 -5.58 -15.54
CA ARG C 273 29.30 -5.20 -14.20
C ARG C 273 28.86 -3.83 -13.70
N THR C 274 28.43 -3.73 -12.45
CA THR C 274 28.13 -2.43 -11.84
C THR C 274 29.41 -1.63 -11.64
N PHE C 275 29.39 -0.36 -12.01
CA PHE C 275 30.41 0.63 -11.68
C PHE C 275 29.76 1.76 -10.89
N LEU C 276 30.50 2.38 -9.99
CA LEU C 276 30.14 3.67 -9.41
C LEU C 276 31.06 4.71 -10.03
N LEU C 277 30.51 5.64 -10.81
CA LEU C 277 31.23 6.69 -11.54
C LEU C 277 31.21 7.97 -10.73
N LYS C 278 32.32 8.70 -10.62
CA LYS C 278 32.33 10.06 -10.07
C LYS C 278 32.41 11.06 -11.20
N TYR C 279 31.47 11.98 -11.22
CA TYR C 279 31.52 13.04 -12.19
C TYR C 279 31.99 14.24 -11.38
N ASN C 280 32.91 15.04 -11.95
CA ASN C 280 33.40 16.26 -11.30
C ASN C 280 32.41 17.44 -11.47
N GLU C 281 32.74 18.62 -10.96
CA GLU C 281 31.87 19.79 -11.08
C GLU C 281 31.68 20.28 -12.52
N ASN C 282 32.61 19.91 -13.41
CA ASN C 282 32.48 20.27 -14.85
C ASN C 282 31.58 19.25 -15.56
N GLY C 283 31.27 18.13 -14.90
CA GLY C 283 30.43 17.08 -15.45
C GLY C 283 31.14 16.07 -16.33
N THR C 284 32.44 15.87 -16.10
CA THR C 284 33.25 14.84 -16.74
C THR C 284 33.49 13.70 -15.76
N ILE C 285 33.44 12.45 -16.22
CA ILE C 285 33.80 11.29 -15.39
C ILE C 285 35.29 11.42 -15.07
N THR C 286 35.61 11.56 -13.78
CA THR C 286 36.97 11.82 -13.30
C THR C 286 37.57 10.65 -12.52
N ASP C 287 36.74 9.74 -12.02
CA ASP C 287 37.14 8.53 -11.29
C ASP C 287 36.00 7.51 -11.37
N ALA C 288 36.28 6.24 -11.12
CA ALA C 288 35.25 5.21 -10.99
C ALA C 288 35.68 4.12 -10.01
N VAL C 289 34.72 3.39 -9.44
CA VAL C 289 34.92 2.20 -8.60
C VAL C 289 34.29 1.00 -9.30
N ASP C 290 35.09 -0.01 -9.60
CA ASP C 290 34.60 -1.30 -10.09
C ASP C 290 34.02 -2.08 -8.92
N CYS C 291 32.70 -2.19 -8.86
CA CYS C 291 31.91 -2.56 -7.69
C CYS C 291 32.08 -4.02 -7.21
N ALA C 292 32.93 -4.80 -7.88
CA ALA C 292 33.20 -6.21 -7.59
C ALA C 292 34.69 -6.56 -7.74
N LEU C 293 35.52 -5.52 -7.89
CA LEU C 293 36.98 -5.73 -8.06
C LEU C 293 37.54 -6.35 -6.77
N ASP C 294 37.09 -5.85 -5.62
CA ASP C 294 37.59 -6.35 -4.32
C ASP C 294 36.59 -5.99 -3.22
N PRO C 295 36.60 -6.67 -2.06
CA PRO C 295 35.71 -6.31 -0.93
C PRO C 295 35.64 -4.80 -0.70
N LEU C 296 36.80 -4.14 -0.56
CA LEU C 296 36.76 -2.70 -0.28
C LEU C 296 35.99 -1.95 -1.35
N SER C 297 36.20 -2.27 -2.63
CA SER C 297 35.44 -1.66 -3.72
C SER C 297 33.95 -1.93 -3.59
N GLU C 298 33.54 -3.11 -3.13
CA GLU C 298 32.14 -3.37 -2.86
C GLU C 298 31.59 -2.55 -1.68
N THR C 299 32.37 -2.25 -0.64
CA THR C 299 31.93 -1.27 0.39
C THR C 299 31.87 0.15 -0.15
N LYS C 300 32.84 0.66 -0.89
CA LYS C 300 32.77 1.99 -1.52
C LYS C 300 31.51 2.10 -2.37
N CYS C 301 31.24 1.07 -3.16
CA CYS C 301 30.09 1.01 -4.03
C CYS C 301 28.75 0.89 -3.28
N THR C 302 28.72 0.27 -2.09
CA THR C 302 27.51 0.14 -1.25
C THR C 302 27.26 1.37 -0.38
N LEU C 303 28.31 2.02 0.11
CA LEU C 303 28.22 3.30 0.83
C LEU C 303 27.99 4.51 -0.10
N LYS C 304 28.14 4.32 -1.42
CA LYS C 304 28.09 5.37 -2.45
C LYS C 304 29.11 6.48 -2.21
N SER C 305 30.31 6.12 -1.76
CA SER C 305 31.39 7.06 -1.44
C SER C 305 32.74 6.50 -1.85
N PHE C 306 33.65 7.34 -2.36
CA PHE C 306 34.98 6.88 -2.78
C PHE C 306 35.96 6.77 -1.60
N THR C 307 35.57 7.25 -0.43
CA THR C 307 36.26 7.07 0.85
C THR C 307 35.35 6.34 1.83
N VAL C 308 35.92 5.51 2.69
CA VAL C 308 35.22 4.70 3.69
C VAL C 308 35.78 5.00 5.07
N GLU C 309 34.95 5.40 6.02
CA GLU C 309 35.36 5.60 7.42
C GLU C 309 35.66 4.26 8.12
N LYS C 310 36.42 4.32 9.22
CA LYS C 310 36.79 3.09 9.95
C LYS C 310 35.54 2.45 10.54
N GLY C 311 35.42 1.13 10.45
CA GLY C 311 34.26 0.42 11.02
C GLY C 311 33.94 -0.83 10.21
N ILE C 312 32.92 -1.59 10.65
CA ILE C 312 32.50 -2.81 9.88
C ILE C 312 31.45 -2.35 8.87
N TYR C 313 31.45 -2.96 7.68
CA TYR C 313 30.51 -2.52 6.62
C TYR C 313 29.91 -3.73 5.92
N GLN C 314 28.64 -4.01 6.20
CA GLN C 314 27.97 -5.15 5.56
C GLN C 314 27.87 -4.91 4.05
N THR C 315 28.12 -5.98 3.27
CA THR C 315 28.03 -5.87 1.79
C THR C 315 26.99 -6.87 1.26
N SER C 316 27.08 -7.23 -0.02
CA SER C 316 26.12 -8.20 -0.61
C SER C 316 26.38 -9.60 -0.03
N ASN C 317 25.31 -10.35 0.24
CA ASN C 317 25.45 -11.74 0.76
C ASN C 317 26.11 -12.62 -0.30
N PHE C 318 27.09 -13.44 0.10
CA PHE C 318 27.72 -14.37 -0.88
C PHE C 318 26.84 -15.61 -1.03
N ARG C 319 27.11 -16.45 -2.03
CA ARG C 319 26.29 -17.62 -2.30
C ARG C 319 26.89 -18.52 -3.37
N VAL C 320 27.13 -19.78 -3.03
CA VAL C 320 27.67 -20.76 -4.04
C VAL C 320 26.60 -20.96 -5.12
N GLN C 321 27.00 -20.91 -6.39
CA GLN C 321 26.04 -21.08 -7.52
C GLN C 321 26.17 -22.49 -8.11
N PRO C 322 25.15 -23.01 -8.83
CA PRO C 322 25.19 -24.39 -9.35
C PRO C 322 26.45 -24.83 -10.09
N THR C 323 26.91 -26.07 -9.82
CA THR C 323 28.08 -26.63 -10.53
C THR C 323 27.58 -27.23 -11.86
N GLU C 324 26.33 -27.69 -11.88
CA GLU C 324 25.74 -28.29 -13.10
C GLU C 324 24.22 -28.22 -13.03
N SER C 325 23.52 -28.88 -13.96
CA SER C 325 22.03 -28.90 -13.94
C SER C 325 21.53 -30.35 -13.96
N ILE C 326 20.33 -30.59 -13.44
CA ILE C 326 19.80 -31.99 -13.35
C ILE C 326 18.34 -32.01 -13.84
N VAL C 327 17.95 -33.06 -14.55
CA VAL C 327 16.51 -33.21 -14.95
C VAL C 327 16.08 -34.63 -14.54
N ARG C 328 14.92 -34.75 -13.88
CA ARG C 328 14.44 -36.08 -13.40
C ARG C 328 12.97 -36.25 -13.78
N PHE C 329 12.71 -36.89 -14.92
CA PHE C 329 11.31 -37.17 -15.33
C PHE C 329 11.08 -38.69 -15.30
N PRO C 330 9.88 -39.19 -14.94
CA PRO C 330 9.62 -40.62 -14.98
C PRO C 330 9.87 -41.12 -16.41
N ASN C 331 10.69 -42.17 -16.55
CA ASN C 331 11.04 -42.64 -17.93
C ASN C 331 9.81 -43.29 -18.56
N ILE C 332 9.32 -42.72 -19.66
CA ILE C 332 8.12 -43.26 -20.36
C ILE C 332 8.53 -43.68 -21.78
N THR C 333 8.30 -44.94 -22.14
CA THR C 333 8.74 -45.44 -23.48
C THR C 333 7.65 -45.18 -24.52
N ASN C 334 6.46 -44.75 -24.10
CA ASN C 334 5.34 -44.52 -25.04
C ASN C 334 4.99 -43.04 -25.09
N LEU C 335 4.38 -42.59 -26.20
CA LEU C 335 4.00 -41.16 -26.35
C LEU C 335 2.48 -41.02 -26.19
N CYS C 336 1.96 -39.80 -26.27
CA CYS C 336 0.54 -39.57 -26.04
C CYS C 336 -0.25 -39.65 -27.36
N PRO C 337 -1.47 -40.22 -27.32
CA PRO C 337 -2.29 -40.44 -28.50
C PRO C 337 -3.05 -39.16 -28.88
N PHE C 338 -2.34 -38.08 -29.21
CA PHE C 338 -2.97 -36.85 -29.70
C PHE C 338 -3.60 -37.02 -31.09
N GLY C 339 -3.11 -37.91 -31.94
CA GLY C 339 -3.71 -38.17 -33.27
C GLY C 339 -5.14 -38.70 -33.17
N GLU C 340 -5.38 -39.57 -32.20
CA GLU C 340 -6.70 -40.09 -31.81
C GLU C 340 -7.60 -39.06 -31.10
N VAL C 341 -7.11 -37.82 -30.90
CA VAL C 341 -7.91 -36.67 -30.46
C VAL C 341 -8.13 -35.71 -31.62
N PHE C 342 -7.06 -35.16 -32.20
CA PHE C 342 -7.13 -34.06 -33.17
C PHE C 342 -7.50 -34.51 -34.59
N ASN C 343 -7.19 -35.75 -34.96
CA ASN C 343 -7.50 -36.31 -36.27
C ASN C 343 -8.60 -37.39 -36.24
N ALA C 344 -9.25 -37.60 -35.09
CA ALA C 344 -10.43 -38.47 -35.01
C ALA C 344 -11.52 -38.01 -35.98
N THR C 345 -12.15 -38.93 -36.70
CA THR C 345 -13.07 -38.56 -37.79
C THR C 345 -14.31 -37.80 -37.30
N ARG C 346 -14.80 -38.15 -36.12
CA ARG C 346 -16.00 -37.52 -35.58
C ARG C 346 -15.92 -36.87 -34.21
N PHE C 347 -16.09 -35.56 -34.17
CA PHE C 347 -16.13 -34.76 -32.96
C PHE C 347 -17.54 -34.77 -32.36
N ALA C 348 -17.62 -34.56 -31.04
CA ALA C 348 -18.87 -34.47 -30.30
C ALA C 348 -19.57 -33.10 -30.49
N SER C 349 -20.90 -33.10 -30.48
CA SER C 349 -21.69 -31.87 -30.36
C SER C 349 -21.41 -31.17 -29.04
N VAL C 350 -21.38 -29.82 -29.02
CA VAL C 350 -21.03 -29.07 -27.80
C VAL C 350 -21.99 -29.32 -26.62
N TYR C 351 -23.29 -29.58 -26.84
CA TYR C 351 -24.19 -29.91 -25.70
C TYR C 351 -23.78 -31.19 -24.94
N ALA C 352 -23.03 -32.09 -25.59
CA ALA C 352 -22.55 -33.34 -25.01
C ALA C 352 -21.06 -33.52 -25.32
N TRP C 353 -20.27 -32.48 -25.03
CA TRP C 353 -18.83 -32.40 -25.29
C TRP C 353 -18.07 -33.59 -24.66
N ASN C 354 -17.12 -34.16 -25.41
CA ASN C 354 -16.39 -35.36 -25.00
C ASN C 354 -15.28 -35.02 -24.00
N ARG C 355 -14.84 -35.96 -23.12
CA ARG C 355 -13.66 -35.82 -22.26
C ARG C 355 -12.77 -37.11 -22.24
N LYS C 356 -11.56 -37.06 -22.82
CA LYS C 356 -10.57 -38.15 -22.89
C LYS C 356 -9.42 -37.95 -21.90
N ARG C 357 -9.15 -38.98 -21.08
CA ARG C 357 -7.95 -39.11 -20.24
C ARG C 357 -6.70 -39.26 -21.11
N ILE C 358 -5.67 -38.46 -20.81
CA ILE C 358 -4.32 -38.59 -21.37
C ILE C 358 -3.41 -38.96 -20.18
N SER C 359 -2.72 -40.09 -20.26
CA SER C 359 -2.06 -40.69 -19.08
C SER C 359 -0.93 -41.63 -19.46
N ASN C 360 0.08 -41.70 -18.59
CA ASN C 360 1.27 -42.55 -18.69
C ASN C 360 1.90 -42.50 -20.09
N CYS C 361 2.16 -41.29 -20.59
CA CYS C 361 2.67 -41.05 -21.94
C CYS C 361 3.49 -39.75 -22.04
N VAL C 362 4.42 -39.68 -23.00
CA VAL C 362 5.21 -38.50 -23.34
C VAL C 362 4.45 -37.60 -24.31
N ALA C 363 4.38 -36.30 -24.05
CA ALA C 363 3.66 -35.33 -24.86
C ALA C 363 4.64 -34.31 -25.46
N ASP C 364 5.06 -34.50 -26.71
CA ASP C 364 5.79 -33.45 -27.44
C ASP C 364 4.81 -32.36 -27.92
N TYR C 365 4.69 -31.31 -27.12
CA TYR C 365 3.89 -30.13 -27.42
C TYR C 365 4.54 -29.20 -28.45
N SER C 366 5.82 -29.35 -28.77
CA SER C 366 6.43 -28.57 -29.86
C SER C 366 5.82 -28.93 -31.20
N VAL C 367 5.48 -30.22 -31.43
CA VAL C 367 4.79 -30.65 -32.67
C VAL C 367 3.40 -30.01 -32.78
N LEU C 368 2.62 -30.00 -31.70
CA LEU C 368 1.30 -29.36 -31.67
C LEU C 368 1.41 -27.84 -31.88
N TYR C 369 2.35 -27.16 -31.25
CA TYR C 369 2.47 -25.70 -31.36
C TYR C 369 3.12 -25.23 -32.68
N ASN C 370 4.02 -26.03 -33.26
CA ASN C 370 4.64 -25.73 -34.56
C ASN C 370 3.67 -25.84 -35.74
N SER C 371 2.62 -26.66 -35.65
CA SER C 371 1.65 -26.79 -36.73
C SER C 371 0.85 -25.50 -36.92
N ALA C 372 0.90 -24.92 -38.11
CA ALA C 372 0.18 -23.69 -38.47
C ALA C 372 -1.35 -23.89 -38.63
N SER C 373 -1.83 -25.13 -38.55
CA SER C 373 -3.23 -25.52 -38.70
C SER C 373 -4.17 -24.93 -37.64
N PHE C 374 -3.65 -24.65 -36.45
CA PHE C 374 -4.53 -24.21 -35.33
C PHE C 374 -4.72 -22.69 -35.35
N SER C 375 -5.93 -22.24 -35.70
CA SER C 375 -6.23 -20.78 -35.67
C SER C 375 -6.14 -20.28 -34.22
N THR C 376 -6.57 -21.12 -33.27
CA THR C 376 -6.54 -20.73 -31.83
C THR C 376 -5.61 -21.67 -31.06
N PHE C 377 -4.72 -21.11 -30.23
CA PHE C 377 -3.82 -21.94 -29.38
C PHE C 377 -3.47 -21.10 -28.15
N LYS C 378 -4.45 -20.89 -27.25
CA LYS C 378 -4.22 -19.99 -26.10
C LYS C 378 -4.04 -20.79 -24.80
N CYS C 379 -2.96 -20.52 -24.06
CA CYS C 379 -2.72 -21.19 -22.78
C CYS C 379 -2.89 -20.20 -21.62
N TYR C 380 -3.59 -20.61 -20.55
CA TYR C 380 -4.20 -19.70 -19.57
C TYR C 380 -3.54 -19.67 -18.18
N GLY C 381 -2.76 -20.70 -17.87
CA GLY C 381 -2.02 -20.76 -16.58
C GLY C 381 -0.69 -21.37 -16.91
N VAL C 382 -0.48 -21.59 -18.22
CA VAL C 382 0.79 -22.16 -18.71
C VAL C 382 1.04 -21.45 -20.05
N SER C 383 2.17 -21.76 -20.70
CA SER C 383 2.44 -21.22 -22.05
C SER C 383 2.77 -22.41 -22.96
N PRO C 384 2.31 -22.44 -24.22
CA PRO C 384 2.49 -23.62 -25.07
C PRO C 384 3.96 -23.96 -25.34
N THR C 385 4.81 -22.94 -25.49
CA THR C 385 6.24 -23.17 -25.83
C THR C 385 6.94 -23.92 -24.70
N LYS C 386 6.58 -23.65 -23.44
CA LYS C 386 7.31 -24.26 -22.29
C LYS C 386 6.58 -25.50 -21.75
N LEU C 387 5.62 -26.05 -22.50
CA LEU C 387 4.92 -27.29 -22.07
C LEU C 387 5.89 -28.46 -22.12
N ASN C 388 6.87 -28.43 -23.02
CA ASN C 388 7.87 -29.50 -23.14
C ASN C 388 8.78 -29.67 -21.90
N ASP C 389 8.81 -28.69 -20.99
CA ASP C 389 9.70 -28.65 -19.82
C ASP C 389 9.00 -29.08 -18.51
N LEU C 390 7.75 -29.53 -18.61
CA LEU C 390 6.77 -29.69 -17.53
C LEU C 390 6.25 -31.13 -17.47
N CYS C 391 5.82 -31.57 -16.30
CA CYS C 391 4.99 -32.75 -16.12
C CYS C 391 3.68 -32.42 -15.43
N PHE C 392 2.66 -33.21 -15.71
CA PHE C 392 1.26 -33.00 -15.38
C PHE C 392 0.72 -34.20 -14.63
N THR C 393 -0.13 -33.94 -13.65
CA THR C 393 -0.62 -34.94 -12.68
C THR C 393 -1.81 -35.73 -13.21
N ASN C 394 -2.69 -35.04 -13.92
CA ASN C 394 -3.72 -35.58 -14.80
C ASN C 394 -3.84 -34.63 -16.00
N VAL C 395 -4.12 -35.17 -17.19
CA VAL C 395 -4.41 -34.36 -18.37
C VAL C 395 -5.69 -34.86 -18.99
N TYR C 396 -6.62 -33.96 -19.31
CA TYR C 396 -7.84 -34.29 -20.04
C TYR C 396 -7.93 -33.45 -21.31
N ALA C 397 -8.27 -34.11 -22.43
CA ALA C 397 -8.45 -33.38 -23.70
C ALA C 397 -9.95 -33.28 -24.03
N ASP C 398 -10.59 -32.18 -23.61
CA ASP C 398 -12.05 -31.99 -23.90
C ASP C 398 -12.21 -31.71 -25.40
N SER C 399 -13.17 -32.38 -26.05
CA SER C 399 -13.34 -32.24 -27.52
C SER C 399 -14.81 -31.92 -27.87
N PHE C 400 -15.04 -30.93 -28.75
CA PHE C 400 -16.42 -30.56 -29.17
C PHE C 400 -16.37 -29.72 -30.44
N VAL C 401 -17.53 -29.45 -31.04
CA VAL C 401 -17.59 -28.65 -32.31
C VAL C 401 -18.50 -27.44 -32.10
N ILE C 402 -18.13 -26.28 -32.67
CA ILE C 402 -18.90 -25.02 -32.48
C ILE C 402 -18.83 -24.14 -33.73
N ARG C 403 -19.61 -23.06 -33.72
CA ARG C 403 -19.68 -22.07 -34.80
C ARG C 403 -18.50 -21.10 -34.66
N GLY C 404 -17.85 -20.73 -35.77
CA GLY C 404 -16.62 -19.92 -35.66
C GLY C 404 -16.74 -18.60 -34.87
N ASP C 405 -17.93 -18.01 -34.77
CA ASP C 405 -18.23 -16.86 -33.88
C ASP C 405 -18.10 -17.17 -32.38
N GLU C 406 -18.32 -18.43 -32.00
CA GLU C 406 -18.49 -18.88 -30.61
C GLU C 406 -17.15 -19.20 -29.92
N VAL C 407 -16.03 -19.25 -30.66
CA VAL C 407 -14.71 -19.57 -30.09
C VAL C 407 -14.31 -18.63 -28.94
N ARG C 408 -14.81 -17.40 -28.95
CA ARG C 408 -14.51 -16.46 -27.87
C ARG C 408 -15.12 -16.93 -26.53
N GLN C 409 -16.22 -17.67 -26.58
CA GLN C 409 -16.90 -18.09 -25.32
C GLN C 409 -16.05 -19.15 -24.60
N ILE C 410 -15.10 -19.78 -25.29
CA ILE C 410 -14.25 -20.84 -24.72
C ILE C 410 -13.16 -20.27 -23.78
N ALA C 411 -12.95 -18.95 -23.72
CA ALA C 411 -12.12 -18.33 -22.69
C ALA C 411 -12.83 -18.30 -21.31
N PRO C 412 -12.10 -18.41 -20.17
CA PRO C 412 -12.76 -18.49 -18.84
C PRO C 412 -13.55 -17.22 -18.50
N GLY C 413 -14.53 -17.35 -17.59
CA GLY C 413 -15.37 -16.19 -17.23
C GLY C 413 -15.93 -15.51 -18.46
N GLN C 414 -16.64 -16.26 -19.32
CA GLN C 414 -17.14 -15.67 -20.60
C GLN C 414 -18.66 -15.69 -20.64
N THR C 415 -19.25 -14.96 -21.59
CA THR C 415 -20.73 -14.94 -21.74
C THR C 415 -21.13 -15.68 -23.01
N GLY C 416 -22.43 -15.68 -23.34
CA GLY C 416 -22.90 -16.38 -24.55
C GLY C 416 -23.48 -17.74 -24.21
N LYS C 417 -24.44 -18.22 -25.00
CA LYS C 417 -25.11 -19.51 -24.68
C LYS C 417 -24.22 -20.75 -24.70
N ILE C 418 -23.10 -20.71 -25.42
CA ILE C 418 -22.22 -21.92 -25.53
C ILE C 418 -21.47 -22.10 -24.20
N ALA C 419 -21.02 -21.00 -23.59
CA ALA C 419 -20.26 -21.09 -22.32
C ALA C 419 -21.22 -21.09 -21.14
N ASP C 420 -22.46 -20.64 -21.35
CA ASP C 420 -23.42 -20.51 -20.21
C ASP C 420 -24.33 -21.73 -20.12
N TYR C 421 -24.64 -22.38 -21.25
CA TYR C 421 -25.62 -23.50 -21.22
C TYR C 421 -24.98 -24.85 -21.53
N ASN C 422 -23.75 -24.88 -22.05
CA ASN C 422 -23.18 -26.17 -22.46
C ASN C 422 -21.66 -26.42 -22.22
N TYR C 423 -20.78 -25.42 -22.27
CA TYR C 423 -19.35 -25.60 -21.96
C TYR C 423 -18.74 -24.42 -21.17
N LYS C 424 -18.96 -24.42 -19.86
CA LYS C 424 -18.36 -23.48 -18.90
C LYS C 424 -16.93 -23.88 -18.54
N LEU C 425 -15.94 -23.01 -18.74
CA LEU C 425 -14.65 -23.10 -18.04
C LEU C 425 -14.67 -22.39 -16.67
N PRO C 426 -13.92 -22.87 -15.66
CA PRO C 426 -13.79 -22.21 -14.37
C PRO C 426 -12.96 -20.92 -14.45
N ASP C 427 -13.15 -20.02 -13.49
CA ASP C 427 -12.51 -18.70 -13.50
C ASP C 427 -10.97 -18.78 -13.43
N ASP C 428 -10.46 -19.78 -12.71
CA ASP C 428 -9.03 -20.10 -12.55
C ASP C 428 -8.63 -21.34 -13.37
N PHE C 429 -9.17 -21.47 -14.58
CA PHE C 429 -8.70 -22.44 -15.56
C PHE C 429 -7.19 -22.33 -15.79
N THR C 430 -6.51 -23.47 -15.87
CA THR C 430 -5.13 -23.63 -16.34
C THR C 430 -5.07 -24.84 -17.27
N GLY C 431 -4.37 -24.69 -18.39
CA GLY C 431 -4.63 -25.45 -19.59
C GLY C 431 -4.48 -24.61 -20.84
N CYS C 432 -4.82 -25.18 -21.99
CA CYS C 432 -4.72 -24.56 -23.31
C CYS C 432 -6.00 -24.79 -24.12
N VAL C 433 -6.48 -23.77 -24.84
CA VAL C 433 -7.61 -23.84 -25.77
C VAL C 433 -7.08 -23.84 -27.19
N ILE C 434 -7.33 -24.91 -27.94
CA ILE C 434 -6.92 -25.08 -29.34
C ILE C 434 -8.16 -25.13 -30.24
N ALA C 435 -8.19 -24.35 -31.32
CA ALA C 435 -9.32 -24.36 -32.25
C ALA C 435 -8.89 -24.19 -33.72
N TRP C 436 -9.59 -24.83 -34.65
CA TRP C 436 -9.33 -24.71 -36.09
C TRP C 436 -10.57 -24.96 -36.94
N ASN C 437 -10.59 -24.40 -38.16
CA ASN C 437 -11.68 -24.59 -39.11
C ASN C 437 -11.64 -26.00 -39.73
N SER C 438 -12.77 -26.71 -39.72
CA SER C 438 -12.91 -28.06 -40.30
C SER C 438 -13.93 -28.10 -41.44
N ASN C 439 -14.13 -26.98 -42.14
CA ASN C 439 -15.11 -26.84 -43.22
C ASN C 439 -15.07 -27.97 -44.26
N ASN C 440 -13.86 -28.38 -44.71
CA ASN C 440 -13.69 -29.45 -45.70
C ASN C 440 -13.75 -30.88 -45.11
N LEU C 441 -14.14 -30.97 -43.83
CA LEU C 441 -14.27 -32.29 -43.17
C LEU C 441 -15.60 -32.35 -42.40
N ASP C 442 -16.14 -31.19 -41.98
CA ASP C 442 -17.36 -31.19 -41.13
C ASP C 442 -18.53 -30.44 -41.78
N SER C 443 -18.44 -30.08 -43.07
CA SER C 443 -19.53 -29.27 -43.67
C SER C 443 -20.19 -30.02 -44.84
N LYS C 444 -21.52 -29.98 -44.93
CA LYS C 444 -22.22 -30.60 -46.08
C LYS C 444 -22.88 -29.56 -46.98
N VAL C 445 -22.87 -29.74 -48.32
CA VAL C 445 -23.46 -28.75 -49.26
C VAL C 445 -24.96 -28.49 -48.96
N GLY C 446 -25.72 -29.54 -48.63
CA GLY C 446 -27.12 -29.43 -48.21
C GLY C 446 -27.34 -29.09 -46.72
N GLY C 447 -26.27 -28.82 -45.97
CA GLY C 447 -26.28 -28.59 -44.52
C GLY C 447 -25.99 -29.87 -43.73
N ASN C 448 -24.90 -29.86 -42.94
CA ASN C 448 -24.67 -30.87 -41.92
C ASN C 448 -25.45 -30.47 -40.65
N TYR C 449 -26.53 -31.20 -40.36
CA TYR C 449 -27.35 -30.99 -39.17
C TYR C 449 -27.04 -31.96 -38.00
N ASN C 450 -25.97 -32.76 -38.09
CA ASN C 450 -25.56 -33.71 -37.04
C ASN C 450 -25.08 -33.04 -35.73
N TYR C 451 -24.73 -31.74 -35.78
CA TYR C 451 -24.16 -31.02 -34.64
C TYR C 451 -25.17 -30.08 -33.98
N LEU C 452 -25.26 -30.20 -32.66
CA LEU C 452 -26.25 -29.56 -31.81
C LEU C 452 -25.58 -28.63 -30.78
N TYR C 453 -26.23 -27.52 -30.44
CA TYR C 453 -25.90 -26.71 -29.27
C TYR C 453 -27.14 -26.48 -28.40
N ARG C 454 -26.92 -26.23 -27.11
CA ARG C 454 -28.01 -25.98 -26.17
C ARG C 454 -28.39 -24.51 -26.11
N LEU C 455 -29.47 -24.15 -26.80
CA LEU C 455 -29.96 -22.77 -26.84
C LEU C 455 -30.75 -22.41 -25.57
N PHE C 456 -31.42 -23.39 -24.92
CA PHE C 456 -32.23 -23.17 -23.72
C PHE C 456 -31.87 -24.10 -22.56
N ARG C 457 -31.94 -23.54 -21.35
CA ARG C 457 -31.67 -24.24 -20.08
C ARG C 457 -32.30 -23.47 -18.90
N LYS C 458 -32.67 -24.17 -17.82
CA LYS C 458 -33.29 -23.51 -16.64
C LYS C 458 -32.33 -22.61 -15.84
N SER C 459 -31.02 -22.82 -15.95
CA SER C 459 -30.02 -22.18 -15.10
C SER C 459 -28.63 -22.13 -15.74
N ASN C 460 -27.78 -21.26 -15.23
CA ASN C 460 -26.40 -21.04 -15.65
C ASN C 460 -25.52 -22.27 -15.29
N LEU C 461 -25.00 -22.99 -16.29
CA LEU C 461 -24.28 -24.27 -16.12
C LEU C 461 -22.91 -24.11 -15.41
N LYS C 462 -22.58 -25.06 -14.55
CA LYS C 462 -21.37 -25.06 -13.71
C LYS C 462 -20.08 -25.43 -14.47
N PRO C 463 -18.89 -25.00 -14.01
CA PRO C 463 -17.60 -25.33 -14.63
C PRO C 463 -17.37 -26.83 -14.90
N PHE C 464 -16.95 -27.17 -16.12
CA PHE C 464 -16.70 -28.54 -16.58
C PHE C 464 -17.88 -29.53 -16.37
N GLU C 465 -19.09 -29.03 -16.15
CA GLU C 465 -20.30 -29.83 -16.07
C GLU C 465 -20.89 -30.07 -17.47
N ARG C 466 -21.57 -31.20 -17.68
CA ARG C 466 -22.13 -31.59 -18.99
C ARG C 466 -23.62 -31.88 -18.88
N ASP C 467 -24.39 -31.37 -19.83
CA ASP C 467 -25.85 -31.43 -19.76
C ASP C 467 -26.44 -32.24 -20.92
N ILE C 468 -26.90 -33.47 -20.63
CA ILE C 468 -27.45 -34.41 -21.61
C ILE C 468 -28.97 -34.23 -21.83
N SER C 469 -29.66 -33.46 -20.99
CA SER C 469 -31.13 -33.33 -20.94
C SER C 469 -31.77 -32.93 -22.29
N THR C 470 -33.01 -33.37 -22.53
CA THR C 470 -33.81 -32.97 -23.70
C THR C 470 -35.22 -32.49 -23.30
N GLU C 471 -35.43 -32.28 -22.01
CA GLU C 471 -36.68 -31.83 -21.41
C GLU C 471 -37.07 -30.43 -21.92
N ILE C 472 -38.33 -30.26 -22.33
CA ILE C 472 -38.81 -29.04 -23.00
C ILE C 472 -38.67 -27.82 -22.06
N TYR C 473 -37.95 -26.80 -22.53
CA TYR C 473 -37.78 -25.57 -21.72
C TYR C 473 -39.10 -24.78 -21.71
N GLN C 474 -39.53 -24.32 -20.54
CA GLN C 474 -40.79 -23.54 -20.43
C GLN C 474 -40.46 -22.05 -20.37
N ALA C 475 -40.56 -21.33 -21.49
CA ALA C 475 -40.33 -19.88 -21.50
C ALA C 475 -41.56 -19.18 -20.90
N GLY C 476 -42.75 -19.42 -21.47
CA GLY C 476 -43.99 -18.89 -20.90
C GLY C 476 -44.19 -19.25 -19.42
N SER C 477 -45.08 -18.52 -18.73
CA SER C 477 -45.39 -18.72 -17.30
C SER C 477 -46.12 -20.04 -16.98
N THR C 478 -46.86 -20.58 -17.95
CA THR C 478 -47.57 -21.86 -17.81
C THR C 478 -46.59 -23.03 -17.71
N PRO C 479 -46.91 -24.08 -16.92
CA PRO C 479 -46.25 -25.37 -17.05
C PRO C 479 -46.50 -25.97 -18.44
N CYS C 480 -45.62 -26.86 -18.90
CA CYS C 480 -45.61 -27.32 -20.28
C CYS C 480 -45.22 -28.80 -20.40
N ASN C 481 -46.08 -29.68 -19.89
CA ASN C 481 -45.93 -31.13 -19.99
C ASN C 481 -46.01 -31.63 -21.45
N GLY C 482 -45.55 -32.84 -21.71
CA GLY C 482 -45.55 -33.46 -23.03
C GLY C 482 -44.43 -33.00 -23.96
N VAL C 483 -44.47 -33.46 -25.22
CA VAL C 483 -43.38 -33.35 -26.20
C VAL C 483 -43.18 -31.96 -26.82
N GLU C 484 -44.18 -31.08 -26.73
CA GLU C 484 -44.24 -29.75 -27.34
C GLU C 484 -45.24 -28.84 -26.61
N GLY C 485 -45.16 -27.52 -26.82
CA GLY C 485 -46.19 -26.58 -26.36
C GLY C 485 -45.94 -25.09 -26.71
N PHE C 486 -46.90 -24.24 -26.38
CA PHE C 486 -46.89 -22.81 -26.68
C PHE C 486 -45.97 -21.98 -25.77
N ASN C 487 -45.06 -21.18 -26.33
CA ASN C 487 -43.93 -20.58 -25.60
C ASN C 487 -43.09 -21.62 -24.83
N CYS C 488 -42.92 -22.81 -25.44
CA CYS C 488 -42.08 -23.90 -24.95
C CYS C 488 -41.24 -24.48 -26.09
N TYR C 489 -39.99 -24.86 -25.81
CA TYR C 489 -39.02 -25.20 -26.85
C TYR C 489 -38.20 -26.45 -26.50
N PHE C 490 -37.90 -27.29 -27.49
CA PHE C 490 -36.87 -28.31 -27.35
C PHE C 490 -35.52 -27.60 -27.12
N PRO C 491 -34.74 -27.96 -26.09
CA PRO C 491 -33.64 -27.11 -25.61
C PRO C 491 -32.39 -27.12 -26.50
N LEU C 492 -32.32 -28.10 -27.42
CA LEU C 492 -31.24 -28.26 -28.37
C LEU C 492 -31.65 -27.74 -29.75
N GLN C 493 -30.71 -27.05 -30.40
CA GLN C 493 -30.83 -26.60 -31.78
C GLN C 493 -29.66 -27.13 -32.60
N SER C 494 -29.88 -27.44 -33.87
CA SER C 494 -28.83 -27.88 -34.79
C SER C 494 -28.20 -26.70 -35.55
N TYR C 495 -26.90 -26.74 -35.76
CA TYR C 495 -26.17 -25.75 -36.57
C TYR C 495 -26.44 -25.92 -38.07
N GLY C 496 -26.56 -24.82 -38.80
CA GLY C 496 -26.65 -24.81 -40.28
C GLY C 496 -25.27 -24.83 -40.96
N PHE C 497 -24.48 -25.87 -40.69
CA PHE C 497 -23.08 -25.93 -41.22
C PHE C 497 -23.07 -26.24 -42.71
N GLN C 498 -22.53 -25.31 -43.51
CA GLN C 498 -22.40 -25.53 -44.98
C GLN C 498 -21.01 -25.06 -45.42
N PRO C 499 -20.41 -25.64 -46.48
CA PRO C 499 -19.11 -25.18 -46.97
C PRO C 499 -19.19 -23.72 -47.42
N THR C 500 -20.32 -23.32 -48.03
CA THR C 500 -20.47 -21.95 -48.51
C THR C 500 -20.69 -20.92 -47.41
N ASN C 501 -20.71 -21.30 -46.12
CA ASN C 501 -20.86 -20.34 -45.02
C ASN C 501 -19.66 -19.38 -44.94
N GLY C 502 -19.91 -18.15 -44.49
CA GLY C 502 -18.87 -17.12 -44.32
C GLY C 502 -17.89 -17.43 -43.18
N VAL C 503 -16.83 -16.63 -43.05
CA VAL C 503 -15.97 -16.66 -41.87
C VAL C 503 -16.82 -16.32 -40.63
N GLY C 504 -16.69 -17.10 -39.57
CA GLY C 504 -17.54 -17.02 -38.37
C GLY C 504 -18.80 -17.89 -38.38
N TYR C 505 -19.24 -18.41 -39.54
CA TYR C 505 -20.39 -19.34 -39.65
C TYR C 505 -20.02 -20.78 -40.05
N GLN C 506 -18.75 -21.04 -40.34
CA GLN C 506 -18.22 -22.39 -40.57
C GLN C 506 -18.03 -23.16 -39.25
N PRO C 507 -17.95 -24.49 -39.28
CA PRO C 507 -17.65 -25.30 -38.09
C PRO C 507 -16.16 -25.26 -37.71
N TYR C 508 -15.90 -24.93 -36.44
CA TYR C 508 -14.57 -24.98 -35.83
C TYR C 508 -14.50 -26.13 -34.81
N ARG C 509 -13.57 -27.06 -35.02
CA ARG C 509 -13.24 -28.08 -34.04
C ARG C 509 -12.40 -27.47 -32.92
N VAL C 510 -12.81 -27.75 -31.68
CA VAL C 510 -12.17 -27.29 -30.45
C VAL C 510 -11.63 -28.49 -29.69
N VAL C 511 -10.40 -28.37 -29.19
CA VAL C 511 -9.88 -29.21 -28.12
C VAL C 511 -9.40 -28.30 -26.99
N VAL C 512 -9.90 -28.51 -25.78
CA VAL C 512 -9.40 -27.82 -24.59
C VAL C 512 -8.62 -28.82 -23.74
N LEU C 513 -7.33 -28.57 -23.54
CA LEU C 513 -6.46 -29.39 -22.70
C LEU C 513 -6.44 -28.78 -21.31
N SER C 514 -6.92 -29.52 -20.29
CA SER C 514 -6.87 -29.10 -18.90
C SER C 514 -5.99 -30.04 -18.09
N PHE C 515 -5.24 -29.47 -17.14
CA PHE C 515 -4.29 -30.28 -16.35
C PHE C 515 -3.83 -29.54 -15.10
N GLU C 516 -3.28 -30.28 -14.13
CA GLU C 516 -2.75 -29.68 -12.90
C GLU C 516 -1.28 -30.02 -12.69
N LEU C 517 -0.53 -29.02 -12.23
CA LEU C 517 0.91 -28.89 -12.42
C LEU C 517 1.67 -28.89 -11.09
N LEU C 518 2.84 -29.54 -11.08
CA LEU C 518 3.88 -29.47 -10.04
C LEU C 518 3.46 -29.83 -8.59
N HIS C 519 2.24 -30.32 -8.35
CA HIS C 519 1.67 -30.47 -6.99
C HIS C 519 1.64 -31.89 -6.42
N ALA C 520 1.72 -32.92 -7.26
CA ALA C 520 1.47 -34.34 -6.91
C ALA C 520 2.21 -35.27 -7.89
N PRO C 521 2.26 -36.61 -7.72
CA PRO C 521 3.03 -37.46 -8.63
C PRO C 521 2.46 -37.39 -10.06
N ALA C 522 3.35 -37.21 -11.04
CA ALA C 522 3.00 -36.98 -12.44
C ALA C 522 2.92 -38.25 -13.28
N THR C 523 2.16 -38.21 -14.38
CA THR C 523 2.00 -39.33 -15.33
C THR C 523 2.07 -38.92 -16.80
N VAL C 524 1.94 -37.63 -17.11
CA VAL C 524 2.17 -37.07 -18.46
C VAL C 524 3.32 -36.09 -18.39
N CYS C 525 4.24 -36.13 -19.34
CA CYS C 525 5.45 -35.32 -19.30
C CYS C 525 5.86 -34.84 -20.68
N GLY C 526 6.52 -33.70 -20.76
CA GLY C 526 7.24 -33.32 -21.98
C GLY C 526 8.36 -34.31 -22.35
N PRO C 527 8.97 -34.17 -23.53
CA PRO C 527 9.98 -35.09 -24.05
C PRO C 527 11.36 -35.01 -23.36
N LYS C 528 11.52 -34.04 -22.46
CA LYS C 528 12.84 -33.84 -21.79
C LYS C 528 13.24 -35.12 -21.06
N LYS C 529 14.38 -35.71 -21.42
CA LYS C 529 14.85 -36.96 -20.78
C LYS C 529 15.51 -36.63 -19.44
N SER C 530 15.67 -37.63 -18.57
CA SER C 530 16.25 -37.39 -17.22
C SER C 530 17.77 -37.20 -17.32
N THR C 531 18.30 -36.14 -16.72
CA THR C 531 19.77 -35.91 -16.69
C THR C 531 20.36 -36.64 -15.47
N ASN C 532 21.68 -36.81 -15.44
CA ASN C 532 22.33 -37.55 -14.32
C ASN C 532 21.89 -36.95 -12.98
N LEU C 533 21.49 -37.80 -12.03
CA LEU C 533 21.07 -37.32 -10.68
C LEU C 533 22.28 -37.36 -9.75
N VAL C 534 22.55 -36.27 -9.02
CA VAL C 534 23.68 -36.22 -8.05
C VAL C 534 23.16 -35.70 -6.71
N LYS C 535 23.94 -35.88 -5.65
CA LYS C 535 23.54 -35.40 -4.30
C LYS C 535 24.66 -34.57 -3.67
N ASN C 536 24.36 -33.83 -2.60
CA ASN C 536 25.38 -33.05 -1.88
C ASN C 536 26.15 -32.15 -2.86
N LYS C 537 25.43 -31.56 -3.83
CA LYS C 537 26.08 -30.65 -4.81
C LYS C 537 25.10 -29.52 -5.18
N CYS C 538 25.62 -28.30 -5.39
CA CYS C 538 24.77 -27.18 -5.84
C CYS C 538 24.39 -27.45 -7.30
N VAL C 539 23.12 -27.77 -7.56
CA VAL C 539 22.74 -28.17 -8.95
C VAL C 539 21.36 -27.60 -9.33
N ASN C 540 21.09 -27.49 -10.63
CA ASN C 540 19.75 -27.03 -11.09
C ASN C 540 18.87 -28.25 -11.34
N PHE C 541 18.38 -28.89 -10.27
CA PHE C 541 17.59 -30.14 -10.41
C PHE C 541 16.24 -29.84 -11.09
N ASN C 542 15.64 -30.86 -11.72
CA ASN C 542 14.30 -30.69 -12.35
C ASN C 542 13.49 -31.95 -12.12
N PHE C 543 12.45 -31.89 -11.28
CA PHE C 543 11.66 -33.10 -10.94
C PHE C 543 10.21 -32.92 -11.42
N ASN C 544 9.76 -33.78 -12.34
CA ASN C 544 8.36 -33.71 -12.82
C ASN C 544 8.04 -32.28 -13.31
N GLY C 545 8.96 -31.66 -14.05
CA GLY C 545 8.70 -30.32 -14.60
C GLY C 545 9.10 -29.21 -13.64
N LEU C 546 9.50 -29.56 -12.42
CA LEU C 546 9.84 -28.54 -11.40
C LEU C 546 11.34 -28.24 -11.44
N THR C 547 11.74 -27.20 -12.18
CA THR C 547 13.18 -26.80 -12.24
C THR C 547 13.52 -25.99 -10.99
N GLY C 548 14.50 -26.45 -10.21
CA GLY C 548 14.86 -25.75 -8.95
C GLY C 548 16.35 -25.81 -8.67
N THR C 549 16.88 -24.81 -7.96
CA THR C 549 18.32 -24.80 -7.58
C THR C 549 18.46 -25.16 -6.11
N GLY C 550 19.21 -26.21 -5.79
CA GLY C 550 19.42 -26.61 -4.38
C GLY C 550 20.38 -27.77 -4.26
N VAL C 551 20.70 -28.17 -3.03
CA VAL C 551 21.62 -29.32 -2.80
C VAL C 551 20.77 -30.56 -2.49
N LEU C 552 20.66 -31.48 -3.46
CA LEU C 552 19.90 -32.74 -3.24
C LEU C 552 20.66 -33.59 -2.24
N THR C 553 19.94 -34.31 -1.36
CA THR C 553 20.60 -35.21 -0.38
C THR C 553 19.62 -36.32 0.00
N GLU C 554 20.11 -37.57 0.10
CA GLU C 554 19.23 -38.68 0.51
C GLU C 554 18.45 -38.26 1.77
N SER C 555 17.12 -38.35 1.73
CA SER C 555 16.28 -37.89 2.86
C SER C 555 16.21 -38.96 3.95
N ASN C 556 16.55 -38.61 5.20
CA ASN C 556 16.42 -39.56 6.33
C ASN C 556 14.95 -39.63 6.75
N LYS C 557 14.15 -38.65 6.32
CA LYS C 557 12.71 -38.62 6.68
C LYS C 557 12.04 -39.92 6.23
N LYS C 558 11.18 -40.48 7.08
CA LYS C 558 10.49 -41.77 6.75
C LYS C 558 9.26 -41.48 5.88
N PHE C 559 9.48 -41.01 4.65
CA PHE C 559 8.35 -40.69 3.74
C PHE C 559 7.49 -41.94 3.54
N LEU C 560 6.17 -41.78 3.63
CA LEU C 560 5.25 -42.93 3.37
C LEU C 560 5.21 -43.17 1.85
N PRO C 561 4.92 -44.40 1.37
CA PRO C 561 4.96 -44.69 -0.06
C PRO C 561 4.22 -43.64 -0.89
N PHE C 562 3.02 -43.25 -0.46
CA PHE C 562 2.21 -42.26 -1.23
C PHE C 562 2.92 -40.92 -1.25
N GLN C 563 3.56 -40.54 -0.14
CA GLN C 563 4.21 -39.21 -0.05
C GLN C 563 5.25 -39.05 -1.16
N GLN C 564 5.01 -38.11 -2.08
CA GLN C 564 5.97 -37.86 -3.19
C GLN C 564 6.96 -36.77 -2.75
N PHE C 565 6.53 -35.52 -2.73
CA PHE C 565 7.42 -34.40 -2.35
C PHE C 565 7.41 -34.23 -0.83
N GLY C 566 8.46 -33.61 -0.27
CA GLY C 566 8.51 -33.33 1.17
C GLY C 566 8.47 -31.85 1.42
N ARG C 567 7.62 -31.39 2.35
CA ARG C 567 7.47 -29.92 2.51
C ARG C 567 8.14 -29.45 3.81
N ASP C 568 8.70 -28.25 3.83
CA ASP C 568 9.31 -27.69 5.05
C ASP C 568 8.29 -26.76 5.72
N ILE C 569 8.51 -26.43 7.00
CA ILE C 569 7.55 -25.55 7.75
C ILE C 569 7.24 -24.32 6.90
N ALA C 570 8.22 -23.81 6.15
CA ALA C 570 8.01 -22.56 5.37
C ALA C 570 7.08 -22.85 4.18
N ASP C 571 6.41 -24.01 4.17
CA ASP C 571 5.54 -24.39 3.04
C ASP C 571 6.42 -24.50 1.78
N THR C 572 7.70 -24.82 1.97
CA THR C 572 8.65 -24.91 0.82
C THR C 572 9.10 -26.36 0.64
N THR C 573 9.67 -26.68 -0.53
CA THR C 573 10.07 -28.09 -0.83
C THR C 573 11.41 -28.40 -0.14
N ASP C 574 11.37 -29.11 0.99
CA ASP C 574 12.62 -29.49 1.71
C ASP C 574 13.05 -30.88 1.24
N ALA C 575 12.15 -31.61 0.58
CA ALA C 575 12.45 -32.98 0.08
C ALA C 575 11.58 -33.26 -1.16
N VAL C 576 11.96 -34.27 -1.94
CA VAL C 576 11.22 -34.64 -3.18
C VAL C 576 11.53 -36.11 -3.49
N ARG C 577 10.64 -36.79 -4.21
CA ARG C 577 10.87 -38.22 -4.58
C ARG C 577 11.45 -38.30 -6.00
N ASP C 578 12.56 -39.02 -6.17
CA ASP C 578 13.13 -39.21 -7.54
C ASP C 578 12.17 -40.07 -8.36
N PRO C 579 11.67 -39.60 -9.52
CA PRO C 579 10.67 -40.34 -10.28
C PRO C 579 11.20 -41.71 -10.76
N GLN C 580 12.48 -41.77 -11.13
CA GLN C 580 13.07 -43.04 -11.66
C GLN C 580 13.44 -43.96 -10.49
N THR C 581 14.58 -43.71 -9.84
CA THR C 581 15.03 -44.59 -8.75
C THR C 581 14.46 -44.04 -7.46
N LEU C 582 13.55 -44.78 -6.83
CA LEU C 582 12.84 -44.27 -5.62
C LEU C 582 13.84 -44.01 -4.48
N GLU C 583 14.27 -42.76 -4.33
CA GLU C 583 15.16 -42.40 -3.19
C GLU C 583 14.79 -40.97 -2.75
N ILE C 584 14.01 -40.85 -1.67
CA ILE C 584 13.54 -39.50 -1.24
C ILE C 584 14.75 -38.58 -1.11
N LEU C 585 14.65 -37.35 -1.62
CA LEU C 585 15.79 -36.44 -1.60
C LEU C 585 15.43 -35.19 -0.83
N ASP C 586 16.20 -34.86 0.20
CA ASP C 586 16.13 -33.55 0.84
C ASP C 586 16.80 -32.52 -0.07
N ILE C 587 16.08 -31.48 -0.44
CA ILE C 587 16.64 -30.28 -1.07
C ILE C 587 17.08 -29.31 0.03
N THR C 588 18.31 -28.81 -0.01
CA THR C 588 18.75 -27.69 0.85
C THR C 588 19.42 -26.62 -0.01
N PRO C 589 19.24 -25.31 0.23
CA PRO C 589 19.89 -24.29 -0.61
C PRO C 589 21.42 -24.33 -0.48
N CYS C 590 22.12 -23.96 -1.56
CA CYS C 590 23.58 -23.91 -1.61
C CYS C 590 24.12 -22.89 -0.61
N SER C 591 25.29 -23.12 -0.02
CA SER C 591 25.76 -22.28 1.10
C SER C 591 25.90 -20.80 0.73
N PHE C 592 25.49 -19.97 1.67
CA PHE C 592 25.44 -18.51 1.61
C PHE C 592 25.58 -17.91 3.02
N GLY C 593 25.81 -16.61 3.06
CA GLY C 593 25.81 -15.80 4.27
C GLY C 593 26.03 -14.32 3.96
N GLY C 594 25.89 -13.47 4.95
CA GLY C 594 26.38 -12.10 4.80
C GLY C 594 27.89 -12.06 4.64
N VAL C 595 28.41 -11.01 4.02
CA VAL C 595 29.85 -10.73 3.99
C VAL C 595 30.06 -9.32 4.47
N SER C 596 31.02 -9.13 5.36
CA SER C 596 31.28 -7.84 5.95
C SER C 596 32.76 -7.50 5.91
N VAL C 597 33.09 -6.27 5.55
CA VAL C 597 34.47 -5.84 5.31
C VAL C 597 34.90 -4.90 6.42
N ILE C 598 36.03 -5.20 7.05
CA ILE C 598 36.62 -4.54 8.20
C ILE C 598 37.80 -3.72 7.73
N THR C 599 37.81 -2.42 8.01
CA THR C 599 38.82 -1.50 7.47
C THR C 599 39.25 -0.44 8.49
N PRO C 600 40.56 -0.09 8.59
CA PRO C 600 40.97 1.03 9.46
C PRO C 600 40.45 2.32 8.83
N GLY C 601 39.66 2.20 7.76
CA GLY C 601 39.21 3.40 7.03
C GLY C 601 40.13 3.68 5.87
N THR C 602 39.59 4.06 4.71
CA THR C 602 40.44 4.30 3.51
C THR C 602 41.54 5.31 3.86
N ASN C 603 41.23 6.30 4.70
CA ASN C 603 42.22 7.32 5.10
C ASN C 603 43.44 6.62 5.71
N THR C 604 43.22 5.71 6.65
CA THR C 604 44.35 5.02 7.34
C THR C 604 45.09 4.11 6.35
N SER C 605 44.35 3.25 5.64
CA SER C 605 45.00 2.29 4.72
C SER C 605 43.97 1.63 3.79
N ASN C 606 44.44 0.85 2.81
CA ASN C 606 43.51 0.14 1.89
C ASN C 606 43.37 -1.32 2.35
N GLN C 607 44.36 -1.85 3.06
CA GLN C 607 44.25 -3.21 3.59
C GLN C 607 42.92 -3.40 4.34
N VAL C 608 42.25 -4.54 4.14
CA VAL C 608 40.98 -4.90 4.78
C VAL C 608 40.95 -6.36 5.23
N ALA C 609 40.07 -6.71 6.15
CA ALA C 609 39.75 -8.08 6.52
C ALA C 609 38.28 -8.38 6.22
N VAL C 610 37.94 -9.62 5.90
CA VAL C 610 36.60 -10.02 5.47
C VAL C 610 36.01 -11.00 6.47
N LEU C 611 34.79 -10.75 6.94
CA LEU C 611 34.02 -11.65 7.80
C LEU C 611 32.88 -12.26 6.99
N TYR C 612 32.85 -13.59 6.88
CA TYR C 612 31.75 -14.33 6.30
C TYR C 612 30.80 -14.74 7.43
N GLN C 613 29.66 -14.07 7.49
CA GLN C 613 28.69 -14.26 8.56
C GLN C 613 28.10 -15.66 8.72
N GLY C 614 28.20 -16.18 9.94
CA GLY C 614 27.62 -17.50 10.24
C GLY C 614 28.24 -18.66 9.48
N VAL C 615 29.49 -18.52 9.04
CA VAL C 615 30.21 -19.50 8.20
C VAL C 615 31.34 -20.18 8.97
N ASN C 616 31.39 -21.50 8.93
CA ASN C 616 32.57 -22.26 9.35
C ASN C 616 33.68 -22.12 8.29
N CYS C 617 34.94 -22.06 8.71
CA CYS C 617 36.08 -21.91 7.81
C CYS C 617 36.11 -22.90 6.64
N THR C 618 35.64 -24.13 6.82
CA THR C 618 35.62 -25.16 5.78
C THR C 618 34.74 -24.84 4.57
N GLU C 619 33.82 -23.90 4.70
CA GLU C 619 32.94 -23.47 3.60
C GLU C 619 33.57 -22.36 2.73
N VAL C 620 34.76 -21.87 3.08
CA VAL C 620 35.53 -20.94 2.23
C VAL C 620 36.47 -21.65 1.23
N PRO C 621 37.12 -22.78 1.54
CA PRO C 621 37.63 -23.71 0.53
C PRO C 621 36.57 -24.24 -0.44
N VAL C 622 35.32 -24.35 0.04
CA VAL C 622 34.19 -24.79 -0.84
C VAL C 622 33.92 -23.67 -1.84
N ALA C 623 34.00 -22.41 -1.39
CA ALA C 623 33.77 -21.27 -2.29
C ALA C 623 34.93 -21.15 -3.28
N ILE C 624 34.76 -21.67 -4.50
CA ILE C 624 35.85 -21.65 -5.52
C ILE C 624 35.29 -21.05 -6.81
N HIS C 625 36.16 -20.46 -7.63
CA HIS C 625 35.70 -19.79 -8.88
C HIS C 625 35.09 -20.85 -9.81
N ALA C 626 35.64 -22.06 -9.82
CA ALA C 626 35.03 -23.16 -10.61
C ALA C 626 33.51 -23.05 -10.47
N ASP C 627 33.01 -23.00 -9.23
CA ASP C 627 31.56 -22.78 -8.98
C ASP C 627 31.37 -21.27 -8.80
N GLN C 628 31.32 -20.51 -9.90
CA GLN C 628 31.25 -19.03 -9.80
C GLN C 628 30.23 -18.61 -8.74
N LEU C 629 30.64 -17.75 -7.79
CA LEU C 629 29.70 -17.22 -6.77
C LEU C 629 29.28 -15.81 -7.19
N THR C 630 28.19 -15.29 -6.62
CA THR C 630 27.79 -13.88 -6.93
C THR C 630 29.06 -13.01 -6.89
N PRO C 631 29.80 -12.91 -5.76
CA PRO C 631 31.07 -12.18 -5.72
C PRO C 631 32.09 -12.76 -6.72
N THR C 632 32.50 -11.95 -7.70
CA THR C 632 33.50 -12.30 -8.72
C THR C 632 34.93 -12.28 -8.17
N TRP C 633 35.21 -11.39 -7.20
CA TRP C 633 36.48 -11.32 -6.49
C TRP C 633 36.70 -12.54 -5.60
N ARG C 634 37.96 -12.93 -5.44
CA ARG C 634 38.31 -14.09 -4.62
C ARG C 634 39.78 -14.10 -4.19
N VAL C 635 40.34 -12.92 -3.90
CA VAL C 635 41.73 -12.83 -3.47
C VAL C 635 41.87 -13.24 -2.01
N TYR C 636 40.74 -13.61 -1.39
CA TYR C 636 40.78 -14.02 0.04
C TYR C 636 40.86 -15.55 0.14
N SER C 637 40.23 -16.27 -0.79
CA SER C 637 40.36 -17.73 -0.81
C SER C 637 41.80 -18.25 -0.75
N THR C 638 42.81 -17.38 -0.91
CA THR C 638 44.23 -17.72 -0.65
C THR C 638 44.51 -18.12 0.81
N GLY C 639 43.62 -17.79 1.75
CA GLY C 639 43.64 -18.37 3.09
C GLY C 639 44.84 -17.97 3.96
N SER C 640 45.38 -18.92 4.72
CA SER C 640 46.44 -18.80 5.76
C SER C 640 46.12 -17.92 6.98
N ASN C 641 45.19 -16.98 6.84
CA ASN C 641 44.68 -16.10 7.90
C ASN C 641 43.15 -16.26 8.07
N VAL C 642 42.63 -17.43 7.67
CA VAL C 642 41.17 -17.70 7.81
C VAL C 642 40.87 -18.00 9.29
N PHE C 643 40.28 -17.04 10.01
CA PHE C 643 39.97 -17.23 11.45
C PHE C 643 38.48 -17.50 11.62
N GLN C 644 38.11 -18.41 12.53
CA GLN C 644 36.69 -18.75 12.75
C GLN C 644 36.14 -17.97 13.94
N THR C 645 35.16 -17.10 13.71
CA THR C 645 34.49 -16.38 14.83
C THR C 645 33.11 -16.99 14.99
N ARG C 646 32.53 -16.93 16.20
CA ARG C 646 31.14 -17.41 16.36
C ARG C 646 30.25 -16.58 15.43
N ALA C 647 30.66 -15.33 15.16
CA ALA C 647 29.91 -14.47 14.21
C ALA C 647 29.96 -15.11 12.82
N GLY C 648 31.12 -15.68 12.44
CA GLY C 648 31.24 -16.37 11.13
C GLY C 648 32.68 -16.49 10.66
N CYS C 649 32.87 -16.83 9.38
CA CYS C 649 34.24 -17.03 8.84
C CYS C 649 34.89 -15.69 8.51
N LEU C 650 36.00 -15.36 9.19
CA LEU C 650 36.70 -14.10 9.03
C LEU C 650 38.03 -14.32 8.31
N ILE C 651 38.28 -13.59 7.22
CA ILE C 651 39.43 -13.79 6.34
C ILE C 651 40.17 -12.48 6.10
N GLY C 652 41.49 -12.50 6.13
CA GLY C 652 42.33 -11.31 5.95
C GLY C 652 42.66 -10.57 7.25
N ALA C 653 42.10 -10.98 8.39
CA ALA C 653 42.42 -10.47 9.72
C ALA C 653 43.20 -11.51 10.54
N GLU C 654 44.28 -11.05 11.21
CA GLU C 654 45.14 -11.99 11.98
C GLU C 654 44.61 -12.16 13.41
N HIS C 655 44.21 -13.38 13.78
CA HIS C 655 43.75 -13.64 15.17
C HIS C 655 44.93 -13.50 16.14
N VAL C 656 44.71 -12.89 17.31
CA VAL C 656 45.79 -12.71 18.32
C VAL C 656 45.26 -13.16 19.70
N ASN C 657 46.17 -13.34 20.67
CA ASN C 657 45.74 -13.75 22.05
C ASN C 657 45.47 -12.51 22.92
N ASN C 658 46.16 -11.38 22.69
CA ASN C 658 45.98 -10.13 23.42
C ASN C 658 44.53 -9.63 23.33
N SER C 659 43.94 -9.19 24.44
CA SER C 659 42.67 -8.44 24.43
C SER C 659 42.90 -6.94 24.46
N TYR C 660 42.03 -6.21 23.76
CA TYR C 660 42.02 -4.76 23.67
C TYR C 660 40.58 -4.24 23.80
N GLU C 661 40.41 -2.94 24.01
CA GLU C 661 39.12 -2.28 23.83
C GLU C 661 38.56 -2.54 22.42
N CYS C 662 37.25 -2.70 22.27
CA CYS C 662 36.66 -2.98 20.96
C CYS C 662 36.81 -1.80 20.00
N ASP C 663 37.45 -2.02 18.85
CA ASP C 663 37.59 -1.00 17.81
C ASP C 663 36.45 -1.12 16.77
N ILE C 664 36.47 -2.18 15.93
CA ILE C 664 35.40 -2.52 15.00
C ILE C 664 34.72 -3.81 15.51
N PRO C 665 33.41 -3.82 15.82
CA PRO C 665 32.74 -4.95 16.45
C PRO C 665 32.33 -6.05 15.44
N ILE C 666 32.86 -7.26 15.59
CA ILE C 666 32.54 -8.39 14.69
C ILE C 666 31.40 -9.26 15.20
N GLY C 667 31.21 -9.38 16.51
CA GLY C 667 30.11 -10.12 17.13
C GLY C 667 30.59 -11.30 17.95
N ALA C 668 29.77 -11.81 18.86
CA ALA C 668 30.10 -12.94 19.72
C ALA C 668 31.44 -12.78 20.48
N GLY C 669 31.71 -11.60 21.01
CA GLY C 669 32.89 -11.27 21.82
C GLY C 669 34.13 -10.84 21.03
N ILE C 670 34.09 -10.92 19.70
CA ILE C 670 35.22 -10.61 18.81
C ILE C 670 35.11 -9.19 18.27
N CYS C 671 36.24 -8.51 18.19
CA CYS C 671 36.40 -7.24 17.50
C CYS C 671 37.61 -7.31 16.57
N ALA C 672 37.80 -6.32 15.71
CA ALA C 672 38.99 -6.18 14.88
C ALA C 672 39.48 -4.74 14.85
N SER C 673 40.77 -4.55 14.59
CA SER C 673 41.45 -3.25 14.59
C SER C 673 42.64 -3.28 13.65
N TYR C 674 43.11 -2.14 13.17
CA TYR C 674 44.31 -2.06 12.32
C TYR C 674 45.52 -1.63 13.14
N GLN C 675 46.48 -2.53 13.32
CA GLN C 675 47.60 -2.39 14.25
C GLN C 675 48.87 -3.07 13.75
N THR C 676 50.04 -2.68 14.25
CA THR C 676 51.35 -3.21 13.83
C THR C 676 51.50 -4.69 14.14
N SER C 689 54.25 -3.50 8.15
CA SER C 689 54.05 -4.33 9.34
C SER C 689 52.65 -4.19 9.96
N GLN C 690 51.87 -3.21 9.52
CA GLN C 690 50.43 -3.06 9.79
C GLN C 690 49.62 -4.17 9.09
N SER C 691 48.59 -4.68 9.76
CA SER C 691 47.63 -5.65 9.23
C SER C 691 46.32 -5.56 10.03
N ILE C 692 45.30 -6.27 9.52
CA ILE C 692 44.03 -6.35 10.30
C ILE C 692 44.17 -7.53 11.25
N ILE C 693 43.98 -7.29 12.55
CA ILE C 693 44.02 -8.32 13.60
C ILE C 693 42.62 -8.58 14.14
N ALA C 694 42.34 -9.78 14.62
CA ALA C 694 41.08 -10.18 15.24
C ALA C 694 41.32 -10.76 16.62
N TYR C 695 40.51 -10.39 17.60
CA TYR C 695 40.77 -10.67 19.01
C TYR C 695 39.47 -10.77 19.82
N THR C 696 39.51 -11.53 20.91
CA THR C 696 38.44 -11.46 21.93
C THR C 696 38.58 -10.14 22.68
N MET C 697 37.52 -9.31 22.70
CA MET C 697 37.58 -7.99 23.33
C MET C 697 37.77 -8.09 24.85
N SER C 698 38.56 -7.19 25.45
CA SER C 698 38.64 -7.07 26.90
C SER C 698 37.48 -6.24 27.43
N LEU C 699 36.98 -6.61 28.62
CA LEU C 699 35.91 -5.88 29.29
C LEU C 699 36.45 -4.74 30.17
N GLY C 700 37.63 -4.93 30.74
CA GLY C 700 38.38 -3.93 31.48
C GLY C 700 39.60 -4.57 32.15
N ALA C 701 40.45 -3.76 32.77
CA ALA C 701 41.50 -4.26 33.64
C ALA C 701 40.89 -5.05 34.81
N GLU C 702 41.47 -6.18 35.18
CA GLU C 702 41.03 -6.94 36.36
C GLU C 702 41.48 -6.22 37.65
N ASN C 703 40.70 -6.30 38.73
CA ASN C 703 40.98 -5.60 39.97
C ASN C 703 40.43 -6.37 41.17
N SER C 704 41.28 -6.83 42.09
CA SER C 704 40.81 -7.28 43.39
C SER C 704 40.72 -6.08 44.34
N VAL C 705 39.52 -5.79 44.84
CA VAL C 705 39.33 -4.78 45.89
C VAL C 705 39.85 -5.37 47.20
N ALA C 706 40.70 -4.65 47.93
CA ALA C 706 41.39 -5.15 49.12
C ALA C 706 40.51 -5.20 50.39
N TYR C 707 39.31 -5.75 50.27
CA TYR C 707 38.33 -5.86 51.33
C TYR C 707 38.81 -6.71 52.52
N SER C 708 38.54 -6.24 53.73
CA SER C 708 38.47 -7.06 54.93
C SER C 708 37.51 -6.42 55.95
N ASN C 709 37.05 -7.21 56.93
CA ASN C 709 36.03 -6.77 57.94
C ASN C 709 36.36 -5.50 58.73
N ASN C 710 37.62 -5.06 58.76
CA ASN C 710 38.03 -3.93 59.57
C ASN C 710 38.92 -2.92 58.82
N SER C 711 38.98 -2.97 57.49
CA SER C 711 39.78 -2.08 56.66
C SER C 711 38.89 -1.11 55.88
N ILE C 712 39.24 0.17 55.84
CA ILE C 712 38.56 1.20 55.05
C ILE C 712 39.56 2.05 54.27
N ALA C 713 39.22 2.46 53.05
CA ALA C 713 39.98 3.45 52.31
C ALA C 713 39.21 4.78 52.25
N ILE C 714 39.87 5.90 52.51
CA ILE C 714 39.25 7.23 52.53
C ILE C 714 40.11 8.19 51.69
N PRO C 715 39.51 9.02 50.81
CA PRO C 715 40.24 9.96 49.99
C PRO C 715 40.88 11.06 50.82
N THR C 716 42.20 11.15 50.77
CA THR C 716 42.92 12.24 51.50
C THR C 716 42.92 13.49 50.63
N ASN C 717 42.46 13.37 49.38
CA ASN C 717 42.46 14.54 48.44
C ASN C 717 41.32 14.35 47.43
N PHE C 718 41.05 15.36 46.60
CA PHE C 718 39.91 15.27 45.65
C PHE C 718 40.31 15.85 44.29
N THR C 719 39.45 15.66 43.28
CA THR C 719 39.71 16.23 41.92
C THR C 719 38.42 16.83 41.37
N ILE C 720 38.46 18.10 40.95
CA ILE C 720 37.27 18.74 40.33
C ILE C 720 37.26 18.38 38.83
N SER C 721 36.18 17.77 38.35
CA SER C 721 36.14 17.30 36.94
C SER C 721 34.95 17.90 36.19
N VAL C 722 35.17 18.41 34.97
CA VAL C 722 34.05 18.94 34.14
C VAL C 722 33.98 18.09 32.87
N THR C 723 32.82 17.47 32.61
CA THR C 723 32.68 16.56 31.43
C THR C 723 31.52 17.04 30.55
N THR C 724 31.56 16.71 29.25
CA THR C 724 30.47 17.08 28.35
C THR C 724 29.52 15.93 28.10
N GLU C 725 28.22 16.18 28.18
CA GLU C 725 27.18 15.30 27.64
C GLU C 725 26.42 16.00 26.52
N ILE C 726 26.30 15.38 25.35
CA ILE C 726 25.62 15.93 24.18
C ILE C 726 24.29 15.22 23.96
N LEU C 727 23.20 15.97 23.80
CA LEU C 727 21.86 15.43 23.55
C LEU C 727 21.21 16.08 22.32
N PRO C 728 20.73 15.30 21.34
CA PRO C 728 19.77 15.77 20.35
C PRO C 728 18.50 16.33 20.98
N VAL C 729 18.06 17.50 20.52
CA VAL C 729 16.84 18.17 20.99
C VAL C 729 15.81 18.24 19.88
N SER C 730 16.22 18.39 18.62
CA SER C 730 15.29 18.47 17.51
C SER C 730 15.91 17.89 16.25
N MET C 731 15.12 17.85 15.18
CA MET C 731 15.55 17.54 13.82
C MET C 731 14.95 18.58 12.85
N THR C 732 15.37 18.60 11.59
CA THR C 732 14.87 19.58 10.62
C THR C 732 13.38 19.41 10.37
N LYS C 733 12.67 20.52 10.20
CA LYS C 733 11.25 20.56 9.85
C LYS C 733 11.08 20.38 8.35
N THR C 734 11.29 19.17 7.86
CA THR C 734 11.00 18.87 6.45
C THR C 734 9.50 18.70 6.27
N SER C 735 8.93 19.34 5.25
CA SER C 735 7.59 19.05 4.76
C SER C 735 7.64 18.75 3.27
N VAL C 736 6.77 17.87 2.80
CA VAL C 736 6.75 17.37 1.42
C VAL C 736 5.34 17.43 0.89
N ASP C 737 5.12 18.10 -0.24
CA ASP C 737 3.80 18.17 -0.86
C ASP C 737 3.50 16.88 -1.64
N CYS C 738 2.67 15.99 -1.09
CA CYS C 738 2.30 14.71 -1.68
C CYS C 738 1.88 14.82 -3.15
N THR C 739 1.10 15.84 -3.53
CA THR C 739 0.65 16.00 -4.92
C THR C 739 1.76 16.44 -5.87
N MET C 740 2.69 17.28 -5.44
CA MET C 740 3.81 17.72 -6.29
C MET C 740 4.96 16.72 -6.32
N TYR C 741 5.17 15.96 -5.25
CA TYR C 741 6.11 14.84 -5.27
C TYR C 741 5.64 13.76 -6.24
N ILE C 742 4.43 13.24 -6.04
CA ILE C 742 3.91 12.13 -6.90
C ILE C 742 3.72 12.67 -8.33
N CYS C 743 2.96 13.75 -8.49
CA CYS C 743 2.66 14.29 -9.84
C CYS C 743 3.48 15.57 -10.08
N GLY C 744 4.22 15.63 -11.19
CA GLY C 744 4.99 16.85 -11.52
C GLY C 744 4.06 17.93 -12.04
N ASP C 745 3.18 18.46 -11.17
CA ASP C 745 2.20 19.50 -11.59
C ASP C 745 1.44 18.99 -12.82
N SER C 746 1.02 17.72 -12.79
CA SER C 746 0.28 17.12 -13.93
C SER C 746 -1.20 17.00 -13.56
N THR C 747 -2.08 17.68 -14.30
CA THR C 747 -3.54 17.63 -14.01
C THR C 747 -4.03 16.19 -14.15
N GLU C 748 -3.62 15.51 -15.23
CA GLU C 748 -4.06 14.10 -15.46
C GLU C 748 -3.64 13.26 -14.24
N CYS C 749 -2.37 13.35 -13.84
CA CYS C 749 -1.88 12.59 -12.66
C CYS C 749 -2.67 13.04 -11.42
N SER C 750 -2.83 14.37 -11.26
CA SER C 750 -3.59 14.88 -10.10
C SER C 750 -5.01 14.32 -10.05
N ASN C 751 -5.73 14.29 -11.16
CA ASN C 751 -7.09 13.75 -11.19
C ASN C 751 -7.15 12.24 -10.89
N LEU C 752 -6.10 11.48 -11.23
CA LEU C 752 -5.95 10.08 -10.84
C LEU C 752 -5.63 9.94 -9.35
N LEU C 753 -4.83 10.83 -8.79
CA LEU C 753 -4.43 10.75 -7.38
C LEU C 753 -5.60 11.01 -6.41
N LEU C 754 -6.58 11.85 -6.78
CA LEU C 754 -7.81 12.05 -5.99
C LEU C 754 -8.62 10.76 -5.78
N GLN C 755 -8.49 9.77 -6.66
CA GLN C 755 -9.19 8.49 -6.54
C GLN C 755 -8.71 7.66 -5.35
N TYR C 756 -7.54 7.96 -4.79
CA TYR C 756 -6.94 7.29 -3.63
C TYR C 756 -7.41 7.90 -2.29
N GLY C 757 -8.17 8.98 -2.34
CA GLY C 757 -8.78 9.61 -1.17
C GLY C 757 -7.78 10.33 -0.27
N SER C 758 -7.91 10.12 1.04
CA SER C 758 -7.30 10.98 2.07
C SER C 758 -5.81 10.73 2.33
N PHE C 759 -5.13 9.86 1.59
CA PHE C 759 -3.71 9.56 1.85
C PHE C 759 -2.81 10.79 1.78
N CYS C 760 -2.99 11.71 0.83
CA CYS C 760 -2.17 12.91 0.81
C CYS C 760 -2.43 13.86 1.99
N THR C 761 -3.68 14.02 2.43
CA THR C 761 -3.94 14.81 3.64
C THR C 761 -3.34 14.15 4.87
N GLN C 762 -3.47 12.83 5.02
CA GLN C 762 -2.82 12.10 6.11
C GLN C 762 -1.31 12.33 6.16
N LEU C 763 -0.63 12.25 5.01
CA LEU C 763 0.81 12.43 4.92
C LEU C 763 1.21 13.88 5.26
N ASN C 764 0.45 14.87 4.78
CA ASN C 764 0.68 16.27 5.11
C ASN C 764 0.42 16.58 6.59
N ARG C 765 -0.59 15.96 7.17
CA ARG C 765 -0.89 16.13 8.58
C ARG C 765 0.15 15.52 9.47
N ALA C 766 0.73 14.39 9.05
CA ALA C 766 1.77 13.68 9.78
C ALA C 766 3.09 14.44 9.81
N LEU C 767 3.60 14.92 8.67
CA LEU C 767 4.81 15.73 8.61
C LEU C 767 4.64 17.10 9.28
N THR C 768 3.43 17.66 9.26
CA THR C 768 3.13 18.91 9.97
C THR C 768 3.11 18.71 11.49
N GLY C 769 2.57 17.60 11.99
CA GLY C 769 2.62 17.25 13.39
C GLY C 769 4.03 16.98 13.91
N ILE C 770 4.90 16.39 13.08
CA ILE C 770 6.33 16.24 13.38
C ILE C 770 7.01 17.62 13.45
N ALA C 771 6.72 18.48 12.47
CA ALA C 771 7.37 19.81 12.43
C ALA C 771 7.02 20.61 13.70
N VAL C 772 5.78 20.44 14.20
CA VAL C 772 5.33 21.25 15.37
C VAL C 772 6.12 20.86 16.63
N GLU C 773 6.28 19.56 16.90
CA GLU C 773 6.94 19.13 18.16
C GLU C 773 8.41 19.59 18.18
N GLN C 774 9.03 19.77 17.02
CA GLN C 774 10.42 20.31 16.99
C GLN C 774 10.46 21.60 17.81
N ASP C 775 9.56 22.53 17.51
CA ASP C 775 9.48 23.79 18.26
C ASP C 775 9.16 23.58 19.73
N LYS C 776 8.29 22.60 20.01
CA LYS C 776 7.94 22.15 21.35
C LYS C 776 9.14 21.55 22.08
N ASN C 777 9.87 20.62 21.48
CA ASN C 777 11.08 20.04 22.04
C ASN C 777 12.08 21.12 22.45
N THR C 778 12.29 22.09 21.58
CA THR C 778 13.23 23.19 21.80
C THR C 778 12.76 24.15 22.90
N GLN C 779 11.44 24.35 23.02
CA GLN C 779 10.93 25.18 24.14
C GLN C 779 11.09 24.41 25.46
N GLU C 780 10.67 23.14 25.50
CA GLU C 780 10.73 22.33 26.71
C GLU C 780 12.15 22.26 27.28
N VAL C 781 13.18 22.20 26.43
CA VAL C 781 14.58 22.13 26.88
C VAL C 781 15.11 23.49 27.33
N PHE C 782 14.97 24.55 26.53
CA PHE C 782 15.66 25.82 26.78
C PHE C 782 14.82 26.86 27.50
N ALA C 783 13.52 26.96 27.21
CA ALA C 783 12.66 27.99 27.79
C ALA C 783 12.20 27.68 29.22
N GLN C 784 13.06 27.07 30.04
CA GLN C 784 12.79 26.70 31.43
C GLN C 784 12.89 27.87 32.42
N VAL C 785 12.99 29.10 31.89
CA VAL C 785 13.06 30.34 32.66
C VAL C 785 12.34 31.45 31.87
N LYS C 786 11.39 32.16 32.49
CA LYS C 786 10.62 33.24 31.81
C LYS C 786 11.18 34.64 32.11
N GLN C 787 12.43 34.69 32.58
CA GLN C 787 13.18 35.90 32.88
C GLN C 787 14.62 35.73 32.40
N ILE C 788 15.12 36.72 31.65
CA ILE C 788 16.49 36.63 31.08
C ILE C 788 17.49 37.19 32.08
N TYR C 789 18.04 36.34 32.95
CA TYR C 789 19.07 36.79 33.91
C TYR C 789 20.38 37.06 33.15
N LYS C 790 21.09 38.13 33.52
CA LYS C 790 22.40 38.44 32.87
C LYS C 790 23.47 38.63 33.96
N THR C 791 24.66 38.06 33.73
CA THR C 791 25.77 38.19 34.71
C THR C 791 26.17 39.67 34.83
N PRO C 792 26.33 40.22 36.05
CA PRO C 792 26.76 41.61 36.23
C PRO C 792 28.18 41.83 35.67
N PRO C 793 28.60 43.09 35.40
CA PRO C 793 29.91 43.35 34.81
C PRO C 793 31.05 42.75 35.67
N ILE C 794 30.90 42.80 37.00
CA ILE C 794 31.92 42.21 37.90
C ILE C 794 31.90 40.69 37.73
N LYS C 795 33.08 40.06 37.73
CA LYS C 795 33.17 38.58 37.56
C LYS C 795 33.91 37.99 38.76
N ASP C 796 33.75 38.60 39.94
CA ASP C 796 34.45 38.11 41.17
C ASP C 796 33.73 36.87 41.68
N PHE C 797 33.86 35.75 40.96
CA PHE C 797 33.15 34.50 41.35
C PHE C 797 34.08 33.63 42.21
N GLY C 798 34.76 34.24 43.19
CA GLY C 798 35.62 33.47 44.10
C GLY C 798 36.86 32.86 43.45
N GLY C 799 37.20 33.26 42.22
CA GLY C 799 38.31 32.73 41.42
C GLY C 799 37.90 31.77 40.30
N PHE C 800 36.64 31.36 40.21
CA PHE C 800 36.14 30.52 39.13
C PHE C 800 35.92 31.37 37.88
N ASN C 801 36.53 30.93 36.75
CA ASN C 801 36.51 31.73 35.50
C ASN C 801 35.53 31.12 34.48
N PHE C 802 34.36 31.71 34.34
CA PHE C 802 33.32 31.30 33.38
C PHE C 802 33.42 31.99 32.01
N SER C 803 34.45 32.80 31.74
CA SER C 803 34.56 33.58 30.48
C SER C 803 34.55 32.73 29.21
N GLN C 804 34.84 31.44 29.33
CA GLN C 804 34.88 30.47 28.24
C GLN C 804 33.48 29.90 27.90
N ILE C 805 32.49 30.08 28.79
CA ILE C 805 31.12 29.55 28.70
C ILE C 805 30.03 30.63 28.76
N LEU C 806 30.34 31.81 29.31
CA LEU C 806 29.51 33.01 29.23
C LEU C 806 29.54 33.64 27.82
N PRO C 807 28.57 34.48 27.43
CA PRO C 807 28.55 35.19 26.15
C PRO C 807 29.83 35.96 25.81
N ASP C 808 30.12 36.08 24.52
CA ASP C 808 31.21 36.88 23.96
C ASP C 808 30.64 38.12 23.23
N PRO C 809 30.51 39.29 23.87
CA PRO C 809 29.68 40.42 23.40
C PRO C 809 30.05 40.99 22.02
N SER C 810 31.31 40.81 21.60
CA SER C 810 31.85 41.29 20.33
C SER C 810 31.30 40.61 19.08
N LYS C 811 30.70 39.41 19.21
CA LYS C 811 30.28 38.55 18.09
C LYS C 811 28.87 38.91 17.57
N PRO C 812 28.53 38.58 16.30
CA PRO C 812 27.23 38.93 15.72
C PRO C 812 26.07 38.15 16.38
N SER C 813 26.31 36.92 16.79
CA SER C 813 25.47 36.15 17.73
C SER C 813 26.18 36.12 19.08
N LYS C 814 25.46 36.38 20.17
CA LYS C 814 26.04 36.48 21.53
C LYS C 814 26.38 35.11 22.14
N ARG C 815 27.01 34.25 21.36
CA ARG C 815 27.32 32.97 21.91
C ARG C 815 28.58 33.02 22.73
N SER C 816 28.84 31.94 23.49
CA SER C 816 30.08 31.81 24.24
C SER C 816 31.24 31.41 23.34
N PHE C 817 32.45 31.28 23.89
CA PHE C 817 33.54 30.65 23.15
C PHE C 817 33.21 29.19 22.84
N ILE C 818 32.85 28.38 23.83
CA ILE C 818 32.58 26.95 23.62
C ILE C 818 31.39 26.72 22.69
N GLU C 819 30.34 27.54 22.68
CA GLU C 819 29.23 27.39 21.73
C GLU C 819 29.63 27.64 20.28
N ASP C 820 30.61 28.49 19.98
CA ASP C 820 31.11 28.60 18.60
C ASP C 820 31.83 27.34 18.14
N LEU C 821 32.59 26.66 19.00
CA LEU C 821 33.22 25.39 18.66
C LEU C 821 32.15 24.35 18.31
N LEU C 822 31.08 24.25 19.10
CA LEU C 822 29.97 23.32 18.85
C LEU C 822 29.28 23.60 17.51
N PHE C 823 28.94 24.87 17.25
CA PHE C 823 28.19 25.20 16.01
C PHE C 823 29.07 24.84 14.79
N ASN C 824 30.39 25.02 14.91
CA ASN C 824 31.32 24.71 13.80
C ASN C 824 31.45 23.19 13.65
N LYS C 825 31.36 22.45 14.76
CA LYS C 825 31.55 20.97 14.71
C LYS C 825 30.50 20.33 13.81
N VAL C 826 29.23 20.73 13.95
CA VAL C 826 28.14 20.15 13.12
C VAL C 826 27.70 21.19 12.08
N LEU C 849 22.36 19.72 -3.78
CA LEU C 849 21.37 18.87 -3.10
C LEU C 849 20.17 19.64 -2.57
N ILE C 850 20.36 20.88 -2.07
CA ILE C 850 19.27 21.73 -1.58
C ILE C 850 18.28 22.07 -2.72
N CYS C 851 18.79 22.39 -3.91
CA CYS C 851 17.97 22.68 -5.08
C CYS C 851 17.37 21.42 -5.69
N ALA C 852 18.20 20.38 -5.85
CA ALA C 852 17.71 19.08 -6.36
C ALA C 852 16.44 18.69 -5.61
N GLN C 853 16.52 18.62 -4.28
CA GLN C 853 15.35 18.20 -3.46
C GLN C 853 14.20 19.18 -3.65
N LYS C 854 14.46 20.49 -3.50
CA LYS C 854 13.40 21.52 -3.69
C LYS C 854 12.72 21.31 -5.04
N PHE C 855 13.46 20.81 -6.04
CA PHE C 855 12.90 20.62 -7.40
C PHE C 855 11.72 19.64 -7.35
N ASN C 856 11.54 18.93 -6.24
CA ASN C 856 10.49 17.88 -6.19
C ASN C 856 9.46 18.12 -5.08
N GLY C 857 8.87 19.31 -4.99
CA GLY C 857 7.79 19.47 -4.00
C GLY C 857 8.22 19.23 -2.56
N LEU C 858 9.50 18.97 -2.30
CA LEU C 858 10.10 18.95 -0.97
C LEU C 858 10.36 20.38 -0.49
N THR C 859 10.27 20.64 0.81
CA THR C 859 10.66 21.93 1.40
C THR C 859 11.10 21.78 2.85
N VAL C 860 11.92 22.70 3.35
CA VAL C 860 12.38 22.73 4.74
C VAL C 860 11.91 24.03 5.38
N LEU C 861 11.07 23.92 6.41
CA LEU C 861 10.56 25.06 7.17
C LEU C 861 11.62 25.53 8.19
N PRO C 862 11.71 26.82 8.54
CA PRO C 862 12.63 27.27 9.57
C PRO C 862 12.13 26.91 11.00
N PRO C 863 13.05 26.72 11.96
CA PRO C 863 12.68 26.57 13.35
C PRO C 863 12.11 27.87 13.91
N LEU C 864 11.22 27.79 14.90
CA LEU C 864 10.58 28.97 15.47
C LEU C 864 11.56 29.89 16.21
N LEU C 865 12.57 29.33 16.86
CA LEU C 865 13.60 30.06 17.59
C LEU C 865 14.90 30.03 16.79
N THR C 866 15.46 31.21 16.51
CA THR C 866 16.76 31.33 15.84
C THR C 866 17.91 30.86 16.76
N ASP C 867 19.07 30.54 16.20
CA ASP C 867 20.25 30.20 16.99
C ASP C 867 20.68 31.31 17.97
N GLU C 868 20.28 32.56 17.73
CA GLU C 868 20.46 33.68 18.67
C GLU C 868 19.47 33.64 19.82
N MET C 869 18.23 33.22 19.59
CA MET C 869 17.24 33.06 20.65
C MET C 869 17.51 31.84 21.52
N ILE C 870 18.02 30.74 20.97
CA ILE C 870 18.51 29.61 21.76
C ILE C 870 19.74 30.00 22.59
N ALA C 871 20.65 30.79 22.00
CA ALA C 871 21.80 31.32 22.73
C ALA C 871 21.40 32.30 23.83
N GLN C 872 20.36 33.12 23.66
CA GLN C 872 19.86 33.99 24.73
C GLN C 872 19.19 33.23 25.87
N TYR C 873 18.42 32.17 25.61
CA TYR C 873 17.88 31.30 26.65
C TYR C 873 18.98 30.58 27.40
N THR C 874 20.00 30.09 26.70
CA THR C 874 21.16 29.44 27.31
C THR C 874 21.99 30.41 28.13
N SER C 875 22.20 31.63 27.65
CA SER C 875 22.81 32.72 28.40
C SER C 875 22.04 33.06 29.68
N ALA C 876 20.70 33.06 29.65
CA ALA C 876 19.87 33.29 30.83
C ALA C 876 19.95 32.17 31.86
N LEU C 877 19.93 30.91 31.42
CA LEU C 877 20.06 29.75 32.31
C LEU C 877 21.40 29.74 33.01
N LEU C 878 22.46 30.04 32.26
CA LEU C 878 23.83 30.06 32.73
C LEU C 878 24.13 31.27 33.60
N ALA C 879 23.65 32.47 33.26
CA ALA C 879 23.81 33.66 34.09
C ALA C 879 22.98 33.62 35.37
N GLY C 880 21.85 32.90 35.39
CA GLY C 880 21.10 32.59 36.59
C GLY C 880 21.84 31.57 37.46
N THR C 881 22.34 30.48 36.89
CA THR C 881 23.06 29.43 37.64
C THR C 881 24.28 29.98 38.36
N ILE C 882 25.07 30.83 37.71
CA ILE C 882 26.26 31.44 38.30
C ILE C 882 25.91 32.44 39.39
N THR C 883 24.97 33.35 39.14
CA THR C 883 24.70 34.45 40.08
C THR C 883 23.70 34.10 41.18
N SER C 884 22.95 33.00 41.05
CA SER C 884 21.78 32.70 41.86
C SER C 884 21.68 31.26 42.37
N GLY C 885 22.57 30.34 41.98
CA GLY C 885 22.51 28.94 42.40
C GLY C 885 21.28 28.20 41.87
N TRP C 886 20.70 27.30 42.67
CA TRP C 886 19.47 26.61 42.28
C TRP C 886 18.20 27.45 42.47
N THR C 887 18.27 28.59 43.16
CA THR C 887 17.10 29.33 43.63
C THR C 887 16.22 29.88 42.51
N PHE C 888 16.79 30.16 41.33
CA PHE C 888 16.05 30.70 40.17
C PHE C 888 15.13 29.68 39.48
N GLY C 889 15.30 28.38 39.73
CA GLY C 889 14.38 27.35 39.26
C GLY C 889 13.12 27.29 40.13
N ALA C 890 13.27 27.41 41.45
CA ALA C 890 12.19 27.32 42.42
C ALA C 890 11.38 28.61 42.61
N GLY C 891 11.92 29.78 42.32
CA GLY C 891 11.26 31.05 42.60
C GLY C 891 11.92 32.23 41.89
N ALA C 892 11.93 33.40 42.53
CA ALA C 892 12.74 34.53 42.09
C ALA C 892 14.23 34.23 42.31
N ALA C 893 15.12 34.66 41.42
CA ALA C 893 16.55 34.50 41.59
C ALA C 893 17.04 35.25 42.84
N LEU C 894 17.67 34.55 43.77
CA LEU C 894 18.24 35.11 44.99
C LEU C 894 19.76 35.11 44.82
N GLN C 895 20.42 36.27 44.83
CA GLN C 895 21.87 36.27 44.64
C GLN C 895 22.56 35.58 45.81
N ILE C 896 23.66 34.90 45.53
CA ILE C 896 24.57 34.32 46.52
C ILE C 896 25.99 34.38 45.95
N PRO C 897 27.05 34.64 46.73
CA PRO C 897 28.42 34.63 46.21
C PRO C 897 28.80 33.26 45.66
N PHE C 898 29.58 33.18 44.58
CA PHE C 898 29.79 31.90 43.92
C PHE C 898 30.49 30.85 44.80
N ALA C 899 31.48 31.25 45.59
CA ALA C 899 32.11 30.35 46.55
C ALA C 899 31.17 29.94 47.69
N MET C 900 30.14 30.72 47.99
CA MET C 900 29.14 30.40 49.01
C MET C 900 28.14 29.39 48.47
N GLN C 901 27.77 29.50 47.20
CA GLN C 901 27.04 28.51 46.44
C GLN C 901 27.82 27.20 46.29
N MET C 902 29.10 27.21 45.94
CA MET C 902 29.88 25.97 45.85
C MET C 902 30.01 25.27 47.21
N ALA C 903 29.95 25.99 48.32
CA ALA C 903 29.89 25.40 49.64
C ALA C 903 28.52 24.78 49.97
N TYR C 904 27.46 25.37 49.41
CA TYR C 904 26.12 24.76 49.57
C TYR C 904 26.12 23.44 48.80
N ARG C 905 26.90 23.39 47.71
CA ARG C 905 26.94 22.17 46.86
C ARG C 905 27.77 21.10 47.57
N PHE C 906 28.98 21.46 48.02
CA PHE C 906 29.83 20.54 48.77
C PHE C 906 29.07 19.84 49.89
N ASN C 907 28.27 20.54 50.70
CA ASN C 907 27.36 19.88 51.65
C ASN C 907 26.39 18.93 50.96
N GLY C 908 25.91 19.27 49.76
CA GLY C 908 25.01 18.44 48.97
C GLY C 908 25.60 17.09 48.57
N ILE C 909 26.92 16.96 48.47
CA ILE C 909 27.63 15.70 48.20
C ILE C 909 28.20 15.05 49.46
N GLY C 910 27.88 15.55 50.66
CA GLY C 910 28.36 15.00 51.92
C GLY C 910 29.79 15.38 52.30
N VAL C 911 30.31 16.44 51.68
CA VAL C 911 31.66 16.95 52.05
C VAL C 911 31.45 18.21 52.90
N THR C 912 32.23 18.39 53.97
CA THR C 912 31.99 19.54 54.88
C THR C 912 32.12 20.88 54.12
N GLN C 913 31.35 21.89 54.54
CA GLN C 913 31.36 23.21 53.85
C GLN C 913 32.76 23.81 53.84
N ASN C 914 33.48 23.72 54.97
CA ASN C 914 34.84 24.34 55.06
C ASN C 914 35.76 23.80 53.97
N VAL C 915 35.66 22.51 53.66
CA VAL C 915 36.58 21.90 52.65
C VAL C 915 36.75 22.87 51.48
N LEU C 916 35.64 23.36 50.91
CA LEU C 916 35.76 24.34 49.84
C LEU C 916 36.64 25.50 50.27
N TYR C 917 36.29 26.20 51.35
CA TYR C 917 36.98 27.43 51.72
C TYR C 917 38.47 27.26 52.06
N GLU C 918 38.85 26.14 52.70
CA GLU C 918 40.25 25.79 52.97
C GLU C 918 41.02 25.34 51.71
N ASN C 919 40.35 25.09 50.58
CA ASN C 919 40.93 24.65 49.30
C ASN C 919 40.46 25.49 48.09
N GLN C 920 39.91 26.69 48.28
CA GLN C 920 39.13 27.37 47.24
C GLN C 920 39.95 27.75 46.00
N LYS C 921 41.22 28.15 46.17
CA LYS C 921 42.14 28.43 45.06
C LYS C 921 42.42 27.18 44.21
N LEU C 922 42.58 26.03 44.85
CA LEU C 922 42.76 24.75 44.18
C LEU C 922 41.50 24.36 43.43
N ILE C 923 40.32 24.42 44.05
CA ILE C 923 39.05 24.05 43.41
C ILE C 923 38.75 24.95 42.21
N ALA C 924 39.01 26.26 42.31
CA ALA C 924 38.91 27.17 41.19
C ALA C 924 39.91 26.84 40.08
N ASN C 925 41.18 26.57 40.39
CA ASN C 925 42.18 26.21 39.38
C ASN C 925 41.90 24.87 38.70
N GLN C 926 41.37 23.87 39.41
CA GLN C 926 40.92 22.62 38.81
C GLN C 926 39.73 22.82 37.88
N PHE C 927 38.74 23.66 38.24
CA PHE C 927 37.64 24.00 37.34
C PHE C 927 38.11 24.77 36.10
N ASN C 928 38.93 25.80 36.26
CA ASN C 928 39.46 26.61 35.17
C ASN C 928 40.30 25.78 34.20
N SER C 929 41.09 24.84 34.70
CA SER C 929 41.83 23.87 33.90
C SER C 929 40.90 22.88 33.17
N ALA C 930 39.87 22.36 33.84
CA ALA C 930 38.90 21.43 33.25
C ALA C 930 38.07 22.07 32.13
N ILE C 931 37.61 23.31 32.25
CA ILE C 931 36.95 24.03 31.15
C ILE C 931 37.92 24.30 29.99
N GLY C 932 39.21 24.53 30.26
CA GLY C 932 40.24 24.61 29.23
C GLY C 932 40.40 23.33 28.40
N LYS C 933 40.33 22.16 29.04
CA LYS C 933 40.33 20.85 28.36
C LYS C 933 39.08 20.62 27.50
N ILE C 934 37.93 21.24 27.82
CA ILE C 934 36.75 21.15 26.95
C ILE C 934 37.00 21.88 25.63
N GLN C 935 37.56 23.08 25.68
CA GLN C 935 37.88 23.82 24.46
C GLN C 935 38.95 23.12 23.61
N ASP C 936 39.99 22.60 24.27
CA ASP C 936 41.08 21.90 23.60
C ASP C 936 40.66 20.55 23.00
N SER C 937 39.63 19.90 23.53
CA SER C 937 39.07 18.66 22.97
C SER C 937 38.16 18.93 21.77
N LEU C 938 37.21 19.87 21.91
CA LEU C 938 36.29 20.25 20.83
C LEU C 938 37.02 20.90 19.66
N SER C 939 38.08 21.65 19.95
CA SER C 939 39.00 22.24 18.96
C SER C 939 40.05 21.24 18.42
N SER C 940 39.88 19.93 18.64
CA SER C 940 40.79 18.88 18.15
C SER C 940 40.11 17.69 17.47
N THR C 941 39.19 16.98 18.14
CA THR C 941 38.59 15.75 17.58
C THR C 941 37.33 16.04 16.74
N ALA C 942 37.25 15.44 15.56
CA ALA C 942 36.17 15.70 14.60
C ALA C 942 34.83 15.05 14.98
N SER C 943 34.86 13.88 15.63
CA SER C 943 33.70 13.00 15.86
C SER C 943 32.96 13.22 17.19
N ALA C 944 33.35 14.22 18.00
CA ALA C 944 32.79 14.43 19.34
C ALA C 944 31.29 14.78 19.37
N LEU C 945 30.77 15.47 18.35
CA LEU C 945 29.34 15.77 18.20
C LEU C 945 28.62 14.74 17.31
N GLY C 946 29.14 13.52 17.21
CA GLY C 946 28.59 12.47 16.36
C GLY C 946 27.12 12.14 16.64
N LYS C 947 26.63 12.37 17.86
CA LYS C 947 25.20 12.19 18.20
C LYS C 947 24.29 13.17 17.46
N LEU C 948 24.71 14.41 17.27
CA LEU C 948 23.99 15.41 16.49
C LEU C 948 24.22 15.22 15.00
N GLN C 949 25.44 14.88 14.57
CA GLN C 949 25.73 14.62 13.17
C GLN C 949 24.96 13.41 12.63
N ASP C 950 24.79 12.32 13.39
CA ASP C 950 23.99 11.17 12.98
C ASP C 950 22.49 11.47 12.78
N VAL C 951 21.98 12.53 13.39
CA VAL C 951 20.60 12.99 13.17
C VAL C 951 20.51 13.75 11.85
N VAL C 952 21.42 14.68 11.61
CA VAL C 952 21.50 15.43 10.35
C VAL C 952 21.71 14.48 9.17
N ASN C 953 22.59 13.50 9.32
CA ASN C 953 22.91 12.51 8.30
C ASN C 953 21.72 11.58 8.01
N GLN C 954 21.00 11.08 9.01
CA GLN C 954 19.82 10.24 8.81
C GLN C 954 18.69 10.98 8.08
N ASN C 955 18.38 12.20 8.51
CA ASN C 955 17.33 12.99 7.87
C ASN C 955 17.71 13.39 6.44
N ALA C 956 18.98 13.72 6.17
CA ALA C 956 19.47 13.99 4.82
C ALA C 956 19.46 12.75 3.92
N GLN C 957 19.85 11.58 4.43
CA GLN C 957 19.81 10.32 3.67
C GLN C 957 18.37 9.88 3.38
N ALA C 958 17.44 10.09 4.30
CA ALA C 958 16.03 9.76 4.11
C ALA C 958 15.37 10.65 3.06
N LEU C 959 15.73 11.93 2.98
CA LEU C 959 15.33 12.81 1.88
C LEU C 959 16.01 12.43 0.57
N ASN C 960 17.31 12.13 0.57
CA ASN C 960 18.00 11.74 -0.65
C ASN C 960 17.44 10.44 -1.23
N THR C 961 17.06 9.49 -0.38
CA THR C 961 16.33 8.27 -0.77
C THR C 961 14.98 8.61 -1.40
N LEU C 962 14.18 9.46 -0.77
CA LEU C 962 12.88 9.91 -1.28
C LEU C 962 13.00 10.61 -2.65
N VAL C 963 13.98 11.49 -2.85
CA VAL C 963 14.28 12.12 -4.15
C VAL C 963 14.67 11.08 -5.19
N LYS C 964 15.52 10.11 -4.85
CA LYS C 964 15.93 9.07 -5.79
C LYS C 964 14.78 8.18 -6.23
N GLN C 965 13.80 7.90 -5.37
CA GLN C 965 12.61 7.10 -5.72
C GLN C 965 11.76 7.70 -6.84
N LEU C 966 11.95 8.95 -7.24
CA LEU C 966 11.31 9.53 -8.42
C LEU C 966 11.85 8.95 -9.74
N SER C 967 13.07 8.42 -9.73
CA SER C 967 13.74 7.84 -10.90
C SER C 967 13.36 6.39 -11.22
N SER C 968 12.65 5.71 -10.33
CA SER C 968 12.19 4.32 -10.50
C SER C 968 11.04 4.20 -11.50
N ASN C 969 10.97 3.10 -12.25
CA ASN C 969 9.87 2.83 -13.18
C ASN C 969 8.58 2.36 -12.49
N PHE C 970 8.69 1.56 -11.43
CA PHE C 970 7.60 0.81 -10.82
C PHE C 970 6.78 -0.04 -11.82
N GLY C 971 7.41 -0.49 -12.90
CA GLY C 971 6.79 -1.21 -14.01
C GLY C 971 6.22 -0.34 -15.14
N ALA C 972 6.25 0.98 -15.04
CA ALA C 972 5.88 1.86 -16.16
C ALA C 972 6.92 1.81 -17.29
N ILE C 973 6.60 2.38 -18.46
CA ILE C 973 7.55 2.50 -19.58
C ILE C 973 8.70 3.49 -19.34
N SER C 974 8.49 4.46 -18.45
CA SER C 974 9.45 5.50 -18.07
C SER C 974 9.16 5.98 -16.67
N SER C 975 10.16 6.47 -15.95
CA SER C 975 10.01 7.25 -14.72
C SER C 975 9.49 8.65 -14.98
N VAL C 976 9.71 9.23 -16.16
CA VAL C 976 9.45 10.65 -16.41
C VAL C 976 8.00 10.86 -16.84
N LEU C 977 7.20 11.45 -15.97
CA LEU C 977 5.75 11.64 -16.17
C LEU C 977 5.42 12.39 -17.47
N ASN C 978 6.26 13.37 -17.84
CA ASN C 978 6.15 14.10 -19.09
C ASN C 978 6.45 13.25 -20.33
N ASP C 979 7.37 12.28 -20.28
CA ASP C 979 7.64 11.39 -21.42
C ASP C 979 6.48 10.43 -21.68
N ILE C 980 5.78 10.00 -20.63
CA ILE C 980 4.53 9.24 -20.78
C ILE C 980 3.46 10.09 -21.46
N LEU C 981 3.26 11.31 -20.98
CA LEU C 981 2.22 12.22 -21.49
C LEU C 981 2.58 12.86 -22.85
N SER C 982 3.88 12.94 -23.15
CA SER C 982 4.31 13.47 -24.47
C SER C 982 4.30 12.32 -25.48
N ARG C 983 4.16 11.08 -25.00
CA ARG C 983 4.22 9.91 -25.90
C ARG C 983 2.87 9.18 -25.96
N LEU C 984 2.24 8.90 -24.81
CA LEU C 984 1.00 8.07 -24.83
C LEU C 984 -0.27 8.93 -24.78
N ASP C 985 -1.36 8.44 -25.36
CA ASP C 985 -2.67 9.16 -25.31
C ASP C 985 -3.36 8.72 -24.01
N LYS C 986 -4.46 9.37 -23.61
CA LYS C 986 -5.01 9.02 -22.28
C LYS C 986 -5.09 7.51 -22.10
N VAL C 987 -5.70 6.80 -23.05
CA VAL C 987 -5.90 5.32 -22.89
C VAL C 987 -4.59 4.68 -22.45
N GLU C 988 -3.52 4.87 -23.21
CA GLU C 988 -2.21 4.25 -22.88
C GLU C 988 -1.53 5.03 -21.75
N ALA C 989 -1.60 6.36 -21.78
CA ALA C 989 -0.90 7.19 -20.76
C ALA C 989 -1.40 6.84 -19.36
N GLU C 990 -2.72 6.76 -19.16
CA GLU C 990 -3.28 6.53 -17.80
C GLU C 990 -2.68 5.25 -17.21
N VAL C 991 -2.57 4.18 -18.02
CA VAL C 991 -2.06 2.89 -17.51
C VAL C 991 -0.68 3.11 -16.88
N GLN C 992 0.20 3.83 -17.58
CA GLN C 992 1.57 4.08 -17.06
C GLN C 992 1.50 5.03 -15.85
N ILE C 993 0.58 6.00 -15.88
CA ILE C 993 0.51 6.96 -14.79
C ILE C 993 0.09 6.29 -13.48
N ASP C 994 -0.87 5.36 -13.50
CA ASP C 994 -1.29 4.61 -12.30
C ASP C 994 -0.17 3.79 -11.64
N ARG C 995 0.85 3.42 -12.42
CA ARG C 995 2.00 2.68 -11.91
C ARG C 995 2.95 3.60 -11.19
N LEU C 996 3.19 4.77 -11.73
CA LEU C 996 3.97 5.81 -11.04
C LEU C 996 3.23 6.36 -9.82
N ILE C 997 1.90 6.51 -9.85
CA ILE C 997 1.14 6.89 -8.66
C ILE C 997 1.30 5.82 -7.58
N THR C 998 1.11 4.54 -7.91
CA THR C 998 1.15 3.46 -6.93
C THR C 998 2.54 3.30 -6.29
N GLY C 999 3.61 3.51 -7.05
CA GLY C 999 4.98 3.44 -6.53
C GLY C 999 5.43 4.67 -5.76
N ARG C 1000 5.05 5.84 -6.26
CA ARG C 1000 5.39 7.10 -5.64
C ARG C 1000 4.63 7.38 -4.34
N LEU C 1001 3.40 6.93 -4.24
CA LEU C 1001 2.62 6.97 -3.01
C LEU C 1001 3.17 6.03 -1.93
N GLN C 1002 3.60 4.81 -2.27
CA GLN C 1002 4.28 3.93 -1.32
C GLN C 1002 5.66 4.43 -0.90
N SER C 1003 6.33 5.19 -1.77
CA SER C 1003 7.59 5.87 -1.45
C SER C 1003 7.41 7.00 -0.44
N LEU C 1004 6.30 7.73 -0.48
CA LEU C 1004 5.92 8.68 0.58
C LEU C 1004 5.47 7.97 1.86
N GLN C 1005 4.56 7.01 1.80
CA GLN C 1005 4.08 6.29 2.98
C GLN C 1005 5.22 5.64 3.76
N THR C 1006 6.24 5.14 3.07
CA THR C 1006 7.48 4.66 3.68
C THR C 1006 8.23 5.78 4.39
N TYR C 1007 8.57 6.86 3.67
CA TYR C 1007 9.31 7.99 4.22
C TYR C 1007 8.64 8.59 5.46
N VAL C 1008 7.37 8.98 5.31
CA VAL C 1008 6.67 9.66 6.44
C VAL C 1008 6.68 8.73 7.66
N THR C 1009 6.47 7.43 7.43
CA THR C 1009 6.51 6.45 8.54
C THR C 1009 7.87 6.52 9.23
N GLN C 1010 8.95 6.51 8.45
CA GLN C 1010 10.32 6.56 9.03
C GLN C 1010 10.46 7.85 9.84
N GLN C 1011 9.98 8.97 9.31
CA GLN C 1011 10.06 10.28 10.02
C GLN C 1011 9.29 10.18 11.34
N LEU C 1012 8.09 9.61 11.30
CA LEU C 1012 7.26 9.47 12.53
C LEU C 1012 8.04 8.65 13.56
N ILE C 1013 8.64 7.54 13.13
CA ILE C 1013 9.43 6.67 14.06
C ILE C 1013 10.64 7.48 14.56
N ARG C 1014 11.33 8.17 13.65
CA ARG C 1014 12.53 8.96 14.04
C ARG C 1014 12.10 10.10 14.96
N ALA C 1015 11.00 10.78 14.63
CA ALA C 1015 10.52 11.88 15.48
C ALA C 1015 10.26 11.43 16.92
N ALA C 1016 9.81 10.20 17.15
CA ALA C 1016 9.64 9.65 18.48
C ALA C 1016 10.98 9.37 19.20
N GLU C 1017 12.05 9.04 18.47
CA GLU C 1017 13.41 8.96 19.01
C GLU C 1017 13.93 10.33 19.46
N ILE C 1018 13.68 11.37 18.69
CA ILE C 1018 14.07 12.75 18.99
C ILE C 1018 13.22 13.33 20.12
N ARG C 1019 11.95 12.96 20.20
CA ARG C 1019 11.10 13.44 21.27
C ARG C 1019 11.52 12.84 22.59
N ALA C 1020 11.84 11.56 22.63
CA ALA C 1020 12.38 10.94 23.83
C ALA C 1020 13.69 11.61 24.28
N SER C 1021 14.58 11.93 23.35
CA SER C 1021 15.84 12.63 23.62
C SER C 1021 15.64 14.08 24.07
N ALA C 1022 14.65 14.79 23.54
CA ALA C 1022 14.29 16.12 23.98
C ALA C 1022 13.64 16.15 25.36
N ASN C 1023 12.83 15.15 25.70
CA ASN C 1023 12.29 14.97 27.06
C ASN C 1023 13.40 14.59 28.05
N LEU C 1024 14.41 13.84 27.66
CA LEU C 1024 15.61 13.60 28.49
C LEU C 1024 16.44 14.88 28.67
N ALA C 1025 16.69 15.64 27.61
CA ALA C 1025 17.41 16.91 27.68
C ALA C 1025 16.68 17.97 28.50
N ALA C 1026 15.35 18.02 28.46
CA ALA C 1026 14.57 18.91 29.31
C ALA C 1026 14.61 18.50 30.77
N THR C 1027 14.68 17.19 31.04
CA THR C 1027 14.84 16.63 32.39
C THR C 1027 16.24 16.90 32.94
N LYS C 1028 17.30 16.75 32.12
CA LYS C 1028 18.67 17.15 32.49
C LYS C 1028 18.79 18.65 32.72
N MET C 1029 18.09 19.48 31.95
CA MET C 1029 18.05 20.92 32.19
C MET C 1029 17.41 21.24 33.53
N SER C 1030 16.23 20.69 33.83
CA SER C 1030 15.55 20.91 35.10
C SER C 1030 16.35 20.38 36.29
N GLU C 1031 16.86 19.16 36.24
CA GLU C 1031 17.47 18.49 37.41
C GLU C 1031 18.97 18.74 37.57
N CYS C 1032 19.74 18.88 36.49
CA CYS C 1032 21.18 19.14 36.55
C CYS C 1032 21.54 20.63 36.51
N VAL C 1033 20.90 21.45 35.66
CA VAL C 1033 21.24 22.88 35.54
C VAL C 1033 20.51 23.71 36.59
N LEU C 1034 19.20 23.55 36.70
CA LEU C 1034 18.35 24.28 37.66
C LEU C 1034 18.42 23.72 39.09
N GLY C 1035 19.24 22.71 39.37
CA GLY C 1035 19.36 22.05 40.66
C GLY C 1035 20.74 21.47 40.93
N GLN C 1036 20.79 20.50 41.85
CA GLN C 1036 22.05 19.76 42.13
C GLN C 1036 21.67 18.28 42.14
N SER C 1037 21.15 17.76 41.02
CA SER C 1037 20.67 16.36 40.99
C SER C 1037 21.71 15.41 41.58
N LYS C 1038 21.32 14.64 42.60
CA LYS C 1038 22.25 13.65 43.20
C LYS C 1038 22.00 12.28 42.56
N ARG C 1039 21.07 12.21 41.60
CA ARG C 1039 20.83 10.94 40.87
C ARG C 1039 22.17 10.45 40.31
N VAL C 1040 22.55 9.21 40.63
CA VAL C 1040 23.90 8.70 40.21
C VAL C 1040 24.00 8.68 38.69
N ASP C 1041 25.07 9.26 38.14
CA ASP C 1041 25.31 9.22 36.67
C ASP C 1041 24.17 9.87 35.86
N PHE C 1042 23.31 10.68 36.49
CA PHE C 1042 22.28 11.42 35.71
C PHE C 1042 22.94 12.71 35.22
N CYS C 1043 23.93 13.22 35.96
CA CYS C 1043 24.65 14.42 35.60
C CYS C 1043 26.17 14.19 35.63
N GLY C 1044 26.65 13.22 34.85
CA GLY C 1044 28.08 12.88 34.73
C GLY C 1044 28.61 11.90 35.78
N LYS C 1045 29.81 11.36 35.55
CA LYS C 1045 30.43 10.32 36.38
C LYS C 1045 31.25 10.92 37.52
N GLY C 1046 30.70 10.91 38.71
CA GLY C 1046 31.25 11.51 39.93
C GLY C 1046 30.12 11.80 40.91
N TYR C 1047 30.35 12.77 41.80
CA TYR C 1047 29.28 13.25 42.70
C TYR C 1047 28.82 14.59 42.10
N HIS C 1048 27.72 14.59 41.34
CA HIS C 1048 27.29 15.83 40.61
C HIS C 1048 27.30 17.07 41.50
N LEU C 1049 27.87 18.15 41.00
CA LEU C 1049 27.88 19.45 41.73
C LEU C 1049 27.00 20.43 40.97
N MET C 1050 27.43 20.84 39.76
CA MET C 1050 26.66 21.84 38.96
C MET C 1050 26.70 21.46 37.47
N SER C 1051 25.89 22.12 36.65
CA SER C 1051 25.87 21.83 35.19
C SER C 1051 25.61 23.12 34.40
N PHE C 1052 26.34 23.32 33.30
CA PHE C 1052 26.16 24.50 32.44
C PHE C 1052 25.66 24.08 31.05
N PRO C 1053 24.53 24.59 30.57
CA PRO C 1053 24.06 24.29 29.23
C PRO C 1053 24.84 25.10 28.18
N GLN C 1054 24.94 24.52 27.00
CA GLN C 1054 25.58 25.13 25.83
C GLN C 1054 24.80 24.65 24.59
N SER C 1055 24.32 25.57 23.75
CA SER C 1055 23.54 25.15 22.59
C SER C 1055 24.41 24.61 21.47
N ALA C 1056 23.86 23.70 20.68
CA ALA C 1056 24.51 23.13 19.50
C ALA C 1056 23.49 22.99 18.36
N PRO C 1057 23.88 22.81 17.07
CA PRO C 1057 22.89 22.60 16.00
C PRO C 1057 21.83 21.56 16.40
N HIS C 1058 20.56 22.00 16.49
CA HIS C 1058 19.45 21.07 16.85
C HIS C 1058 19.81 20.23 18.07
N GLY C 1059 20.40 20.86 19.09
CA GLY C 1059 20.85 20.05 20.25
C GLY C 1059 21.37 20.86 21.42
N VAL C 1060 21.67 20.18 22.53
CA VAL C 1060 22.20 20.82 23.74
C VAL C 1060 23.38 20.02 24.26
N VAL C 1061 24.39 20.71 24.73
CA VAL C 1061 25.55 20.14 25.42
C VAL C 1061 25.48 20.56 26.87
N PHE C 1062 25.58 19.63 27.80
CA PHE C 1062 25.71 19.93 29.21
C PHE C 1062 27.17 19.75 29.60
N LEU C 1063 27.77 20.78 30.16
CA LEU C 1063 29.06 20.70 30.81
C LEU C 1063 28.79 20.34 32.26
N HIS C 1064 28.95 19.05 32.60
CA HIS C 1064 28.70 18.58 33.95
C HIS C 1064 29.92 18.69 34.85
N VAL C 1065 29.76 19.34 35.99
CA VAL C 1065 30.84 19.51 36.96
C VAL C 1065 30.62 18.54 38.11
N THR C 1066 31.60 17.70 38.40
CA THR C 1066 31.51 16.66 39.42
C THR C 1066 32.74 16.65 40.31
N TYR C 1067 32.53 16.50 41.61
CA TYR C 1067 33.59 16.18 42.56
C TYR C 1067 33.94 14.72 42.39
N VAL C 1068 35.22 14.41 42.16
CA VAL C 1068 35.73 13.04 42.11
C VAL C 1068 36.75 12.85 43.22
N PRO C 1069 36.59 11.89 44.15
CA PRO C 1069 37.59 11.62 45.18
C PRO C 1069 38.87 10.98 44.60
N ALA C 1070 40.06 11.39 45.05
CA ALA C 1070 41.29 11.20 44.27
C ALA C 1070 42.39 10.33 44.89
N GLN C 1071 42.87 10.66 46.08
CA GLN C 1071 44.09 10.06 46.66
C GLN C 1071 43.74 9.25 47.89
N GLU C 1072 43.12 8.08 47.69
CA GLU C 1072 42.68 7.25 48.81
C GLU C 1072 43.84 6.61 49.58
N LYS C 1073 43.66 6.51 50.91
CA LYS C 1073 44.70 5.88 51.78
C LYS C 1073 44.03 4.82 52.67
N ASN C 1074 44.78 3.81 53.10
CA ASN C 1074 44.23 2.72 53.96
C ASN C 1074 44.03 3.21 55.39
N PHE C 1075 43.05 2.64 56.11
CA PHE C 1075 42.78 3.02 57.52
C PHE C 1075 41.99 1.90 58.22
N THR C 1076 42.49 1.35 59.32
CA THR C 1076 41.68 0.40 60.08
C THR C 1076 40.42 1.11 60.54
N THR C 1077 39.29 0.42 60.68
CA THR C 1077 38.00 1.02 61.04
C THR C 1077 37.22 0.16 62.03
N ALA C 1078 36.25 0.76 62.71
CA ALA C 1078 35.39 0.14 63.69
C ALA C 1078 33.96 0.68 63.52
N PRO C 1079 32.92 -0.13 63.80
CA PRO C 1079 31.54 0.32 63.79
C PRO C 1079 31.22 1.24 64.98
N ALA C 1080 31.88 1.01 66.12
CA ALA C 1080 31.64 1.66 67.38
C ALA C 1080 32.89 1.67 68.26
N ILE C 1081 32.88 2.51 69.29
CA ILE C 1081 33.96 2.74 70.25
C ILE C 1081 33.43 2.51 71.66
N CYS C 1082 34.21 1.83 72.52
CA CYS C 1082 33.80 1.65 73.94
C CYS C 1082 34.59 2.60 74.84
N HIS C 1083 33.89 3.44 75.61
CA HIS C 1083 34.59 4.43 76.47
C HIS C 1083 34.33 4.13 77.95
N ASP C 1084 33.07 4.28 78.39
CA ASP C 1084 32.73 4.04 79.82
C ASP C 1084 31.98 2.70 79.95
N GLY C 1085 32.27 1.74 79.08
CA GLY C 1085 31.60 0.43 79.12
C GLY C 1085 30.38 0.40 78.21
N LYS C 1086 30.02 1.55 77.63
CA LYS C 1086 28.88 1.60 76.68
C LYS C 1086 29.44 1.57 75.25
N ALA C 1087 28.61 1.90 74.26
CA ALA C 1087 29.05 1.92 72.87
C ALA C 1087 28.71 3.24 72.15
N HIS C 1088 29.70 3.87 71.54
CA HIS C 1088 29.63 5.17 70.87
C HIS C 1088 29.68 5.01 69.36
N PHE C 1089 28.82 5.69 68.62
CA PHE C 1089 28.75 5.67 67.15
C PHE C 1089 28.95 7.08 66.59
N PRO C 1090 29.53 7.30 65.39
CA PRO C 1090 29.66 8.62 64.80
C PRO C 1090 28.30 9.28 64.55
N ARG C 1091 28.17 10.57 64.85
CA ARG C 1091 26.92 11.26 64.56
C ARG C 1091 26.95 11.35 63.05
N GLU C 1092 27.93 12.07 62.54
CA GLU C 1092 28.22 12.13 61.12
C GLU C 1092 29.67 11.67 60.96
N GLY C 1093 29.97 10.89 59.93
CA GLY C 1093 31.32 10.38 59.70
C GLY C 1093 31.50 8.88 59.91
N VAL C 1094 32.76 8.49 60.06
CA VAL C 1094 33.24 7.12 60.27
C VAL C 1094 34.45 7.14 61.20
N PHE C 1095 34.67 6.11 62.00
CA PHE C 1095 35.87 5.98 62.81
C PHE C 1095 37.01 5.39 61.99
N VAL C 1096 38.22 5.91 62.19
CA VAL C 1096 39.42 5.41 61.51
C VAL C 1096 40.61 5.41 62.44
N SER C 1097 41.54 4.50 62.21
CA SER C 1097 42.83 4.49 62.87
C SER C 1097 43.97 4.54 61.88
N ASN C 1098 44.96 5.37 62.19
CA ASN C 1098 46.26 5.39 61.50
C ASN C 1098 47.19 4.22 61.92
N GLY C 1099 46.73 3.35 62.81
CA GLY C 1099 47.47 2.19 63.33
C GLY C 1099 47.82 2.31 64.82
N THR C 1100 47.87 3.55 65.33
CA THR C 1100 48.24 3.78 66.75
C THR C 1100 47.19 4.67 67.43
N HIS C 1101 46.54 5.56 66.68
CA HIS C 1101 45.57 6.51 67.30
C HIS C 1101 44.20 6.39 66.63
N TRP C 1102 43.14 6.77 67.36
CA TRP C 1102 41.76 6.66 66.83
C TRP C 1102 41.18 8.05 66.52
N PHE C 1103 40.47 8.20 65.40
CA PHE C 1103 39.88 9.48 65.02
C PHE C 1103 38.50 9.24 64.42
N VAL C 1104 37.69 10.28 64.30
CA VAL C 1104 36.48 10.28 63.49
C VAL C 1104 36.67 11.23 62.31
N THR C 1105 36.33 10.81 61.10
CA THR C 1105 36.44 11.60 59.88
C THR C 1105 35.12 11.66 59.15
N GLN C 1106 34.86 12.71 58.37
CA GLN C 1106 33.77 12.69 57.39
C GLN C 1106 34.02 11.59 56.35
N ARG C 1107 32.97 11.03 55.76
CA ARG C 1107 33.08 9.80 54.96
C ARG C 1107 33.74 10.02 53.60
N ASN C 1108 33.56 11.20 52.98
CA ASN C 1108 33.95 11.50 51.59
C ASN C 1108 35.27 12.27 51.42
N PHE C 1109 35.99 12.56 52.51
CA PHE C 1109 37.24 13.31 52.49
C PHE C 1109 37.96 13.09 53.82
N TYR C 1110 39.22 12.70 53.83
CA TYR C 1110 39.95 12.48 55.07
C TYR C 1110 40.29 13.80 55.76
N GLU C 1111 39.57 14.10 56.84
CA GLU C 1111 39.85 15.18 57.79
C GLU C 1111 39.64 14.60 59.19
N PRO C 1112 40.66 13.98 59.83
CA PRO C 1112 40.46 13.31 61.12
C PRO C 1112 40.07 14.26 62.27
N GLN C 1113 39.15 13.83 63.12
CA GLN C 1113 38.73 14.66 64.29
C GLN C 1113 38.82 13.77 65.54
N ILE C 1114 39.27 14.35 66.66
CA ILE C 1114 39.34 13.56 67.92
C ILE C 1114 37.94 12.99 68.22
N ILE C 1115 37.88 11.71 68.58
CA ILE C 1115 36.57 11.08 68.92
C ILE C 1115 36.09 11.68 70.25
N THR C 1116 35.09 12.58 70.20
CA THR C 1116 34.64 13.27 71.44
C THR C 1116 33.12 13.17 71.58
N THR C 1117 32.59 13.58 72.73
CA THR C 1117 31.14 13.56 72.98
C THR C 1117 30.36 14.50 72.04
N ASP C 1118 31.02 15.40 71.32
CA ASP C 1118 30.39 16.22 70.27
C ASP C 1118 30.32 15.52 68.90
N ASN C 1119 31.21 14.58 68.60
CA ASN C 1119 31.21 13.82 67.34
C ASN C 1119 30.37 12.55 67.38
N THR C 1120 30.02 12.05 68.57
CA THR C 1120 29.51 10.69 68.77
C THR C 1120 28.20 10.67 69.56
N PHE C 1121 27.39 9.64 69.36
CA PHE C 1121 26.21 9.35 70.17
C PHE C 1121 26.33 7.98 70.81
N VAL C 1122 25.71 7.76 71.97
CA VAL C 1122 25.74 6.46 72.68
C VAL C 1122 24.49 5.65 72.38
N SER C 1123 24.63 4.35 72.16
CA SER C 1123 23.51 3.42 72.32
C SER C 1123 23.95 2.07 72.85
N GLY C 1124 23.24 1.54 73.84
CA GLY C 1124 23.51 0.22 74.43
C GLY C 1124 24.87 0.12 75.11
N ASN C 1125 25.36 -1.11 75.23
CA ASN C 1125 26.65 -1.42 75.84
C ASN C 1125 27.58 -2.18 74.86
N CYS C 1126 28.82 -2.44 75.28
CA CYS C 1126 29.85 -3.08 74.46
C CYS C 1126 29.54 -4.53 74.03
N ASP C 1127 28.47 -5.16 74.49
CA ASP C 1127 28.23 -6.60 74.30
C ASP C 1127 27.62 -6.97 72.94
N VAL C 1128 26.85 -6.05 72.35
CA VAL C 1128 25.91 -6.37 71.26
C VAL C 1128 26.45 -6.09 69.85
N VAL C 1129 27.51 -5.28 69.71
CA VAL C 1129 28.05 -4.86 68.41
C VAL C 1129 29.25 -5.72 68.02
N ILE C 1130 29.18 -6.37 66.85
CA ILE C 1130 30.26 -7.20 66.30
C ILE C 1130 31.41 -6.30 65.83
N GLY C 1131 32.62 -6.50 66.35
CA GLY C 1131 33.81 -5.74 65.93
C GLY C 1131 33.99 -4.37 66.59
N ILE C 1132 33.26 -4.06 67.67
CA ILE C 1132 33.49 -2.88 68.50
C ILE C 1132 34.90 -2.86 69.11
N VAL C 1133 35.51 -1.68 69.20
CA VAL C 1133 36.92 -1.60 69.70
C VAL C 1133 36.98 -0.79 70.99
N ASN C 1134 38.13 -0.79 71.67
CA ASN C 1134 38.32 -0.01 72.91
C ASN C 1134 39.06 1.29 72.59
N ASN C 1135 38.56 2.43 73.08
CA ASN C 1135 39.22 3.74 72.83
C ASN C 1135 38.58 4.81 73.72
N THR C 1136 39.40 5.71 74.28
CA THR C 1136 38.85 6.81 75.09
C THR C 1136 37.99 7.74 74.25
N VAL C 1137 36.91 8.30 74.81
CA VAL C 1137 36.12 9.38 74.19
C VAL C 1137 36.25 10.64 75.04
N TYR C 1138 36.78 11.71 74.47
CA TYR C 1138 36.97 12.96 75.18
C TYR C 1138 35.62 13.63 75.47
N ASP C 1139 35.43 14.13 76.68
CA ASP C 1139 34.29 14.97 77.02
C ASP C 1139 34.79 16.43 77.15
N PRO C 1140 34.49 17.33 76.20
CA PRO C 1140 35.03 18.69 76.23
C PRO C 1140 34.55 19.53 77.43
N LEU C 1141 33.48 19.10 78.10
CA LEU C 1141 33.03 19.72 79.35
C LEU C 1141 33.90 19.30 80.54
N GLN C 1142 34.48 18.09 80.49
CA GLN C 1142 35.28 17.58 81.63
C GLN C 1142 36.39 18.57 82.00
N PRO C 1143 37.35 18.91 81.10
CA PRO C 1143 38.47 19.80 81.48
C PRO C 1143 37.94 21.17 81.90
N GLU C 1144 36.85 21.63 81.28
CA GLU C 1144 36.26 22.95 81.63
C GLU C 1144 35.90 22.96 83.11
N LEU C 1145 35.26 21.88 83.60
CA LEU C 1145 34.87 21.80 85.03
C LEU C 1145 36.08 21.41 85.87
N ASP C 1146 37.09 20.74 85.27
CA ASP C 1146 38.33 20.43 86.03
C ASP C 1146 38.95 21.76 86.44
N SER C 1147 39.19 22.66 85.48
CA SER C 1147 39.71 24.00 85.80
C SER C 1147 38.77 24.75 86.77
N PHE C 1148 37.46 24.45 86.75
CA PHE C 1148 36.47 25.00 87.67
C PHE C 1148 36.53 24.37 89.08
N LYS C 1149 37.06 23.14 89.20
CA LYS C 1149 37.48 22.51 90.47
C LYS C 1149 38.72 23.23 91.01
N GLU C 1150 39.77 23.39 90.23
CA GLU C 1150 40.98 24.10 90.69
C GLU C 1150 40.71 25.57 91.05
N GLU C 1151 39.81 26.23 90.32
CA GLU C 1151 39.25 27.54 90.65
C GLU C 1151 38.51 27.54 92.01
N LEU C 1152 37.60 26.58 92.25
CA LEU C 1152 36.88 26.42 93.52
C LEU C 1152 37.86 26.21 94.70
N ASP C 1153 38.84 25.32 94.52
CA ASP C 1153 39.76 24.85 95.55
C ASP C 1153 40.83 25.90 95.92
N LYS C 1154 41.46 26.50 94.90
CA LYS C 1154 42.47 27.56 95.16
C LYS C 1154 41.78 28.70 95.94
N TYR C 1155 40.52 28.97 95.63
CA TYR C 1155 39.76 30.02 96.38
C TYR C 1155 39.64 29.58 97.84
N PHE C 1156 39.23 28.33 98.07
CA PHE C 1156 39.13 27.81 99.47
C PHE C 1156 40.47 28.03 100.16
N LYS C 1157 41.57 27.73 99.48
CA LYS C 1157 42.92 27.92 100.05
C LYS C 1157 43.14 29.39 100.45
N ASN C 1158 42.81 30.32 99.57
CA ASN C 1158 42.79 31.75 99.86
C ASN C 1158 41.91 32.07 101.09
N HIS C 1159 40.68 31.55 101.10
CA HIS C 1159 39.72 31.85 102.19
C HIS C 1159 40.13 31.16 103.50
N THR C 1160 40.99 30.13 103.44
CA THR C 1160 41.48 29.50 104.70
C THR C 1160 42.41 30.47 105.42
N SER C 1161 43.10 31.34 104.68
CA SER C 1161 44.08 32.27 105.30
C SER C 1161 43.40 33.14 106.37
N PRO C 1162 42.30 33.87 106.08
CA PRO C 1162 41.58 34.61 107.12
C PRO C 1162 40.72 33.69 108.00
N GLU D 20 -27.69 -17.79 -70.88
CA GLU D 20 -27.76 -17.49 -72.34
C GLU D 20 -29.18 -17.08 -72.70
N VAL D 21 -29.40 -15.78 -72.93
CA VAL D 21 -30.75 -15.28 -73.31
C VAL D 21 -31.07 -15.78 -74.73
N GLN D 22 -31.38 -17.06 -74.87
CA GLN D 22 -31.71 -17.60 -76.16
C GLN D 22 -33.19 -17.57 -76.36
N LEU D 23 -33.60 -17.73 -77.61
CA LEU D 23 -35.06 -17.73 -77.93
C LEU D 23 -35.34 -18.91 -78.85
N GLN D 24 -35.83 -20.01 -78.28
CA GLN D 24 -36.13 -21.23 -79.10
C GLN D 24 -37.54 -21.10 -79.65
N GLN D 25 -37.69 -20.51 -80.84
CA GLN D 25 -39.03 -20.29 -81.43
C GLN D 25 -39.43 -21.47 -82.28
N SER D 26 -40.51 -21.31 -83.05
CA SER D 26 -40.91 -22.36 -84.00
C SER D 26 -40.36 -22.15 -85.42
N GLY D 27 -39.90 -23.22 -86.07
CA GLY D 27 -39.35 -23.18 -87.42
C GLY D 27 -40.37 -22.80 -88.50
N PRO D 28 -39.91 -22.57 -89.75
CA PRO D 28 -40.73 -22.15 -90.88
C PRO D 28 -42.01 -22.98 -91.07
N GLU D 29 -43.12 -22.30 -91.35
CA GLU D 29 -44.47 -22.84 -91.25
C GLU D 29 -45.37 -22.38 -92.41
N LEU D 30 -46.22 -23.28 -92.90
CA LEU D 30 -47.15 -23.05 -94.00
C LEU D 30 -48.52 -23.67 -93.70
N VAL D 31 -49.59 -22.95 -94.03
CA VAL D 31 -50.96 -23.47 -94.05
C VAL D 31 -51.73 -22.78 -95.16
N LYS D 32 -52.73 -23.45 -95.76
CA LYS D 32 -53.57 -22.82 -96.79
C LYS D 32 -54.46 -21.71 -96.17
N PRO D 33 -54.82 -20.64 -96.92
CA PRO D 33 -55.52 -19.48 -96.35
C PRO D 33 -56.87 -19.78 -95.69
N GLY D 34 -57.29 -18.85 -94.83
CA GLY D 34 -58.54 -19.01 -94.10
C GLY D 34 -58.34 -19.94 -92.93
N ALA D 35 -57.10 -20.11 -92.51
CA ALA D 35 -56.75 -21.00 -91.41
C ALA D 35 -55.79 -20.34 -90.42
N SER D 36 -55.84 -20.81 -89.17
CA SER D 36 -55.00 -20.23 -88.08
C SER D 36 -53.65 -20.94 -87.99
N VAL D 37 -52.90 -20.71 -86.91
CA VAL D 37 -51.53 -21.29 -86.77
C VAL D 37 -51.11 -21.30 -85.30
N ARG D 38 -49.97 -21.93 -84.99
CA ARG D 38 -49.45 -21.96 -83.61
C ARG D 38 -47.97 -21.56 -83.62
N ILE D 39 -47.58 -20.57 -82.80
CA ILE D 39 -46.20 -20.10 -82.79
C ILE D 39 -45.61 -19.90 -81.39
N SER D 40 -44.62 -20.71 -81.04
CA SER D 40 -43.97 -20.65 -79.73
C SER D 40 -42.67 -19.84 -79.79
N CYS D 41 -42.25 -19.31 -78.65
CA CYS D 41 -40.94 -18.70 -78.41
C CYS D 41 -40.49 -19.04 -76.99
N LYS D 42 -39.66 -20.08 -76.86
CA LYS D 42 -39.08 -20.48 -75.59
C LYS D 42 -38.01 -19.49 -75.19
N THR D 43 -37.94 -19.12 -73.92
CA THR D 43 -36.96 -18.17 -73.40
C THR D 43 -36.15 -18.77 -72.26
N SER D 44 -34.90 -18.32 -72.09
CA SER D 44 -33.91 -18.95 -71.20
C SER D 44 -32.78 -17.98 -70.81
N GLY D 45 -32.04 -18.33 -69.76
CA GLY D 45 -30.96 -17.50 -69.20
C GLY D 45 -31.44 -16.41 -68.22
N TYR D 46 -32.74 -16.37 -67.90
CA TYR D 46 -33.31 -15.45 -66.91
C TYR D 46 -34.59 -16.03 -66.27
N THR D 47 -35.01 -15.50 -65.13
CA THR D 47 -36.31 -15.86 -64.51
C THR D 47 -37.46 -15.21 -65.28
N PHE D 48 -38.33 -16.03 -65.90
CA PHE D 48 -39.22 -15.61 -66.98
C PHE D 48 -40.14 -14.43 -66.62
N THR D 49 -40.63 -14.37 -65.39
CA THR D 49 -41.50 -13.29 -64.88
C THR D 49 -40.79 -11.99 -64.51
N GLU D 50 -39.47 -11.88 -64.66
CA GLU D 50 -38.72 -10.64 -64.37
C GLU D 50 -38.67 -9.67 -65.58
N TYR D 51 -39.14 -10.09 -66.75
CA TYR D 51 -39.12 -9.33 -68.00
C TYR D 51 -40.46 -9.43 -68.74
N SER D 52 -40.84 -8.37 -69.46
CA SER D 52 -42.01 -8.36 -70.35
C SER D 52 -41.70 -9.02 -71.69
N MET D 53 -42.71 -9.52 -72.42
CA MET D 53 -42.55 -10.08 -73.76
C MET D 53 -43.37 -9.31 -74.80
N PHE D 54 -42.74 -9.01 -75.94
CA PHE D 54 -43.40 -8.30 -77.03
C PHE D 54 -43.21 -9.08 -78.32
N TRP D 55 -43.83 -8.62 -79.41
CA TRP D 55 -43.72 -9.30 -80.69
C TRP D 55 -43.58 -8.34 -81.87
N VAL D 56 -42.99 -8.83 -82.96
CA VAL D 56 -42.81 -8.02 -84.17
C VAL D 56 -43.13 -8.83 -85.43
N LYS D 57 -43.70 -8.16 -86.43
CA LYS D 57 -44.00 -8.83 -87.72
C LYS D 57 -43.19 -8.14 -88.82
N GLN D 58 -42.24 -8.84 -89.44
CA GLN D 58 -41.41 -8.25 -90.52
C GLN D 58 -41.69 -9.02 -91.83
N SER D 59 -42.28 -8.35 -92.82
CA SER D 59 -42.60 -9.01 -94.11
C SER D 59 -41.31 -9.25 -94.90
N HIS D 60 -41.36 -10.16 -95.87
CA HIS D 60 -40.17 -10.44 -96.72
C HIS D 60 -39.76 -9.14 -97.44
N GLY D 61 -40.76 -8.33 -97.83
CA GLY D 61 -40.48 -7.08 -98.54
C GLY D 61 -40.66 -5.86 -97.65
N GLN D 62 -41.82 -5.73 -97.00
CA GLN D 62 -42.08 -4.53 -96.19
C GLN D 62 -41.43 -4.61 -94.80
N SER D 63 -41.23 -3.45 -94.18
CA SER D 63 -40.57 -3.24 -92.88
C SER D 63 -41.11 -4.10 -91.74
N LEU D 64 -40.38 -4.10 -90.63
CA LEU D 64 -40.86 -4.59 -89.35
C LEU D 64 -41.89 -3.64 -88.72
N GLU D 65 -42.79 -4.21 -87.92
CA GLU D 65 -43.88 -3.58 -87.16
C GLU D 65 -44.09 -4.30 -85.83
N TRP D 66 -44.74 -3.62 -84.88
CA TRP D 66 -44.95 -4.19 -83.52
C TRP D 66 -46.35 -4.80 -83.40
N ILE D 67 -46.43 -6.11 -83.16
CA ILE D 67 -47.76 -6.78 -82.99
C ILE D 67 -48.32 -6.43 -81.61
N GLY D 68 -47.51 -6.58 -80.55
CA GLY D 68 -48.00 -6.32 -79.18
C GLY D 68 -47.20 -7.11 -78.16
N GLY D 69 -47.64 -7.14 -76.90
CA GLY D 69 -46.95 -7.90 -75.88
C GLY D 69 -47.85 -8.39 -74.75
N ILE D 70 -47.26 -9.24 -73.93
CA ILE D 70 -47.79 -9.86 -72.73
C ILE D 70 -46.76 -9.73 -71.62
N ASN D 71 -47.20 -9.33 -70.43
CA ASN D 71 -46.36 -9.40 -69.25
C ASN D 71 -46.52 -10.78 -68.62
N PRO D 72 -45.49 -11.64 -68.63
CA PRO D 72 -45.62 -12.99 -68.13
C PRO D 72 -45.83 -13.06 -66.62
N ASN D 73 -45.51 -12.00 -65.85
CA ASN D 73 -45.79 -11.96 -64.42
C ASN D 73 -47.29 -11.79 -64.15
N ASP D 74 -47.85 -10.66 -64.60
CA ASP D 74 -49.22 -10.23 -64.27
C ASP D 74 -50.30 -10.75 -65.24
N ASP D 75 -49.94 -11.48 -66.30
CA ASP D 75 -50.86 -12.02 -67.32
C ASP D 75 -51.69 -10.94 -68.05
N SER D 76 -51.19 -9.70 -68.03
CA SER D 76 -51.74 -8.54 -68.74
C SER D 76 -51.18 -8.44 -70.16
N THR D 77 -51.84 -7.72 -71.05
CA THR D 77 -51.42 -7.58 -72.46
C THR D 77 -51.66 -6.17 -73.01
N THR D 78 -50.97 -5.83 -74.10
CA THR D 78 -51.23 -4.65 -74.94
C THR D 78 -50.89 -4.93 -76.40
N TYR D 79 -51.47 -4.23 -77.37
CA TYR D 79 -51.32 -4.48 -78.80
C TYR D 79 -51.28 -3.19 -79.64
N LYS D 80 -50.77 -3.27 -80.87
CA LYS D 80 -51.07 -2.27 -81.90
C LYS D 80 -52.52 -2.44 -82.35
N GLN D 81 -53.28 -1.34 -82.38
CA GLN D 81 -54.69 -1.36 -82.76
C GLN D 81 -54.97 -2.14 -84.04
N ASN D 82 -54.05 -2.07 -84.99
CA ASN D 82 -54.18 -2.78 -86.26
C ASN D 82 -54.17 -4.30 -86.12
N PHE D 83 -53.32 -4.81 -85.24
CA PHE D 83 -53.20 -6.26 -85.03
C PHE D 83 -54.07 -6.84 -83.92
N LYS D 84 -54.54 -5.99 -83.01
CA LYS D 84 -55.39 -6.43 -81.89
C LYS D 84 -56.56 -7.33 -82.32
N GLY D 85 -57.15 -7.05 -83.49
CA GLY D 85 -58.25 -7.82 -84.09
C GLY D 85 -57.87 -9.15 -84.75
N LYS D 86 -56.58 -9.54 -84.77
CA LYS D 86 -56.09 -10.76 -85.48
C LYS D 86 -54.97 -11.52 -84.77
N ALA D 87 -54.22 -10.84 -83.90
CA ALA D 87 -53.27 -11.43 -82.94
C ALA D 87 -53.97 -12.00 -81.69
N THR D 88 -53.28 -12.87 -80.96
CA THR D 88 -53.60 -13.25 -79.57
C THR D 88 -52.34 -13.76 -78.90
N LEU D 89 -51.80 -13.00 -77.94
CA LEU D 89 -50.58 -13.34 -77.20
C LEU D 89 -50.89 -14.00 -75.85
N THR D 90 -50.05 -14.96 -75.50
CA THR D 90 -50.18 -15.83 -74.34
C THR D 90 -48.80 -16.26 -73.85
N VAL D 91 -48.71 -16.76 -72.63
CA VAL D 91 -47.51 -17.45 -72.11
C VAL D 91 -47.96 -18.66 -71.31
N ASP D 92 -47.06 -19.61 -71.11
CA ASP D 92 -47.22 -20.63 -70.07
C ASP D 92 -46.00 -20.64 -69.11
N LYS D 93 -46.23 -20.40 -67.82
CA LYS D 93 -45.16 -20.22 -66.83
C LYS D 93 -44.35 -21.50 -66.61
N SER D 94 -45.01 -22.65 -66.53
CA SER D 94 -44.35 -23.95 -66.31
C SER D 94 -43.47 -24.37 -67.49
N SER D 95 -43.91 -24.07 -68.72
CA SER D 95 -43.09 -24.18 -69.93
C SER D 95 -42.07 -23.05 -70.08
N SER D 96 -42.26 -21.95 -69.34
CA SER D 96 -41.46 -20.72 -69.42
C SER D 96 -41.29 -20.23 -70.86
N THR D 97 -42.40 -20.24 -71.59
CA THR D 97 -42.45 -20.05 -73.04
C THR D 97 -43.54 -19.06 -73.40
N ALA D 98 -43.27 -18.17 -74.36
CA ALA D 98 -44.28 -17.31 -74.95
C ALA D 98 -44.95 -18.01 -76.13
N PHE D 99 -46.21 -17.66 -76.38
CA PHE D 99 -46.98 -18.22 -77.49
C PHE D 99 -47.95 -17.24 -78.18
N MET D 100 -47.79 -17.10 -79.49
CA MET D 100 -48.61 -16.25 -80.36
C MET D 100 -49.58 -17.09 -81.18
N GLU D 101 -50.88 -16.77 -81.17
CA GLU D 101 -51.89 -17.35 -82.07
C GLU D 101 -52.35 -16.33 -83.13
N LEU D 102 -52.44 -16.81 -84.37
CA LEU D 102 -52.98 -15.96 -85.45
C LEU D 102 -54.37 -16.51 -85.81
N ARG D 103 -55.41 -15.69 -85.78
CA ARG D 103 -56.78 -16.18 -86.08
C ARG D 103 -57.27 -15.62 -87.40
N SER D 104 -57.83 -16.51 -88.24
CA SER D 104 -58.30 -16.21 -89.62
C SER D 104 -57.18 -15.58 -90.46
N LEU D 105 -56.26 -16.40 -91.00
CA LEU D 105 -55.10 -15.85 -91.75
C LEU D 105 -55.39 -15.81 -93.25
N THR D 106 -54.98 -14.74 -93.93
CA THR D 106 -55.21 -14.60 -95.39
C THR D 106 -53.98 -13.97 -96.06
N SER D 107 -54.17 -13.33 -97.22
CA SER D 107 -53.06 -12.67 -97.92
C SER D 107 -52.36 -11.54 -97.14
N GLU D 108 -52.91 -11.08 -96.01
CA GLU D 108 -52.25 -10.13 -95.11
C GLU D 108 -51.30 -10.81 -94.12
N ASP D 109 -51.48 -12.10 -93.88
CA ASP D 109 -50.91 -12.84 -92.74
C ASP D 109 -49.71 -13.70 -93.14
N SER D 110 -48.64 -13.09 -93.62
CA SER D 110 -47.40 -13.80 -93.94
C SER D 110 -46.20 -12.87 -93.80
N ALA D 111 -45.22 -13.31 -93.02
CA ALA D 111 -44.05 -12.53 -92.61
C ALA D 111 -43.02 -13.43 -91.91
N VAL D 112 -41.82 -12.90 -91.68
CA VAL D 112 -40.98 -13.34 -90.58
C VAL D 112 -41.52 -12.73 -89.29
N TYR D 113 -42.02 -13.55 -88.36
CA TYR D 113 -42.48 -13.07 -87.06
C TYR D 113 -41.39 -13.29 -86.00
N TYR D 114 -41.26 -12.34 -85.08
CA TYR D 114 -40.13 -12.24 -84.15
C TYR D 114 -40.62 -12.00 -82.72
N CYS D 115 -40.02 -12.69 -81.74
CA CYS D 115 -40.35 -12.43 -80.31
C CYS D 115 -39.23 -11.62 -79.65
N THR D 116 -39.55 -10.80 -78.65
CA THR D 116 -38.51 -9.93 -78.02
C THR D 116 -38.75 -9.81 -76.51
N ARG D 117 -37.79 -9.28 -75.73
CA ARG D 117 -37.92 -9.14 -74.25
C ARG D 117 -37.63 -7.71 -73.78
N ASP D 118 -38.32 -7.24 -72.72
CA ASP D 118 -38.22 -5.85 -72.23
C ASP D 118 -38.27 -5.67 -70.71
N ARG D 119 -37.71 -4.53 -70.28
CA ARG D 119 -37.64 -4.10 -68.88
C ARG D 119 -37.37 -2.58 -68.83
N TYR D 120 -37.37 -1.96 -67.65
CA TYR D 120 -37.13 -0.51 -67.50
C TYR D 120 -35.64 -0.20 -67.31
N ASP D 121 -34.95 -1.00 -66.51
CA ASP D 121 -33.52 -0.93 -66.24
C ASP D 121 -32.69 -1.45 -67.43
N GLY D 122 -32.69 -0.65 -68.50
CA GLY D 122 -31.76 -0.70 -69.64
C GLY D 122 -31.93 -1.87 -70.61
N ARG D 123 -32.48 -2.98 -70.14
CA ARG D 123 -32.70 -4.13 -71.01
C ARG D 123 -33.99 -3.93 -71.79
N VAL D 124 -33.94 -3.11 -72.83
CA VAL D 124 -35.14 -2.80 -73.67
C VAL D 124 -34.91 -3.29 -75.10
N VAL D 125 -35.73 -4.23 -75.58
CA VAL D 125 -35.64 -4.70 -77.00
C VAL D 125 -34.18 -4.96 -77.38
N ASP D 126 -33.49 -5.84 -76.66
CA ASP D 126 -32.05 -6.09 -76.93
C ASP D 126 -31.89 -7.38 -77.75
N PHE D 127 -32.35 -8.51 -77.21
CA PHE D 127 -32.17 -9.83 -77.89
C PHE D 127 -33.46 -10.24 -78.59
N TRP D 128 -33.36 -11.07 -79.65
CA TRP D 128 -34.59 -11.40 -80.44
C TRP D 128 -34.62 -12.85 -80.91
N GLY D 129 -35.80 -13.50 -80.88
CA GLY D 129 -35.97 -14.83 -81.48
C GLY D 129 -35.54 -14.87 -82.96
N GLN D 130 -35.11 -16.04 -83.40
CA GLN D 130 -34.65 -16.20 -84.78
C GLN D 130 -35.79 -15.96 -85.76
N GLY D 131 -36.93 -15.56 -85.23
CA GLY D 131 -38.10 -15.31 -86.05
C GLY D 131 -38.80 -16.62 -86.37
N THR D 132 -39.82 -16.56 -87.22
CA THR D 132 -40.59 -17.77 -87.54
C THR D 132 -41.34 -17.63 -88.85
N THR D 133 -41.07 -18.54 -89.78
CA THR D 133 -41.74 -18.42 -91.10
C THR D 133 -43.22 -18.79 -90.92
N LEU D 134 -44.12 -17.90 -91.32
CA LEU D 134 -45.59 -18.08 -91.16
C LEU D 134 -46.23 -17.84 -92.53
N THR D 135 -45.73 -18.51 -93.56
CA THR D 135 -46.25 -18.37 -94.92
C THR D 135 -47.70 -18.88 -94.96
N VAL D 136 -48.52 -18.16 -95.70
CA VAL D 136 -49.86 -18.60 -95.93
C VAL D 136 -50.04 -18.55 -97.43
N SER D 137 -49.56 -19.58 -98.11
CA SER D 137 -49.65 -19.72 -99.56
C SER D 137 -49.85 -21.18 -99.97
N SER D 138 -50.43 -21.39 -101.14
CA SER D 138 -50.67 -22.73 -101.63
C SER D 138 -50.24 -22.92 -103.08
N ILE E 22 -48.40 7.13 -84.74
CA ILE E 22 -47.32 8.08 -84.33
C ILE E 22 -45.96 7.43 -84.61
N GLN E 23 -45.35 7.73 -85.76
CA GLN E 23 -44.04 7.14 -86.12
C GLN E 23 -43.12 8.25 -86.66
N MET E 24 -41.81 8.10 -86.45
CA MET E 24 -40.84 9.10 -86.97
C MET E 24 -40.33 8.62 -88.33
N THR E 25 -39.62 9.48 -89.07
CA THR E 25 -39.24 9.07 -90.44
C THR E 25 -37.72 9.00 -90.63
N GLN E 26 -37.24 7.90 -91.20
CA GLN E 26 -35.79 7.80 -91.52
C GLN E 26 -35.54 8.58 -92.82
N SER E 27 -34.53 9.45 -92.83
CA SER E 27 -34.30 10.33 -94.01
C SER E 27 -34.21 9.52 -95.31
N PRO E 28 -33.22 8.61 -95.50
CA PRO E 28 -33.07 7.89 -96.76
C PRO E 28 -33.59 6.46 -96.73
N SER E 29 -33.72 5.81 -97.89
CA SER E 29 -34.11 4.39 -97.88
C SER E 29 -32.91 3.44 -98.01
N SER E 30 -31.87 3.84 -98.73
CA SER E 30 -30.60 3.11 -98.88
C SER E 30 -29.42 4.09 -99.00
N LEU E 31 -28.26 3.68 -98.51
CA LEU E 31 -27.03 4.48 -98.47
C LEU E 31 -25.81 3.59 -98.80
N SER E 32 -24.92 4.07 -99.66
CA SER E 32 -23.78 3.29 -100.19
C SER E 32 -22.44 3.90 -99.81
N ALA E 33 -21.42 3.06 -99.58
CA ALA E 33 -20.12 3.50 -99.09
C ALA E 33 -18.97 2.56 -99.50
N SER E 34 -17.76 3.09 -99.45
CA SER E 34 -16.53 2.28 -99.34
C SER E 34 -16.29 1.87 -97.88
N LEU E 35 -15.36 0.96 -97.62
CA LEU E 35 -14.87 0.71 -96.26
C LEU E 35 -14.05 1.93 -95.78
N GLY E 36 -14.34 2.41 -94.58
CA GLY E 36 -13.65 3.56 -94.02
C GLY E 36 -14.45 4.85 -94.00
N GLU E 37 -15.34 5.01 -94.98
CA GLU E 37 -16.17 6.21 -95.08
C GLU E 37 -17.17 6.38 -93.92
N ARG E 38 -17.39 7.64 -93.54
CA ARG E 38 -18.31 7.97 -92.45
C ARG E 38 -19.75 7.69 -92.89
N VAL E 39 -20.55 7.15 -91.97
CA VAL E 39 -21.95 6.82 -92.26
C VAL E 39 -22.83 7.40 -91.17
N SER E 40 -23.74 8.28 -91.58
CA SER E 40 -24.77 8.93 -90.77
C SER E 40 -26.14 8.37 -91.15
N LEU E 41 -26.92 7.97 -90.14
CA LEU E 41 -28.26 7.42 -90.25
C LEU E 41 -29.18 8.21 -89.34
N ILE E 42 -30.30 8.69 -89.87
CA ILE E 42 -31.18 9.66 -89.20
C ILE E 42 -32.61 9.11 -89.14
N CYS E 43 -33.31 9.46 -88.08
CA CYS E 43 -34.71 9.18 -87.78
C CYS E 43 -35.32 10.45 -87.18
N ARG E 44 -35.85 11.30 -88.05
CA ARG E 44 -36.42 12.59 -87.64
C ARG E 44 -37.71 12.45 -86.86
N ALA E 45 -38.08 13.50 -86.12
CA ALA E 45 -39.31 13.42 -85.36
C ALA E 45 -40.32 14.54 -85.70
N SER E 46 -41.59 14.14 -85.88
CA SER E 46 -42.66 15.14 -86.14
C SER E 46 -43.29 15.55 -84.80
N GLN E 47 -43.26 14.66 -83.81
CA GLN E 47 -43.80 14.97 -82.45
C GLN E 47 -42.71 14.69 -81.41
N GLU E 48 -42.92 15.10 -80.15
CA GLU E 48 -41.87 14.93 -79.12
C GLU E 48 -41.94 13.51 -78.53
N ILE E 49 -40.88 12.72 -78.70
CA ILE E 49 -40.83 11.34 -78.13
C ILE E 49 -40.02 11.37 -76.83
N SER E 50 -39.69 12.55 -76.33
CA SER E 50 -38.95 12.68 -75.04
C SER E 50 -37.67 11.84 -75.04
N GLY E 51 -37.05 11.65 -76.22
CA GLY E 51 -35.77 10.93 -76.28
C GLY E 51 -35.88 9.44 -76.04
N TYR E 52 -37.09 8.88 -76.11
CA TYR E 52 -37.24 7.41 -75.96
C TYR E 52 -37.14 6.76 -77.35
N LEU E 53 -35.97 6.18 -77.67
CA LEU E 53 -35.74 5.60 -78.99
C LEU E 53 -34.58 4.60 -78.97
N SER E 54 -34.69 3.54 -79.76
CA SER E 54 -33.67 2.48 -79.89
C SER E 54 -33.33 2.17 -81.34
N TRP E 55 -32.07 1.87 -81.65
CA TRP E 55 -31.60 1.47 -82.98
C TRP E 55 -31.34 -0.03 -83.07
N LEU E 56 -31.76 -0.63 -84.17
CA LEU E 56 -31.75 -2.08 -84.40
C LEU E 56 -31.04 -2.40 -85.70
N GLN E 57 -30.35 -3.56 -85.70
CA GLN E 57 -29.64 -4.03 -86.91
C GLN E 57 -30.29 -5.31 -87.47
N GLN E 58 -30.70 -5.31 -88.74
CA GLN E 58 -31.28 -6.48 -89.42
C GLN E 58 -30.39 -6.89 -90.60
N LYS E 59 -29.87 -8.13 -90.59
CA LYS E 59 -29.21 -8.76 -91.73
C LYS E 59 -30.28 -9.21 -92.75
N PRO E 60 -30.09 -9.11 -94.07
CA PRO E 60 -31.03 -9.67 -95.06
C PRO E 60 -31.35 -11.16 -94.87
N ASP E 61 -30.42 -11.89 -94.25
CA ASP E 61 -30.59 -13.23 -93.71
C ASP E 61 -30.87 -13.20 -92.19
N GLY E 62 -31.87 -12.41 -91.80
CA GLY E 62 -32.74 -12.62 -90.63
C GLY E 62 -32.19 -12.30 -89.23
N THR E 63 -30.92 -11.94 -89.11
CA THR E 63 -30.30 -11.66 -87.79
C THR E 63 -30.68 -10.27 -87.30
N ILE E 64 -31.51 -10.17 -86.25
CA ILE E 64 -31.86 -8.93 -85.54
C ILE E 64 -31.09 -8.81 -84.23
N LYS E 65 -30.56 -7.62 -83.93
CA LYS E 65 -29.89 -7.30 -82.66
C LYS E 65 -29.91 -5.79 -82.40
N ARG E 66 -30.07 -5.38 -81.13
CA ARG E 66 -30.06 -3.97 -80.72
C ARG E 66 -28.67 -3.34 -80.79
N LEU E 67 -28.61 -2.10 -81.25
CA LEU E 67 -27.43 -1.26 -81.29
C LEU E 67 -27.43 -0.25 -80.15
N ILE E 68 -28.46 0.61 -80.09
CA ILE E 68 -28.50 1.79 -79.23
C ILE E 68 -29.87 1.89 -78.57
N TYR E 69 -29.95 2.47 -77.37
CA TYR E 69 -31.17 2.78 -76.64
C TYR E 69 -30.99 4.08 -75.82
N ALA E 70 -32.09 4.60 -75.26
CA ALA E 70 -32.10 5.79 -74.38
C ALA E 70 -31.35 7.00 -74.98
N ALA E 71 -31.47 7.19 -76.30
CA ALA E 71 -30.65 8.05 -77.17
C ALA E 71 -29.15 7.66 -77.23
N SER E 72 -28.37 7.84 -76.16
CA SER E 72 -26.90 7.76 -76.19
C SER E 72 -26.28 6.49 -75.59
N THR E 73 -27.10 5.54 -75.15
CA THR E 73 -26.54 4.35 -74.44
C THR E 73 -26.35 3.17 -75.40
N LEU E 74 -25.16 2.56 -75.39
CA LEU E 74 -24.86 1.42 -76.29
C LEU E 74 -23.69 0.61 -75.71
N ASP E 75 -22.81 0.09 -76.56
CA ASP E 75 -21.59 -0.64 -76.10
C ASP E 75 -21.99 -1.81 -75.20
N SER E 76 -22.77 -2.76 -75.71
CA SER E 76 -23.14 -3.98 -74.93
C SER E 76 -23.06 -5.19 -75.87
N GLY E 77 -22.06 -6.06 -75.71
CA GLY E 77 -21.91 -7.15 -76.68
C GLY E 77 -21.93 -6.76 -78.17
N VAL E 78 -21.46 -5.56 -78.54
CA VAL E 78 -21.66 -4.98 -79.90
C VAL E 78 -20.43 -4.15 -80.32
N PRO E 79 -20.09 -4.00 -81.62
CA PRO E 79 -18.91 -3.25 -82.06
C PRO E 79 -18.84 -1.77 -81.60
N LYS E 80 -17.76 -1.41 -80.90
CA LYS E 80 -17.62 -0.17 -80.11
C LYS E 80 -17.90 1.14 -80.87
N ARG E 81 -17.75 1.10 -82.19
CA ARG E 81 -17.89 2.29 -83.06
C ARG E 81 -19.25 3.01 -83.15
N PHE E 82 -20.31 2.40 -82.66
CA PHE E 82 -21.64 3.03 -82.76
C PHE E 82 -21.78 4.24 -81.82
N SER E 83 -22.48 5.28 -82.27
CA SER E 83 -22.82 6.48 -81.50
C SER E 83 -24.17 7.04 -81.96
N GLY E 84 -24.93 7.70 -81.09
CA GLY E 84 -26.32 8.07 -81.37
C GLY E 84 -26.89 9.21 -80.52
N SER E 85 -26.05 10.16 -80.09
CA SER E 85 -26.46 11.36 -79.37
C SER E 85 -27.55 12.15 -80.12
N ARG E 86 -28.53 12.67 -79.36
CA ARG E 86 -29.74 13.34 -79.87
C ARG E 86 -29.39 14.64 -80.60
N SER E 87 -29.87 14.80 -81.83
CA SER E 87 -29.63 15.98 -82.66
C SER E 87 -30.86 16.89 -82.73
N GLY E 88 -31.31 17.38 -81.56
CA GLY E 88 -32.43 18.33 -81.45
C GLY E 88 -33.76 17.75 -81.91
N SER E 89 -34.24 18.20 -83.07
CA SER E 89 -35.45 17.68 -83.73
C SER E 89 -35.24 16.32 -84.41
N GLU E 90 -34.01 15.80 -84.44
CA GLU E 90 -33.64 14.56 -85.12
C GLU E 90 -32.97 13.56 -84.16
N TYR E 91 -33.21 12.27 -84.39
CA TYR E 91 -32.53 11.17 -83.71
C TYR E 91 -31.60 10.47 -84.69
N SER E 92 -30.47 9.98 -84.20
CA SER E 92 -29.32 9.69 -85.07
C SER E 92 -28.60 8.41 -84.70
N LEU E 93 -27.90 7.85 -85.67
CA LEU E 93 -26.84 6.88 -85.50
C LEU E 93 -25.65 7.29 -86.39
N THR E 94 -24.44 7.21 -85.86
CA THR E 94 -23.19 7.51 -86.58
C THR E 94 -22.13 6.51 -86.16
N ILE E 95 -21.30 6.07 -87.10
CA ILE E 95 -20.35 4.97 -86.91
C ILE E 95 -18.92 5.35 -87.36
N SER E 96 -17.90 4.97 -86.60
CA SER E 96 -16.49 5.29 -86.91
C SER E 96 -15.84 4.38 -87.96
N SER E 97 -16.48 3.26 -88.32
CA SER E 97 -16.20 2.55 -89.57
C SER E 97 -17.43 1.77 -90.04
N PRO E 98 -17.54 1.43 -91.32
CA PRO E 98 -18.29 0.27 -91.80
C PRO E 98 -17.60 -1.06 -91.43
N GLU E 99 -18.25 -2.17 -91.77
CA GLU E 99 -17.76 -3.55 -91.64
C GLU E 99 -18.58 -4.49 -92.57
N SER E 100 -18.08 -5.67 -92.88
CA SER E 100 -18.76 -6.64 -93.76
C SER E 100 -20.19 -6.99 -93.30
N GLU E 101 -20.36 -7.26 -92.01
CA GLU E 101 -21.66 -7.47 -91.36
C GLU E 101 -22.48 -6.18 -91.20
N ASP E 102 -21.82 -5.02 -91.14
CA ASP E 102 -22.50 -3.73 -90.95
C ASP E 102 -23.05 -3.14 -92.24
N PHE E 103 -22.66 -3.67 -93.39
CA PHE E 103 -23.48 -3.54 -94.60
C PHE E 103 -24.77 -4.38 -94.47
N ALA E 104 -25.81 -3.76 -93.89
CA ALA E 104 -27.06 -4.37 -93.42
C ALA E 104 -28.20 -3.33 -93.31
N ASP E 105 -29.41 -3.73 -92.96
CA ASP E 105 -30.54 -2.82 -92.69
C ASP E 105 -30.55 -2.27 -91.25
N TYR E 106 -30.87 -0.99 -91.12
CA TYR E 106 -30.96 -0.31 -89.84
C TYR E 106 -32.37 0.24 -89.62
N TYR E 107 -32.84 0.15 -88.38
CA TYR E 107 -34.17 0.62 -87.99
C TYR E 107 -34.14 1.40 -86.66
N CYS E 108 -34.95 2.44 -86.55
CA CYS E 108 -35.26 3.09 -85.28
C CYS E 108 -36.63 2.62 -84.74
N LEU E 109 -36.68 2.32 -83.43
CA LEU E 109 -37.88 2.02 -82.63
C LEU E 109 -38.26 3.22 -81.77
N GLN E 110 -39.52 3.67 -81.90
CA GLN E 110 -40.02 4.76 -81.03
C GLN E 110 -40.97 4.14 -80.00
N TYR E 111 -40.52 3.96 -78.76
CA TYR E 111 -41.35 3.27 -77.74
C TYR E 111 -41.87 4.26 -76.69
N ALA E 112 -41.48 5.53 -76.79
CA ALA E 112 -41.91 6.55 -75.80
C ALA E 112 -43.40 6.43 -75.52
N SER E 113 -44.17 5.90 -76.48
CA SER E 113 -45.62 5.82 -76.31
C SER E 113 -46.18 4.50 -76.85
N TYR E 114 -47.34 4.07 -76.35
CA TYR E 114 -48.16 3.08 -77.04
C TYR E 114 -49.11 3.77 -78.04
N PRO E 115 -49.33 3.20 -79.24
CA PRO E 115 -48.64 2.02 -79.76
C PRO E 115 -47.17 2.31 -80.12
N TRP E 116 -46.31 1.29 -80.01
CA TRP E 116 -44.96 1.35 -80.54
C TRP E 116 -44.98 1.39 -82.06
N THR E 117 -43.98 2.05 -82.63
CA THR E 117 -43.76 2.18 -84.07
C THR E 117 -42.29 2.13 -84.42
N PHE E 118 -41.98 1.89 -85.70
CA PHE E 118 -40.63 1.92 -86.23
C PHE E 118 -40.54 2.85 -87.43
N GLY E 119 -39.34 3.39 -87.69
CA GLY E 119 -39.01 3.96 -89.00
C GLY E 119 -39.04 2.91 -90.11
N GLY E 120 -39.13 3.33 -91.38
CA GLY E 120 -39.21 2.43 -92.53
C GLY E 120 -37.98 1.54 -92.75
N GLY E 121 -36.88 1.81 -92.05
CA GLY E 121 -35.58 1.18 -92.24
C GLY E 121 -34.70 1.87 -93.31
N THR E 122 -33.39 1.75 -93.15
CA THR E 122 -32.37 2.24 -94.11
C THR E 122 -31.35 1.13 -94.38
N LYS E 123 -31.00 0.88 -95.64
CA LYS E 123 -30.06 -0.18 -96.02
C LYS E 123 -28.65 0.38 -96.27
N LEU E 124 -27.62 -0.20 -95.66
CA LEU E 124 -26.22 0.22 -95.80
C LEU E 124 -25.45 -0.75 -96.71
N GLU E 125 -24.84 -0.25 -97.77
CA GLU E 125 -24.30 -1.09 -98.86
C GLU E 125 -22.89 -0.68 -99.34
N ILE E 126 -22.19 -1.61 -99.98
CA ILE E 126 -20.96 -1.34 -100.72
C ILE E 126 -21.31 -0.68 -102.07
N LYS E 127 -20.40 0.13 -102.60
CA LYS E 127 -20.50 0.84 -103.88
C LYS E 127 -20.48 -0.09 -105.11
C1 NAG F . -38.07 -57.71 -4.60
C2 NAG F . -38.15 -57.59 -6.11
C3 NAG F . -38.27 -56.12 -6.52
C4 NAG F . -39.46 -55.48 -5.80
C5 NAG F . -39.32 -55.69 -4.30
C6 NAG F . -40.51 -55.17 -3.52
C7 NAG F . -36.89 -59.49 -7.02
C8 NAG F . -35.62 -59.94 -7.67
N2 NAG F . -36.98 -58.19 -6.75
O3 NAG F . -38.43 -56.02 -7.93
O4 NAG F . -39.53 -54.09 -6.10
O5 NAG F . -39.21 -57.08 -4.00
O6 NAG F . -40.37 -55.41 -2.13
O7 NAG F . -37.79 -60.28 -6.75
C1 NAG F . -40.67 -53.86 -6.95
C2 NAG F . -41.29 -52.50 -6.63
C3 NAG F . -42.47 -52.21 -7.54
C4 NAG F . -42.05 -52.37 -8.99
C5 NAG F . -41.46 -53.76 -9.20
C6 NAG F . -41.00 -53.94 -10.65
C7 NAG F . -40.98 -51.85 -4.31
C8 NAG F . -41.63 -51.70 -2.97
N2 NAG F . -41.71 -52.45 -5.24
O3 NAG F . -42.93 -50.87 -7.32
O4 NAG F . -43.18 -52.20 -9.84
O5 NAG F . -40.35 -53.96 -8.33
O6 NAG F . -40.57 -55.29 -10.85
O7 NAG F . -39.85 -51.44 -4.53
C1 NAG G . -14.66 -63.96 -8.45
C2 NAG G . -14.57 -63.10 -9.72
C3 NAG G . -14.27 -63.97 -10.93
C4 NAG G . -13.05 -64.83 -10.66
C5 NAG G . -13.29 -65.65 -9.41
C6 NAG G . -12.12 -66.53 -9.05
C7 NAG G . -15.80 -61.00 -9.79
C8 NAG G . -17.11 -60.33 -10.08
N2 NAG G . -15.78 -62.33 -9.93
O3 NAG G . -14.09 -63.14 -12.06
O4 NAG G . -12.81 -65.71 -11.76
O5 NAG G . -13.51 -64.76 -8.30
O6 NAG G . -10.89 -65.82 -9.20
O7 NAG G . -14.82 -60.38 -9.43
C1 NAG G . -11.72 -65.16 -12.53
C2 NAG G . -10.84 -66.28 -13.07
C3 NAG G . -9.71 -65.70 -13.92
C4 NAG G . -10.25 -64.73 -14.96
C5 NAG G . -11.08 -63.66 -14.26
C6 NAG G . -11.70 -62.67 -15.22
C7 NAG G . -10.70 -68.38 -11.82
C8 NAG G . -9.95 -69.14 -10.76
N2 NAG G . -10.31 -67.12 -12.02
O3 NAG G . -8.99 -66.76 -14.54
O4 NAG G . -9.16 -64.10 -15.62
O5 NAG G . -12.16 -64.30 -13.56
O6 NAG G . -12.58 -63.34 -16.13
O7 NAG G . -11.61 -68.88 -12.46
C1 NAG H . -49.05 3.81 -4.03
C2 NAG H . -48.95 4.98 -3.06
C3 NAG H . -49.50 4.59 -1.70
C4 NAG H . -50.91 4.03 -1.83
C5 NAG H . -50.91 2.88 -2.84
C6 NAG H . -52.28 2.31 -3.12
C7 NAG H . -47.12 6.53 -3.57
C8 NAG H . -45.67 6.87 -3.35
N2 NAG H . -47.57 5.44 -2.96
O3 NAG H . -49.50 5.74 -0.85
O4 NAG H . -51.38 3.60 -0.57
O5 NAG H . -50.40 3.35 -4.10
O6 NAG H . -52.21 1.10 -3.86
O7 NAG H . -47.85 7.21 -4.30
C1 NAG H . -52.62 4.25 -0.24
C2 NAG H . -53.49 3.33 0.60
C3 NAG H . -54.80 4.01 0.98
C4 NAG H . -54.51 5.36 1.62
C5 NAG H . -53.64 6.20 0.70
C6 NAG H . -53.30 7.54 1.34
C7 NAG H . -53.11 0.98 0.12
C8 NAG H . -53.66 -0.26 -0.54
N2 NAG H . -53.78 2.11 -0.12
O3 NAG H . -55.52 3.19 1.89
O4 NAG H . -55.74 6.05 1.86
O5 NAG H . -52.41 5.51 0.41
O6 NAG H . -52.47 7.34 2.48
O7 NAG H . -52.12 0.94 0.84
C1 NAG I . -29.55 -5.60 26.43
C2 NAG I . -29.10 -4.49 27.39
C3 NAG I . -30.13 -4.29 28.48
C4 NAG I . -31.52 -4.11 27.88
C5 NAG I . -31.85 -5.29 26.97
C6 NAG I . -33.19 -5.18 26.29
C7 NAG I . -26.67 -4.27 27.51
C8 NAG I . -25.83 -3.55 28.52
N2 NAG I . -27.81 -4.79 27.97
O3 NAG I . -29.77 -3.16 29.27
O4 NAG I . -32.49 -4.06 28.94
O5 NAG I . -30.85 -5.35 25.93
O6 NAG I . -34.02 -6.29 26.60
O7 NAG I . -26.33 -4.37 26.33
C1 NAG I . -33.06 -2.74 28.97
C2 NAG I . -34.45 -2.82 29.58
C3 NAG I . -35.06 -1.43 29.69
C4 NAG I . -34.10 -0.46 30.38
C5 NAG I . -32.76 -0.48 29.66
C6 NAG I . -31.72 0.38 30.32
C7 NAG I . -35.58 -4.96 29.18
C8 NAG I . -37.00 -5.39 29.06
N2 NAG I . -35.33 -3.69 28.83
O3 NAG I . -36.30 -1.50 30.38
O4 NAG I . -34.63 0.85 30.32
O5 NAG I . -32.24 -1.83 29.66
O6 NAG I . -31.32 -0.16 31.58
O7 NAG I . -34.69 -5.71 29.55
C1 NAG J . 11.55 -8.29 64.48
C2 NAG J . 11.21 -9.32 65.55
C3 NAG J . 12.13 -10.52 65.44
C4 NAG J . 12.10 -11.10 64.02
C5 NAG J . 12.33 -9.99 63.00
C6 NAG J . 12.12 -10.45 61.57
C7 NAG J . 10.20 -8.50 67.62
C8 NAG J . 10.44 -7.85 68.95
N2 NAG J . 11.28 -8.73 66.88
O3 NAG J . 11.74 -11.50 66.38
O4 NAG J . 13.15 -12.05 63.89
O5 NAG J . 11.40 -8.91 63.21
O6 NAG J . 12.30 -9.37 60.65
O7 NAG J . 9.07 -8.79 67.23
C1 NAG J . 12.68 -13.40 63.74
C2 NAG J . 13.72 -14.20 62.96
C3 NAG J . 13.30 -15.66 62.84
C4 NAG J . 12.92 -16.23 64.20
C5 NAG J . 11.87 -15.36 64.85
C6 NAG J . 11.48 -15.82 66.23
C7 NAG J . 14.96 -13.90 60.84
C8 NAG J . 14.78 -13.56 59.41
N2 NAG J . 13.93 -13.60 61.65
O3 NAG J . 14.35 -16.42 62.25
O4 NAG J . 12.40 -17.55 64.02
O5 NAG J . 12.40 -14.02 64.99
O6 NAG J . 10.49 -14.96 66.80
O7 NAG J . 15.98 -14.43 61.27
C1 NAG K . 25.83 -19.26 52.15
C2 NAG K . 26.01 -20.26 53.29
C3 NAG K . 26.34 -21.64 52.73
C4 NAG K . 25.33 -22.06 51.66
C5 NAG K . 25.21 -20.97 50.61
C6 NAG K . 24.14 -21.24 49.58
C7 NAG K . 26.73 -19.21 55.36
C8 NAG K . 27.49 -17.95 55.63
N2 NAG K . 27.02 -19.83 54.22
O3 NAG K . 26.38 -22.58 53.79
O4 NAG K . 25.80 -23.24 51.02
O5 NAG K . 24.84 -19.73 51.25
O6 NAG K . 24.39 -20.52 48.37
O7 NAG K . 25.87 -19.64 56.14
C1 NAG K . 24.94 -24.33 51.37
C2 NAG K . 24.97 -25.35 50.23
C3 NAG K . 24.16 -26.59 50.61
C4 NAG K . 24.60 -27.12 51.97
C5 NAG K . 24.49 -26.01 53.01
C6 NAG K . 24.95 -26.43 54.37
C7 NAG K . 25.25 -24.27 48.05
C8 NAG K . 24.61 -24.02 46.72
N2 NAG K . 24.47 -24.79 49.00
O3 NAG K . 24.33 -27.58 49.60
O4 NAG K . 23.74 -28.20 52.35
O5 NAG K . 25.33 -24.91 52.61
O6 NAG K . 26.30 -26.86 54.34
O7 NAG K . 26.43 -24.01 48.28
C1 NAG L . -4.40 2.10 66.78
C2 NAG L . -4.41 0.58 66.94
C3 NAG L . -5.70 -0.02 66.39
C4 NAG L . -6.92 0.71 66.94
C5 NAG L . -6.80 2.20 66.60
C6 NAG L . -7.97 3.02 67.10
C7 NAG L . -2.23 -0.51 66.95
C8 NAG L . -1.07 -0.97 66.12
N2 NAG L . -3.26 0.00 66.28
O3 NAG L . -5.75 -1.40 66.72
O4 NAG L . -8.11 0.21 66.35
O5 NAG L . -5.60 2.73 67.19
O6 NAG L . -7.67 3.80 68.26
O7 NAG L . -2.23 -0.59 68.18
C1 NAG L . -8.78 -0.72 67.23
C2 NAG L . -10.29 -0.48 67.21
C3 NAG L . -11.00 -1.49 68.12
C4 NAG L . -10.55 -2.91 67.81
C5 NAG L . -9.03 -3.00 67.88
C6 NAG L . -8.50 -4.36 67.52
C7 NAG L . -11.14 1.77 66.79
C8 NAG L . -11.62 3.04 67.40
N2 NAG L . -10.64 0.86 67.62
O3 NAG L . -12.40 -1.34 67.98
O4 NAG L . -11.13 -3.80 68.76
O5 NAG L . -8.48 -2.07 66.93
O6 NAG L . -7.08 -4.40 67.58
O7 NAG L . -11.21 1.57 65.58
C1 FUC L . -7.59 3.07 69.51
C2 FUC L . -6.98 4.01 70.57
C3 FUC L . -7.15 3.45 72.00
C4 FUC L . -7.45 1.95 72.02
C5 FUC L . -8.75 1.67 71.22
C6 FUC L . -8.94 0.21 70.78
O2 FUC L . -7.61 5.33 70.51
O3 FUC L . -5.95 3.69 72.78
O4 FUC L . -6.30 1.25 71.45
O5 FUC L . -8.87 2.53 70.00
C1 NAG M . 6.08 5.00 79.95
C2 NAG M . 5.40 4.11 80.99
C3 NAG M . 6.01 4.35 82.37
C4 NAG M . 7.53 4.32 82.34
C5 NAG M . 8.07 5.19 81.21
C6 NAG M . 9.57 5.07 81.03
C7 NAG M . 3.11 3.59 80.33
C8 NAG M . 3.31 2.11 80.40
N2 NAG M . 3.98 4.32 81.03
O3 NAG M . 5.50 3.39 83.27
O4 NAG M . 8.01 4.84 83.57
O5 NAG M . 7.48 4.79 79.97
O6 NAG M . 9.97 3.71 81.03
O7 NAG M . 2.21 4.09 79.67
C1 NAG M . 8.70 3.81 84.30
C2 NAG M . 9.52 4.46 85.40
C3 NAG M . 10.24 3.40 86.22
C4 NAG M . 9.25 2.34 86.70
C5 NAG M . 8.48 1.78 85.51
C6 NAG M . 7.43 0.77 85.90
C7 NAG M . 10.22 6.73 84.80
C8 NAG M . 10.84 7.45 83.65
N2 NAG M . 10.47 5.41 84.86
O3 NAG M . 10.89 4.02 87.31
O4 NAG M . 9.97 1.28 87.33
O5 NAG M . 7.80 2.85 84.84
O6 NAG M . 6.50 0.57 84.84
O7 NAG M . 9.52 7.28 85.64
C1 MAN M . 9.67 1.30 88.73
C2 MAN M . 10.97 1.14 89.50
C3 MAN M . 10.93 -0.09 90.38
C4 MAN M . 10.53 -1.32 89.58
C5 MAN M . 9.24 -1.06 88.80
C6 MAN M . 8.13 -2.01 89.16
O2 MAN M . 11.23 2.31 90.26
O3 MAN M . 10.00 0.12 91.45
O4 MAN M . 11.56 -1.66 88.66
O5 MAN M . 8.77 0.27 89.11
O6 MAN M . 7.83 -1.94 90.55
C1 NAG N . 0.51 24.23 80.58
C2 NAG N . -0.79 24.04 81.38
C3 NAG N . -1.55 25.35 81.47
C4 NAG N . -0.64 26.47 81.98
C5 NAG N . 0.58 26.57 81.08
C6 NAG N . 1.57 27.61 81.53
C7 NAG N . -1.71 21.79 81.29
C8 NAG N . -1.43 20.66 80.35
N2 NAG N . -1.62 23.01 80.79
O3 NAG N . -2.67 25.16 82.33
O4 NAG N . -1.35 27.70 81.96
O5 NAG N . 1.28 25.31 81.11
O6 NAG N . 1.73 27.61 82.95
O7 NAG N . -2.02 21.59 82.47
C1 NAG N . -1.62 28.08 83.31
C2 NAG N . -1.57 29.61 83.44
C3 NAG N . -1.85 30.02 84.89
C4 NAG N . -3.13 29.37 85.41
C5 NAG N . -3.06 27.85 85.20
C6 NAG N . -4.33 27.14 85.59
C7 NAG N . -0.16 30.75 81.82
C8 NAG N . 0.69 31.99 81.82
N2 NAG N . -0.31 30.15 83.01
O3 NAG N . -1.92 31.43 84.96
O4 NAG N . -3.26 29.63 86.80
O5 NAG N . -2.85 27.58 83.80
O6 NAG N . -5.47 27.80 85.06
O7 NAG N . -0.69 30.34 80.80
C1 MAN N . -4.23 30.67 87.07
C2 MAN N . -5.62 30.10 87.30
C3 MAN N . -6.61 31.25 87.49
C4 MAN N . -6.64 32.11 86.24
C5 MAN N . -5.42 31.87 85.36
C6 MAN N . -5.24 32.99 84.34
O2 MAN N . -5.62 29.28 88.48
O3 MAN N . -6.21 32.04 88.62
O4 MAN N . -7.83 31.82 85.49
O5 MAN N . -4.24 31.77 86.17
O6 MAN N . -4.08 32.74 83.55
C1 NAG O . -55.60 -5.31 -24.51
C2 NAG O . -54.47 -5.33 -23.48
C3 NAG O . -54.47 -6.66 -22.73
C4 NAG O . -55.85 -6.97 -22.17
C5 NAG O . -56.89 -6.91 -23.31
C6 NAG O . -58.30 -7.13 -22.83
C7 NAG O . -52.48 -3.98 -23.87
C8 NAG O . -51.10 -3.94 -24.46
N2 NAG O . -53.17 -5.09 -24.08
O3 NAG O . -53.50 -6.61 -21.69
O4 NAG O . -55.86 -8.28 -21.63
O5 NAG O . -56.85 -5.61 -23.91
O6 NAG O . -59.22 -7.10 -23.91
O7 NAG O . -52.94 -3.04 -23.22
C1 NAG O . -55.91 -8.18 -20.19
C2 NAG O . -56.62 -9.42 -19.63
C3 NAG O . -56.64 -9.37 -18.11
C4 NAG O . -55.24 -9.10 -17.55
C5 NAG O . -54.68 -7.83 -18.18
C6 NAG O . -53.28 -7.52 -17.72
C7 NAG O . -58.32 -10.49 -21.03
C8 NAG O . -59.75 -10.49 -21.43
N2 NAG O . -57.97 -9.54 -20.15
O3 NAG O . -57.16 -10.59 -17.61
O4 NAG O . -55.33 -8.92 -16.14
O5 NAG O . -54.63 -8.00 -19.61
O6 NAG O . -52.81 -6.31 -18.32
O7 NAG O . -57.51 -11.30 -21.46
C1 NAG P . -36.18 39.30 -37.15
C2 NAG P . -36.62 38.95 -38.57
C3 NAG P . -35.67 37.94 -39.19
C4 NAG P . -34.23 38.45 -39.10
C5 NAG P . -33.91 38.69 -37.62
C6 NAG P . -32.50 39.22 -37.41
C7 NAG P . -38.99 39.16 -39.11
C8 NAG P . -40.29 38.43 -39.29
N2 NAG P . -37.98 38.45 -38.61
O3 NAG P . -36.04 37.71 -40.54
O4 NAG P . -33.31 37.49 -39.62
O5 NAG P . -34.82 39.67 -37.10
O6 NAG P . -32.31 40.45 -38.12
O7 NAG P . -38.86 40.34 -39.44
C1 NAG P . -32.91 37.90 -40.95
C2 NAG P . -31.51 37.38 -41.28
C3 NAG P . -31.11 37.73 -42.71
C4 NAG P . -32.20 37.28 -43.67
C5 NAG P . -33.53 37.90 -43.26
C6 NAG P . -34.65 37.47 -44.20
C7 NAG P . -30.08 37.24 -39.32
C8 NAG P . -29.01 37.91 -38.50
N2 NAG P . -30.54 37.93 -40.36
O3 NAG P . -29.89 37.06 -43.04
O4 NAG P . -31.88 37.70 -45.00
O5 NAG P . -33.86 37.49 -41.93
O6 NAG P . -35.84 38.21 -43.90
O7 NAG P . -30.52 36.13 -39.04
C1 NAG Q . -50.16 27.62 -22.16
C2 NAG Q . -51.52 27.86 -22.80
C3 NAG Q . -52.26 26.53 -22.88
C4 NAG Q . -51.43 25.47 -23.59
C5 NAG Q . -50.01 25.42 -23.00
C6 NAG Q . -49.08 24.54 -23.81
C7 NAG Q . -52.55 30.06 -22.60
C8 NAG Q . -53.41 30.95 -21.75
N2 NAG Q . -52.29 28.85 -22.10
O3 NAG Q . -53.51 26.74 -23.55
O4 NAG Q . -52.03 24.19 -23.37
O5 NAG Q . -49.43 26.73 -22.98
O6 NAG Q . -48.98 25.00 -25.16
O7 NAG Q . -52.11 30.43 -23.67
C1 NAG Q . -52.86 23.83 -24.49
C2 NAG Q . -52.70 22.33 -24.77
C3 NAG Q . -53.62 21.91 -25.91
C4 NAG Q . -55.05 22.37 -25.65
C5 NAG Q . -55.05 23.87 -25.41
C6 NAG Q . -56.42 24.42 -25.10
C7 NAG Q . -50.53 21.33 -24.26
C8 NAG Q . -49.41 20.57 -24.88
N2 NAG Q . -51.33 22.00 -25.10
O3 NAG Q . -53.56 20.48 -26.04
O4 NAG Q . -55.85 22.08 -26.80
O5 NAG Q . -54.23 24.16 -24.28
O6 NAG Q . -56.34 25.73 -24.55
O7 NAG Q . -50.72 21.34 -23.04
C1 NAG R . -36.88 22.92 12.81
C2 NAG R . -36.57 24.29 13.39
C3 NAG R . -37.54 24.61 14.51
C4 NAG R . -38.98 24.45 14.04
C5 NAG R . -39.17 23.06 13.43
C6 NAG R . -40.54 22.84 12.84
C7 NAG R . -34.21 24.89 13.11
C8 NAG R . -33.05 25.47 13.86
N2 NAG R . -35.20 24.40 13.84
O3 NAG R . -37.31 25.94 14.98
O4 NAG R . -39.86 24.58 15.16
O5 NAG R . -38.22 22.87 12.37
O6 NAG R . -41.02 24.03 12.22
O7 NAG R . -34.24 24.88 11.88
C1 NAG R . -40.55 25.84 15.06
C2 NAG R . -41.95 25.69 15.64
C3 NAG R . -42.68 27.03 15.61
C4 NAG R . -41.82 28.13 16.23
C5 NAG R . -40.46 28.17 15.54
C6 NAG R . -39.52 29.18 16.14
C7 NAG R . -42.92 23.46 15.44
C8 NAG R . -44.23 22.83 15.10
N2 NAG R . -42.72 24.68 14.96
O3 NAG R . -43.92 26.91 16.28
O4 NAG R . -42.47 29.39 16.05
O5 NAG R . -39.83 26.88 15.68
O6 NAG R . -39.44 29.02 17.55
O7 NAG R . -42.08 22.89 16.13
C1 NAG S . 14.84 38.66 -3.77
C2 NAG S . 16.19 38.91 -3.13
C3 NAG S . 16.69 40.30 -3.48
C4 NAG S . 16.72 40.48 -5.00
C5 NAG S . 15.35 40.11 -5.60
C6 NAG S . 15.34 40.11 -7.10
C7 NAG S . 15.85 37.60 -1.07
C8 NAG S . 15.78 37.64 0.43
N2 NAG S . 16.10 38.76 -1.68
O3 NAG S . 18.00 40.48 -2.95
O4 NAG S . 17.01 41.83 -5.32
O5 NAG S . 14.97 38.79 -5.18
O6 NAG S . 14.01 40.06 -7.62
O7 NAG S . 15.68 36.55 -1.70
C1 NAG S . 18.29 41.89 -5.98
C2 NAG S . 18.28 43.02 -7.01
C3 NAG S . 19.65 43.17 -7.67
C4 NAG S . 20.73 43.28 -6.60
C5 NAG S . 20.65 42.09 -5.67
C6 NAG S . 21.72 42.18 -4.59
C7 NAG S . 16.09 43.36 -8.00
C8 NAG S . 15.29 43.27 -9.26
N2 NAG S . 17.28 42.77 -8.03
O3 NAG S . 19.66 44.34 -8.49
O4 NAG S . 22.02 43.33 -7.22
O5 NAG S . 19.36 42.03 -5.05
O6 NAG S . 21.43 43.27 -3.71
O7 NAG S . 15.68 43.95 -7.01
C1 NAG T . 3.95 36.63 54.48
C2 NAG T . 3.42 37.91 55.13
C3 NAG T . 1.99 37.68 55.61
C4 NAG T . 1.10 37.15 54.48
C5 NAG T . 1.77 35.97 53.79
C6 NAG T . 1.04 35.53 52.53
C7 NAG T . 5.02 39.44 56.14
C8 NAG T . 5.92 39.69 57.31
N2 NAG T . 4.26 38.34 56.22
O3 NAG T . 1.47 38.90 56.13
O4 NAG T . -0.14 36.70 55.04
O5 NAG T . 3.10 36.32 53.38
O6 NAG T . 1.68 34.40 51.93
O7 NAG T . 4.98 40.19 55.17
C1 NAG T . -1.27 37.53 54.70
C2 NAG T . -2.54 36.68 54.81
C3 NAG T . -3.77 37.53 54.51
C4 NAG T . -3.77 38.81 55.34
C5 NAG T . -2.45 39.55 55.13
C6 NAG T . -2.34 40.81 55.97
C7 NAG T . -3.28 34.48 54.00
C8 NAG T . -3.30 33.58 52.81
N2 NAG T . -2.46 35.53 53.93
O3 NAG T . -4.95 36.78 54.77
O4 NAG T . -4.84 39.64 54.92
O5 NAG T . -1.37 38.69 55.51
O6 NAG T . -1.10 41.46 55.74
O7 NAG T . -3.98 34.27 54.99
C1 NAG U . -13.70 23.55 53.33
C2 NAG U . -14.42 24.58 54.21
C3 NAG U . -15.92 24.53 53.92
C4 NAG U . -16.21 24.65 52.43
C5 NAG U . -15.41 23.60 51.67
C6 NAG U . -15.54 23.72 50.17
C7 NAG U . -13.24 25.06 56.28
C8 NAG U . -12.29 24.26 57.11
N2 NAG U . -14.15 24.37 55.61
O3 NAG U . -16.56 25.57 54.65
O4 NAG U . -17.59 24.40 52.21
O5 NAG U . -14.01 23.77 51.97
O6 NAG U . -14.89 22.64 49.51
O7 NAG U . -13.18 26.28 56.22
C1 NAG U . -18.22 25.62 51.78
C2 NAG U . -19.43 25.26 50.92
C3 NAG U . -20.19 26.53 50.54
C4 NAG U . -20.49 27.38 51.76
C5 NAG U . -19.20 27.67 52.51
C6 NAG U . -19.43 28.45 53.78
C7 NAG U . -19.07 23.20 49.68
C8 NAG U . -18.87 22.61 48.31
N2 NAG U . -19.05 24.53 49.73
O3 NAG U . -21.38 26.17 49.85
O4 NAG U . -21.09 28.61 51.35
O5 NAG U . -18.59 26.42 52.89
O6 NAG U . -20.37 27.79 54.63
O7 NAG U . -19.24 22.51 50.66
C1 NAG V . 19.32 44.28 46.55
C2 NAG V . 17.98 45.00 46.50
C3 NAG V . 17.67 45.51 45.10
C4 NAG V . 18.85 46.26 44.52
C5 NAG V . 20.06 45.36 44.54
C6 NAG V . 21.31 46.00 43.96
C7 NAG V . 16.32 44.27 48.15
C8 NAG V . 15.29 43.25 48.50
N2 NAG V . 16.92 44.12 46.97
O3 NAG V . 16.50 46.34 45.16
O4 NAG V . 18.58 46.64 43.17
O5 NAG V . 20.37 44.99 45.89
O6 NAG V . 22.21 46.51 44.96
O7 NAG V . 16.59 45.20 48.91
C1 NAG V . 18.13 48.02 43.09
C2 NAG V . 18.88 48.80 42.00
C3 NAG V . 18.38 50.25 41.97
C4 NAG V . 16.87 50.31 41.91
C5 NAG V . 16.27 49.50 43.06
C6 NAG V . 14.77 49.46 43.04
C7 NAG V . 21.14 48.13 41.36
C8 NAG V . 22.60 48.40 41.54
N2 NAG V . 20.31 48.78 42.19
O3 NAG V . 18.97 50.92 40.86
O4 NAG V . 16.45 51.66 42.02
O5 NAG V . 16.73 48.13 42.96
O6 NAG V . 14.26 48.69 44.12
O7 NAG V . 20.72 47.37 40.49
C1 FUC V . 21.78 47.65 45.74
C2 FUC V . 23.03 48.11 46.54
C3 FUC V . 22.87 49.54 47.11
C4 FUC V . 21.41 49.96 47.21
C5 FUC V . 20.78 49.96 45.79
C6 FUC V . 19.26 50.05 45.80
O2 FUC V . 24.23 48.10 45.71
O3 FUC V . 23.48 49.65 48.43
O4 FUC V . 20.72 49.05 48.11
O5 FUC V . 21.21 48.77 44.99
C1 NAG W . 20.74 44.60 63.57
C2 NAG W . 20.36 46.07 63.67
C3 NAG W . 20.66 46.61 65.06
C4 NAG W . 20.07 45.72 66.15
C5 NAG W . 20.47 44.27 65.91
C6 NAG W . 19.83 43.30 66.87
C7 NAG W . 20.49 47.38 61.59
C8 NAG W . 21.40 48.12 60.65
N2 NAG W . 21.08 46.85 62.67
O3 NAG W . 20.15 47.93 65.16
O4 NAG W . 20.59 46.14 67.41
O5 NAG W . 20.07 43.86 64.59
O6 NAG W . 18.41 43.37 66.79
O7 NAG W . 19.29 47.27 61.39
C1 NAG W . 19.51 46.65 68.21
C2 NAG W . 19.85 46.37 69.68
C3 NAG W . 18.75 46.94 70.57
C4 NAG W . 18.48 48.41 70.25
C5 NAG W . 18.18 48.54 68.76
C6 NAG W . 17.98 49.97 68.32
C7 NAG W . 21.24 44.43 70.20
C8 NAG W . 21.27 42.95 70.41
N2 NAG W . 20.03 44.96 69.93
O3 NAG W . 19.13 46.78 71.94
O4 NAG W . 17.36 48.87 70.98
O5 NAG W . 19.29 48.03 68.00
O6 NAG W . 17.70 50.06 66.93
O7 NAG W . 22.25 45.12 70.24
C1 MAN W . 17.82 49.69 72.07
C2 MAN W . 17.04 49.33 73.32
C3 MAN W . 16.24 50.53 73.83
C4 MAN W . 15.44 51.17 72.70
C5 MAN W . 16.33 51.46 71.50
C6 MAN W . 16.36 52.92 71.12
O2 MAN W . 17.93 48.85 74.33
O3 MAN W . 17.12 51.48 74.41
O4 MAN W . 14.38 50.31 72.30
O5 MAN W . 17.69 51.08 71.79
O6 MAN W . 15.07 53.37 70.71
C1 NAG X . 40.37 40.89 62.34
C2 NAG X . 40.92 42.31 62.15
C3 NAG X . 42.42 42.26 61.89
C4 NAG X . 43.12 41.42 62.96
C5 NAG X . 42.51 40.03 62.96
C6 NAG X . 43.13 39.11 63.98
C7 NAG X . 39.39 44.01 61.27
C8 NAG X . 38.79 44.61 60.04
N2 NAG X . 40.24 42.99 61.07
O3 NAG X . 42.92 43.59 61.88
O4 NAG X . 44.51 41.35 62.67
O5 NAG X . 41.12 40.13 63.28
O6 NAG X . 43.00 39.65 65.30
O7 NAG X . 39.14 44.42 62.39
C1 NAG X . 45.22 42.17 63.60
C2 NAG X . 46.59 41.56 63.91
C3 NAG X . 47.34 42.43 64.91
C4 NAG X . 47.36 43.88 64.45
C5 NAG X . 45.94 44.36 64.19
C6 NAG X . 45.89 45.78 63.66
C7 NAG X . 46.85 39.14 63.70
C8 NAG X . 46.73 37.82 64.39
N2 NAG X . 46.47 40.20 64.41
O3 NAG X . 48.66 41.92 65.08
O4 NAG X . 47.96 44.70 65.46
O5 NAG X . 45.34 43.52 63.19
O6 NAG X . 46.60 45.89 62.42
O7 NAG X . 47.27 39.24 62.56
C1 MAN X . 49.31 45.07 65.14
C2 MAN X . 49.36 46.15 64.07
C3 MAN X . 50.81 46.42 63.68
C4 MAN X . 51.44 45.15 63.11
C5 MAN X . 50.63 43.92 63.49
C6 MAN X . 51.45 42.65 63.29
O2 MAN X . 48.78 47.36 64.57
O3 MAN X . 51.54 46.85 64.83
O4 MAN X . 51.51 45.25 61.68
O5 MAN X . 50.21 44.00 64.85
O6 MAN X . 50.66 41.51 63.66
C1 NAG Y . 1.51 6.36 -52.37
C2 NAG Y . 1.73 7.62 -51.58
C3 NAG Y . 0.39 8.33 -51.31
C4 NAG Y . -0.42 8.46 -52.59
C5 NAG Y . -0.44 7.17 -53.41
C6 NAG Y . -1.01 7.35 -54.79
C7 NAG Y . 3.62 7.79 -50.03
C8 NAG Y . 4.17 7.38 -48.70
N2 NAG Y . 2.41 7.33 -50.32
O3 NAG Y . 0.66 9.62 -50.77
O4 NAG Y . -1.77 8.76 -52.26
O5 NAG Y . 0.90 6.67 -53.58
O6 NAG Y . -0.10 6.92 -55.79
O7 NAG Y . 4.26 8.49 -50.80
C1 NAG Y . -2.03 10.15 -52.51
C2 NAG Y . -3.47 10.32 -53.04
C3 NAG Y . -3.81 11.79 -53.24
C4 NAG Y . -3.53 12.56 -51.97
C5 NAG Y . -2.08 12.34 -51.54
C6 NAG Y . -1.78 13.10 -50.25
C7 NAG Y . -4.22 8.40 -54.33
C8 NAG Y . -4.70 7.96 -55.68
N2 NAG Y . -3.63 9.60 -54.29
O3 NAG Y . -5.19 11.91 -53.59
O4 NAG Y . -3.76 13.95 -52.19
O5 NAG Y . -1.83 10.96 -51.34
O6 NAG Y . -0.39 12.99 -49.95
O7 NAG Y . -4.33 7.70 -53.34
C1 NAG Z . -36.09 15.51 -38.03
C2 NAG Z . -35.48 14.14 -38.28
C3 NAG Z . -34.93 14.06 -39.70
C4 NAG Z . -35.98 14.52 -40.71
C5 NAG Z . -36.47 15.92 -40.33
C6 NAG Z . -37.55 16.44 -41.25
C7 NAG Z . -34.60 12.92 -36.36
C8 NAG Z . -33.43 12.73 -35.43
N2 NAG Z . -34.44 13.83 -37.31
O3 NAG Z . -34.51 12.73 -39.96
O4 NAG Z . -35.39 14.57 -42.00
O5 NAG Z . -37.04 15.89 -39.01
O6 NAG Z . -38.69 15.57 -41.25
O7 NAG Z . -35.64 12.27 -36.23
C1 NAG Z . -35.83 13.43 -42.77
C2 NAG Z . -35.96 13.83 -44.24
C3 NAG Z . -36.37 12.62 -45.08
C4 NAG Z . -35.46 11.43 -44.81
C5 NAG Z . -35.43 11.15 -43.32
C6 NAG Z . -34.50 10.01 -42.95
C7 NAG Z . -36.52 16.14 -44.77
C8 NAG Z . -37.63 17.12 -45.01
N2 NAG Z . -36.90 14.91 -44.42
O3 NAG Z . -36.35 12.98 -46.46
O4 NAG Z . -35.95 10.29 -45.50
O5 NAG Z . -34.97 12.31 -42.61
O6 NAG Z . -33.16 10.31 -43.33
O7 NAG Z . -35.34 16.45 -44.86
C1 NAG AA . 46.43 -17.92 -47.20
C2 NAG AA . 45.74 -18.46 -48.44
C3 NAG AA . 44.56 -19.35 -48.04
C4 NAG AA . 45.03 -20.45 -47.09
C5 NAG AA . 45.80 -19.85 -45.91
C6 NAG AA . 46.43 -20.90 -45.03
C7 NAG AA . 46.11 -16.69 -50.10
C8 NAG AA . 45.49 -15.61 -50.93
N2 NAG AA . 45.29 -17.38 -49.30
O3 NAG AA . 43.99 -19.92 -49.21
O4 NAG AA . 43.91 -21.17 -46.60
O5 NAG AA . 46.86 -19.01 -46.39
O6 NAG AA . 47.85 -20.84 -45.12
O7 NAG AA . 47.32 -16.93 -50.16
C1 NAG AA . 43.86 -22.47 -47.24
C2 NAG AA . 43.34 -23.50 -46.24
C3 NAG AA . 43.18 -24.86 -46.90
C4 NAG AA . 42.35 -24.74 -48.17
C5 NAG AA . 42.98 -23.69 -49.09
C6 NAG AA . 42.16 -23.54 -50.36
C7 NAG AA . 43.99 -23.00 -43.95
C8 NAG AA . 45.03 -23.17 -42.89
N2 NAG AA . 44.24 -23.61 -45.11
O3 NAG AA . 42.54 -25.76 -45.99
O4 NAG AA . 42.30 -26.00 -48.84
O5 NAG AA . 43.06 -22.44 -48.42
O6 NAG AA . 42.83 -22.64 -51.25
O7 NAG AA . 42.97 -22.36 -43.77
C1 NAG BA . 40.13 5.01 -49.40
C2 NAG BA . 40.80 5.63 -50.64
C3 NAG BA . 39.79 6.51 -51.37
C4 NAG BA . 38.49 5.77 -51.63
C5 NAG BA . 37.96 5.13 -50.35
C6 NAG BA . 36.74 4.27 -50.56
C7 NAG BA . 43.21 5.94 -50.55
C8 NAG BA . 44.33 6.64 -49.85
N2 NAG BA . 41.98 6.37 -50.27
O3 NAG BA . 40.38 6.97 -52.58
O4 NAG BA . 37.50 6.68 -52.12
O5 NAG BA . 38.98 4.29 -49.77
O6 NAG BA . 37.01 3.22 -51.48
O7 NAG BA . 43.41 5.02 -51.33
C1 NAG BA . 37.43 6.61 -53.55
C2 NAG BA . 35.97 6.69 -53.99
C3 NAG BA . 35.87 6.71 -55.51
C4 NAG BA . 36.79 7.78 -56.09
C5 NAG BA . 38.21 7.57 -55.59
C6 NAG BA . 39.18 8.61 -56.07
C7 NAG BA . 34.24 5.77 -52.52
C8 NAG BA . 33.37 4.59 -52.25
N2 NAG BA . 35.17 5.61 -53.46
O3 NAG BA . 34.52 6.93 -55.89
O4 NAG BA . 36.78 7.70 -57.52
O5 NAG BA . 38.22 7.63 -54.15
O6 NAG BA . 38.76 9.92 -55.66
O7 NAG BA . 34.11 6.84 -51.92
C1 NAG CA . 27.29 -16.42 -34.84
C2 NAG CA . 26.09 -17.21 -34.33
C3 NAG CA . 26.52 -18.40 -33.50
C4 NAG CA . 27.58 -19.21 -34.22
C5 NAG CA . 28.76 -18.29 -34.53
C6 NAG CA . 29.90 -19.00 -35.23
C7 NAG CA . 23.97 -16.02 -34.01
C8 NAG CA . 23.09 -15.34 -33.01
N2 NAG CA . 25.18 -16.37 -33.57
O3 NAG CA . 25.38 -19.19 -33.19
O4 NAG CA . 28.02 -20.28 -33.40
O5 NAG CA . 28.29 -17.25 -35.41
O6 NAG CA . 29.47 -19.58 -36.46
O7 NAG CA . 23.61 -16.23 -35.16
C1 NAG CA . 27.36 -21.50 -33.84
C2 NAG CA . 28.34 -22.68 -33.79
C3 NAG CA . 27.63 -23.96 -34.26
C4 NAG CA . 26.34 -24.17 -33.48
C5 NAG CA . 25.47 -22.92 -33.59
C6 NAG CA . 24.20 -23.02 -32.78
C7 NAG CA . 30.73 -22.25 -34.06
C8 NAG CA . 31.86 -22.17 -35.03
N2 NAG CA . 29.52 -22.44 -34.60
O3 NAG CA . 28.51 -25.05 -34.10
O4 NAG CA . 25.64 -25.28 -34.05
O5 NAG CA . 26.20 -21.79 -33.09
O6 NAG CA . 23.41 -24.14 -33.17
O7 NAG CA . 30.90 -22.14 -32.85
C1 NAG DA . 36.71 22.89 -15.68
C2 NAG DA . 37.65 22.78 -14.47
C3 NAG DA . 38.54 24.01 -14.39
C4 NAG DA . 39.24 24.26 -15.71
C5 NAG DA . 38.22 24.32 -16.84
C6 NAG DA . 38.84 24.48 -18.21
C7 NAG DA . 36.93 21.45 -12.55
C8 NAG DA . 37.72 21.46 -11.27
N2 NAG DA . 36.92 22.58 -13.24
O3 NAG DA . 39.47 23.84 -13.33
O4 NAG DA . 39.93 25.51 -15.65
O5 NAG DA . 37.45 23.11 -16.86
O6 NAG DA . 39.18 25.83 -18.47
O7 NAG DA . 36.33 20.45 -12.93
C1 NAG DA . 41.35 25.27 -15.71
C2 NAG DA . 42.07 26.61 -15.87
C3 NAG DA . 43.58 26.40 -15.89
C4 NAG DA . 44.01 25.57 -14.69
C5 NAG DA . 43.23 24.27 -14.65
C6 NAG DA . 43.56 23.41 -13.45
C7 NAG DA . 40.74 28.30 -17.03
C8 NAG DA . 41.28 29.68 -17.11
N2 NAG DA . 41.63 27.30 -17.06
O3 NAG DA . 44.22 27.66 -15.90
O4 NAG DA . 45.40 25.28 -14.81
O5 NAG DA . 41.83 24.56 -14.58
O6 NAG DA . 43.16 24.06 -12.24
O7 NAG DA . 39.53 28.07 -16.92
C1 NAG EA . 45.70 17.54 46.08
C2 NAG EA . 47.19 17.79 46.30
C3 NAG EA . 47.58 19.12 45.68
C4 NAG EA . 47.15 19.19 44.21
C5 NAG EA . 45.69 18.80 44.07
C6 NAG EA . 45.26 18.66 42.63
C7 NAG EA . 48.25 16.76 48.26
C8 NAG EA . 48.51 16.87 49.72
N2 NAG EA . 47.54 17.75 47.71
O3 NAG EA . 48.98 19.30 45.81
O4 NAG EA . 47.31 20.52 43.74
O5 NAG EA . 45.45 17.53 44.69
O6 NAG EA . 43.90 18.23 42.54
O7 NAG EA . 48.67 15.82 47.58
C1 NAG EA . 48.37 20.66 42.76
C2 NAG EA . 48.07 21.87 41.87
C3 NAG EA . 49.19 22.05 40.84
C4 NAG EA . 50.55 22.06 41.53
C5 NAG EA . 50.72 20.81 42.37
C6 NAG EA . 52.01 20.76 43.13
C7 NAG EA . 46.13 22.71 40.61
C8 NAG EA . 45.03 22.31 39.67
N2 NAG EA . 46.78 21.72 41.23
O3 NAG EA . 48.99 23.26 40.11
O4 NAG EA . 51.57 22.08 40.52
O5 NAG EA . 49.66 20.77 43.35
O6 NAG EA . 52.11 19.58 43.92
O7 NAG EA . 46.42 23.89 40.79
C1 NAG FA . 39.86 34.12 32.47
C2 NAG FA . 41.17 34.83 32.83
C3 NAG FA . 41.58 35.77 31.71
C4 NAG FA . 41.58 35.06 30.36
C5 NAG FA . 40.21 34.42 30.13
C6 NAG FA . 40.11 33.64 28.84
C7 NAG FA . 41.51 35.05 35.24
C8 NAG FA . 40.55 35.06 36.38
N2 NAG FA . 41.06 35.54 34.08
O3 NAG FA . 42.87 36.29 32.02
O4 NAG FA . 41.84 36.00 29.33
O5 NAG FA . 39.94 33.50 31.20
O6 NAG FA . 41.31 32.91 28.59
O7 NAG FA . 42.65 34.61 35.35
C1 NAG FA . 43.17 35.78 28.84
C2 NAG FA . 43.22 36.12 27.34
C3 NAG FA . 44.64 35.95 26.81
C4 NAG FA . 45.64 36.71 27.68
C5 NAG FA . 45.48 36.28 29.13
C6 NAG FA . 46.38 37.03 30.07
C7 NAG FA . 41.12 35.75 26.15
C8 NAG FA . 40.57 35.09 24.93
N2 NAG FA . 42.30 35.30 26.58
O3 NAG FA . 44.70 36.40 25.46
O4 NAG FA . 46.96 36.42 27.24
O5 NAG FA . 44.13 36.53 29.56
O6 NAG FA . 46.16 38.44 29.98
O7 NAG FA . 40.51 36.65 26.75
C1 NAG GA . 46.20 -0.83 51.21
C2 NAG GA . 47.28 -0.43 50.21
C3 NAG GA . 47.47 -1.51 49.17
C4 NAG GA . 47.66 -2.88 49.82
C5 NAG GA . 46.48 -3.16 50.75
C6 NAG GA . 46.59 -4.48 51.47
C7 NAG GA . 46.75 1.99 50.13
C8 NAG GA . 45.94 2.97 49.33
N2 NAG GA . 47.01 0.83 49.54
O3 NAG GA . 48.58 -1.18 48.35
O4 NAG GA . 47.68 -3.89 48.81
O5 NAG GA . 46.41 -2.13 51.75
O6 NAG GA . 47.08 -4.36 52.81
O7 NAG GA . 47.15 2.27 51.26
C1 NAG GA . 49.04 -4.25 48.49
C2 NAG GA . 49.14 -5.75 48.28
C3 NAG GA . 50.55 -6.14 47.85
C4 NAG GA . 51.02 -5.29 46.69
C5 NAG GA . 50.90 -3.81 47.07
C6 NAG GA . 51.31 -2.87 45.96
C7 NAG GA . 47.65 -7.21 49.57
C8 NAG GA . 47.51 -8.05 50.80
N2 NAG GA . 48.77 -6.49 49.48
O3 NAG GA . 50.58 -7.52 47.51
O4 NAG GA . 52.40 -5.58 46.41
O5 NAG GA . 49.53 -3.52 47.37
O6 NAG GA . 51.16 -1.52 46.36
O7 NAG GA . 46.79 -7.19 48.69
C1 FUC GA . 48.51 -4.32 52.98
C2 FUC GA . 48.78 -4.42 54.52
C3 FUC GA . 50.18 -4.98 54.86
C4 FUC GA . 51.20 -4.65 53.76
C5 FUC GA . 50.77 -5.35 52.45
C6 FUC GA . 51.42 -4.80 51.18
O2 FUC GA . 47.78 -5.28 55.15
O3 FUC GA . 50.67 -4.46 56.13
O4 FUC GA . 51.25 -3.21 53.59
O5 FUC GA . 49.29 -5.35 52.28
C1 NAG HA . 48.79 8.69 64.35
C2 NAG HA . 50.31 8.58 64.44
C3 NAG HA . 50.79 9.08 65.80
C4 NAG HA . 50.19 10.45 66.14
C5 NAG HA . 48.67 10.41 65.98
C6 NAG HA . 48.02 11.75 66.20
C7 NAG HA . 50.97 6.71 63.02
C8 NAG HA . 51.18 5.23 62.96
N2 NAG HA . 50.77 7.23 64.23
O3 NAG HA . 52.21 9.13 65.81
O4 NAG HA . 50.50 10.75 67.49
O5 NAG HA . 48.35 10.01 64.64
O6 NAG HA . 48.67 12.77 65.45
O7 NAG HA . 50.98 7.41 62.00
C1 NAG HA . 51.32 11.93 67.50
C2 NAG HA . 51.12 12.70 68.81
C3 NAG HA . 51.98 13.95 68.81
C4 NAG HA . 53.43 13.62 68.48
C5 NAG HA . 53.49 12.84 67.17
C6 NAG HA . 54.88 12.40 66.80
C7 NAG HA . 48.97 12.39 69.92
C8 NAG HA . 47.49 12.60 69.79
N2 NAG HA . 49.73 13.03 69.02
O3 NAG HA . 51.87 14.58 70.08
O4 NAG HA . 54.18 14.83 68.32
O5 NAG HA . 52.69 11.64 67.30
O6 NAG HA . 54.86 11.38 65.80
O7 NAG HA . 49.45 11.65 70.77
C1 MAN HA . 55.18 14.87 69.35
C2 MAN HA . 55.16 16.24 70.03
C3 MAN HA . 56.53 16.56 70.62
C4 MAN HA . 57.56 16.64 69.50
C5 MAN HA . 57.14 15.76 68.33
C6 MAN HA . 58.34 15.35 67.49
O2 MAN HA . 54.19 16.23 71.08
O3 MAN HA . 56.91 15.54 71.55
O4 MAN HA . 57.69 18.00 69.05
O5 MAN HA . 56.49 14.59 68.84
O6 MAN HA . 59.28 14.64 68.30
C1 NAG IA . 38.30 -3.67 76.36
C2 NAG IA . 39.18 -4.93 76.39
C3 NAG IA . 38.52 -6.00 77.25
C4 NAG IA . 38.15 -5.45 78.62
C5 NAG IA . 37.26 -4.22 78.43
C6 NAG IA . 36.88 -3.56 79.74
C7 NAG IA . 40.62 -5.34 74.47
C8 NAG IA . 40.71 -5.89 73.08
N2 NAG IA . 39.43 -5.42 75.05
O3 NAG IA . 39.42 -7.10 77.37
O4 NAG IA . 37.43 -6.43 79.35
O5 NAG IA . 37.98 -3.24 77.67
O6 NAG IA . 38.03 -3.19 80.48
O7 NAG IA . 41.59 -4.85 75.03
C1 NAG IA . 38.30 -6.99 80.35
C2 NAG IA . 37.52 -7.25 81.64
C3 NAG IA . 38.45 -7.87 82.69
C4 NAG IA . 39.18 -9.08 82.12
C5 NAG IA . 39.90 -8.69 80.84
C6 NAG IA . 40.58 -9.86 80.17
C7 NAG IA . 35.58 -5.87 82.15
C8 NAG IA . 35.09 -4.63 82.86
N2 NAG IA . 36.91 -6.05 82.16
O3 NAG IA . 37.69 -8.21 83.83
O4 NAG IA . 40.13 -9.55 83.07
O5 NAG IA . 38.95 -8.17 79.89
O6 NAG IA . 39.65 -10.88 79.84
O7 NAG IA . 34.81 -6.65 81.60
C1 NAG JA . -2.82 -35.88 -38.40
C2 NAG JA . -1.46 -36.06 -37.74
C3 NAG JA . -0.44 -35.16 -38.43
C4 NAG JA . -0.44 -35.38 -39.94
C5 NAG JA . -1.87 -35.36 -40.50
C6 NAG JA . -1.94 -35.82 -41.93
C7 NAG JA . -1.27 -36.72 -35.40
C8 NAG JA . -1.39 -36.27 -33.97
N2 NAG JA . -1.52 -35.79 -36.32
O3 NAG JA . 0.85 -35.43 -37.90
O4 NAG JA . 0.28 -34.33 -40.58
O5 NAG JA . -2.73 -36.22 -39.75
O6 NAG JA . -2.99 -36.75 -42.13
O7 NAG JA . -0.98 -37.86 -35.69
C1 NAG JA . 1.56 -34.83 -40.99
C2 NAG JA . 2.00 -34.15 -42.29
C3 NAG JA . 3.40 -34.57 -42.68
C4 NAG JA . 4.35 -34.38 -41.52
C5 NAG JA . 3.84 -35.13 -40.31
C6 NAG JA . 4.78 -34.97 -39.12
C7 NAG JA . 0.10 -33.61 -43.71
C8 NAG JA . -0.59 -33.94 -45.00
N2 NAG JA . 1.07 -34.46 -43.35
O3 NAG JA . 3.84 -33.79 -43.80
O4 NAG JA . 5.65 -34.88 -41.87
O5 NAG JA . 2.54 -34.65 -39.95
O6 NAG JA . 4.33 -35.77 -38.03
O7 NAG JA . -0.20 -32.64 -43.04
C1 NAG KA . 23.64 -11.91 -52.57
C2 NAG KA . 22.13 -11.93 -52.80
C3 NAG KA . 21.75 -13.17 -53.59
C4 NAG KA . 22.58 -13.26 -54.86
C5 NAG KA . 24.06 -13.23 -54.51
C6 NAG KA . 24.96 -13.25 -55.73
C7 NAG KA . 20.66 -10.79 -51.22
C8 NAG KA . 19.55 -11.03 -50.25
N2 NAG KA . 21.37 -11.86 -51.57
O3 NAG KA . 20.36 -13.11 -53.87
O4 NAG KA . 22.28 -14.49 -55.54
O5 NAG KA . 24.36 -12.03 -53.79
O6 NAG KA . 24.69 -12.15 -56.58
O7 NAG KA . 20.91 -9.67 -51.67
C1 NAG KA . 21.27 -14.23 -56.53
C2 NAG KA . 21.61 -14.97 -57.82
C3 NAG KA . 20.52 -14.74 -58.86
C4 NAG KA . 19.15 -15.07 -58.29
C5 NAG KA . 18.94 -14.26 -57.02
C6 NAG KA . 17.61 -14.54 -56.35
C7 NAG KA . 23.92 -15.41 -58.40
C8 NAG KA . 24.79 -15.31 -59.62
N2 NAG KA . 22.90 -14.57 -58.34
O3 NAG KA . 20.80 -15.54 -60.01
O4 NAG KA . 18.15 -14.74 -59.24
O5 NAG KA . 19.97 -14.59 -56.07
O6 NAG KA . 17.42 -15.93 -56.16
O7 NAG KA . 24.15 -16.24 -57.52
C1 NAG LA . -28.00 -38.98 16.69
C2 NAG LA . -28.11 -38.93 18.21
C3 NAG LA . -29.33 -39.70 18.69
C4 NAG LA . -30.57 -39.31 17.89
C5 NAG LA . -30.30 -39.49 16.40
C6 NAG LA . -31.48 -39.10 15.54
C7 NAG LA . -26.01 -38.71 19.46
C8 NAG LA . -24.78 -39.42 19.94
N2 NAG LA . -26.91 -39.47 18.83
O3 NAG LA . -29.52 -39.47 20.08
O4 NAG LA . -31.66 -40.15 18.28
O5 NAG LA . -29.21 -38.63 16.02
O6 NAG LA . -32.61 -39.92 15.81
O7 NAG LA . -26.18 -37.51 19.63
C1 NAG MA . -18.54 -80.51 -2.20
C2 NAG MA . -19.57 -79.41 -2.40
C3 NAG MA . -19.39 -78.76 -3.77
C4 NAG MA . -17.96 -78.29 -3.95
C5 NAG MA . -16.99 -79.44 -3.68
C6 NAG MA . -15.54 -79.02 -3.73
C7 NAG MA . -21.74 -79.34 -1.30
C8 NAG MA . -22.25 -80.28 -0.25
N2 NAG MA . -20.93 -79.87 -2.22
O3 NAG MA . -20.31 -77.69 -3.92
O4 NAG MA . -17.77 -77.84 -5.29
O5 NAG MA . -17.24 -79.97 -2.36
O6 NAG MA . -14.75 -79.78 -2.82
O7 NAG MA . -22.04 -78.15 -1.31
C1 NAG NA . -26.52 -36.17 -10.24
C2 NAG NA . -26.93 -34.88 -10.94
C3 NAG NA . -27.87 -34.07 -10.04
C4 NAG NA . -29.02 -34.95 -9.53
C5 NAG NA . -28.44 -36.18 -8.84
C6 NAG NA . -29.52 -37.11 -8.34
C7 NAG NA . -25.39 -33.91 -12.57
C8 NAG NA . -24.17 -33.06 -12.76
N2 NAG NA . -25.78 -34.08 -11.30
O3 NAG NA . -28.37 -32.95 -10.76
O4 NAG NA . -29.80 -34.20 -8.60
O5 NAG NA . -27.64 -36.91 -9.77
O6 NAG NA . -30.32 -37.61 -9.41
O7 NAG NA . -25.99 -34.42 -13.50
C1 NAG OA . 8.54 -43.69 14.96
C2 NAG OA . 9.57 -44.81 14.99
C3 NAG OA . 9.21 -45.83 16.07
C4 NAG OA . 9.01 -45.14 17.40
C5 NAG OA . 8.02 -44.00 17.28
C6 NAG OA . 7.87 -43.18 18.54
C7 NAG OA . 10.64 -45.19 12.81
C8 NAG OA . 10.58 -45.94 11.52
N2 NAG OA . 9.66 -45.45 13.68
O3 NAG OA . 10.24 -46.79 16.16
O4 NAG OA . 8.52 -46.07 18.37
O5 NAG OA . 8.45 -43.09 16.26
O6 NAG OA . 8.63 -42.00 18.49
O7 NAG OA . 11.54 -44.39 13.07
C1 NAG PA . -0.39 -29.78 34.64
C2 NAG PA . 1.13 -29.80 34.45
C3 NAG PA . 1.79 -30.62 35.55
C4 NAG PA . 1.32 -30.16 36.93
C5 NAG PA . -0.21 -30.20 36.98
C6 NAG PA . -0.76 -29.70 38.29
C7 NAG PA . 1.95 -29.56 32.17
C8 NAG PA . 3.29 -29.94 31.62
N2 NAG PA . 1.49 -30.33 33.15
O3 NAG PA . 3.20 -30.51 35.43
O4 NAG PA . 1.85 -31.04 37.92
O5 NAG PA . -0.74 -29.35 35.95
O6 NAG PA . -2.17 -29.51 38.21
O7 NAG PA . 1.33 -28.59 31.74
C1 NAG QA . -26.33 -10.54 43.88
C2 NAG QA . -27.22 -11.75 43.58
C3 NAG QA . -28.57 -11.30 43.03
C4 NAG QA . -29.20 -10.24 43.93
C5 NAG QA . -28.22 -9.09 44.13
C6 NAG QA . -28.74 -8.03 45.06
C7 NAG QA . -25.86 -13.72 43.05
C8 NAG QA . -24.83 -14.19 42.08
N2 NAG QA . -26.58 -12.66 42.65
O3 NAG QA . -29.43 -12.42 42.90
O4 NAG QA . -30.38 -9.74 43.31
O5 NAG QA . -27.00 -9.62 44.72
O6 NAG QA . -27.75 -7.03 45.29
O7 NAG QA . -26.02 -14.24 44.15
C1 NAG RA . -8.24 17.55 68.42
C2 NAG RA . -7.89 18.87 69.12
C3 NAG RA . -8.80 19.08 70.33
C4 NAG RA . -10.26 18.91 69.94
C5 NAG RA . -10.46 17.55 69.27
C6 NAG RA . -11.88 17.32 68.80
C7 NAG RA . -5.57 19.57 68.83
C8 NAG RA . -4.25 18.88 68.67
N2 NAG RA . -6.50 18.92 69.52
O3 NAG RA . -8.56 20.37 70.87
O4 NAG RA . -11.07 18.97 71.11
O5 NAG RA . -9.61 17.48 68.11
O6 NAG RA . -11.99 16.09 68.10
O7 NAG RA . -5.78 20.68 68.35
C1 NAG SA . 38.05 18.05 104.94
C2 NAG SA . 38.30 16.57 105.23
C3 NAG SA . 39.78 16.25 105.04
C4 NAG SA . 40.26 16.71 103.68
C5 NAG SA . 39.90 18.18 103.45
C6 NAG SA . 40.23 18.67 102.06
C7 NAG SA . 36.58 16.12 106.92
C8 NAG SA . 36.31 15.75 108.35
N2 NAG SA . 37.87 16.22 106.57
O3 NAG SA . 39.96 14.84 105.17
O4 NAG SA . 41.68 16.56 103.60
O5 NAG SA . 38.49 18.37 103.64
O6 NAG SA . 40.13 20.09 101.97
O7 NAG SA . 35.66 16.32 106.12
C1 NAG TA . -26.00 -48.53 -23.86
C2 NAG TA . -25.85 -47.23 -24.65
C3 NAG TA . -27.00 -47.08 -25.64
C4 NAG TA . -27.17 -48.34 -26.48
C5 NAG TA . -27.32 -49.55 -25.56
C6 NAG TA . -27.44 -50.85 -26.32
C7 NAG TA . -24.65 -45.39 -23.58
C8 NAG TA . -24.76 -44.21 -22.68
N2 NAG TA . -25.78 -46.08 -23.77
O3 NAG TA . -26.78 -45.94 -26.47
O4 NAG TA . -28.32 -48.22 -27.31
O5 NAG TA . -26.17 -49.65 -24.71
O6 NAG TA . -26.26 -51.09 -27.10
O7 NAG TA . -23.60 -45.71 -24.11
C1 NAG UA . -17.62 43.69 -11.64
C2 NAG UA . -16.63 43.59 -10.47
C3 NAG UA . -15.72 44.81 -10.46
C4 NAG UA . -15.09 45.03 -11.83
C5 NAG UA . -16.18 45.11 -12.89
C6 NAG UA . -15.63 45.26 -14.28
C7 NAG UA . -17.50 42.25 -8.64
C8 NAG UA . -18.76 42.11 -7.82
N2 NAG UA . -17.31 43.43 -9.20
O3 NAG UA . -14.73 44.66 -9.45
O4 NAG UA . -14.35 46.25 -11.82
O5 NAG UA . -16.95 43.89 -12.87
O6 NAG UA . -16.67 45.19 -15.26
O7 NAG UA . -16.71 41.32 -8.78
C1 NAG VA . -62.70 41.76 -25.65
C2 NAG VA . -61.60 41.91 -26.70
C3 NAG VA . -61.94 41.05 -27.93
C4 NAG VA . -62.22 39.61 -27.51
C5 NAG VA . -63.28 39.57 -26.42
C6 NAG VA . -63.51 38.18 -25.87
C7 NAG VA . -60.35 43.77 -27.72
C8 NAG VA . -60.35 45.23 -28.02
N2 NAG VA . -61.43 43.30 -27.08
O3 NAG VA . -60.86 41.08 -28.85
O4 NAG VA . -62.67 38.86 -28.64
O5 NAG VA . -62.87 40.39 -25.31
O6 NAG VA . -63.41 38.16 -24.45
O7 NAG VA . -59.43 43.03 -28.06
C1 NAG WA . -22.85 16.43 -28.03
C2 NAG WA . -23.09 15.46 -29.18
C3 NAG WA . -21.91 14.52 -29.31
C4 NAG WA . -20.62 15.32 -29.48
C5 NAG WA . -20.48 16.37 -28.37
C6 NAG WA . -19.33 17.32 -28.60
C7 NAG WA . -25.46 15.03 -29.64
C8 NAG WA . -26.64 14.17 -29.35
N2 NAG WA . -24.32 14.72 -29.00
O3 NAG WA . -22.10 13.66 -30.43
O4 NAG WA . -19.49 14.45 -29.43
O5 NAG WA . -21.66 17.17 -28.28
O6 NAG WA . -19.76 18.47 -29.33
O7 NAG WA . -25.52 15.97 -30.44
C1 NAG XA . 19.11 27.69 -37.13
C2 NAG XA . 20.58 27.35 -36.95
C3 NAG XA . 21.28 28.46 -36.16
C4 NAG XA . 20.95 29.84 -36.71
C5 NAG XA . 19.45 30.00 -36.96
C6 NAG XA . 19.09 31.26 -37.71
C7 NAG XA . 21.80 25.30 -36.26
C8 NAG XA . 21.67 24.00 -35.50
N2 NAG XA . 20.71 26.07 -36.28
O3 NAG XA . 22.69 28.26 -36.20
O4 NAG XA . 21.35 30.83 -35.78
O5 NAG XA . 18.98 28.91 -37.77
O6 NAG XA . 17.83 31.14 -38.34
O7 NAG XA . 22.85 25.63 -36.81
C1 NAG YA . -17.79 35.50 20.77
C2 NAG YA . -18.30 34.39 21.69
C3 NAG YA . -19.38 34.95 22.63
C4 NAG YA . -18.88 36.20 23.34
C5 NAG YA . -18.41 37.22 22.30
C6 NAG YA . -17.86 38.47 22.91
C7 NAG YA . -18.03 32.22 20.64
C8 NAG YA . -18.30 31.58 19.31
N2 NAG YA . -18.80 33.25 20.96
O3 NAG YA . -19.75 33.95 23.56
O4 NAG YA . -19.94 36.76 24.10
O5 NAG YA . -17.37 36.64 21.49
O6 NAG YA . -16.89 38.16 23.91
O7 NAG YA . -17.15 31.81 21.40
C1 NAG ZA . 12.20 50.54 12.88
C2 NAG ZA . 11.09 51.39 12.27
C3 NAG ZA . 11.58 52.05 10.98
C4 NAG ZA . 12.90 52.78 11.21
C5 NAG ZA . 13.91 51.80 11.81
C6 NAG ZA . 15.24 52.44 12.11
C7 NAG ZA . 8.90 50.47 12.87
C8 NAG ZA . 7.95 49.35 12.62
N2 NAG ZA . 9.90 50.61 12.00
O3 NAG ZA . 10.58 52.94 10.51
O4 NAG ZA . 13.39 53.26 9.97
O5 NAG ZA . 13.40 51.28 13.05
O6 NAG ZA . 16.11 51.53 12.77
O7 NAG ZA . 8.78 51.23 13.83
C1 NAG AB . 35.35 42.07 46.99
C2 NAG AB . 36.79 41.69 47.35
C3 NAG AB . 37.55 42.91 47.84
C4 NAG AB . 37.43 44.06 46.84
C5 NAG AB . 35.96 44.34 46.56
C6 NAG AB . 35.74 45.42 45.54
C7 NAG AB . 36.83 39.34 48.02
C8 NAG AB . 36.51 38.39 49.13
N2 NAG AB . 36.83 40.63 48.34
O3 NAG AB . 38.91 42.56 48.05
O4 NAG AB . 38.04 45.23 47.39
O5 NAG AB . 35.33 43.15 46.06
O6 NAG AB . 34.35 45.71 45.36
O7 NAG AB . 37.07 38.95 46.88
C1 NAG BB . 25.27 31.77 104.94
C2 NAG BB . 23.83 32.11 104.52
C3 NAG BB . 22.84 31.52 105.50
C4 NAG BB . 23.10 30.04 105.73
C5 NAG BB . 24.55 29.86 106.17
C6 NAG BB . 24.93 28.41 106.37
C7 NAG BB . 23.78 34.21 103.25
C8 NAG BB . 24.11 35.66 103.37
N2 NAG BB . 23.63 33.54 104.40
O3 NAG BB . 21.51 31.73 105.01
O4 NAG BB . 22.24 29.55 106.75
O5 NAG BB . 25.42 30.38 105.16
O6 NAG BB . 26.32 28.28 106.69
O7 NAG BB . 23.66 33.64 102.16
C1 NAG CB . 47.68 -13.42 -18.40
C2 NAG CB . 48.88 -13.40 -17.44
C3 NAG CB . 49.92 -14.42 -17.85
C4 NAG CB . 49.29 -15.78 -18.06
C5 NAG CB . 48.16 -15.66 -19.07
C6 NAG CB . 47.44 -16.96 -19.33
C7 NAG CB . 49.38 -11.25 -16.36
C8 NAG CB . 50.00 -9.90 -16.53
N2 NAG CB . 49.50 -12.09 -17.39
O3 NAG CB . 50.95 -14.48 -16.87
O4 NAG CB . 50.27 -16.69 -18.58
O5 NAG CB . 47.17 -14.73 -18.56
O6 NAG CB . 46.62 -16.87 -20.50
O7 NAG CB . 48.79 -11.56 -15.33
C1 NAG DB . 56.85 8.26 -58.12
C2 NAG DB . 56.37 6.88 -57.69
C3 NAG DB . 54.93 6.66 -58.14
C4 NAG DB . 54.05 7.80 -57.64
C5 NAG DB . 54.63 9.13 -58.06
C6 NAG DB . 53.87 10.32 -57.51
C7 NAG DB . 57.83 4.96 -57.35
C8 NAG DB . 59.33 4.94 -57.40
N2 NAG DB . 57.23 5.82 -58.19
O3 NAG DB . 54.47 5.41 -57.67
O4 NAG DB . 52.74 7.65 -58.19
O5 NAG DB . 55.98 9.25 -57.59
O6 NAG DB . 54.73 11.42 -57.24
O7 NAG DB . 57.19 4.24 -56.59
C1 NAG EB . 13.24 -45.63 -14.87
C2 NAG EB . 12.01 -46.05 -14.05
C3 NAG EB . 12.45 -46.82 -12.82
C4 NAG EB . 13.42 -47.93 -13.18
C5 NAG EB . 14.60 -47.35 -13.96
C6 NAG EB . 15.59 -48.41 -14.41
C7 NAG EB . 9.97 -44.90 -13.25
C8 NAG EB . 8.92 -44.30 -14.13
N2 NAG EB . 11.22 -44.88 -13.74
O3 NAG EB . 11.31 -47.35 -12.15
O4 NAG EB . 13.91 -48.53 -11.98
O5 NAG EB . 14.10 -46.72 -15.16
O6 NAG EB . 16.15 -49.08 -13.29
O7 NAG EB . 9.72 -45.37 -12.15
C1 NAG FB . 44.02 11.23 5.58
C2 NAG FB . 44.67 11.37 4.19
C3 NAG FB . 45.43 12.68 4.11
C4 NAG FB . 44.56 13.85 4.53
C5 NAG FB . 43.96 13.59 5.90
C6 NAG FB . 43.00 14.66 6.35
C7 NAG FB . 45.14 9.29 3.04
C8 NAG FB . 46.25 8.44 2.48
N2 NAG FB . 45.52 10.25 3.88
O3 NAG FB . 45.93 12.86 2.80
O4 NAG FB . 45.35 15.04 4.59
O5 NAG FB . 43.21 12.35 5.86
O6 NAG FB . 42.36 14.30 7.58
O7 NAG FB . 43.97 9.10 2.73
C1 NAG GB . 33.72 -26.17 12.12
C2 NAG GB . 33.45 -25.99 13.61
C3 NAG GB . 34.34 -26.93 14.42
C4 NAG GB . 34.22 -28.36 13.90
C5 NAG GB . 34.54 -28.38 12.41
C6 NAG GB . 34.39 -29.75 11.79
C7 NAG GB . 32.63 -23.78 14.22
C8 NAG GB . 32.59 -23.09 15.55
N2 NAG GB . 33.65 -24.62 14.02
O3 NAG GB . 33.97 -26.85 15.79
O4 NAG GB . 35.16 -29.18 14.58
O5 NAG GB . 33.60 -27.52 11.72
O6 NAG GB . 35.67 -30.36 11.59
O7 NAG GB . 31.78 -23.57 13.37
C1 NAG HB . 48.03 -18.32 21.90
C2 NAG HB . 48.99 -18.38 20.71
C3 NAG HB . 49.27 -19.83 20.33
C4 NAG HB . 49.69 -20.65 21.54
C5 NAG HB . 48.62 -20.52 22.62
C6 NAG HB . 48.97 -21.27 23.89
C7 NAG HB . 48.81 -16.40 19.30
C8 NAG HB . 47.99 -15.73 18.23
N2 NAG HB . 48.48 -17.66 19.56
O3 NAG HB . 50.29 -19.86 19.33
O4 NAG HB . 49.82 -22.02 21.17
O5 NAG HB . 48.48 -19.13 22.98
O6 NAG HB . 47.97 -21.07 24.89
O7 NAG HB . 49.70 -15.81 19.90
C1 NAG IB . 37.96 -9.86 61.45
C2 NAG IB . 38.10 -9.23 62.83
C3 NAG IB . 39.21 -9.92 63.61
C4 NAG IB . 39.00 -11.43 63.61
C5 NAG IB . 38.87 -11.93 62.17
C6 NAG IB . 38.58 -13.41 62.09
C7 NAG IB . 37.41 -6.90 63.04
C8 NAG IB . 37.60 -6.12 64.31
N2 NAG IB . 38.34 -7.81 62.75
O3 NAG IB . 39.24 -9.41 64.93
O4 NAG IB . 40.13 -12.06 64.21
O5 NAG IB . 37.77 -11.26 61.54
O6 NAG IB . 38.23 -13.79 60.75
O7 NAG IB . 36.44 -6.71 62.31
C1 NAG JB . 42.71 35.78 96.69
C2 NAG JB . 43.44 35.87 95.36
C3 NAG JB . 43.13 37.19 94.67
C4 NAG JB . 41.62 37.38 94.55
C5 NAG JB . 40.94 37.20 95.90
C6 NAG JB . 39.44 37.21 95.81
C7 NAG JB . 45.47 34.54 95.79
C8 NAG JB . 46.95 34.57 95.94
N2 NAG JB . 44.88 35.72 95.54
O3 NAG JB . 43.73 37.22 93.38
O4 NAG JB . 41.33 38.69 94.06
O5 NAG JB . 41.30 35.93 96.47
O6 NAG JB . 38.86 36.17 96.58
O7 NAG JB . 44.82 33.50 95.88
#